data_5HOU
#
_entry.id   5HOU
#
loop_
_entity.id
_entity.type
_entity.pdbx_description
1 polymer 'Cellular tumor antigen p53,CREB-binding protein fusion protein'
2 non-polymer 'ZINC ION'
#
_entity_poly.entity_id   1
_entity_poly.type   'polypeptide(L)'
_entity_poly.pdbx_seq_one_letter_code
;GSHMEEPQSDPSVEPPLSQETFSDLWKLLPENNVLSPLPSQAMDDLMLSPDDIEQWFTEDPGPDGSCFNGTATGPTADPE
KRKLIQQQLVLLLHAHKCQRREQANGEVRACSLPHCRTMKNVLNHMTHCQAGKACQVAHCASSRQIISHWKNCTRHDCPV
CLPLKNASDKR
;
_entity_poly.pdbx_strand_id   A
#
loop_
_chem_comp.id
_chem_comp.type
_chem_comp.name
_chem_comp.formula
ZN non-polymer 'ZINC ION' 'Zn 2'
#
# COMPACT_ATOMS: atom_id res chain seq x y z
N GLY A 1 -29.68 23.67 -6.77
CA GLY A 1 -29.26 23.24 -5.44
C GLY A 1 -28.43 24.28 -4.67
N SER A 2 -28.01 23.93 -3.44
CA SER A 2 -27.22 24.79 -2.55
C SER A 2 -25.73 24.90 -2.94
N HIS A 3 -25.23 24.00 -3.79
CA HIS A 3 -23.85 23.94 -4.29
C HIS A 3 -23.80 23.40 -5.74
N MET A 4 -22.64 23.52 -6.38
CA MET A 4 -22.37 23.05 -7.75
C MET A 4 -21.50 21.77 -7.76
N GLU A 5 -21.61 20.99 -8.84
CA GLU A 5 -20.82 19.75 -9.05
C GLU A 5 -19.48 19.99 -9.76
N GLU A 6 -19.19 21.24 -10.18
CA GLU A 6 -17.98 21.63 -10.91
C GLU A 6 -16.65 21.04 -10.36
N PRO A 7 -16.38 21.03 -9.03
CA PRO A 7 -15.16 20.43 -8.46
C PRO A 7 -14.98 18.92 -8.74
N GLN A 8 -16.05 18.24 -9.16
CA GLN A 8 -16.11 16.82 -9.47
C GLN A 8 -16.36 16.54 -10.97
N SER A 9 -17.00 17.46 -11.71
CA SER A 9 -17.34 17.31 -13.13
C SER A 9 -16.52 18.11 -14.15
N ASP A 10 -15.72 19.11 -13.73
CA ASP A 10 -14.91 19.94 -14.64
C ASP A 10 -13.38 19.71 -14.46
N PRO A 11 -12.64 19.30 -15.52
CA PRO A 11 -11.21 18.98 -15.44
C PRO A 11 -10.29 20.16 -15.08
N SER A 12 -10.77 21.41 -15.15
CA SER A 12 -10.00 22.61 -14.78
C SER A 12 -9.86 22.77 -13.25
N VAL A 13 -10.73 22.12 -12.46
CA VAL A 13 -10.74 22.17 -10.98
C VAL A 13 -10.63 20.79 -10.31
N GLU A 14 -11.00 19.69 -10.98
CA GLU A 14 -10.87 18.32 -10.46
C GLU A 14 -9.42 18.00 -10.01
N PRO A 15 -9.16 17.61 -8.74
CA PRO A 15 -7.83 17.30 -8.20
C PRO A 15 -7.59 15.78 -7.97
N PRO A 16 -7.52 14.92 -9.00
CA PRO A 16 -7.32 13.47 -8.83
C PRO A 16 -5.91 13.09 -8.35
N LEU A 17 -5.77 11.84 -7.88
CA LEU A 17 -4.50 11.26 -7.42
C LEU A 17 -3.50 11.07 -8.58
N SER A 18 -2.20 11.20 -8.29
CA SER A 18 -1.08 11.03 -9.22
C SER A 18 -0.24 9.78 -8.90
N GLN A 19 0.53 9.28 -9.87
CA GLN A 19 1.41 8.11 -9.68
C GLN A 19 2.48 8.32 -8.58
N GLU A 20 2.88 9.57 -8.32
CA GLU A 20 3.85 9.90 -7.27
C GLU A 20 3.20 10.05 -5.88
N THR A 21 1.86 10.14 -5.80
CA THR A 21 1.13 10.27 -4.53
C THR A 21 1.38 9.04 -3.65
N PHE A 22 1.18 7.82 -4.16
CA PHE A 22 1.43 6.58 -3.41
C PHE A 22 2.88 6.42 -2.95
N SER A 23 3.85 7.02 -3.65
CA SER A 23 5.28 6.96 -3.29
C SER A 23 5.62 7.86 -2.09
N ASP A 24 4.97 9.02 -1.95
CA ASP A 24 5.14 9.94 -0.82
C ASP A 24 4.18 9.66 0.36
N LEU A 25 3.01 9.09 0.06
CA LEU A 25 1.91 8.74 0.98
C LEU A 25 2.40 8.12 2.27
N TRP A 26 3.19 7.05 2.17
CA TRP A 26 3.65 6.30 3.34
C TRP A 26 4.76 7.00 4.14
N LYS A 27 5.27 8.16 3.65
CA LYS A 27 6.37 8.89 4.29
C LYS A 27 5.97 10.20 4.98
N LEU A 28 5.42 11.15 4.22
CA LEU A 28 5.16 12.54 4.67
C LEU A 28 3.69 13.00 4.64
N LEU A 29 2.74 12.09 4.46
CA LEU A 29 1.29 12.38 4.33
C LEU A 29 0.73 13.26 5.48
N PRO A 30 -0.11 14.27 5.16
CA PRO A 30 -0.72 15.17 6.14
C PRO A 30 -1.90 14.51 6.87
N GLU A 31 -2.25 15.03 8.04
CA GLU A 31 -3.35 14.51 8.89
C GLU A 31 -4.78 14.84 8.44
N ASN A 32 -4.95 15.40 7.23
CA ASN A 32 -6.25 15.77 6.63
C ASN A 32 -6.60 14.98 5.35
N ASN A 33 -5.93 13.84 5.09
CA ASN A 33 -6.18 13.00 3.91
C ASN A 33 -7.59 12.35 3.92
N VAL A 34 -8.16 12.07 2.74
CA VAL A 34 -9.52 11.53 2.54
C VAL A 34 -9.61 10.12 1.93
N LEU A 35 -8.48 9.49 1.58
CA LEU A 35 -8.43 8.15 0.96
C LEU A 35 -8.66 6.99 1.96
N SER A 36 -8.65 7.28 3.27
CA SER A 36 -8.80 6.36 4.41
C SER A 36 -9.76 5.17 4.20
N PRO A 37 -9.25 3.95 3.90
CA PRO A 37 -10.08 2.77 3.70
C PRO A 37 -10.77 2.34 5.00
N LEU A 38 -12.10 2.18 4.99
CA LEU A 38 -12.88 1.80 6.17
C LEU A 38 -13.06 0.27 6.25
N PRO A 39 -13.04 -0.35 7.46
CA PRO A 39 -13.22 -1.80 7.63
C PRO A 39 -14.53 -2.37 7.04
N SER A 40 -15.55 -1.52 6.86
CA SER A 40 -16.84 -1.86 6.25
C SER A 40 -16.80 -2.08 4.74
N GLN A 41 -15.73 -1.62 4.06
CA GLN A 41 -15.53 -1.75 2.60
C GLN A 41 -14.17 -2.36 2.21
N ALA A 42 -13.15 -2.27 3.07
CA ALA A 42 -11.82 -2.84 2.83
C ALA A 42 -11.83 -4.38 2.92
N MET A 43 -11.14 -5.04 1.98
CA MET A 43 -11.02 -6.51 1.88
C MET A 43 -10.01 -7.12 2.88
N ASP A 44 -10.12 -6.72 4.15
CA ASP A 44 -9.27 -7.19 5.26
C ASP A 44 -9.50 -8.69 5.57
N ASP A 45 -10.62 -9.26 5.14
CA ASP A 45 -10.96 -10.69 5.32
C ASP A 45 -9.97 -11.64 4.61
N LEU A 46 -9.24 -11.14 3.61
CA LEU A 46 -8.21 -11.84 2.82
C LEU A 46 -6.79 -11.73 3.45
N MET A 47 -6.68 -11.34 4.72
CA MET A 47 -5.39 -11.08 5.39
C MET A 47 -4.41 -12.25 5.51
N LEU A 48 -3.14 -11.86 5.56
CA LEU A 48 -1.93 -12.68 5.63
C LEU A 48 -1.02 -12.33 6.82
N SER A 49 0.09 -13.05 6.91
CA SER A 49 1.22 -12.79 7.81
C SER A 49 2.31 -12.10 6.97
N PRO A 50 3.19 -11.25 7.55
CA PRO A 50 4.24 -10.54 6.78
C PRO A 50 5.17 -11.45 5.97
N ASP A 51 5.31 -12.72 6.36
CA ASP A 51 6.16 -13.70 5.68
C ASP A 51 5.57 -14.15 4.32
N ASP A 52 4.25 -14.14 4.15
CA ASP A 52 3.59 -14.53 2.91
C ASP A 52 3.68 -13.45 1.80
N ILE A 53 4.02 -12.21 2.15
CA ILE A 53 4.23 -11.12 1.17
C ILE A 53 5.32 -11.52 0.15
N GLU A 54 6.33 -12.26 0.63
CA GLU A 54 7.44 -12.78 -0.18
C GLU A 54 7.01 -13.89 -1.17
N GLN A 55 5.77 -14.40 -1.06
CA GLN A 55 5.21 -15.40 -1.97
C GLN A 55 4.62 -14.77 -3.24
N TRP A 56 4.13 -13.52 -3.17
CA TRP A 56 3.62 -12.78 -4.33
C TRP A 56 4.67 -11.83 -4.94
N PHE A 57 5.52 -11.18 -4.13
CA PHE A 57 6.68 -10.43 -4.64
C PHE A 57 7.90 -11.26 -4.19
N THR A 58 8.58 -11.89 -5.14
CA THR A 58 9.64 -12.88 -4.85
C THR A 58 10.97 -12.31 -4.38
N GLU A 59 11.58 -13.03 -3.42
CA GLU A 59 12.94 -12.87 -2.91
C GLU A 59 13.67 -14.20 -3.16
N ASP A 60 14.96 -14.19 -3.49
CA ASP A 60 15.68 -15.42 -3.85
C ASP A 60 15.72 -16.46 -2.69
N PRO A 61 15.36 -17.74 -2.95
CA PRO A 61 15.38 -18.80 -1.95
C PRO A 61 16.80 -19.30 -1.64
N GLY A 62 17.73 -19.07 -2.57
CA GLY A 62 19.15 -19.43 -2.52
C GLY A 62 19.84 -19.09 -3.86
N PRO A 63 21.18 -19.18 -3.95
CA PRO A 63 21.93 -18.87 -5.17
C PRO A 63 21.63 -19.82 -6.34
N ASP A 64 21.08 -21.00 -6.06
CA ASP A 64 20.70 -22.03 -7.05
C ASP A 64 19.22 -21.96 -7.51
N GLY A 65 18.41 -21.05 -6.96
CA GLY A 65 16.99 -20.91 -7.29
C GLY A 65 16.15 -22.14 -6.93
N SER A 66 16.36 -22.71 -5.74
CA SER A 66 15.62 -23.86 -5.21
C SER A 66 14.12 -23.55 -5.08
N CYS A 67 13.33 -24.08 -6.03
CA CYS A 67 11.90 -23.83 -6.18
C CYS A 67 11.03 -24.43 -5.04
N PHE A 68 9.83 -23.87 -4.89
CA PHE A 68 8.86 -24.20 -3.83
C PHE A 68 7.41 -24.08 -4.35
N ASN A 69 6.43 -24.58 -3.57
CA ASN A 69 5.02 -24.58 -3.97
C ASN A 69 4.50 -23.19 -4.38
N GLY A 70 4.95 -22.13 -3.70
CA GLY A 70 4.60 -20.73 -3.97
C GLY A 70 5.10 -20.16 -5.32
N THR A 71 5.93 -20.90 -6.07
CA THR A 71 6.45 -20.52 -7.39
C THR A 71 6.24 -21.61 -8.45
N ALA A 72 6.30 -22.89 -8.08
CA ALA A 72 6.15 -24.04 -8.97
C ALA A 72 4.71 -24.60 -9.04
N THR A 73 3.96 -24.61 -7.94
CA THR A 73 2.59 -25.15 -7.88
C THR A 73 1.53 -24.06 -8.11
N GLY A 74 1.72 -22.89 -7.51
CA GLY A 74 0.86 -21.71 -7.65
C GLY A 74 1.68 -20.45 -7.94
N PRO A 75 2.06 -20.20 -9.21
CA PRO A 75 2.90 -19.07 -9.62
C PRO A 75 2.36 -17.67 -9.26
N THR A 76 3.26 -16.69 -9.21
CA THR A 76 2.97 -15.26 -8.92
C THR A 76 1.97 -14.61 -9.89
N ALA A 77 1.81 -15.16 -11.09
CA ALA A 77 0.89 -14.69 -12.12
C ALA A 77 -0.59 -15.13 -11.90
N ASP A 78 -0.88 -15.95 -10.88
CA ASP A 78 -2.24 -16.41 -10.58
C ASP A 78 -3.15 -15.25 -10.13
N PRO A 79 -4.45 -15.24 -10.49
CA PRO A 79 -5.37 -14.15 -10.14
C PRO A 79 -5.53 -13.96 -8.63
N GLU A 80 -5.47 -15.04 -7.84
CA GLU A 80 -5.57 -14.96 -6.37
C GLU A 80 -4.36 -14.26 -5.73
N LYS A 81 -3.16 -14.40 -6.32
CA LYS A 81 -1.95 -13.69 -5.85
C LYS A 81 -2.12 -12.18 -5.99
N ARG A 82 -2.77 -11.72 -7.07
CA ARG A 82 -3.07 -10.29 -7.31
C ARG A 82 -4.04 -9.74 -6.24
N LYS A 83 -5.06 -10.50 -5.83
CA LYS A 83 -5.98 -10.10 -4.75
C LYS A 83 -5.22 -9.85 -3.44
N LEU A 84 -4.24 -10.71 -3.13
CA LEU A 84 -3.39 -10.58 -1.94
C LEU A 84 -2.53 -9.31 -1.97
N ILE A 85 -2.00 -8.92 -3.15
CA ILE A 85 -1.25 -7.66 -3.26
C ILE A 85 -2.18 -6.48 -3.02
N GLN A 86 -3.29 -6.42 -3.75
CA GLN A 86 -4.30 -5.36 -3.66
C GLN A 86 -4.76 -5.16 -2.20
N GLN A 87 -5.19 -6.22 -1.51
CA GLN A 87 -5.68 -6.12 -0.13
C GLN A 87 -4.58 -5.73 0.87
N GLN A 88 -3.34 -6.18 0.69
CA GLN A 88 -2.26 -5.81 1.60
C GLN A 88 -1.82 -4.36 1.36
N LEU A 89 -1.67 -3.94 0.10
CA LEU A 89 -1.28 -2.58 -0.30
C LEU A 89 -2.31 -1.57 0.22
N VAL A 90 -3.61 -1.82 0.06
CA VAL A 90 -4.67 -0.93 0.60
C VAL A 90 -4.53 -0.79 2.12
N LEU A 91 -4.07 -1.83 2.85
CA LEU A 91 -3.85 -1.70 4.29
C LEU A 91 -2.62 -0.83 4.67
N LEU A 92 -1.60 -0.71 3.80
CA LEU A 92 -0.47 0.22 4.03
C LEU A 92 -1.01 1.67 4.04
N LEU A 93 -2.05 1.95 3.24
CA LEU A 93 -2.74 3.25 3.20
C LEU A 93 -3.52 3.47 4.50
N HIS A 94 -4.32 2.48 4.93
CA HIS A 94 -5.05 2.55 6.18
C HIS A 94 -4.09 2.80 7.35
N ALA A 95 -3.05 1.99 7.51
CA ALA A 95 -2.07 2.10 8.60
C ALA A 95 -1.34 3.45 8.67
N HIS A 96 -1.18 4.16 7.53
CA HIS A 96 -0.57 5.51 7.52
C HIS A 96 -1.59 6.63 7.80
N LYS A 97 -2.86 6.42 7.45
CA LYS A 97 -3.96 7.39 7.65
C LYS A 97 -4.59 7.27 9.05
N CYS A 98 -4.70 6.05 9.59
CA CYS A 98 -5.21 5.73 10.92
C CYS A 98 -4.37 6.39 12.03
N GLN A 99 -3.03 6.26 11.95
CA GLN A 99 -2.11 6.92 12.89
C GLN A 99 -2.23 8.46 12.84
N ARG A 100 -2.49 9.03 11.65
CA ARG A 100 -2.68 10.48 11.44
C ARG A 100 -4.02 10.97 12.00
N ARG A 101 -5.08 10.16 11.87
CA ARG A 101 -6.42 10.45 12.42
C ARG A 101 -6.36 10.61 13.95
N GLU A 102 -5.57 9.78 14.64
CA GLU A 102 -5.37 9.90 16.10
C GLU A 102 -4.56 11.17 16.44
N GLN A 103 -3.60 11.56 15.59
CA GLN A 103 -2.82 12.81 15.78
C GLN A 103 -3.72 14.05 15.60
N ALA A 104 -4.68 14.00 14.68
CA ALA A 104 -5.64 15.07 14.42
C ALA A 104 -6.74 15.20 15.51
N ASN A 105 -7.07 14.11 16.21
CA ASN A 105 -8.11 14.07 17.24
C ASN A 105 -7.65 13.25 18.47
N GLY A 106 -7.23 13.94 19.54
CA GLY A 106 -6.79 13.33 20.80
C GLY A 106 -7.90 12.71 21.66
N GLU A 107 -9.17 12.89 21.30
CA GLU A 107 -10.33 12.33 22.04
C GLU A 107 -10.61 10.86 21.68
N VAL A 108 -10.00 10.35 20.60
CA VAL A 108 -10.13 8.97 20.10
C VAL A 108 -8.78 8.22 20.11
N ARG A 109 -8.84 6.88 20.04
CA ARG A 109 -7.69 5.97 20.03
C ARG A 109 -7.67 5.10 18.76
N ALA A 110 -6.47 4.76 18.29
CA ALA A 110 -6.23 3.96 17.09
C ALA A 110 -6.74 2.51 17.21
N CYS A 111 -6.81 1.83 16.06
CA CYS A 111 -7.27 0.46 15.87
C CYS A 111 -6.67 -0.61 16.82
N SER A 112 -7.51 -1.59 17.14
CA SER A 112 -7.14 -2.82 17.87
C SER A 112 -6.81 -3.97 16.89
N LEU A 113 -6.96 -3.72 15.59
CA LEU A 113 -6.69 -4.62 14.45
C LEU A 113 -5.18 -4.92 14.40
N PRO A 114 -4.72 -6.17 14.62
CA PRO A 114 -3.29 -6.50 14.65
C PRO A 114 -2.55 -6.16 13.34
N HIS A 115 -3.21 -6.26 12.18
CA HIS A 115 -2.61 -5.94 10.88
C HIS A 115 -2.34 -4.43 10.71
N CYS A 116 -3.24 -3.59 11.22
CA CYS A 116 -3.12 -2.13 11.25
C CYS A 116 -1.96 -1.73 12.18
N ARG A 117 -1.97 -2.26 13.41
CA ARG A 117 -0.90 -2.10 14.42
C ARG A 117 0.46 -2.54 13.87
N THR A 118 0.51 -3.64 13.12
CA THR A 118 1.72 -4.16 12.46
C THR A 118 2.24 -3.19 11.40
N MET A 119 1.40 -2.83 10.42
CA MET A 119 1.82 -1.94 9.33
C MET A 119 2.20 -0.52 9.79
N LYS A 120 1.51 0.08 10.78
CA LYS A 120 1.89 1.44 11.26
C LYS A 120 3.26 1.47 11.92
N ASN A 121 3.67 0.39 12.59
CA ASN A 121 5.02 0.25 13.17
C ASN A 121 6.06 0.08 12.06
N VAL A 122 5.76 -0.72 11.03
CA VAL A 122 6.65 -0.93 9.87
C VAL A 122 6.87 0.38 9.11
N LEU A 123 5.80 1.12 8.80
CA LEU A 123 5.88 2.40 8.10
C LEU A 123 6.74 3.42 8.86
N ASN A 124 6.58 3.54 10.18
CA ASN A 124 7.39 4.44 11.01
C ASN A 124 8.88 4.01 11.13
N HIS A 125 9.21 2.76 10.80
CA HIS A 125 10.60 2.29 10.73
C HIS A 125 11.15 2.52 9.31
N MET A 126 10.40 2.10 8.29
CA MET A 126 10.76 2.18 6.87
C MET A 126 11.09 3.61 6.39
N THR A 127 10.52 4.66 7.01
CA THR A 127 10.81 6.08 6.71
C THR A 127 12.23 6.48 7.10
N HIS A 128 12.80 5.82 8.11
CA HIS A 128 14.16 6.05 8.64
C HIS A 128 15.18 4.97 8.22
N CYS A 129 14.71 3.80 7.78
CA CYS A 129 15.54 2.68 7.34
C CYS A 129 16.41 3.03 6.11
N GLN A 130 17.61 2.44 6.05
CA GLN A 130 18.60 2.64 5.00
C GLN A 130 18.91 1.38 4.17
N ALA A 131 18.48 0.20 4.62
CA ALA A 131 18.71 -1.07 3.92
C ALA A 131 17.51 -1.47 3.04
N GLY A 132 16.30 -1.03 3.38
CA GLY A 132 15.07 -1.29 2.61
C GLY A 132 14.85 -2.78 2.34
N LYS A 133 14.92 -3.20 1.07
CA LYS A 133 14.77 -4.61 0.65
C LYS A 133 15.83 -5.55 1.25
N ALA A 134 16.95 -5.00 1.75
CA ALA A 134 18.03 -5.74 2.42
C ALA A 134 17.95 -5.69 3.95
N CYS A 135 16.96 -5.00 4.55
CA CYS A 135 16.79 -4.91 5.99
C CYS A 135 16.60 -6.31 6.62
N GLN A 136 17.16 -6.47 7.81
CA GLN A 136 17.17 -7.73 8.55
C GLN A 136 15.83 -8.03 9.26
N VAL A 137 14.90 -7.07 9.26
CA VAL A 137 13.52 -7.24 9.76
C VAL A 137 12.66 -7.66 8.56
N ALA A 138 12.12 -8.89 8.62
CA ALA A 138 11.30 -9.45 7.53
C ALA A 138 10.11 -8.56 7.12
N HIS A 139 9.47 -7.89 8.09
CA HIS A 139 8.32 -7.01 7.87
C HIS A 139 8.68 -5.73 7.09
N CYS A 140 9.91 -5.23 7.27
CA CYS A 140 10.46 -4.05 6.59
C CYS A 140 10.81 -4.42 5.13
N ALA A 141 11.66 -5.45 4.97
CA ALA A 141 12.09 -5.96 3.67
C ALA A 141 10.91 -6.33 2.75
N SER A 142 9.90 -7.04 3.28
CA SER A 142 8.70 -7.40 2.51
C SER A 142 7.89 -6.18 2.08
N SER A 143 7.63 -5.22 2.98
CA SER A 143 6.87 -4.00 2.67
C SER A 143 7.59 -3.14 1.63
N ARG A 144 8.93 -3.13 1.62
CA ARG A 144 9.71 -2.36 0.64
C ARG A 144 9.51 -2.85 -0.79
N GLN A 145 9.23 -4.14 -1.03
CA GLN A 145 8.89 -4.64 -2.38
C GLN A 145 7.56 -4.00 -2.86
N ILE A 146 6.59 -3.83 -1.96
CA ILE A 146 5.29 -3.22 -2.26
C ILE A 146 5.46 -1.73 -2.59
N ILE A 147 6.31 -1.03 -1.85
CA ILE A 147 6.64 0.38 -2.10
C ILE A 147 7.41 0.52 -3.42
N SER A 148 8.28 -0.42 -3.76
CA SER A 148 9.06 -0.45 -5.01
C SER A 148 8.18 -0.63 -6.26
N HIS A 149 6.99 -1.22 -6.14
CA HIS A 149 6.06 -1.39 -7.27
C HIS A 149 5.64 -0.03 -7.83
N TRP A 150 5.02 0.84 -7.02
CA TRP A 150 4.58 2.18 -7.47
C TRP A 150 5.75 3.07 -7.95
N LYS A 151 6.97 2.83 -7.44
CA LYS A 151 8.18 3.57 -7.83
C LYS A 151 8.68 3.22 -9.23
N ASN A 152 8.52 1.97 -9.69
CA ASN A 152 8.94 1.53 -11.04
C ASN A 152 7.80 1.44 -12.07
N CYS A 153 6.56 1.15 -11.67
CA CYS A 153 5.40 1.01 -12.56
C CYS A 153 4.82 2.37 -12.99
N THR A 154 4.54 2.52 -14.29
CA THR A 154 4.02 3.75 -14.93
C THR A 154 2.79 3.52 -15.82
N ARG A 155 2.28 2.29 -15.92
CA ARG A 155 1.12 1.90 -16.74
C ARG A 155 -0.23 2.28 -16.13
N HIS A 156 -1.25 2.43 -16.99
CA HIS A 156 -2.65 2.62 -16.58
C HIS A 156 -3.36 1.27 -16.41
N ASP A 157 -2.98 0.28 -17.21
CA ASP A 157 -3.48 -1.09 -17.24
C ASP A 157 -2.51 -2.07 -16.56
N CYS A 158 -2.55 -2.10 -15.23
CA CYS A 158 -1.78 -2.96 -14.33
C CYS A 158 -2.75 -3.58 -13.30
N PRO A 159 -2.69 -4.89 -13.00
CA PRO A 159 -3.61 -5.52 -12.05
C PRO A 159 -3.55 -4.90 -10.64
N VAL A 160 -2.44 -4.27 -10.26
CA VAL A 160 -2.32 -3.57 -8.96
C VAL A 160 -2.71 -2.08 -9.08
N CYS A 161 -2.15 -1.33 -10.04
CA CYS A 161 -2.43 0.10 -10.18
C CYS A 161 -3.87 0.44 -10.57
N LEU A 162 -4.46 -0.28 -11.54
CA LEU A 162 -5.80 0.00 -12.05
C LEU A 162 -6.89 0.06 -10.96
N PRO A 163 -7.10 -0.98 -10.11
CA PRO A 163 -8.10 -0.90 -9.04
C PRO A 163 -7.79 0.18 -7.99
N LEU A 164 -6.51 0.50 -7.73
CA LEU A 164 -6.14 1.57 -6.80
C LEU A 164 -6.49 2.95 -7.37
N LYS A 165 -6.20 3.22 -8.64
CA LYS A 165 -6.56 4.47 -9.33
C LYS A 165 -8.08 4.63 -9.44
N ASN A 166 -8.79 3.52 -9.63
CA ASN A 166 -10.26 3.46 -9.66
C ASN A 166 -10.86 3.78 -8.26
N ALA A 167 -10.25 3.27 -7.19
CA ALA A 167 -10.68 3.52 -5.80
C ALA A 167 -10.35 4.95 -5.33
N SER A 168 -9.19 5.49 -5.74
CA SER A 168 -8.68 6.83 -5.40
C SER A 168 -9.15 7.95 -6.35
N ASP A 169 -10.36 7.82 -6.89
CA ASP A 169 -11.01 8.77 -7.81
C ASP A 169 -11.55 10.03 -7.08
N LYS A 170 -10.66 10.73 -6.36
CA LYS A 170 -10.90 11.92 -5.51
C LYS A 170 -11.22 13.23 -6.26
N ARG A 171 -12.06 13.16 -7.29
CA ARG A 171 -12.52 14.30 -8.12
C ARG A 171 -13.23 15.37 -7.27
ZN ZN B . -6.45 1.44 11.84
ZN ZN C . 14.30 -1.60 7.89
ZN ZN D . 1.64 -1.39 -11.54
N GLY A 1 -12.34 36.54 19.71
CA GLY A 1 -11.27 37.50 20.03
C GLY A 1 -9.86 36.94 19.85
N SER A 2 -8.84 37.74 20.17
CA SER A 2 -7.41 37.41 20.03
C SER A 2 -6.95 36.15 20.78
N HIS A 3 -7.72 35.69 21.78
CA HIS A 3 -7.44 34.48 22.58
C HIS A 3 -7.80 33.17 21.86
N MET A 4 -8.57 33.23 20.76
CA MET A 4 -8.99 32.06 19.98
C MET A 4 -7.95 31.64 18.94
N GLU A 5 -7.89 30.35 18.62
CA GLU A 5 -6.97 29.76 17.62
C GLU A 5 -7.47 29.93 16.17
N GLU A 6 -6.61 29.64 15.19
CA GLU A 6 -6.89 29.72 13.75
C GLU A 6 -6.56 28.40 13.00
N PRO A 7 -7.31 28.05 11.94
CA PRO A 7 -7.08 26.81 11.18
C PRO A 7 -5.80 26.86 10.32
N GLN A 8 -5.23 25.68 10.07
CA GLN A 8 -4.02 25.48 9.24
C GLN A 8 -4.18 24.23 8.35
N SER A 9 -3.49 24.22 7.20
CA SER A 9 -3.53 23.13 6.20
C SER A 9 -2.13 22.79 5.67
N ASP A 10 -1.93 21.54 5.24
CA ASP A 10 -0.66 21.05 4.68
C ASP A 10 -0.43 21.59 3.24
N PRO A 11 0.75 22.16 2.92
CA PRO A 11 1.03 22.75 1.60
C PRO A 11 1.45 21.75 0.51
N SER A 12 1.88 20.53 0.89
CA SER A 12 2.38 19.50 -0.05
C SER A 12 1.27 18.65 -0.70
N VAL A 13 0.15 18.43 0.01
CA VAL A 13 -0.99 17.63 -0.49
C VAL A 13 -1.84 18.42 -1.49
N GLU A 14 -2.44 17.73 -2.47
CA GLU A 14 -3.31 18.29 -3.51
C GLU A 14 -4.60 17.46 -3.67
N PRO A 15 -5.74 18.04 -4.10
CA PRO A 15 -7.00 17.33 -4.26
C PRO A 15 -6.99 16.10 -5.18
N PRO A 16 -6.45 16.13 -6.43
CA PRO A 16 -6.44 14.97 -7.32
C PRO A 16 -5.27 14.02 -7.06
N LEU A 17 -5.40 12.77 -7.48
CA LEU A 17 -4.33 11.76 -7.38
C LEU A 17 -3.31 11.96 -8.52
N SER A 18 -2.03 11.81 -8.18
CA SER A 18 -0.88 11.82 -9.08
C SER A 18 -0.11 10.49 -8.94
N GLN A 19 0.72 10.13 -9.92
CA GLN A 19 1.51 8.88 -9.86
C GLN A 19 2.49 8.87 -8.66
N GLU A 20 2.87 10.03 -8.15
CA GLU A 20 3.74 10.19 -6.97
C GLU A 20 2.98 10.25 -5.63
N THR A 21 1.64 10.31 -5.63
CA THR A 21 0.82 10.38 -4.40
C THR A 21 1.09 9.20 -3.48
N PHE A 22 0.88 7.96 -3.97
CA PHE A 22 1.18 6.74 -3.22
C PHE A 22 2.66 6.61 -2.83
N SER A 23 3.59 7.20 -3.62
CA SER A 23 5.03 7.18 -3.34
C SER A 23 5.42 8.04 -2.14
N ASP A 24 4.72 9.16 -1.90
CA ASP A 24 4.90 10.04 -0.74
C ASP A 24 4.00 9.65 0.46
N LEU A 25 2.85 9.02 0.20
CA LEU A 25 1.82 8.62 1.17
C LEU A 25 2.39 7.96 2.42
N TRP A 26 3.08 6.84 2.25
CA TRP A 26 3.58 6.01 3.35
C TRP A 26 4.65 6.67 4.23
N LYS A 27 5.20 7.82 3.81
CA LYS A 27 6.29 8.53 4.48
C LYS A 27 5.91 9.89 5.08
N LEU A 28 5.40 10.84 4.29
CA LEU A 28 5.17 12.23 4.73
C LEU A 28 3.70 12.71 4.76
N LEU A 29 2.73 11.80 4.67
CA LEU A 29 1.28 12.07 4.68
C LEU A 29 0.82 12.87 5.92
N PRO A 30 -0.05 13.90 5.76
CA PRO A 30 -0.56 14.72 6.86
C PRO A 30 -1.63 14.02 7.72
N GLU A 31 -1.99 14.65 8.84
CA GLU A 31 -2.96 14.15 9.83
C GLU A 31 -4.44 14.07 9.38
N ASN A 32 -4.74 14.41 8.13
CA ASN A 32 -6.09 14.35 7.53
C ASN A 32 -6.00 13.82 6.08
N ASN A 33 -6.88 12.88 5.71
CA ASN A 33 -6.92 12.30 4.36
C ASN A 33 -8.35 11.85 3.95
N VAL A 34 -8.57 11.63 2.65
CA VAL A 34 -9.86 11.21 2.06
C VAL A 34 -9.88 9.75 1.57
N LEU A 35 -8.72 9.12 1.37
CA LEU A 35 -8.56 7.75 0.87
C LEU A 35 -8.68 6.67 1.99
N SER A 36 -8.87 7.08 3.24
CA SER A 36 -8.94 6.22 4.43
C SER A 36 -10.05 5.14 4.36
N PRO A 37 -9.73 3.83 4.24
CA PRO A 37 -10.73 2.75 4.21
C PRO A 37 -11.43 2.59 5.56
N LEU A 38 -12.76 2.45 5.57
CA LEU A 38 -13.57 2.30 6.79
C LEU A 38 -13.48 0.86 7.35
N PRO A 39 -13.22 0.65 8.66
CA PRO A 39 -13.16 -0.70 9.27
C PRO A 39 -14.42 -1.55 9.04
N SER A 40 -15.60 -0.92 9.00
CA SER A 40 -16.90 -1.57 8.76
C SER A 40 -17.10 -2.05 7.31
N GLN A 41 -16.23 -1.60 6.39
CA GLN A 41 -16.23 -1.94 4.95
C GLN A 41 -14.87 -2.53 4.49
N ALA A 42 -13.98 -2.84 5.43
CA ALA A 42 -12.63 -3.33 5.17
C ALA A 42 -12.54 -4.76 4.62
N MET A 43 -11.43 -5.03 3.95
CA MET A 43 -11.01 -6.29 3.32
C MET A 43 -10.14 -7.17 4.27
N ASP A 44 -10.28 -6.97 5.59
CA ASP A 44 -9.52 -7.65 6.64
C ASP A 44 -9.66 -9.19 6.64
N ASP A 45 -10.77 -9.72 6.13
CA ASP A 45 -11.02 -11.17 6.04
C ASP A 45 -10.09 -11.91 5.05
N LEU A 46 -9.42 -11.18 4.15
CA LEU A 46 -8.50 -11.69 3.13
C LEU A 46 -7.01 -11.40 3.48
N MET A 47 -6.74 -10.89 4.69
CA MET A 47 -5.39 -10.51 5.13
C MET A 47 -4.41 -11.68 5.34
N LEU A 48 -3.13 -11.30 5.31
CA LEU A 48 -1.95 -12.15 5.47
C LEU A 48 -1.02 -11.67 6.60
N SER A 49 -0.03 -12.51 6.91
CA SER A 49 1.09 -12.18 7.80
C SER A 49 2.18 -11.50 6.93
N PRO A 50 2.97 -10.53 7.43
CA PRO A 50 4.02 -9.88 6.63
C PRO A 50 5.03 -10.83 5.97
N ASP A 51 5.17 -12.05 6.50
CA ASP A 51 6.07 -13.09 5.95
C ASP A 51 5.54 -13.71 4.64
N ASP A 52 4.23 -13.63 4.38
CA ASP A 52 3.60 -14.16 3.15
C ASP A 52 3.80 -13.25 1.92
N ILE A 53 4.16 -11.98 2.14
CA ILE A 53 4.40 -10.98 1.08
C ILE A 53 5.51 -11.47 0.12
N GLU A 54 6.50 -12.21 0.65
CA GLU A 54 7.61 -12.79 -0.12
C GLU A 54 7.18 -13.93 -1.07
N GLN A 55 5.94 -14.41 -0.99
CA GLN A 55 5.40 -15.44 -1.88
C GLN A 55 4.91 -14.84 -3.21
N TRP A 56 4.28 -13.66 -3.17
CA TRP A 56 3.77 -12.96 -4.37
C TRP A 56 4.79 -11.98 -4.99
N PHE A 57 5.72 -11.44 -4.19
CA PHE A 57 6.87 -10.68 -4.69
C PHE A 57 8.09 -11.48 -4.24
N THR A 58 8.78 -12.11 -5.19
CA THR A 58 9.88 -13.06 -4.91
C THR A 58 11.27 -12.47 -5.09
N GLU A 59 12.22 -12.94 -4.27
CA GLU A 59 13.63 -12.55 -4.32
C GLU A 59 14.36 -13.23 -5.51
N ASP A 60 15.59 -12.79 -5.81
CA ASP A 60 16.40 -13.32 -6.92
C ASP A 60 16.70 -14.84 -6.77
N PRO A 61 16.60 -15.66 -7.84
CA PRO A 61 16.85 -17.10 -7.79
C PRO A 61 18.29 -17.53 -7.48
N GLY A 62 19.28 -16.66 -7.68
CA GLY A 62 20.69 -16.97 -7.45
C GLY A 62 21.23 -18.05 -8.40
N PRO A 63 22.12 -18.95 -7.94
CA PRO A 63 22.74 -19.99 -8.76
C PRO A 63 21.86 -21.23 -9.04
N ASP A 64 20.66 -21.36 -8.43
CA ASP A 64 19.79 -22.54 -8.61
C ASP A 64 18.29 -22.25 -8.81
N GLY A 65 17.69 -21.33 -8.03
CA GLY A 65 16.26 -20.99 -8.13
C GLY A 65 15.28 -22.12 -7.79
N SER A 66 15.72 -23.14 -7.04
CA SER A 66 14.94 -24.34 -6.69
C SER A 66 13.55 -24.06 -6.09
N CYS A 67 13.41 -23.02 -5.26
CA CYS A 67 12.17 -22.63 -4.59
C CYS A 67 10.98 -22.34 -5.54
N PHE A 68 11.24 -21.94 -6.79
CA PHE A 68 10.19 -21.66 -7.77
C PHE A 68 9.37 -22.92 -8.14
N ASN A 69 9.93 -24.12 -7.97
CA ASN A 69 9.20 -25.38 -8.20
C ASN A 69 8.09 -25.58 -7.15
N GLY A 70 8.27 -25.04 -5.94
CA GLY A 70 7.31 -25.10 -4.83
C GLY A 70 6.08 -24.20 -5.00
N THR A 71 6.11 -23.28 -5.97
CA THR A 71 5.03 -22.31 -6.28
C THR A 71 4.56 -22.37 -7.74
N ALA A 72 5.09 -23.30 -8.55
CA ALA A 72 4.76 -23.49 -9.96
C ALA A 72 3.27 -23.84 -10.22
N THR A 73 2.57 -24.36 -9.20
CA THR A 73 1.13 -24.69 -9.24
C THR A 73 0.23 -23.43 -9.20
N GLY A 74 0.80 -22.28 -8.83
CA GLY A 74 0.12 -20.98 -8.76
C GLY A 74 1.13 -19.83 -8.90
N PRO A 75 1.55 -19.47 -10.14
CA PRO A 75 2.51 -18.40 -10.40
C PRO A 75 2.08 -17.04 -9.84
N THR A 76 3.04 -16.15 -9.57
CA THR A 76 2.82 -14.81 -9.00
C THR A 76 1.74 -13.98 -9.71
N ALA A 77 1.64 -14.10 -11.04
CA ALA A 77 0.68 -13.39 -11.88
C ALA A 77 -0.76 -13.94 -11.85
N ASP A 78 -1.02 -15.05 -11.13
CA ASP A 78 -2.36 -15.63 -11.00
C ASP A 78 -3.32 -14.70 -10.23
N PRO A 79 -4.60 -14.52 -10.65
CA PRO A 79 -5.55 -13.64 -9.99
C PRO A 79 -5.68 -13.83 -8.47
N GLU A 80 -5.55 -15.07 -7.96
CA GLU A 80 -5.60 -15.36 -6.52
C GLU A 80 -4.41 -14.79 -5.73
N LYS A 81 -3.26 -14.59 -6.39
CA LYS A 81 -2.07 -13.92 -5.84
C LYS A 81 -2.10 -12.41 -6.09
N ARG A 82 -2.57 -11.95 -7.26
CA ARG A 82 -2.72 -10.52 -7.59
C ARG A 82 -3.66 -9.82 -6.61
N LYS A 83 -4.79 -10.45 -6.24
CA LYS A 83 -5.76 -9.90 -5.26
C LYS A 83 -5.16 -9.77 -3.85
N LEU A 84 -4.19 -10.62 -3.49
CA LEU A 84 -3.49 -10.52 -2.20
C LEU A 84 -2.57 -9.29 -2.18
N ILE A 85 -1.93 -8.94 -3.30
CA ILE A 85 -1.13 -7.71 -3.40
C ILE A 85 -2.04 -6.50 -3.22
N GLN A 86 -3.12 -6.44 -4.01
CA GLN A 86 -4.12 -5.37 -3.96
C GLN A 86 -4.64 -5.15 -2.53
N GLN A 87 -5.17 -6.19 -1.87
CA GLN A 87 -5.73 -6.06 -0.52
C GLN A 87 -4.66 -5.74 0.55
N GLN A 88 -3.43 -6.26 0.42
CA GLN A 88 -2.37 -5.95 1.38
C GLN A 88 -1.92 -4.49 1.22
N LEU A 89 -1.73 -4.02 -0.02
CA LEU A 89 -1.35 -2.63 -0.34
C LEU A 89 -2.43 -1.66 0.18
N VAL A 90 -3.72 -1.96 0.00
CA VAL A 90 -4.81 -1.13 0.54
C VAL A 90 -4.71 -1.03 2.09
N LEU A 91 -4.22 -2.05 2.81
CA LEU A 91 -4.02 -1.93 4.25
C LEU A 91 -2.84 -1.01 4.63
N LEU A 92 -1.79 -0.89 3.80
CA LEU A 92 -0.70 0.07 4.05
C LEU A 92 -1.28 1.50 4.06
N LEU A 93 -2.31 1.77 3.23
CA LEU A 93 -3.03 3.04 3.19
C LEU A 93 -3.80 3.26 4.48
N HIS A 94 -4.60 2.28 4.91
CA HIS A 94 -5.36 2.36 6.17
C HIS A 94 -4.40 2.58 7.34
N ALA A 95 -3.43 1.69 7.55
CA ALA A 95 -2.47 1.75 8.64
C ALA A 95 -1.75 3.12 8.75
N HIS A 96 -1.36 3.74 7.64
CA HIS A 96 -0.69 5.04 7.66
C HIS A 96 -1.64 6.22 7.95
N LYS A 97 -2.86 6.16 7.43
CA LYS A 97 -3.89 7.21 7.64
C LYS A 97 -4.44 7.15 9.07
N CYS A 98 -4.78 5.96 9.55
CA CYS A 98 -5.28 5.66 10.90
C CYS A 98 -4.28 6.15 11.98
N GLN A 99 -2.98 5.88 11.77
CA GLN A 99 -1.86 6.34 12.61
C GLN A 99 -1.89 7.86 12.86
N ARG A 100 -1.99 8.65 11.78
CA ARG A 100 -1.91 10.12 11.82
C ARG A 100 -3.27 10.81 12.06
N ARG A 101 -4.39 10.12 11.87
CA ARG A 101 -5.76 10.60 12.14
C ARG A 101 -5.93 11.02 13.60
N GLU A 102 -5.26 10.34 14.54
CA GLU A 102 -5.33 10.66 15.97
C GLU A 102 -4.61 11.98 16.30
N GLN A 103 -3.57 12.34 15.54
CA GLN A 103 -2.81 13.59 15.74
C GLN A 103 -3.68 14.85 15.55
N ALA A 104 -4.73 14.77 14.74
CA ALA A 104 -5.69 15.85 14.49
C ALA A 104 -6.73 16.03 15.62
N ASN A 105 -6.82 15.11 16.59
CA ASN A 105 -7.80 15.13 17.68
C ASN A 105 -7.17 15.08 19.09
N GLY A 106 -6.27 14.12 19.36
CA GLY A 106 -5.56 13.94 20.63
C GLY A 106 -6.36 13.33 21.80
N GLU A 107 -7.64 12.94 21.61
CA GLU A 107 -8.50 12.38 22.67
C GLU A 107 -9.12 11.01 22.31
N VAL A 108 -9.41 10.74 21.03
CA VAL A 108 -10.00 9.45 20.58
C VAL A 108 -8.98 8.30 20.68
N ARG A 109 -9.49 7.08 20.84
CA ARG A 109 -8.70 5.85 20.95
C ARG A 109 -8.29 5.29 19.58
N ALA A 110 -7.22 4.48 19.57
CA ALA A 110 -6.66 3.87 18.37
C ALA A 110 -7.48 2.65 17.86
N CYS A 111 -7.07 2.12 16.71
CA CYS A 111 -7.70 1.00 16.00
C CYS A 111 -7.69 -0.34 16.76
N SER A 112 -8.58 -1.25 16.33
CA SER A 112 -8.76 -2.60 16.88
C SER A 112 -8.20 -3.72 15.97
N LEU A 113 -7.75 -3.39 14.76
CA LEU A 113 -7.21 -4.37 13.81
C LEU A 113 -5.75 -4.78 14.16
N PRO A 114 -5.44 -6.09 14.21
CA PRO A 114 -4.08 -6.57 14.49
C PRO A 114 -3.12 -6.23 13.33
N HIS A 115 -3.61 -6.32 12.09
CA HIS A 115 -2.83 -6.01 10.88
C HIS A 115 -2.57 -4.50 10.72
N CYS A 116 -3.48 -3.64 11.20
CA CYS A 116 -3.35 -2.19 11.21
C CYS A 116 -2.21 -1.79 12.17
N ARG A 117 -2.26 -2.30 13.41
CA ARG A 117 -1.20 -2.15 14.43
C ARG A 117 0.15 -2.66 13.91
N THR A 118 0.16 -3.76 13.16
CA THR A 118 1.37 -4.33 12.54
C THR A 118 1.94 -3.40 11.46
N MET A 119 1.15 -3.03 10.45
CA MET A 119 1.63 -2.20 9.34
C MET A 119 2.03 -0.78 9.78
N LYS A 120 1.35 -0.14 10.75
CA LYS A 120 1.76 1.20 11.21
C LYS A 120 3.14 1.20 11.89
N ASN A 121 3.53 0.09 12.52
CA ASN A 121 4.87 -0.07 13.09
C ASN A 121 5.91 -0.29 11.98
N VAL A 122 5.58 -1.06 10.93
CA VAL A 122 6.47 -1.27 9.77
C VAL A 122 6.72 0.05 9.04
N LEU A 123 5.67 0.85 8.81
CA LEU A 123 5.77 2.15 8.16
C LEU A 123 6.68 3.10 8.98
N ASN A 124 6.53 3.16 10.30
CA ASN A 124 7.42 3.96 11.17
C ASN A 124 8.88 3.48 11.16
N HIS A 125 9.13 2.17 10.96
CA HIS A 125 10.49 1.65 10.85
C HIS A 125 11.05 2.01 9.45
N MET A 126 10.29 1.71 8.38
CA MET A 126 10.65 1.93 6.99
C MET A 126 10.96 3.39 6.63
N THR A 127 10.35 4.39 7.29
CA THR A 127 10.68 5.82 7.08
C THR A 127 12.06 6.20 7.65
N HIS A 128 12.51 5.48 8.68
CA HIS A 128 13.80 5.66 9.36
C HIS A 128 14.91 4.72 8.85
N CYS A 129 14.55 3.57 8.28
CA CYS A 129 15.45 2.54 7.78
C CYS A 129 16.40 3.06 6.67
N GLN A 130 17.60 2.46 6.64
CA GLN A 130 18.69 2.77 5.71
C GLN A 130 19.02 1.62 4.73
N ALA A 131 18.53 0.41 5.00
CA ALA A 131 18.77 -0.77 4.17
C ALA A 131 17.56 -1.15 3.31
N GLY A 132 16.33 -0.90 3.78
CA GLY A 132 15.08 -1.16 3.04
C GLY A 132 14.98 -2.60 2.52
N LYS A 133 15.11 -2.80 1.20
CA LYS A 133 15.08 -4.14 0.55
C LYS A 133 16.18 -5.06 1.08
N ALA A 134 17.29 -4.51 1.59
CA ALA A 134 18.40 -5.24 2.20
C ALA A 134 18.32 -5.35 3.74
N CYS A 135 17.27 -4.80 4.37
CA CYS A 135 17.08 -4.86 5.82
C CYS A 135 16.94 -6.32 6.28
N GLN A 136 17.50 -6.62 7.46
CA GLN A 136 17.54 -7.95 8.05
C GLN A 136 16.22 -8.36 8.74
N VAL A 137 15.25 -7.44 8.84
CA VAL A 137 13.91 -7.70 9.39
C VAL A 137 12.97 -8.08 8.23
N ALA A 138 12.32 -9.24 8.32
CA ALA A 138 11.45 -9.78 7.27
C ALA A 138 10.35 -8.81 6.80
N HIS A 139 9.63 -8.16 7.72
CA HIS A 139 8.54 -7.24 7.36
C HIS A 139 9.00 -5.94 6.67
N CYS A 140 10.18 -5.43 6.99
CA CYS A 140 10.75 -4.21 6.38
C CYS A 140 11.08 -4.48 4.91
N ALA A 141 11.93 -5.49 4.67
CA ALA A 141 12.32 -5.93 3.33
C ALA A 141 11.14 -6.44 2.47
N SER A 142 10.00 -6.74 3.09
CA SER A 142 8.77 -7.15 2.40
C SER A 142 7.89 -5.97 2.00
N SER A 143 7.50 -5.10 2.95
CA SER A 143 6.68 -3.92 2.63
C SER A 143 7.40 -2.96 1.67
N ARG A 144 8.73 -2.89 1.74
CA ARG A 144 9.54 -2.08 0.81
C ARG A 144 9.38 -2.54 -0.65
N GLN A 145 9.18 -3.84 -0.90
CA GLN A 145 8.92 -4.36 -2.25
C GLN A 145 7.57 -3.86 -2.80
N ILE A 146 6.59 -3.66 -1.91
CA ILE A 146 5.26 -3.11 -2.25
C ILE A 146 5.39 -1.62 -2.59
N ILE A 147 6.11 -0.85 -1.75
CA ILE A 147 6.40 0.57 -1.98
C ILE A 147 7.18 0.77 -3.28
N SER A 148 8.20 -0.06 -3.55
CA SER A 148 9.01 -0.01 -4.77
C SER A 148 8.19 -0.17 -6.06
N HIS A 149 6.99 -0.76 -6.01
CA HIS A 149 6.13 -0.87 -7.20
C HIS A 149 5.72 0.53 -7.68
N TRP A 150 5.16 1.38 -6.81
CA TRP A 150 4.77 2.75 -7.18
C TRP A 150 5.96 3.65 -7.55
N LYS A 151 7.15 3.38 -7.00
CA LYS A 151 8.39 4.10 -7.34
C LYS A 151 8.86 3.82 -8.78
N ASN A 152 8.63 2.60 -9.29
CA ASN A 152 9.06 2.16 -10.63
C ASN A 152 7.97 2.19 -11.71
N CYS A 153 6.71 1.87 -11.37
CA CYS A 153 5.58 1.78 -12.29
C CYS A 153 4.98 3.17 -12.63
N THR A 154 4.66 3.38 -13.92
CA THR A 154 4.11 4.63 -14.47
C THR A 154 2.84 4.42 -15.34
N ARG A 155 2.62 3.19 -15.83
CA ARG A 155 1.48 2.81 -16.68
C ARG A 155 0.15 2.84 -15.90
N HIS A 156 -0.93 3.31 -16.55
CA HIS A 156 -2.28 3.34 -15.94
C HIS A 156 -2.95 1.96 -15.94
N ASP A 157 -2.76 1.20 -17.02
CA ASP A 157 -3.30 -0.15 -17.22
C ASP A 157 -2.37 -1.23 -16.63
N CYS A 158 -2.30 -1.28 -15.29
CA CYS A 158 -1.51 -2.22 -14.49
C CYS A 158 -2.43 -2.97 -13.50
N PRO A 159 -2.32 -4.30 -13.32
CA PRO A 159 -3.19 -5.08 -12.43
C PRO A 159 -3.16 -4.62 -10.96
N VAL A 160 -2.08 -3.99 -10.48
CA VAL A 160 -2.01 -3.45 -9.11
C VAL A 160 -2.44 -1.98 -9.07
N CYS A 161 -1.87 -1.11 -9.92
CA CYS A 161 -2.14 0.33 -9.90
C CYS A 161 -3.56 0.74 -10.35
N LEU A 162 -4.14 0.11 -11.38
CA LEU A 162 -5.47 0.46 -11.90
C LEU A 162 -6.58 0.41 -10.82
N PRO A 163 -6.79 -0.71 -10.08
CA PRO A 163 -7.83 -0.76 -9.04
C PRO A 163 -7.59 0.25 -7.91
N LEU A 164 -6.35 0.63 -7.60
CA LEU A 164 -6.05 1.64 -6.58
C LEU A 164 -6.47 3.05 -7.04
N LYS A 165 -6.15 3.42 -8.29
CA LYS A 165 -6.56 4.70 -8.87
C LYS A 165 -8.09 4.79 -9.00
N ASN A 166 -8.74 3.65 -9.26
CA ASN A 166 -10.20 3.53 -9.35
C ASN A 166 -10.87 3.63 -7.95
N ALA A 167 -10.27 3.00 -6.92
CA ALA A 167 -10.76 2.99 -5.54
C ALA A 167 -10.54 4.33 -4.81
N SER A 168 -9.53 5.12 -5.19
CA SER A 168 -9.20 6.40 -4.58
C SER A 168 -10.36 7.41 -4.61
N ASP A 169 -10.61 8.07 -3.47
CA ASP A 169 -11.67 9.06 -3.29
C ASP A 169 -11.33 10.44 -3.90
N LYS A 170 -10.11 10.60 -4.45
CA LYS A 170 -9.62 11.85 -5.08
C LYS A 170 -10.28 12.20 -6.43
N ARG A 171 -11.21 11.37 -6.90
CA ARG A 171 -12.02 11.53 -8.14
C ARG A 171 -13.49 11.16 -7.87
ZN ZN B . -6.69 1.36 11.78
ZN ZN C . 14.46 -1.84 7.89
ZN ZN D . 1.99 -1.03 -11.53
N GLY A 1 -22.30 42.56 -28.18
CA GLY A 1 -20.89 42.37 -27.80
C GLY A 1 -20.56 42.76 -26.36
N SER A 2 -21.52 43.34 -25.62
CA SER A 2 -21.39 43.77 -24.22
C SER A 2 -21.67 42.65 -23.19
N HIS A 3 -22.10 41.46 -23.66
CA HIS A 3 -22.44 40.29 -22.83
C HIS A 3 -21.24 39.73 -22.06
N MET A 4 -21.49 39.16 -20.88
CA MET A 4 -20.48 38.55 -20.01
C MET A 4 -20.05 37.16 -20.53
N GLU A 5 -18.78 36.80 -20.36
CA GLU A 5 -18.23 35.50 -20.77
C GLU A 5 -18.68 34.33 -19.88
N GLU A 6 -18.67 33.10 -20.43
CA GLU A 6 -19.06 31.87 -19.73
C GLU A 6 -18.28 30.60 -20.15
N PRO A 7 -18.00 30.32 -21.45
CA PRO A 7 -17.30 29.10 -21.88
C PRO A 7 -15.92 28.90 -21.23
N GLN A 8 -15.59 27.65 -20.94
CA GLN A 8 -14.32 27.21 -20.32
C GLN A 8 -13.51 26.31 -21.28
N SER A 9 -12.19 26.20 -21.06
CA SER A 9 -11.29 25.37 -21.87
C SER A 9 -11.49 23.86 -21.61
N ASP A 10 -11.43 23.43 -20.36
CA ASP A 10 -11.63 22.05 -19.90
C ASP A 10 -12.02 22.02 -18.40
N PRO A 11 -13.18 21.46 -18.00
CA PRO A 11 -13.61 21.38 -16.60
C PRO A 11 -12.63 20.63 -15.66
N SER A 12 -11.84 19.70 -16.21
CA SER A 12 -10.86 18.88 -15.47
C SER A 12 -9.55 18.77 -16.27
N VAL A 13 -8.53 19.56 -15.90
CA VAL A 13 -7.23 19.60 -16.59
C VAL A 13 -6.27 18.47 -16.21
N GLU A 14 -6.35 17.95 -14.98
CA GLU A 14 -5.51 16.85 -14.47
C GLU A 14 -6.31 15.80 -13.66
N PRO A 15 -7.31 15.12 -14.26
CA PRO A 15 -8.12 14.12 -13.57
C PRO A 15 -7.41 12.81 -13.12
N PRO A 16 -6.35 12.27 -13.77
CA PRO A 16 -5.73 11.01 -13.33
C PRO A 16 -4.76 11.20 -12.15
N LEU A 17 -4.52 10.12 -11.40
CA LEU A 17 -3.58 10.09 -10.28
C LEU A 17 -2.14 9.85 -10.76
N SER A 18 -1.19 10.60 -10.21
CA SER A 18 0.25 10.47 -10.50
C SER A 18 0.92 9.48 -9.52
N GLN A 19 1.90 8.71 -10.00
CA GLN A 19 2.65 7.74 -9.18
C GLN A 19 3.35 8.39 -7.98
N GLU A 20 3.65 9.69 -8.07
CA GLU A 20 4.26 10.48 -6.99
C GLU A 20 3.34 10.57 -5.76
N THR A 21 2.02 10.40 -5.94
CA THR A 21 1.04 10.45 -4.83
C THR A 21 1.25 9.27 -3.90
N PHE A 22 1.14 8.04 -4.39
CA PHE A 22 1.42 6.81 -3.62
C PHE A 22 2.89 6.76 -3.11
N SER A 23 3.83 7.33 -3.86
CA SER A 23 5.26 7.37 -3.47
C SER A 23 5.52 8.29 -2.26
N ASP A 24 4.78 9.38 -2.11
CA ASP A 24 4.87 10.30 -0.98
C ASP A 24 3.95 9.93 0.21
N LEU A 25 2.81 9.28 -0.10
CA LEU A 25 1.77 8.86 0.84
C LEU A 25 2.31 8.18 2.10
N TRP A 26 3.07 7.11 1.93
CA TRP A 26 3.53 6.29 3.06
C TRP A 26 4.59 6.96 3.96
N LYS A 27 5.14 8.12 3.54
CA LYS A 27 6.21 8.83 4.26
C LYS A 27 5.83 10.18 4.88
N LEU A 28 5.24 11.10 4.11
CA LEU A 28 4.99 12.51 4.50
C LEU A 28 3.51 12.94 4.59
N LEU A 29 2.58 11.98 4.72
CA LEU A 29 1.13 12.18 4.71
C LEU A 29 0.61 13.27 5.67
N PRO A 30 -0.33 14.14 5.23
CA PRO A 30 -0.97 15.15 6.09
C PRO A 30 -1.92 14.49 7.12
N GLU A 31 -2.31 15.24 8.15
CA GLU A 31 -3.16 14.74 9.25
C GLU A 31 -4.63 14.46 8.88
N ASN A 32 -5.11 14.88 7.70
CA ASN A 32 -6.48 14.67 7.22
C ASN A 32 -6.48 14.05 5.82
N ASN A 33 -7.07 12.85 5.68
CA ASN A 33 -7.19 12.10 4.42
C ASN A 33 -8.34 11.06 4.50
N VAL A 34 -8.99 10.75 3.37
CA VAL A 34 -10.12 9.80 3.27
C VAL A 34 -10.00 8.78 2.11
N LEU A 35 -8.79 8.55 1.60
CA LEU A 35 -8.52 7.63 0.47
C LEU A 35 -8.80 6.15 0.83
N SER A 36 -8.32 5.69 1.98
CA SER A 36 -8.45 4.29 2.44
C SER A 36 -9.85 3.90 2.95
N PRO A 37 -10.23 2.60 2.85
CA PRO A 37 -11.50 2.11 3.36
C PRO A 37 -11.56 2.09 4.89
N LEU A 38 -12.76 2.29 5.45
CA LEU A 38 -13.03 2.24 6.89
C LEU A 38 -13.15 0.77 7.37
N PRO A 39 -12.94 0.47 8.67
CA PRO A 39 -13.00 -0.90 9.21
C PRO A 39 -14.30 -1.66 8.91
N SER A 40 -15.42 -0.95 8.75
CA SER A 40 -16.75 -1.50 8.41
C SER A 40 -16.87 -1.99 6.95
N GLN A 41 -15.93 -1.61 6.08
CA GLN A 41 -15.87 -1.96 4.65
C GLN A 41 -14.47 -2.41 4.17
N ALA A 42 -13.57 -2.74 5.10
CA ALA A 42 -12.20 -3.17 4.83
C ALA A 42 -12.11 -4.59 4.24
N MET A 43 -10.98 -4.90 3.60
CA MET A 43 -10.69 -6.20 2.96
C MET A 43 -9.99 -7.20 3.92
N ASP A 44 -10.30 -7.12 5.22
CA ASP A 44 -9.70 -7.98 6.26
C ASP A 44 -10.07 -9.47 6.12
N ASP A 45 -11.12 -9.80 5.35
CA ASP A 45 -11.49 -11.19 5.05
C ASP A 45 -10.44 -11.91 4.17
N LEU A 46 -9.56 -11.13 3.52
CA LEU A 46 -8.46 -11.58 2.66
C LEU A 46 -7.07 -11.29 3.29
N MET A 47 -7.00 -10.91 4.57
CA MET A 47 -5.76 -10.49 5.23
C MET A 47 -4.67 -11.56 5.31
N LEU A 48 -3.45 -11.14 4.99
CA LEU A 48 -2.22 -11.91 4.94
C LEU A 48 -1.11 -11.30 5.83
N SER A 49 -0.29 -12.15 6.45
CA SER A 49 0.81 -11.76 7.35
C SER A 49 2.01 -11.14 6.62
N PRO A 50 2.80 -10.25 7.24
CA PRO A 50 3.94 -9.57 6.61
C PRO A 50 5.06 -10.52 6.12
N ASP A 51 5.19 -11.72 6.68
CA ASP A 51 6.19 -12.71 6.26
C ASP A 51 5.77 -13.46 4.98
N ASP A 52 4.46 -13.52 4.70
CA ASP A 52 3.87 -14.14 3.51
C ASP A 52 3.89 -13.21 2.28
N ILE A 53 4.21 -11.92 2.45
CA ILE A 53 4.39 -10.97 1.33
C ILE A 53 5.49 -11.50 0.36
N GLU A 54 6.47 -12.21 0.93
CA GLU A 54 7.56 -12.84 0.17
C GLU A 54 7.10 -14.05 -0.68
N GLN A 55 5.86 -14.52 -0.51
CA GLN A 55 5.29 -15.62 -1.28
C GLN A 55 4.84 -15.15 -2.69
N TRP A 56 4.46 -13.88 -2.84
CA TRP A 56 4.06 -13.29 -4.12
C TRP A 56 5.16 -12.42 -4.75
N PHE A 57 5.97 -11.70 -3.96
CA PHE A 57 7.18 -11.02 -4.48
C PHE A 57 8.40 -11.74 -3.88
N THR A 58 9.14 -12.47 -4.72
CA THR A 58 10.36 -13.22 -4.34
C THR A 58 11.59 -12.85 -5.19
N GLU A 59 12.77 -13.30 -4.76
CA GLU A 59 14.06 -13.15 -5.44
C GLU A 59 14.44 -14.41 -6.26
N ASP A 60 15.56 -14.38 -6.99
CA ASP A 60 16.03 -15.54 -7.77
C ASP A 60 16.42 -16.70 -6.81
N PRO A 61 15.84 -17.91 -6.96
CA PRO A 61 16.09 -19.03 -6.05
C PRO A 61 17.43 -19.77 -6.25
N GLY A 62 18.16 -19.51 -7.34
CA GLY A 62 19.45 -20.15 -7.64
C GLY A 62 19.37 -21.69 -7.66
N PRO A 63 20.17 -22.41 -6.84
CA PRO A 63 20.16 -23.88 -6.80
C PRO A 63 18.88 -24.48 -6.20
N ASP A 64 18.07 -23.68 -5.49
CA ASP A 64 16.80 -24.11 -4.88
C ASP A 64 15.59 -23.96 -5.85
N GLY A 65 15.83 -23.57 -7.10
CA GLY A 65 14.82 -23.36 -8.14
C GLY A 65 13.96 -24.58 -8.52
N SER A 66 14.33 -25.79 -8.11
CA SER A 66 13.58 -27.03 -8.39
C SER A 66 12.17 -27.04 -7.77
N CYS A 67 11.95 -26.31 -6.67
CA CYS A 67 10.67 -26.18 -5.98
C CYS A 67 9.83 -24.97 -6.46
N PHE A 68 10.35 -24.16 -7.40
CA PHE A 68 9.69 -22.95 -7.88
C PHE A 68 8.90 -23.14 -9.20
N ASN A 69 7.62 -22.77 -9.15
CA ASN A 69 6.66 -22.80 -10.26
C ASN A 69 5.65 -21.64 -10.07
N GLY A 70 4.42 -21.91 -9.60
CA GLY A 70 3.42 -20.88 -9.26
C GLY A 70 3.85 -20.02 -8.05
N THR A 71 4.84 -20.52 -7.30
CA THR A 71 5.52 -19.92 -6.14
C THR A 71 6.51 -18.81 -6.52
N ALA A 72 6.82 -18.64 -7.81
CA ALA A 72 7.72 -17.61 -8.33
C ALA A 72 6.94 -16.39 -8.85
N THR A 73 7.56 -15.20 -8.79
CA THR A 73 6.96 -13.94 -9.26
C THR A 73 6.96 -13.87 -10.81
N GLY A 74 5.82 -13.50 -11.41
CA GLY A 74 5.67 -13.37 -12.86
C GLY A 74 4.29 -13.79 -13.40
N PRO A 75 3.82 -15.03 -13.15
CA PRO A 75 2.53 -15.53 -13.66
C PRO A 75 1.31 -14.68 -13.30
N THR A 76 0.42 -14.47 -14.28
CA THR A 76 -0.82 -13.69 -14.17
C THR A 76 -2.09 -14.56 -14.14
N ALA A 77 -1.97 -15.88 -14.34
CA ALA A 77 -3.08 -16.82 -14.36
C ALA A 77 -3.67 -17.14 -12.96
N ASP A 78 -3.03 -16.71 -11.87
CA ASP A 78 -3.47 -16.93 -10.49
C ASP A 78 -4.18 -15.69 -9.90
N PRO A 79 -5.51 -15.73 -9.67
CA PRO A 79 -6.26 -14.59 -9.13
C PRO A 79 -6.03 -14.36 -7.63
N GLU A 80 -5.72 -15.41 -6.86
CA GLU A 80 -5.48 -15.33 -5.41
C GLU A 80 -4.26 -14.44 -5.11
N LYS A 81 -3.13 -14.65 -5.80
CA LYS A 81 -1.93 -13.82 -5.65
C LYS A 81 -2.24 -12.35 -5.96
N ARG A 82 -2.93 -12.08 -7.07
CA ARG A 82 -3.35 -10.73 -7.49
C ARG A 82 -4.20 -10.02 -6.42
N LYS A 83 -5.26 -10.65 -5.91
CA LYS A 83 -6.11 -10.04 -4.85
C LYS A 83 -5.37 -9.89 -3.52
N LEU A 84 -4.41 -10.76 -3.21
CA LEU A 84 -3.57 -10.64 -2.01
C LEU A 84 -2.66 -9.40 -2.08
N ILE A 85 -2.05 -9.10 -3.25
CA ILE A 85 -1.24 -7.87 -3.39
C ILE A 85 -2.15 -6.64 -3.24
N GLN A 86 -3.26 -6.61 -3.99
CA GLN A 86 -4.23 -5.50 -3.95
C GLN A 86 -4.71 -5.23 -2.52
N GLN A 87 -5.19 -6.24 -1.79
CA GLN A 87 -5.68 -6.05 -0.41
C GLN A 87 -4.56 -5.62 0.56
N GLN A 88 -3.34 -6.15 0.43
CA GLN A 88 -2.23 -5.78 1.29
C GLN A 88 -1.77 -4.34 1.02
N LEU A 89 -1.65 -3.93 -0.25
CA LEU A 89 -1.24 -2.58 -0.63
C LEU A 89 -2.28 -1.56 -0.16
N VAL A 90 -3.59 -1.85 -0.28
CA VAL A 90 -4.63 -0.95 0.28
C VAL A 90 -4.48 -0.80 1.79
N LEU A 91 -4.00 -1.83 2.52
CA LEU A 91 -3.76 -1.70 3.96
C LEU A 91 -2.54 -0.81 4.28
N LEU A 92 -1.54 -0.67 3.39
CA LEU A 92 -0.43 0.28 3.61
C LEU A 92 -0.99 1.72 3.60
N LEU A 93 -2.07 1.97 2.87
CA LEU A 93 -2.79 3.26 2.84
C LEU A 93 -3.56 3.43 4.16
N HIS A 94 -4.39 2.45 4.53
CA HIS A 94 -5.15 2.49 5.80
C HIS A 94 -4.20 2.69 7.00
N ALA A 95 -3.21 1.82 7.17
CA ALA A 95 -2.24 1.88 8.27
C ALA A 95 -1.48 3.22 8.38
N HIS A 96 -1.36 4.00 7.29
CA HIS A 96 -0.75 5.34 7.33
C HIS A 96 -1.76 6.46 7.61
N LYS A 97 -3.00 6.33 7.14
CA LYS A 97 -4.10 7.31 7.31
C LYS A 97 -4.81 7.18 8.67
N CYS A 98 -4.87 5.96 9.22
CA CYS A 98 -5.44 5.61 10.52
C CYS A 98 -4.60 6.16 11.69
N GLN A 99 -3.28 5.92 11.71
CA GLN A 99 -2.38 6.43 12.75
C GLN A 99 -2.45 7.97 12.93
N ARG A 100 -2.75 8.70 11.84
CA ARG A 100 -2.90 10.16 11.83
C ARG A 100 -4.14 10.64 12.61
N ARG A 101 -5.17 9.80 12.80
CA ARG A 101 -6.38 10.16 13.56
C ARG A 101 -6.09 10.42 15.04
N GLU A 102 -5.16 9.64 15.61
CA GLU A 102 -4.71 9.77 17.01
C GLU A 102 -3.72 10.94 17.16
N GLN A 103 -2.88 11.20 16.14
CA GLN A 103 -1.96 12.33 16.13
C GLN A 103 -2.72 13.67 16.06
N ALA A 104 -3.84 13.71 15.31
CA ALA A 104 -4.71 14.87 15.18
C ALA A 104 -5.64 15.10 16.38
N ASN A 105 -5.97 14.04 17.13
CA ASN A 105 -6.87 14.09 18.29
C ASN A 105 -6.45 13.14 19.42
N GLY A 106 -5.95 13.69 20.52
CA GLY A 106 -5.52 12.95 21.71
C GLY A 106 -6.65 12.35 22.56
N GLU A 107 -7.92 12.69 22.30
CA GLU A 107 -9.10 12.18 23.02
C GLU A 107 -9.54 10.78 22.53
N VAL A 108 -9.03 10.33 21.38
CA VAL A 108 -9.32 9.02 20.75
C VAL A 108 -8.03 8.25 20.45
N ARG A 109 -8.17 6.94 20.15
CA ARG A 109 -7.08 6.01 19.82
C ARG A 109 -7.23 5.42 18.41
N ALA A 110 -6.13 4.93 17.84
CA ALA A 110 -6.08 4.26 16.54
C ALA A 110 -6.53 2.78 16.64
N CYS A 111 -6.58 2.06 15.52
CA CYS A 111 -7.00 0.67 15.41
C CYS A 111 -6.31 -0.34 16.36
N SER A 112 -7.10 -1.34 16.77
CA SER A 112 -6.69 -2.53 17.52
C SER A 112 -6.49 -3.73 16.57
N LEU A 113 -6.80 -3.55 15.27
CA LEU A 113 -6.68 -4.50 14.17
C LEU A 113 -5.19 -4.94 14.03
N PRO A 114 -4.83 -6.22 14.25
CA PRO A 114 -3.44 -6.68 14.25
C PRO A 114 -2.59 -6.28 13.04
N HIS A 115 -3.13 -6.39 11.83
CA HIS A 115 -2.40 -6.02 10.60
C HIS A 115 -2.24 -4.51 10.40
N CYS A 116 -3.18 -3.70 10.90
CA CYS A 116 -3.10 -2.23 10.89
C CYS A 116 -1.96 -1.81 11.84
N ARG A 117 -1.98 -2.35 13.07
CA ARG A 117 -0.94 -2.18 14.10
C ARG A 117 0.44 -2.63 13.58
N THR A 118 0.49 -3.69 12.78
CA THR A 118 1.72 -4.20 12.15
C THR A 118 2.24 -3.23 11.09
N MET A 119 1.45 -2.90 10.07
CA MET A 119 1.87 -2.00 8.98
C MET A 119 2.22 -0.58 9.49
N LYS A 120 1.48 -0.01 10.45
CA LYS A 120 1.80 1.35 10.96
C LYS A 120 3.17 1.42 11.65
N ASN A 121 3.60 0.35 12.33
CA ASN A 121 4.93 0.26 12.93
C ASN A 121 6.01 0.14 11.84
N VAL A 122 5.76 -0.66 10.79
CA VAL A 122 6.69 -0.81 9.65
C VAL A 122 6.85 0.50 8.90
N LEU A 123 5.76 1.21 8.58
CA LEU A 123 5.78 2.50 7.88
C LEU A 123 6.60 3.54 8.66
N ASN A 124 6.43 3.63 9.98
CA ASN A 124 7.21 4.54 10.83
C ASN A 124 8.70 4.17 10.95
N HIS A 125 9.08 2.93 10.62
CA HIS A 125 10.48 2.48 10.58
C HIS A 125 11.07 2.73 9.18
N MET A 126 10.35 2.33 8.13
CA MET A 126 10.73 2.43 6.71
C MET A 126 11.06 3.88 6.28
N THR A 127 10.47 4.89 6.91
CA THR A 127 10.75 6.32 6.67
C THR A 127 12.14 6.75 7.16
N HIS A 128 12.70 6.02 8.12
CA HIS A 128 14.03 6.25 8.74
C HIS A 128 15.09 5.20 8.35
N CYS A 129 14.66 4.04 7.84
CA CYS A 129 15.53 2.92 7.44
C CYS A 129 16.51 3.32 6.31
N GLN A 130 17.67 2.68 6.31
CA GLN A 130 18.77 2.89 5.35
C GLN A 130 19.12 1.63 4.53
N ALA A 131 18.66 0.44 4.94
CA ALA A 131 18.92 -0.83 4.26
C ALA A 131 17.76 -1.27 3.36
N GLY A 132 16.52 -0.90 3.68
CA GLY A 132 15.33 -1.22 2.89
C GLY A 132 15.16 -2.72 2.62
N LYS A 133 15.33 -3.16 1.35
CA LYS A 133 15.27 -4.58 0.96
C LYS A 133 16.33 -5.45 1.64
N ALA A 134 17.42 -4.85 2.13
CA ALA A 134 18.50 -5.50 2.86
C ALA A 134 18.36 -5.42 4.40
N CYS A 135 17.30 -4.77 4.91
CA CYS A 135 17.02 -4.66 6.35
C CYS A 135 16.75 -6.05 6.93
N GLN A 136 17.24 -6.28 8.14
CA GLN A 136 17.17 -7.56 8.83
C GLN A 136 15.81 -7.83 9.50
N VAL A 137 14.90 -6.85 9.49
CA VAL A 137 13.50 -7.00 9.93
C VAL A 137 12.70 -7.45 8.70
N ALA A 138 12.18 -8.69 8.74
CA ALA A 138 11.46 -9.28 7.61
C ALA A 138 10.28 -8.42 7.10
N HIS A 139 9.55 -7.76 8.01
CA HIS A 139 8.39 -6.91 7.68
C HIS A 139 8.77 -5.61 6.95
N CYS A 140 9.96 -5.07 7.24
CA CYS A 140 10.53 -3.88 6.60
C CYS A 140 10.96 -4.24 5.16
N ALA A 141 11.80 -5.27 5.05
CA ALA A 141 12.30 -5.78 3.77
C ALA A 141 11.18 -6.27 2.83
N SER A 142 10.02 -6.69 3.35
CA SER A 142 8.86 -7.09 2.53
C SER A 142 8.04 -5.89 2.06
N SER A 143 7.68 -4.97 2.95
CA SER A 143 6.90 -3.76 2.60
C SER A 143 7.66 -2.87 1.61
N ARG A 144 9.00 -2.80 1.69
CA ARG A 144 9.83 -2.01 0.76
C ARG A 144 9.71 -2.49 -0.70
N GLN A 145 9.45 -3.77 -0.94
CA GLN A 145 9.22 -4.34 -2.29
C GLN A 145 7.88 -3.86 -2.87
N ILE A 146 6.88 -3.67 -2.01
CA ILE A 146 5.55 -3.16 -2.40
C ILE A 146 5.67 -1.67 -2.77
N ILE A 147 6.40 -0.90 -1.96
CA ILE A 147 6.70 0.52 -2.24
C ILE A 147 7.52 0.67 -3.53
N SER A 148 8.44 -0.27 -3.81
CA SER A 148 9.23 -0.28 -5.04
C SER A 148 8.38 -0.47 -6.31
N HIS A 149 7.17 -1.04 -6.22
CA HIS A 149 6.28 -1.22 -7.37
C HIS A 149 5.86 0.13 -7.95
N TRP A 150 5.23 1.01 -7.16
CA TRP A 150 4.82 2.35 -7.60
C TRP A 150 5.99 3.26 -8.03
N LYS A 151 7.20 2.97 -7.52
CA LYS A 151 8.41 3.73 -7.86
C LYS A 151 8.97 3.37 -9.25
N ASN A 152 8.87 2.10 -9.67
CA ASN A 152 9.34 1.64 -11.00
C ASN A 152 8.25 1.50 -12.08
N CYS A 153 7.01 1.17 -11.70
CA CYS A 153 5.87 0.99 -12.62
C CYS A 153 5.31 2.34 -13.11
N THR A 154 5.01 2.44 -14.41
CA THR A 154 4.55 3.67 -15.08
C THR A 154 3.25 3.53 -15.89
N ARG A 155 2.72 2.31 -16.06
CA ARG A 155 1.48 2.04 -16.82
C ARG A 155 0.21 2.29 -16.01
N HIS A 156 -0.85 2.73 -16.70
CA HIS A 156 -2.21 2.86 -16.14
C HIS A 156 -2.92 1.51 -16.14
N ASP A 157 -2.56 0.64 -17.08
CA ASP A 157 -3.09 -0.71 -17.30
C ASP A 157 -2.17 -1.80 -16.68
N CYS A 158 -2.15 -1.84 -15.35
CA CYS A 158 -1.38 -2.79 -14.52
C CYS A 158 -2.34 -3.47 -13.52
N PRO A 159 -2.28 -4.81 -13.31
CA PRO A 159 -3.19 -5.51 -12.40
C PRO A 159 -3.17 -5.01 -10.96
N VAL A 160 -2.06 -4.42 -10.48
CA VAL A 160 -1.99 -3.83 -9.14
C VAL A 160 -2.35 -2.34 -9.15
N CYS A 161 -1.70 -1.53 -10.00
CA CYS A 161 -1.87 -0.07 -10.03
C CYS A 161 -3.26 0.41 -10.49
N LEU A 162 -3.89 -0.23 -11.50
CA LEU A 162 -5.20 0.17 -12.05
C LEU A 162 -6.30 0.29 -10.99
N PRO A 163 -6.64 -0.75 -10.19
CA PRO A 163 -7.68 -0.62 -9.17
C PRO A 163 -7.37 0.44 -8.11
N LEU A 164 -6.10 0.67 -7.80
CA LEU A 164 -5.66 1.67 -6.82
C LEU A 164 -5.87 3.11 -7.31
N LYS A 165 -5.43 3.46 -8.53
CA LYS A 165 -5.67 4.80 -9.10
C LYS A 165 -7.17 5.05 -9.36
N ASN A 166 -7.93 3.99 -9.63
CA ASN A 166 -9.38 4.03 -9.80
C ASN A 166 -10.12 4.28 -8.47
N ALA A 167 -9.70 3.61 -7.39
CA ALA A 167 -10.30 3.71 -6.05
C ALA A 167 -9.94 4.98 -5.27
N SER A 168 -8.77 5.56 -5.53
CA SER A 168 -8.24 6.72 -4.81
C SER A 168 -9.13 7.97 -4.85
N ASP A 169 -9.23 8.66 -3.71
CA ASP A 169 -9.92 9.93 -3.55
C ASP A 169 -9.10 11.12 -4.12
N LYS A 170 -7.81 10.91 -4.42
CA LYS A 170 -6.89 11.89 -5.02
C LYS A 170 -6.93 11.89 -6.56
N ARG A 171 -7.73 11.02 -7.16
CA ARG A 171 -7.95 10.88 -8.62
C ARG A 171 -8.48 12.17 -9.25
ZN ZN B . -6.57 1.29 11.32
ZN ZN C . 14.37 -1.35 7.98
ZN ZN D . 2.19 -1.69 -11.62
N GLY A 1 -25.48 24.27 -1.79
CA GLY A 1 -24.07 24.20 -2.17
C GLY A 1 -23.65 25.16 -3.30
N SER A 2 -24.60 25.90 -3.88
CA SER A 2 -24.40 26.85 -4.99
C SER A 2 -23.40 27.98 -4.70
N HIS A 3 -23.11 28.26 -3.42
CA HIS A 3 -22.15 29.29 -2.98
C HIS A 3 -20.67 28.84 -3.04
N MET A 4 -20.40 27.55 -3.27
CA MET A 4 -19.04 27.00 -3.35
C MET A 4 -18.33 27.40 -4.65
N GLU A 5 -17.02 27.65 -4.58
CA GLU A 5 -16.17 28.03 -5.71
C GLU A 5 -14.73 27.53 -5.50
N GLU A 6 -14.10 27.01 -6.56
CA GLU A 6 -12.71 26.51 -6.58
C GLU A 6 -12.11 26.63 -8.00
N PRO A 7 -10.77 26.74 -8.14
CA PRO A 7 -10.12 26.90 -9.45
C PRO A 7 -10.42 25.77 -10.45
N GLN A 8 -10.84 26.13 -11.66
CA GLN A 8 -11.17 25.22 -12.76
C GLN A 8 -10.47 25.56 -14.09
N SER A 9 -9.64 26.61 -14.12
CA SER A 9 -8.89 27.11 -15.29
C SER A 9 -7.44 26.61 -15.40
N ASP A 10 -6.96 25.79 -14.45
CA ASP A 10 -5.60 25.26 -14.42
C ASP A 10 -5.31 24.28 -15.58
N PRO A 11 -4.26 24.48 -16.40
CA PRO A 11 -3.92 23.62 -17.54
C PRO A 11 -3.07 22.38 -17.19
N SER A 12 -2.43 22.35 -16.02
CA SER A 12 -1.50 21.28 -15.59
C SER A 12 -2.18 20.05 -14.99
N VAL A 13 -3.37 20.19 -14.39
CA VAL A 13 -4.12 19.09 -13.77
C VAL A 13 -4.68 18.10 -14.80
N GLU A 14 -4.75 16.81 -14.43
CA GLU A 14 -5.26 15.72 -15.26
C GLU A 14 -6.20 14.78 -14.47
N PRO A 15 -7.15 14.07 -15.10
CA PRO A 15 -8.12 13.20 -14.42
C PRO A 15 -7.57 12.04 -13.56
N PRO A 16 -6.57 11.23 -13.97
CA PRO A 16 -6.10 10.08 -13.20
C PRO A 16 -5.11 10.43 -12.07
N LEU A 17 -4.93 9.49 -11.14
CA LEU A 17 -3.98 9.59 -10.01
C LEU A 17 -2.53 9.37 -10.50
N SER A 18 -1.58 10.10 -9.89
CA SER A 18 -0.14 10.00 -10.18
C SER A 18 0.61 9.16 -9.15
N GLN A 19 1.66 8.44 -9.58
CA GLN A 19 2.50 7.61 -8.70
C GLN A 19 3.19 8.39 -7.57
N GLU A 20 3.39 9.70 -7.74
CA GLU A 20 3.98 10.55 -6.69
C GLU A 20 3.09 10.62 -5.43
N THR A 21 1.77 10.43 -5.59
CA THR A 21 0.80 10.44 -4.49
C THR A 21 1.01 9.23 -3.59
N PHE A 22 0.91 7.99 -4.11
CA PHE A 22 1.19 6.76 -3.36
C PHE A 22 2.63 6.69 -2.83
N SER A 23 3.60 7.28 -3.55
CA SER A 23 5.00 7.30 -3.14
C SER A 23 5.27 8.18 -1.91
N ASP A 24 4.54 9.29 -1.72
CA ASP A 24 4.66 10.13 -0.51
C ASP A 24 3.69 9.71 0.62
N LEU A 25 2.56 9.09 0.25
CA LEU A 25 1.49 8.62 1.14
C LEU A 25 2.00 7.95 2.41
N TRP A 26 2.79 6.90 2.22
CA TRP A 26 3.26 6.04 3.30
C TRP A 26 4.29 6.67 4.25
N LYS A 27 4.86 7.83 3.88
CA LYS A 27 5.90 8.51 4.67
C LYS A 27 5.49 9.83 5.32
N LEU A 28 5.10 10.84 4.52
CA LEU A 28 4.83 12.22 4.99
C LEU A 28 3.40 12.77 4.77
N LEU A 29 2.41 11.89 4.54
CA LEU A 29 1.01 12.25 4.28
C LEU A 29 0.40 13.20 5.35
N PRO A 30 -0.31 14.28 4.95
CA PRO A 30 -0.88 15.27 5.86
C PRO A 30 -2.04 14.76 6.71
N GLU A 31 -2.37 15.49 7.77
CA GLU A 31 -3.42 15.18 8.76
C GLU A 31 -4.85 15.05 8.18
N ASN A 32 -5.09 15.54 6.96
CA ASN A 32 -6.37 15.44 6.25
C ASN A 32 -6.16 15.02 4.78
N ASN A 33 -7.00 14.12 4.27
CA ASN A 33 -6.99 13.62 2.89
C ASN A 33 -8.41 13.24 2.42
N VAL A 34 -8.69 13.33 1.13
CA VAL A 34 -10.00 13.01 0.53
C VAL A 34 -10.37 11.51 0.59
N LEU A 35 -9.39 10.61 0.58
CA LEU A 35 -9.59 9.16 0.66
C LEU A 35 -9.53 8.68 2.12
N SER A 36 -10.67 8.26 2.69
CA SER A 36 -10.74 7.63 4.02
C SER A 36 -11.24 6.17 3.89
N PRO A 37 -10.35 5.15 3.91
CA PRO A 37 -10.73 3.75 3.77
C PRO A 37 -11.18 3.16 5.13
N LEU A 38 -12.49 2.97 5.31
CA LEU A 38 -13.06 2.43 6.56
C LEU A 38 -12.84 0.92 6.70
N PRO A 39 -12.77 0.34 7.92
CA PRO A 39 -12.60 -1.11 8.12
C PRO A 39 -13.67 -1.97 7.42
N SER A 40 -14.88 -1.43 7.24
CA SER A 40 -16.00 -2.06 6.53
C SER A 40 -15.84 -2.06 5.00
N GLN A 41 -15.02 -1.15 4.47
CA GLN A 41 -14.69 -0.99 3.05
C GLN A 41 -13.39 -1.73 2.68
N ALA A 42 -12.46 -1.86 3.64
CA ALA A 42 -11.17 -2.54 3.48
C ALA A 42 -11.32 -4.06 3.22
N MET A 43 -10.31 -4.63 2.57
CA MET A 43 -10.23 -6.05 2.19
C MET A 43 -9.59 -6.96 3.25
N ASP A 44 -9.70 -6.59 4.54
CA ASP A 44 -9.11 -7.31 5.67
C ASP A 44 -9.54 -8.78 5.79
N ASP A 45 -10.67 -9.18 5.20
CA ASP A 45 -11.15 -10.57 5.17
C ASP A 45 -10.20 -11.51 4.37
N LEU A 46 -9.33 -10.94 3.53
CA LEU A 46 -8.33 -11.62 2.70
C LEU A 46 -6.88 -11.35 3.19
N MET A 47 -6.71 -10.78 4.39
CA MET A 47 -5.42 -10.38 4.95
C MET A 47 -4.51 -11.53 5.40
N LEU A 48 -3.21 -11.25 5.40
CA LEU A 48 -2.10 -12.16 5.72
C LEU A 48 -1.20 -11.61 6.83
N SER A 49 -0.30 -12.46 7.33
CA SER A 49 0.77 -12.06 8.25
C SER A 49 1.87 -11.35 7.43
N PRO A 50 2.64 -10.40 8.00
CA PRO A 50 3.68 -9.66 7.28
C PRO A 50 4.81 -10.53 6.69
N ASP A 51 4.94 -11.80 7.09
CA ASP A 51 5.94 -12.74 6.55
C ASP A 51 5.53 -13.33 5.18
N ASP A 52 4.24 -13.28 4.83
CA ASP A 52 3.71 -13.80 3.55
C ASP A 52 3.89 -12.81 2.38
N ILE A 53 4.23 -11.55 2.68
CA ILE A 53 4.48 -10.48 1.69
C ILE A 53 5.54 -10.90 0.65
N GLU A 54 6.55 -11.63 1.10
CA GLU A 54 7.67 -12.11 0.26
C GLU A 54 7.30 -13.30 -0.65
N GLN A 55 6.12 -13.92 -0.46
CA GLN A 55 5.66 -15.07 -1.26
C GLN A 55 4.98 -14.66 -2.57
N TRP A 56 4.41 -13.46 -2.68
CA TRP A 56 3.73 -13.04 -3.92
C TRP A 56 4.70 -12.75 -5.06
N PHE A 57 5.80 -12.04 -4.77
CA PHE A 57 6.83 -11.72 -5.76
C PHE A 57 7.74 -12.95 -5.93
N THR A 58 7.66 -13.61 -7.08
CA THR A 58 8.37 -14.86 -7.37
C THR A 58 9.87 -14.66 -7.63
N GLU A 59 10.70 -15.53 -7.07
CA GLU A 59 12.16 -15.54 -7.24
C GLU A 59 12.58 -16.20 -8.58
N ASP A 60 13.82 -15.97 -9.01
CA ASP A 60 14.37 -16.55 -10.24
C ASP A 60 14.55 -18.09 -10.16
N PRO A 61 14.36 -18.85 -11.26
CA PRO A 61 14.50 -20.30 -11.26
C PRO A 61 15.94 -20.80 -11.16
N GLY A 62 16.93 -19.99 -11.56
CA GLY A 62 18.35 -20.38 -11.53
C GLY A 62 18.68 -21.44 -12.60
N PRO A 63 19.25 -22.60 -12.23
CA PRO A 63 19.65 -23.64 -13.19
C PRO A 63 18.48 -24.42 -13.83
N ASP A 64 17.29 -24.50 -13.19
CA ASP A 64 16.12 -25.22 -13.71
C ASP A 64 14.78 -24.67 -13.18
N GLY A 65 13.73 -24.74 -14.00
CA GLY A 65 12.37 -24.26 -13.68
C GLY A 65 11.47 -25.22 -12.90
N SER A 66 12.00 -26.28 -12.28
CA SER A 66 11.19 -27.21 -11.46
C SER A 66 10.69 -26.48 -10.21
N CYS A 67 9.38 -26.25 -10.15
CA CYS A 67 8.68 -25.51 -9.11
C CYS A 67 8.60 -26.25 -7.75
N PHE A 68 8.35 -25.48 -6.69
CA PHE A 68 8.35 -25.93 -5.29
C PHE A 68 7.32 -25.15 -4.43
N ASN A 69 7.26 -25.42 -3.11
CA ASN A 69 6.33 -24.77 -2.19
C ASN A 69 6.43 -23.23 -2.27
N GLY A 70 5.29 -22.56 -2.50
CA GLY A 70 5.18 -21.10 -2.67
C GLY A 70 5.21 -20.67 -4.15
N THR A 71 6.07 -21.26 -4.98
CA THR A 71 6.17 -20.95 -6.42
C THR A 71 5.16 -21.76 -7.23
N ALA A 72 5.08 -23.06 -7.00
CA ALA A 72 4.07 -23.96 -7.59
C ALA A 72 2.65 -23.57 -7.13
N THR A 73 2.56 -23.00 -5.92
CA THR A 73 1.33 -22.52 -5.26
C THR A 73 0.74 -21.28 -5.97
N GLY A 74 1.55 -20.55 -6.75
CA GLY A 74 1.10 -19.38 -7.50
C GLY A 74 2.21 -18.64 -8.25
N PRO A 75 2.44 -18.92 -9.55
CA PRO A 75 3.44 -18.24 -10.38
C PRO A 75 3.15 -16.74 -10.57
N THR A 76 4.02 -16.02 -11.30
CA THR A 76 3.87 -14.58 -11.61
C THR A 76 2.54 -14.23 -12.30
N ALA A 77 1.94 -15.18 -13.02
CA ALA A 77 0.67 -15.03 -13.74
C ALA A 77 -0.57 -15.42 -12.91
N ASP A 78 -0.42 -15.85 -11.65
CA ASP A 78 -1.52 -16.25 -10.79
C ASP A 78 -2.39 -15.05 -10.33
N PRO A 79 -3.71 -15.06 -10.56
CA PRO A 79 -4.58 -13.93 -10.20
C PRO A 79 -4.77 -13.74 -8.69
N GLU A 80 -4.82 -14.83 -7.90
CA GLU A 80 -4.96 -14.73 -6.44
C GLU A 80 -3.74 -14.09 -5.79
N LYS A 81 -2.52 -14.40 -6.27
CA LYS A 81 -1.29 -13.75 -5.77
C LYS A 81 -1.36 -12.23 -5.99
N ARG A 82 -1.90 -11.76 -7.12
CA ARG A 82 -2.13 -10.33 -7.39
C ARG A 82 -3.17 -9.74 -6.42
N LYS A 83 -4.28 -10.46 -6.13
CA LYS A 83 -5.29 -10.04 -5.14
C LYS A 83 -4.66 -9.87 -3.75
N LEU A 84 -3.76 -10.77 -3.37
CA LEU A 84 -3.05 -10.69 -2.08
C LEU A 84 -2.19 -9.43 -1.98
N ILE A 85 -1.55 -8.98 -3.07
CA ILE A 85 -0.80 -7.70 -3.08
C ILE A 85 -1.78 -6.53 -2.93
N GLN A 86 -2.78 -6.46 -3.81
CA GLN A 86 -3.81 -5.41 -3.82
C GLN A 86 -4.42 -5.21 -2.43
N GLN A 87 -4.91 -6.28 -1.79
CA GLN A 87 -5.52 -6.20 -0.47
C GLN A 87 -4.52 -5.77 0.62
N GLN A 88 -3.26 -6.21 0.57
CA GLN A 88 -2.27 -5.81 1.57
C GLN A 88 -1.92 -4.33 1.41
N LEU A 89 -1.68 -3.87 0.18
CA LEU A 89 -1.33 -2.49 -0.15
C LEU A 89 -2.45 -1.52 0.25
N VAL A 90 -3.73 -1.87 0.03
CA VAL A 90 -4.86 -1.05 0.50
C VAL A 90 -4.83 -0.91 2.04
N LEU A 91 -4.37 -1.94 2.76
CA LEU A 91 -4.21 -1.92 4.22
C LEU A 91 -3.04 -1.04 4.70
N LEU A 92 -1.97 -0.88 3.91
CA LEU A 92 -0.88 0.08 4.20
C LEU A 92 -1.48 1.52 4.20
N LEU A 93 -2.44 1.80 3.30
CA LEU A 93 -3.13 3.11 3.23
C LEU A 93 -3.96 3.33 4.50
N HIS A 94 -4.78 2.34 4.90
CA HIS A 94 -5.58 2.46 6.12
C HIS A 94 -4.68 2.73 7.32
N ALA A 95 -3.66 1.88 7.56
CA ALA A 95 -2.75 2.05 8.69
C ALA A 95 -2.14 3.46 8.75
N HIS A 96 -1.67 3.99 7.61
CA HIS A 96 -1.13 5.35 7.55
C HIS A 96 -2.18 6.43 7.84
N LYS A 97 -3.36 6.31 7.24
CA LYS A 97 -4.48 7.26 7.42
C LYS A 97 -5.11 7.21 8.82
N CYS A 98 -4.99 6.08 9.52
CA CYS A 98 -5.46 5.83 10.89
C CYS A 98 -4.46 6.41 11.92
N GLN A 99 -3.17 6.05 11.82
CA GLN A 99 -2.13 6.56 12.75
C GLN A 99 -2.01 8.10 12.73
N ARG A 100 -2.07 8.73 11.55
CA ARG A 100 -2.06 10.19 11.40
C ARG A 100 -3.36 10.85 11.91
N ARG A 101 -4.50 10.16 11.78
CA ARG A 101 -5.81 10.64 12.28
C ARG A 101 -5.83 10.70 13.81
N GLU A 102 -5.22 9.73 14.47
CA GLU A 102 -5.08 9.75 15.94
C GLU A 102 -4.06 10.83 16.34
N GLN A 103 -2.90 10.91 15.69
CA GLN A 103 -1.86 11.91 15.98
C GLN A 103 -2.37 13.36 15.84
N ALA A 104 -3.28 13.62 14.89
CA ALA A 104 -3.91 14.92 14.67
C ALA A 104 -4.87 15.37 15.80
N ASN A 105 -5.27 14.45 16.69
CA ASN A 105 -6.20 14.68 17.79
C ASN A 105 -5.56 14.50 19.18
N GLY A 106 -4.83 13.41 19.40
CA GLY A 106 -4.10 13.08 20.64
C GLY A 106 -4.94 12.57 21.82
N GLU A 107 -6.27 12.45 21.70
CA GLU A 107 -7.18 12.00 22.78
C GLU A 107 -8.01 10.75 22.44
N VAL A 108 -8.41 10.56 21.17
CA VAL A 108 -9.20 9.40 20.72
C VAL A 108 -8.40 8.10 20.72
N ARG A 109 -9.11 6.96 20.84
CA ARG A 109 -8.53 5.60 20.84
C ARG A 109 -8.37 5.08 19.39
N ALA A 110 -7.21 4.49 19.10
CA ALA A 110 -6.89 3.92 17.80
C ALA A 110 -7.46 2.50 17.60
N CYS A 111 -7.36 1.97 16.37
CA CYS A 111 -7.84 0.65 15.98
C CYS A 111 -7.32 -0.51 16.87
N SER A 112 -8.23 -1.45 17.17
CA SER A 112 -7.96 -2.71 17.86
C SER A 112 -7.60 -3.84 16.88
N LEU A 113 -7.76 -3.57 15.57
CA LEU A 113 -7.48 -4.43 14.43
C LEU A 113 -5.98 -4.82 14.40
N PRO A 114 -5.59 -6.09 14.62
CA PRO A 114 -4.19 -6.51 14.69
C PRO A 114 -3.34 -6.15 13.46
N HIS A 115 -3.91 -6.23 12.25
CA HIS A 115 -3.21 -5.89 11.01
C HIS A 115 -2.94 -4.37 10.87
N CYS A 116 -3.86 -3.53 11.36
CA CYS A 116 -3.72 -2.08 11.41
C CYS A 116 -2.61 -1.71 12.42
N ARG A 117 -2.69 -2.27 13.64
CA ARG A 117 -1.68 -2.13 14.70
C ARG A 117 -0.28 -2.56 14.21
N THR A 118 -0.22 -3.63 13.43
CA THR A 118 1.03 -4.14 12.81
C THR A 118 1.57 -3.15 11.78
N MET A 119 0.77 -2.81 10.76
CA MET A 119 1.18 -1.93 9.67
C MET A 119 1.55 -0.52 10.15
N LYS A 120 0.86 0.07 11.13
CA LYS A 120 1.22 1.41 11.63
C LYS A 120 2.58 1.46 12.30
N ASN A 121 2.95 0.41 13.04
CA ASN A 121 4.29 0.29 13.64
C ASN A 121 5.37 0.19 12.55
N VAL A 122 5.09 -0.55 11.47
CA VAL A 122 6.00 -0.65 10.31
C VAL A 122 6.15 0.71 9.62
N LEU A 123 5.06 1.41 9.33
CA LEU A 123 5.08 2.73 8.68
C LEU A 123 5.81 3.80 9.53
N ASN A 124 5.63 3.79 10.86
CA ASN A 124 6.34 4.68 11.77
C ASN A 124 7.88 4.47 11.72
N HIS A 125 8.32 3.21 11.60
CA HIS A 125 9.73 2.85 11.50
C HIS A 125 10.30 3.08 10.10
N MET A 126 9.62 2.58 9.06
CA MET A 126 10.04 2.65 7.65
C MET A 126 10.30 4.07 7.13
N THR A 127 9.58 5.11 7.61
CA THR A 127 9.86 6.51 7.19
C THR A 127 11.15 7.07 7.82
N HIS A 128 11.69 6.40 8.85
CA HIS A 128 12.95 6.76 9.54
C HIS A 128 14.11 5.82 9.17
N CYS A 129 13.81 4.56 8.83
CA CYS A 129 14.75 3.52 8.45
C CYS A 129 15.62 3.91 7.22
N GLN A 130 16.87 3.47 7.22
CA GLN A 130 17.89 3.75 6.19
C GLN A 130 18.40 2.47 5.48
N ALA A 131 18.11 1.28 5.99
CA ALA A 131 18.52 0.00 5.41
C ALA A 131 17.46 -0.56 4.43
N GLY A 132 16.19 -0.21 4.63
CA GLY A 132 15.07 -0.63 3.78
C GLY A 132 15.00 -2.16 3.58
N LYS A 133 15.26 -2.63 2.36
CA LYS A 133 15.27 -4.07 2.02
C LYS A 133 16.34 -4.87 2.78
N ALA A 134 17.37 -4.20 3.34
CA ALA A 134 18.42 -4.81 4.15
C ALA A 134 18.17 -4.73 5.66
N CYS A 135 17.07 -4.09 6.11
CA CYS A 135 16.73 -3.97 7.52
C CYS A 135 16.56 -5.37 8.16
N GLN A 136 16.95 -5.48 9.42
CA GLN A 136 16.94 -6.72 10.19
C GLN A 136 15.54 -7.07 10.74
N VAL A 137 14.56 -6.16 10.61
CA VAL A 137 13.15 -6.39 10.94
C VAL A 137 12.46 -6.92 9.69
N ALA A 138 11.98 -8.17 9.73
CA ALA A 138 11.36 -8.83 8.57
C ALA A 138 10.18 -8.04 7.97
N HIS A 139 9.35 -7.42 8.81
CA HIS A 139 8.16 -6.66 8.38
C HIS A 139 8.54 -5.38 7.60
N CYS A 140 9.61 -4.70 8.02
CA CYS A 140 10.17 -3.50 7.38
C CYS A 140 10.73 -3.87 5.99
N ALA A 141 11.66 -4.84 5.97
CA ALA A 141 12.27 -5.36 4.75
C ALA A 141 11.23 -5.90 3.74
N SER A 142 10.10 -6.44 4.21
CA SER A 142 9.01 -6.94 3.37
C SER A 142 8.15 -5.80 2.80
N SER A 143 7.69 -4.86 3.65
CA SER A 143 6.87 -3.72 3.21
C SER A 143 7.62 -2.85 2.19
N ARG A 144 8.95 -2.69 2.34
CA ARG A 144 9.80 -1.95 1.41
C ARG A 144 9.76 -2.50 -0.01
N GLN A 145 9.59 -3.83 -0.19
CA GLN A 145 9.47 -4.46 -1.51
C GLN A 145 8.18 -4.06 -2.22
N ILE A 146 7.09 -3.82 -1.48
CA ILE A 146 5.82 -3.37 -2.04
C ILE A 146 5.88 -1.88 -2.40
N ILE A 147 6.44 -1.07 -1.50
CA ILE A 147 6.66 0.38 -1.72
C ILE A 147 7.59 0.62 -2.92
N SER A 148 8.61 -0.23 -3.10
CA SER A 148 9.55 -0.17 -4.23
C SER A 148 8.82 -0.30 -5.59
N HIS A 149 7.68 -1.00 -5.66
CA HIS A 149 6.90 -1.10 -6.89
C HIS A 149 6.37 0.29 -7.28
N TRP A 150 5.69 1.00 -6.38
CA TRP A 150 5.18 2.37 -6.63
C TRP A 150 6.29 3.38 -6.93
N LYS A 151 7.49 3.20 -6.36
CA LYS A 151 8.65 4.07 -6.62
C LYS A 151 9.23 3.90 -8.02
N ASN A 152 9.09 2.72 -8.64
CA ASN A 152 9.59 2.41 -9.99
C ASN A 152 8.52 2.46 -11.11
N CYS A 153 7.28 2.01 -10.83
CA CYS A 153 6.18 1.91 -11.79
C CYS A 153 5.50 3.27 -12.05
N THR A 154 5.25 3.57 -13.35
CA THR A 154 4.64 4.82 -13.83
C THR A 154 3.46 4.60 -14.81
N ARG A 155 3.12 3.35 -15.14
CA ARG A 155 2.06 2.98 -16.10
C ARG A 155 0.66 2.98 -15.46
N HIS A 156 -0.36 3.36 -16.23
CA HIS A 156 -1.77 3.33 -15.78
C HIS A 156 -2.38 1.92 -15.81
N ASP A 157 -1.90 1.08 -16.74
CA ASP A 157 -2.33 -0.31 -16.94
C ASP A 157 -1.31 -1.31 -16.36
N CYS A 158 -1.42 -1.56 -15.06
CA CYS A 158 -0.61 -2.48 -14.27
C CYS A 158 -1.53 -3.25 -13.28
N PRO A 159 -1.41 -4.58 -13.09
CA PRO A 159 -2.30 -5.36 -12.24
C PRO A 159 -2.38 -4.90 -10.77
N VAL A 160 -1.34 -4.27 -10.22
CA VAL A 160 -1.38 -3.72 -8.84
C VAL A 160 -1.82 -2.26 -8.83
N CYS A 161 -1.22 -1.40 -9.66
CA CYS A 161 -1.45 0.04 -9.70
C CYS A 161 -2.84 0.45 -10.23
N LEU A 162 -3.38 -0.19 -11.28
CA LEU A 162 -4.67 0.15 -11.87
C LEU A 162 -5.83 0.15 -10.85
N PRO A 163 -6.11 -0.95 -10.10
CA PRO A 163 -7.21 -0.94 -9.12
C PRO A 163 -7.02 0.09 -8.00
N LEU A 164 -5.78 0.42 -7.62
CA LEU A 164 -5.49 1.46 -6.61
C LEU A 164 -5.79 2.86 -7.14
N LYS A 165 -5.37 3.17 -8.38
CA LYS A 165 -5.67 4.45 -9.06
C LYS A 165 -7.18 4.64 -9.24
N ASN A 166 -7.89 3.55 -9.53
CA ASN A 166 -9.35 3.51 -9.71
C ASN A 166 -10.11 3.64 -8.38
N ALA A 167 -9.65 2.98 -7.31
CA ALA A 167 -10.30 3.01 -5.99
C ALA A 167 -10.11 4.34 -5.24
N SER A 168 -8.96 5.01 -5.40
CA SER A 168 -8.68 6.29 -4.76
C SER A 168 -9.52 7.43 -5.35
N ASP A 169 -10.03 8.32 -4.49
CA ASP A 169 -10.78 9.52 -4.90
C ASP A 169 -9.84 10.71 -5.20
N LYS A 170 -8.53 10.57 -4.93
CA LYS A 170 -7.47 11.55 -5.17
C LYS A 170 -7.02 11.52 -6.64
N ARG A 171 -7.99 11.65 -7.54
CA ARG A 171 -7.85 11.58 -9.02
C ARG A 171 -8.62 12.70 -9.74
ZN ZN B . -6.95 1.63 11.86
ZN ZN C . 13.83 -0.84 9.01
ZN ZN D . 2.85 -1.22 -11.33
N GLY A 1 -20.22 30.40 -27.41
CA GLY A 1 -19.21 29.56 -26.75
C GLY A 1 -19.22 28.09 -27.20
N SER A 2 -18.28 27.30 -26.69
CA SER A 2 -18.11 25.87 -26.98
C SER A 2 -17.43 25.12 -25.83
N HIS A 3 -17.44 23.78 -25.87
CA HIS A 3 -16.79 22.93 -24.84
C HIS A 3 -15.27 23.13 -24.73
N MET A 4 -14.62 23.70 -25.75
CA MET A 4 -13.18 23.95 -25.79
C MET A 4 -12.70 25.00 -24.78
N GLU A 5 -13.59 25.89 -24.29
CA GLU A 5 -13.22 26.91 -23.29
C GLU A 5 -13.21 26.38 -21.84
N GLU A 6 -13.80 25.20 -21.59
CA GLU A 6 -13.87 24.58 -20.26
C GLU A 6 -12.48 24.21 -19.70
N PRO A 7 -11.62 23.41 -20.37
CA PRO A 7 -10.28 23.10 -19.86
C PRO A 7 -9.38 24.34 -19.77
N GLN A 8 -9.65 25.37 -20.58
CA GLN A 8 -8.93 26.65 -20.57
C GLN A 8 -9.36 27.56 -19.39
N SER A 9 -10.47 27.25 -18.72
CA SER A 9 -10.98 27.99 -17.55
C SER A 9 -10.44 27.47 -16.21
N ASP A 10 -9.89 26.24 -16.18
CA ASP A 10 -9.31 25.62 -14.97
C ASP A 10 -7.98 24.82 -15.21
N PRO A 11 -6.99 25.37 -15.95
CA PRO A 11 -5.72 24.68 -16.22
C PRO A 11 -4.82 24.53 -14.98
N SER A 12 -5.09 25.27 -13.90
CA SER A 12 -4.31 25.28 -12.64
C SER A 12 -4.57 24.07 -11.72
N VAL A 13 -5.45 23.14 -12.11
CA VAL A 13 -5.82 21.94 -11.33
C VAL A 13 -5.95 20.70 -12.23
N GLU A 14 -5.65 19.52 -11.68
CA GLU A 14 -5.73 18.22 -12.37
C GLU A 14 -6.62 17.25 -11.54
N PRO A 15 -7.82 16.87 -12.02
CA PRO A 15 -8.73 15.96 -11.30
C PRO A 15 -8.18 14.58 -10.89
N PRO A 16 -7.44 13.81 -11.73
CA PRO A 16 -6.95 12.48 -11.37
C PRO A 16 -5.74 12.51 -10.43
N LEU A 17 -5.50 11.39 -9.74
CA LEU A 17 -4.36 11.19 -8.83
C LEU A 17 -3.04 10.99 -9.61
N SER A 18 -1.97 11.63 -9.13
CA SER A 18 -0.62 11.51 -9.71
C SER A 18 0.16 10.34 -9.10
N GLN A 19 1.02 9.68 -9.88
CA GLN A 19 1.84 8.54 -9.44
C GLN A 19 2.68 8.82 -8.18
N GLU A 20 3.15 10.05 -8.01
CA GLU A 20 3.97 10.47 -6.86
C GLU A 20 3.15 10.56 -5.55
N THR A 21 1.81 10.55 -5.61
CA THR A 21 0.95 10.61 -4.42
C THR A 21 1.20 9.39 -3.54
N PHE A 22 1.03 8.18 -4.08
CA PHE A 22 1.34 6.92 -3.39
C PHE A 22 2.83 6.83 -2.99
N SER A 23 3.75 7.46 -3.74
CA SER A 23 5.19 7.49 -3.43
C SER A 23 5.52 8.28 -2.16
N ASP A 24 4.79 9.37 -1.89
CA ASP A 24 4.95 10.19 -0.67
C ASP A 24 4.07 9.72 0.50
N LEU A 25 2.91 9.13 0.21
CA LEU A 25 1.90 8.64 1.14
C LEU A 25 2.49 7.87 2.32
N TRP A 26 3.24 6.81 2.03
CA TRP A 26 3.75 5.90 3.05
C TRP A 26 4.88 6.47 3.93
N LYS A 27 5.45 7.62 3.56
CA LYS A 27 6.59 8.22 4.26
C LYS A 27 6.31 9.51 5.05
N LEU A 28 5.85 10.56 4.39
CA LEU A 28 5.68 11.91 4.97
C LEU A 28 4.26 12.50 4.96
N LEU A 29 3.23 11.67 4.75
CA LEU A 29 1.81 12.07 4.66
C LEU A 29 1.32 12.87 5.91
N PRO A 30 0.65 14.03 5.72
CA PRO A 30 0.18 14.92 6.79
C PRO A 30 -1.13 14.45 7.46
N GLU A 31 -1.60 15.21 8.45
CA GLU A 31 -2.83 14.93 9.23
C GLU A 31 -4.15 14.96 8.44
N ASN A 32 -4.16 15.43 7.19
CA ASN A 32 -5.33 15.50 6.32
C ASN A 32 -4.99 15.03 4.89
N ASN A 33 -5.82 14.17 4.30
CA ASN A 33 -5.64 13.64 2.94
C ASN A 33 -6.99 13.40 2.22
N VAL A 34 -6.96 13.35 0.89
CA VAL A 34 -8.13 13.13 0.02
C VAL A 34 -8.69 11.70 0.08
N LEU A 35 -7.87 10.70 0.43
CA LEU A 35 -8.26 9.29 0.55
C LEU A 35 -8.54 8.97 2.02
N SER A 36 -9.80 8.70 2.36
CA SER A 36 -10.25 8.39 3.74
C SER A 36 -10.79 6.94 3.85
N PRO A 37 -9.99 5.98 4.36
CA PRO A 37 -10.42 4.58 4.55
C PRO A 37 -11.25 4.41 5.84
N LEU A 38 -11.87 3.25 6.01
CA LEU A 38 -12.71 2.90 7.17
C LEU A 38 -12.56 1.40 7.54
N PRO A 39 -12.45 1.02 8.84
CA PRO A 39 -12.33 -0.39 9.25
C PRO A 39 -13.46 -1.30 8.73
N SER A 40 -14.68 -0.77 8.64
CA SER A 40 -15.87 -1.48 8.12
C SER A 40 -15.77 -1.85 6.62
N GLN A 41 -14.80 -1.28 5.90
CA GLN A 41 -14.52 -1.53 4.48
C GLN A 41 -13.18 -2.26 4.25
N ALA A 42 -12.46 -2.63 5.31
CA ALA A 42 -11.17 -3.33 5.21
C ALA A 42 -11.34 -4.80 4.78
N MET A 43 -10.41 -5.30 3.96
CA MET A 43 -10.40 -6.67 3.41
C MET A 43 -9.70 -7.68 4.34
N ASP A 44 -10.06 -7.68 5.63
CA ASP A 44 -9.50 -8.57 6.66
C ASP A 44 -9.70 -10.07 6.33
N ASP A 45 -10.69 -10.41 5.51
CA ASP A 45 -10.97 -11.77 5.03
C ASP A 45 -9.84 -12.35 4.14
N LEU A 46 -8.99 -11.47 3.58
CA LEU A 46 -7.84 -11.80 2.73
C LEU A 46 -6.47 -11.40 3.35
N MET A 47 -6.44 -10.80 4.56
CA MET A 47 -5.19 -10.36 5.19
C MET A 47 -4.23 -11.49 5.57
N LEU A 48 -2.94 -11.19 5.50
CA LEU A 48 -1.81 -12.05 5.83
C LEU A 48 -0.88 -11.41 6.88
N SER A 49 0.16 -12.15 7.28
CA SER A 49 1.26 -11.63 8.10
C SER A 49 2.34 -11.05 7.16
N PRO A 50 3.17 -10.07 7.56
CA PRO A 50 4.15 -9.44 6.67
C PRO A 50 5.20 -10.38 6.06
N ASP A 51 5.40 -11.56 6.64
CA ASP A 51 6.34 -12.57 6.12
C ASP A 51 5.77 -13.32 4.89
N ASP A 52 4.46 -13.26 4.67
CA ASP A 52 3.77 -13.89 3.52
C ASP A 52 3.84 -13.01 2.25
N ILE A 53 4.26 -11.74 2.37
CA ILE A 53 4.42 -10.80 1.24
C ILE A 53 5.43 -11.34 0.21
N GLU A 54 6.48 -12.02 0.70
CA GLU A 54 7.53 -12.64 -0.12
C GLU A 54 7.05 -13.91 -0.85
N GLN A 55 5.86 -14.43 -0.53
CA GLN A 55 5.25 -15.57 -1.23
C GLN A 55 4.60 -15.14 -2.56
N TRP A 56 4.29 -13.84 -2.72
CA TRP A 56 3.72 -13.26 -3.95
C TRP A 56 4.71 -12.36 -4.68
N PHE A 57 5.37 -11.38 -4.03
CA PHE A 57 6.47 -10.66 -4.69
C PHE A 57 7.70 -11.56 -4.58
N THR A 58 8.13 -12.12 -5.72
CA THR A 58 9.19 -13.15 -5.78
C THR A 58 10.37 -12.74 -6.67
N GLU A 59 11.59 -13.03 -6.21
CA GLU A 59 12.86 -12.79 -6.94
C GLU A 59 13.34 -14.07 -7.65
N ASP A 60 14.36 -13.99 -8.50
CA ASP A 60 14.92 -15.15 -9.20
C ASP A 60 15.50 -16.18 -8.18
N PRO A 61 15.00 -17.43 -8.14
CA PRO A 61 15.42 -18.43 -7.14
C PRO A 61 16.72 -19.20 -7.49
N GLY A 62 17.31 -18.98 -8.66
CA GLY A 62 18.54 -19.64 -9.11
C GLY A 62 18.38 -21.17 -9.15
N PRO A 63 19.18 -21.95 -8.37
CA PRO A 63 19.10 -23.41 -8.33
C PRO A 63 17.88 -23.95 -7.53
N ASP A 64 17.14 -23.09 -6.82
CA ASP A 64 15.97 -23.44 -6.01
C ASP A 64 14.65 -23.10 -6.72
N GLY A 65 13.51 -23.27 -6.04
CA GLY A 65 12.15 -22.97 -6.54
C GLY A 65 11.56 -24.00 -7.53
N SER A 66 12.35 -24.98 -7.97
CA SER A 66 11.95 -26.06 -8.90
C SER A 66 11.18 -27.22 -8.24
N CYS A 67 10.96 -27.15 -6.93
CA CYS A 67 10.24 -28.16 -6.12
C CYS A 67 8.77 -28.35 -6.55
N PHE A 68 8.16 -27.35 -7.19
CA PHE A 68 6.79 -27.34 -7.71
C PHE A 68 6.74 -26.73 -9.12
N ASN A 69 5.62 -26.88 -9.83
CA ASN A 69 5.44 -26.33 -11.18
C ASN A 69 5.22 -24.81 -11.16
N GLY A 70 4.16 -24.34 -10.49
CA GLY A 70 3.79 -22.91 -10.44
C GLY A 70 4.88 -21.97 -9.92
N THR A 71 5.69 -22.42 -8.95
CA THR A 71 6.82 -21.65 -8.38
C THR A 71 7.99 -21.47 -9.36
N ALA A 72 7.98 -22.18 -10.50
CA ALA A 72 9.02 -22.13 -11.52
C ALA A 72 8.51 -21.66 -12.91
N THR A 73 7.26 -21.96 -13.28
CA THR A 73 6.67 -21.57 -14.58
C THR A 73 6.09 -20.15 -14.61
N GLY A 74 5.60 -19.65 -13.47
CA GLY A 74 5.02 -18.30 -13.35
C GLY A 74 4.30 -18.10 -12.01
N PRO A 75 5.02 -17.74 -10.93
CA PRO A 75 4.45 -17.60 -9.59
C PRO A 75 3.25 -16.64 -9.47
N THR A 76 3.28 -15.52 -10.19
CA THR A 76 2.24 -14.47 -10.18
C THR A 76 1.07 -14.68 -11.15
N ALA A 77 1.02 -15.83 -11.84
CA ALA A 77 -0.05 -16.14 -12.81
C ALA A 77 -1.43 -16.41 -12.20
N ASP A 78 -1.52 -16.71 -10.90
CA ASP A 78 -2.77 -16.97 -10.19
C ASP A 78 -3.56 -15.66 -9.88
N PRO A 79 -4.86 -15.55 -10.22
CA PRO A 79 -5.64 -14.34 -10.00
C PRO A 79 -5.89 -13.99 -8.52
N GLU A 80 -6.14 -14.98 -7.66
CA GLU A 80 -6.34 -14.74 -6.22
C GLU A 80 -5.05 -14.21 -5.57
N LYS A 81 -3.88 -14.67 -6.03
CA LYS A 81 -2.58 -14.18 -5.57
C LYS A 81 -2.38 -12.69 -5.90
N ARG A 82 -2.90 -12.22 -7.04
CA ARG A 82 -2.88 -10.77 -7.39
C ARG A 82 -3.80 -9.96 -6.47
N LYS A 83 -4.93 -10.53 -6.03
CA LYS A 83 -5.83 -9.90 -5.04
C LYS A 83 -5.13 -9.75 -3.68
N LEU A 84 -4.25 -10.67 -3.29
CA LEU A 84 -3.47 -10.57 -2.05
C LEU A 84 -2.53 -9.35 -2.09
N ILE A 85 -1.96 -9.02 -3.25
CA ILE A 85 -1.13 -7.82 -3.41
C ILE A 85 -2.00 -6.57 -3.26
N GLN A 86 -3.10 -6.49 -4.03
CA GLN A 86 -4.05 -5.38 -3.99
C GLN A 86 -4.52 -5.10 -2.55
N GLN A 87 -5.08 -6.10 -1.87
CA GLN A 87 -5.62 -5.94 -0.52
C GLN A 87 -4.55 -5.58 0.54
N GLN A 88 -3.33 -6.13 0.44
CA GLN A 88 -2.27 -5.79 1.38
C GLN A 88 -1.79 -4.36 1.15
N LEU A 89 -1.63 -3.93 -0.11
CA LEU A 89 -1.23 -2.57 -0.46
C LEU A 89 -2.29 -1.56 0.03
N VAL A 90 -3.59 -1.88 -0.10
CA VAL A 90 -4.66 -1.03 0.47
C VAL A 90 -4.51 -0.89 2.00
N LEU A 91 -4.03 -1.92 2.71
CA LEU A 91 -3.77 -1.79 4.16
C LEU A 91 -2.54 -0.93 4.51
N LEU A 92 -1.54 -0.81 3.62
CA LEU A 92 -0.43 0.14 3.82
C LEU A 92 -0.99 1.58 3.85
N LEU A 93 -2.09 1.85 3.13
CA LEU A 93 -2.78 3.14 3.15
C LEU A 93 -3.53 3.26 4.48
N HIS A 94 -4.38 2.29 4.84
CA HIS A 94 -5.13 2.30 6.10
C HIS A 94 -4.20 2.59 7.29
N ALA A 95 -3.15 1.78 7.47
CA ALA A 95 -2.18 1.96 8.55
C ALA A 95 -1.48 3.33 8.58
N HIS A 96 -1.43 4.05 7.44
CA HIS A 96 -0.90 5.41 7.36
C HIS A 96 -1.96 6.50 7.60
N LYS A 97 -3.25 6.24 7.36
CA LYS A 97 -4.36 7.17 7.64
C LYS A 97 -4.89 7.03 9.08
N CYS A 98 -5.04 5.82 9.59
CA CYS A 98 -5.53 5.52 10.95
C CYS A 98 -4.62 6.16 12.02
N GLN A 99 -3.28 6.09 11.84
CA GLN A 99 -2.33 6.76 12.73
C GLN A 99 -2.50 8.31 12.75
N ARG A 100 -2.99 8.91 11.65
CA ARG A 100 -3.23 10.36 11.52
C ARG A 100 -4.58 10.78 12.12
N ARG A 101 -5.58 9.90 12.11
CA ARG A 101 -6.89 10.12 12.76
C ARG A 101 -6.70 10.39 14.25
N GLU A 102 -5.75 9.69 14.88
CA GLU A 102 -5.36 9.90 16.28
C GLU A 102 -4.62 11.24 16.46
N GLN A 103 -3.59 11.52 15.65
CA GLN A 103 -2.76 12.73 15.73
C GLN A 103 -3.53 14.04 15.45
N ALA A 104 -4.50 14.02 14.54
CA ALA A 104 -5.32 15.18 14.18
C ALA A 104 -6.31 15.59 15.30
N ASN A 105 -6.69 14.65 16.16
CA ASN A 105 -7.62 14.85 17.27
C ASN A 105 -6.91 15.04 18.64
N GLY A 106 -5.87 14.23 18.91
CA GLY A 106 -5.05 14.28 20.13
C GLY A 106 -5.59 13.53 21.36
N GLU A 107 -6.81 12.95 21.32
CA GLU A 107 -7.42 12.21 22.44
C GLU A 107 -7.85 10.78 22.09
N VAL A 108 -8.36 10.52 20.87
CA VAL A 108 -8.82 9.20 20.42
C VAL A 108 -7.66 8.23 20.12
N ARG A 109 -7.97 6.92 20.15
CA ARG A 109 -7.04 5.80 19.90
C ARG A 109 -7.29 5.13 18.54
N ALA A 110 -6.40 4.21 18.15
CA ALA A 110 -6.46 3.44 16.90
C ALA A 110 -7.63 2.43 16.85
N CYS A 111 -7.88 1.85 15.67
CA CYS A 111 -8.92 0.86 15.42
C CYS A 111 -8.63 -0.53 16.06
N SER A 112 -9.59 -1.45 15.93
CA SER A 112 -9.55 -2.81 16.50
C SER A 112 -8.82 -3.86 15.63
N LEU A 113 -8.33 -3.49 14.45
CA LEU A 113 -7.64 -4.38 13.51
C LEU A 113 -6.15 -4.59 13.91
N PRO A 114 -5.68 -5.82 14.23
CA PRO A 114 -4.27 -6.04 14.61
C PRO A 114 -3.29 -5.78 13.46
N HIS A 115 -3.72 -5.98 12.21
CA HIS A 115 -2.89 -5.75 11.01
C HIS A 115 -2.52 -4.27 10.83
N CYS A 116 -3.41 -3.34 11.23
CA CYS A 116 -3.17 -1.90 11.19
C CYS A 116 -2.01 -1.53 12.14
N ARG A 117 -2.08 -2.01 13.40
CA ARG A 117 -1.03 -1.86 14.41
C ARG A 117 0.33 -2.36 13.89
N THR A 118 0.34 -3.51 13.22
CA THR A 118 1.55 -4.08 12.60
C THR A 118 2.10 -3.19 11.49
N MET A 119 1.29 -2.83 10.49
CA MET A 119 1.75 -2.01 9.35
C MET A 119 2.14 -0.58 9.77
N LYS A 120 1.49 0.07 10.75
CA LYS A 120 1.90 1.42 11.16
C LYS A 120 3.27 1.43 11.84
N ASN A 121 3.61 0.38 12.59
CA ASN A 121 4.95 0.22 13.19
C ASN A 121 6.00 0.02 12.07
N VAL A 122 5.66 -0.72 11.01
CA VAL A 122 6.54 -0.91 9.84
C VAL A 122 6.76 0.41 9.11
N LEU A 123 5.69 1.14 8.76
CA LEU A 123 5.76 2.43 8.05
C LEU A 123 6.58 3.48 8.82
N ASN A 124 6.35 3.59 10.13
CA ASN A 124 7.04 4.55 10.99
C ASN A 124 8.55 4.24 11.13
N HIS A 125 8.97 3.00 10.85
CA HIS A 125 10.38 2.60 10.78
C HIS A 125 10.92 2.79 9.34
N MET A 126 10.21 2.25 8.35
CA MET A 126 10.57 2.26 6.93
C MET A 126 10.83 3.67 6.36
N THR A 127 10.12 4.71 6.84
CA THR A 127 10.35 6.10 6.40
C THR A 127 11.75 6.61 6.79
N HIS A 128 12.32 6.07 7.88
CA HIS A 128 13.67 6.39 8.37
C HIS A 128 14.74 5.37 7.94
N CYS A 129 14.34 4.13 7.67
CA CYS A 129 15.23 3.02 7.28
C CYS A 129 15.93 3.27 5.93
N GLN A 130 17.25 3.02 5.92
CA GLN A 130 18.13 3.19 4.77
C GLN A 130 18.58 1.85 4.14
N ALA A 131 18.40 0.71 4.81
CA ALA A 131 18.76 -0.59 4.29
C ALA A 131 17.65 -1.18 3.39
N GLY A 132 16.38 -0.87 3.70
CA GLY A 132 15.21 -1.29 2.92
C GLY A 132 15.18 -2.80 2.65
N LYS A 133 15.45 -3.19 1.40
CA LYS A 133 15.50 -4.61 0.98
C LYS A 133 16.57 -5.43 1.73
N ALA A 134 17.59 -4.75 2.30
CA ALA A 134 18.66 -5.34 3.10
C ALA A 134 18.42 -5.23 4.62
N CYS A 135 17.34 -4.58 5.08
CA CYS A 135 17.02 -4.46 6.50
C CYS A 135 16.85 -5.85 7.14
N GLN A 136 17.27 -5.96 8.40
CA GLN A 136 17.27 -7.20 9.18
C GLN A 136 15.90 -7.52 9.79
N VAL A 137 14.94 -6.59 9.75
CA VAL A 137 13.55 -6.79 10.18
C VAL A 137 12.77 -7.30 8.97
N ALA A 138 12.25 -8.54 9.06
CA ALA A 138 11.54 -9.18 7.95
C ALA A 138 10.35 -8.35 7.42
N HIS A 139 9.57 -7.73 8.33
CA HIS A 139 8.41 -6.92 7.96
C HIS A 139 8.79 -5.67 7.14
N CYS A 140 9.87 -4.98 7.53
CA CYS A 140 10.42 -3.81 6.82
C CYS A 140 10.89 -4.23 5.42
N ALA A 141 11.75 -5.26 5.35
CA ALA A 141 12.27 -5.81 4.10
C ALA A 141 11.15 -6.24 3.14
N SER A 142 10.05 -6.82 3.64
CA SER A 142 8.88 -7.22 2.83
C SER A 142 8.12 -6.02 2.25
N SER A 143 7.71 -5.05 3.07
CA SER A 143 6.97 -3.87 2.59
C SER A 143 7.74 -3.07 1.55
N ARG A 144 9.08 -3.10 1.56
CA ARG A 144 9.93 -2.45 0.56
C ARG A 144 9.69 -3.01 -0.85
N GLN A 145 9.34 -4.29 -1.01
CA GLN A 145 8.98 -4.88 -2.32
C GLN A 145 7.68 -4.25 -2.86
N ILE A 146 6.71 -4.00 -1.98
CA ILE A 146 5.41 -3.40 -2.33
C ILE A 146 5.60 -1.94 -2.74
N ILE A 147 6.36 -1.17 -1.94
CA ILE A 147 6.68 0.23 -2.23
C ILE A 147 7.50 0.36 -3.54
N SER A 148 8.39 -0.60 -3.81
CA SER A 148 9.17 -0.64 -5.07
C SER A 148 8.30 -0.75 -6.32
N HIS A 149 7.07 -1.29 -6.22
CA HIS A 149 6.17 -1.36 -7.37
C HIS A 149 5.78 0.05 -7.85
N TRP A 150 5.22 0.89 -6.98
CA TRP A 150 4.85 2.27 -7.32
C TRP A 150 6.04 3.14 -7.76
N LYS A 151 7.25 2.85 -7.25
CA LYS A 151 8.48 3.57 -7.61
C LYS A 151 8.95 3.27 -9.04
N ASN A 152 8.66 2.07 -9.56
CA ASN A 152 9.03 1.63 -10.92
C ASN A 152 7.89 1.72 -11.96
N CYS A 153 6.66 1.38 -11.57
CA CYS A 153 5.48 1.34 -12.44
C CYS A 153 4.87 2.73 -12.68
N THR A 154 4.56 3.04 -13.94
CA THR A 154 3.98 4.32 -14.41
C THR A 154 2.74 4.15 -15.32
N ARG A 155 2.30 2.91 -15.56
CA ARG A 155 1.13 2.57 -16.40
C ARG A 155 -0.21 2.86 -15.73
N HIS A 156 -1.24 3.10 -16.55
CA HIS A 156 -2.64 3.22 -16.10
C HIS A 156 -3.32 1.84 -16.04
N ASP A 157 -3.02 0.99 -17.04
CA ASP A 157 -3.53 -0.38 -17.18
C ASP A 157 -2.55 -1.41 -16.59
N CYS A 158 -2.59 -1.55 -15.26
CA CYS A 158 -1.77 -2.47 -14.46
C CYS A 158 -2.68 -3.19 -13.42
N PRO A 159 -2.58 -4.51 -13.21
CA PRO A 159 -3.43 -5.24 -12.27
C PRO A 159 -3.35 -4.72 -10.82
N VAL A 160 -2.24 -4.10 -10.40
CA VAL A 160 -2.12 -3.51 -9.05
C VAL A 160 -2.53 -2.03 -9.04
N CYS A 161 -1.96 -1.20 -9.92
CA CYS A 161 -2.19 0.25 -9.93
C CYS A 161 -3.62 0.68 -10.35
N LEU A 162 -4.25 0.00 -11.33
CA LEU A 162 -5.59 0.36 -11.82
C LEU A 162 -6.66 0.40 -10.70
N PRO A 163 -6.91 -0.68 -9.91
CA PRO A 163 -7.90 -0.64 -8.83
C PRO A 163 -7.57 0.39 -7.74
N LEU A 164 -6.29 0.66 -7.47
CA LEU A 164 -5.89 1.68 -6.49
C LEU A 164 -6.24 3.09 -6.96
N LYS A 165 -5.90 3.45 -8.21
CA LYS A 165 -6.23 4.76 -8.81
C LYS A 165 -7.75 4.94 -8.94
N ASN A 166 -8.48 3.85 -9.24
CA ASN A 166 -9.95 3.84 -9.32
C ASN A 166 -10.58 4.13 -7.94
N ALA A 167 -10.10 3.47 -6.88
CA ALA A 167 -10.55 3.70 -5.51
C ALA A 167 -10.13 5.08 -4.96
N SER A 168 -9.00 5.60 -5.42
CA SER A 168 -8.39 6.87 -5.03
C SER A 168 -8.72 8.04 -5.97
N ASP A 169 -9.86 7.98 -6.67
CA ASP A 169 -10.31 9.02 -7.62
C ASP A 169 -10.84 10.27 -6.87
N LYS A 170 -9.89 11.08 -6.37
CA LYS A 170 -10.07 12.28 -5.54
C LYS A 170 -10.91 13.44 -6.10
N ARG A 171 -11.35 13.40 -7.36
CA ARG A 171 -12.13 14.48 -7.99
C ARG A 171 -13.47 14.77 -7.31
ZN ZN B . -6.49 1.31 11.70
ZN ZN C . 14.24 -1.26 8.12
ZN ZN D . 1.82 -1.28 -11.59
N GLY A 1 -14.38 29.48 20.84
CA GLY A 1 -14.06 28.49 19.83
C GLY A 1 -14.61 27.08 20.12
N SER A 2 -14.14 26.09 19.37
CA SER A 2 -14.54 24.67 19.49
C SER A 2 -13.37 23.71 19.25
N HIS A 3 -13.41 22.53 19.89
CA HIS A 3 -12.42 21.46 19.72
C HIS A 3 -12.37 20.91 18.28
N MET A 4 -13.50 21.00 17.56
CA MET A 4 -13.67 20.54 16.16
C MET A 4 -13.51 21.67 15.12
N GLU A 5 -13.07 22.86 15.53
CA GLU A 5 -12.89 24.03 14.65
C GLU A 5 -11.71 23.84 13.66
N GLU A 6 -11.97 24.07 12.36
CA GLU A 6 -11.01 23.98 11.27
C GLU A 6 -11.40 24.86 10.07
N PRO A 7 -10.46 25.34 9.24
CA PRO A 7 -10.76 26.16 8.06
C PRO A 7 -11.49 25.34 6.97
N GLN A 8 -12.40 25.99 6.24
CA GLN A 8 -13.20 25.34 5.18
C GLN A 8 -12.39 25.10 3.88
N SER A 9 -11.47 26.01 3.54
CA SER A 9 -10.63 25.96 2.34
C SER A 9 -9.23 26.52 2.59
N ASP A 10 -8.24 26.04 1.83
CA ASP A 10 -6.84 26.48 1.87
C ASP A 10 -6.20 26.42 0.47
N PRO A 11 -5.34 27.37 0.05
CA PRO A 11 -4.70 27.36 -1.28
C PRO A 11 -3.77 26.16 -1.53
N SER A 12 -3.10 25.69 -0.48
CA SER A 12 -2.11 24.59 -0.50
C SER A 12 -2.76 23.20 -0.42
N VAL A 13 -3.54 22.83 -1.45
CA VAL A 13 -4.22 21.53 -1.55
C VAL A 13 -4.17 20.97 -2.99
N GLU A 14 -3.96 19.66 -3.11
CA GLU A 14 -3.89 18.91 -4.37
C GLU A 14 -4.98 17.82 -4.40
N PRO A 15 -6.23 18.15 -4.81
CA PRO A 15 -7.32 17.19 -4.80
C PRO A 15 -7.20 15.95 -5.73
N PRO A 16 -6.61 15.98 -6.95
CA PRO A 16 -6.51 14.79 -7.80
C PRO A 16 -5.30 13.90 -7.46
N LEU A 17 -5.40 12.61 -7.79
CA LEU A 17 -4.31 11.65 -7.61
C LEU A 17 -3.19 11.89 -8.63
N SER A 18 -1.95 11.73 -8.17
CA SER A 18 -0.71 11.82 -8.95
C SER A 18 0.08 10.51 -8.81
N GLN A 19 0.99 10.22 -9.75
CA GLN A 19 1.87 9.05 -9.67
C GLN A 19 2.76 9.12 -8.40
N GLU A 20 3.03 10.34 -7.91
CA GLU A 20 3.81 10.60 -6.70
C GLU A 20 2.98 10.53 -5.41
N THR A 21 1.64 10.48 -5.47
CA THR A 21 0.77 10.44 -4.28
C THR A 21 1.06 9.20 -3.43
N PHE A 22 0.89 7.99 -3.97
CA PHE A 22 1.20 6.74 -3.27
C PHE A 22 2.67 6.65 -2.84
N SER A 23 3.60 7.27 -3.58
CA SER A 23 5.03 7.30 -3.26
C SER A 23 5.37 8.15 -2.04
N ASP A 24 4.61 9.22 -1.77
CA ASP A 24 4.78 10.08 -0.59
C ASP A 24 3.93 9.62 0.61
N LEU A 25 2.77 9.00 0.33
CA LEU A 25 1.77 8.51 1.28
C LEU A 25 2.37 7.80 2.49
N TRP A 26 3.11 6.72 2.26
CA TRP A 26 3.64 5.88 3.32
C TRP A 26 4.76 6.50 4.17
N LYS A 27 5.31 7.65 3.74
CA LYS A 27 6.45 8.32 4.40
C LYS A 27 6.14 9.66 5.08
N LEU A 28 5.65 10.68 4.35
CA LEU A 28 5.41 12.04 4.87
C LEU A 28 3.94 12.55 4.76
N LEU A 29 2.96 11.65 4.65
CA LEU A 29 1.53 11.98 4.52
C LEU A 29 0.99 12.92 5.62
N PRO A 30 0.20 13.95 5.26
CA PRO A 30 -0.37 14.91 6.22
C PRO A 30 -1.39 14.27 7.17
N GLU A 31 -1.72 14.97 8.26
CA GLU A 31 -2.64 14.47 9.30
C GLU A 31 -4.13 14.42 8.92
N ASN A 32 -4.49 14.88 7.72
CA ASN A 32 -5.86 14.84 7.16
C ASN A 32 -5.82 14.23 5.76
N ASN A 33 -6.73 13.30 5.44
CA ASN A 33 -6.81 12.63 4.14
C ASN A 33 -8.25 12.21 3.78
N VAL A 34 -8.49 11.98 2.47
CA VAL A 34 -9.80 11.57 1.91
C VAL A 34 -9.81 10.13 1.36
N LEU A 35 -8.63 9.52 1.14
CA LEU A 35 -8.41 8.16 0.62
C LEU A 35 -8.42 7.10 1.74
N SER A 36 -9.22 7.30 2.79
CA SER A 36 -9.29 6.44 3.98
C SER A 36 -10.41 5.38 3.88
N PRO A 37 -10.09 4.06 3.74
CA PRO A 37 -11.11 3.02 3.67
C PRO A 37 -11.71 2.72 5.06
N LEU A 38 -13.04 2.73 5.16
CA LEU A 38 -13.79 2.49 6.41
C LEU A 38 -13.82 0.99 6.77
N PRO A 39 -13.55 0.60 8.04
CA PRO A 39 -13.56 -0.81 8.48
C PRO A 39 -14.83 -1.60 8.13
N SER A 40 -15.99 -0.94 8.12
CA SER A 40 -17.30 -1.53 7.82
C SER A 40 -17.42 -2.14 6.41
N GLN A 41 -16.55 -1.75 5.46
CA GLN A 41 -16.48 -2.28 4.09
C GLN A 41 -15.03 -2.65 3.69
N ALA A 42 -14.14 -2.87 4.66
CA ALA A 42 -12.73 -3.19 4.43
C ALA A 42 -12.48 -4.64 3.97
N MET A 43 -11.34 -4.81 3.29
CA MET A 43 -10.78 -6.05 2.74
C MET A 43 -9.95 -6.87 3.76
N ASP A 44 -10.11 -6.59 5.06
CA ASP A 44 -9.36 -7.19 6.17
C ASP A 44 -9.53 -8.72 6.30
N ASP A 45 -10.63 -9.28 5.79
CA ASP A 45 -10.91 -10.72 5.82
C ASP A 45 -9.90 -11.58 5.00
N LEU A 46 -9.13 -10.94 4.11
CA LEU A 46 -8.15 -11.57 3.21
C LEU A 46 -6.68 -11.26 3.61
N MET A 47 -6.45 -10.73 4.83
CA MET A 47 -5.11 -10.35 5.31
C MET A 47 -4.10 -11.49 5.51
N LEU A 48 -2.82 -11.12 5.44
CA LEU A 48 -1.65 -11.98 5.56
C LEU A 48 -0.64 -11.56 6.64
N SER A 49 0.29 -12.48 6.94
CA SER A 49 1.49 -12.30 7.76
C SER A 49 2.66 -11.91 6.83
N PRO A 50 3.78 -11.33 7.34
CA PRO A 50 4.91 -10.95 6.49
C PRO A 50 5.58 -12.14 5.77
N ASP A 51 5.44 -13.36 6.32
CA ASP A 51 6.00 -14.58 5.72
C ASP A 51 5.39 -14.91 4.35
N ASP A 52 4.14 -14.54 4.10
CA ASP A 52 3.46 -14.79 2.81
C ASP A 52 3.64 -13.65 1.78
N ILE A 53 4.04 -12.44 2.17
CA ILE A 53 4.24 -11.32 1.24
C ILE A 53 5.30 -11.65 0.17
N GLU A 54 6.36 -12.36 0.58
CA GLU A 54 7.42 -12.83 -0.32
C GLU A 54 6.97 -13.92 -1.32
N GLN A 55 5.76 -14.49 -1.17
CA GLN A 55 5.19 -15.47 -2.09
C GLN A 55 4.62 -14.80 -3.36
N TRP A 56 4.13 -13.55 -3.25
CA TRP A 56 3.57 -12.78 -4.38
C TRP A 56 4.54 -11.73 -4.96
N PHE A 57 5.64 -11.42 -4.27
CA PHE A 57 6.76 -10.61 -4.75
C PHE A 57 8.03 -11.36 -4.33
N THR A 58 8.75 -11.94 -5.30
CA THR A 58 9.93 -12.79 -5.05
C THR A 58 11.19 -12.31 -5.79
N GLU A 59 12.36 -12.57 -5.22
CA GLU A 59 13.68 -12.29 -5.82
C GLU A 59 14.07 -13.37 -6.86
N ASP A 60 15.23 -13.23 -7.51
CA ASP A 60 15.72 -14.20 -8.51
C ASP A 60 15.90 -15.62 -7.88
N PRO A 61 15.31 -16.69 -8.46
CA PRO A 61 15.36 -18.05 -7.90
C PRO A 61 16.63 -18.86 -8.18
N GLY A 62 17.62 -18.28 -8.86
CA GLY A 62 18.87 -18.91 -9.26
C GLY A 62 18.78 -19.69 -10.58
N PRO A 63 19.92 -20.16 -11.13
CA PRO A 63 19.96 -20.90 -12.40
C PRO A 63 19.24 -22.26 -12.36
N ASP A 64 19.07 -22.84 -11.17
CA ASP A 64 18.38 -24.12 -10.93
C ASP A 64 16.90 -23.95 -10.52
N GLY A 65 16.40 -22.70 -10.39
CA GLY A 65 15.03 -22.39 -9.99
C GLY A 65 14.65 -22.86 -8.59
N SER A 66 15.60 -22.89 -7.64
CA SER A 66 15.40 -23.38 -6.26
C SER A 66 14.19 -22.74 -5.56
N CYS A 67 14.12 -21.41 -5.49
CA CYS A 67 13.01 -20.69 -4.86
C CYS A 67 11.70 -20.81 -5.67
N PHE A 68 11.78 -20.94 -6.99
CA PHE A 68 10.61 -21.10 -7.86
C PHE A 68 9.92 -22.45 -7.64
N ASN A 69 10.68 -23.54 -7.45
CA ASN A 69 10.13 -24.87 -7.17
C ASN A 69 9.28 -24.88 -5.87
N GLY A 70 9.56 -23.96 -4.93
CA GLY A 70 8.80 -23.77 -3.69
C GLY A 70 7.49 -22.99 -3.85
N THR A 71 7.21 -22.39 -5.01
CA THR A 71 6.00 -21.59 -5.29
C THR A 71 5.32 -21.86 -6.64
N ALA A 72 5.83 -22.78 -7.46
CA ALA A 72 5.31 -23.13 -8.79
C ALA A 72 3.83 -23.56 -8.81
N THR A 73 3.28 -24.01 -7.67
CA THR A 73 1.86 -24.38 -7.50
C THR A 73 0.91 -23.17 -7.55
N GLY A 74 1.43 -21.96 -7.32
CA GLY A 74 0.71 -20.68 -7.36
C GLY A 74 1.67 -19.50 -7.52
N PRO A 75 2.18 -19.22 -8.74
CA PRO A 75 3.14 -18.16 -9.01
C PRO A 75 2.66 -16.73 -8.66
N THR A 76 3.60 -15.79 -8.62
CA THR A 76 3.38 -14.36 -8.31
C THR A 76 2.30 -13.67 -9.16
N ALA A 77 2.11 -14.11 -10.40
CA ALA A 77 1.15 -13.58 -11.36
C ALA A 77 -0.25 -14.24 -11.32
N ASP A 78 -0.47 -15.25 -10.47
CA ASP A 78 -1.76 -15.96 -10.35
C ASP A 78 -2.88 -15.02 -9.83
N PRO A 79 -4.13 -15.10 -10.34
CA PRO A 79 -5.24 -14.24 -9.90
C PRO A 79 -5.46 -14.17 -8.39
N GLU A 80 -5.28 -15.28 -7.66
CA GLU A 80 -5.41 -15.29 -6.19
C GLU A 80 -4.29 -14.46 -5.54
N LYS A 81 -3.05 -14.57 -6.06
CA LYS A 81 -1.89 -13.80 -5.59
C LYS A 81 -2.09 -12.31 -5.90
N ARG A 82 -2.62 -11.94 -7.07
CA ARG A 82 -2.94 -10.53 -7.43
C ARG A 82 -3.87 -9.88 -6.39
N LYS A 83 -4.91 -10.60 -5.93
CA LYS A 83 -5.84 -10.12 -4.88
C LYS A 83 -5.10 -9.86 -3.57
N LEU A 84 -4.13 -10.71 -3.22
CA LEU A 84 -3.32 -10.56 -2.00
C LEU A 84 -2.42 -9.30 -2.07
N ILE A 85 -1.85 -8.98 -3.24
CA ILE A 85 -1.05 -7.75 -3.42
C ILE A 85 -1.92 -6.52 -3.19
N GLN A 86 -3.04 -6.47 -3.93
CA GLN A 86 -4.02 -5.39 -3.87
C GLN A 86 -4.51 -5.17 -2.43
N GLN A 87 -5.02 -6.20 -1.75
CA GLN A 87 -5.56 -6.06 -0.40
C GLN A 87 -4.47 -5.72 0.64
N GLN A 88 -3.24 -6.20 0.50
CA GLN A 88 -2.17 -5.83 1.44
C GLN A 88 -1.81 -4.34 1.27
N LEU A 89 -1.61 -3.89 0.02
CA LEU A 89 -1.31 -2.49 -0.29
C LEU A 89 -2.42 -1.56 0.20
N VAL A 90 -3.71 -1.91 0.04
CA VAL A 90 -4.81 -1.08 0.57
C VAL A 90 -4.70 -0.91 2.11
N LEU A 91 -4.17 -1.90 2.86
CA LEU A 91 -3.96 -1.72 4.30
C LEU A 91 -2.79 -0.78 4.63
N LEU A 92 -1.73 -0.70 3.82
CA LEU A 92 -0.65 0.30 4.00
C LEU A 92 -1.24 1.72 3.91
N LEU A 93 -2.31 1.92 3.11
CA LEU A 93 -3.02 3.20 2.99
C LEU A 93 -3.80 3.48 4.29
N HIS A 94 -4.62 2.51 4.72
CA HIS A 94 -5.41 2.63 5.95
C HIS A 94 -4.51 2.92 7.15
N ALA A 95 -3.51 2.08 7.41
CA ALA A 95 -2.62 2.17 8.56
C ALA A 95 -1.99 3.56 8.78
N HIS A 96 -1.56 4.25 7.70
CA HIS A 96 -0.99 5.60 7.83
C HIS A 96 -2.06 6.67 8.11
N LYS A 97 -3.18 6.62 7.39
CA LYS A 97 -4.29 7.58 7.52
C LYS A 97 -4.96 7.47 8.90
N CYS A 98 -5.18 6.25 9.37
CA CYS A 98 -5.73 5.92 10.69
C CYS A 98 -4.78 6.41 11.81
N GLN A 99 -3.47 6.14 11.67
CA GLN A 99 -2.44 6.59 12.61
C GLN A 99 -2.46 8.12 12.83
N ARG A 100 -2.54 8.93 11.76
CA ARG A 100 -2.52 10.39 11.90
C ARG A 100 -3.88 11.04 12.26
N ARG A 101 -5.04 10.37 12.09
CA ARG A 101 -6.34 10.93 12.47
C ARG A 101 -6.43 11.19 13.98
N GLU A 102 -5.78 10.35 14.77
CA GLU A 102 -5.70 10.48 16.23
C GLU A 102 -4.88 11.73 16.60
N GLN A 103 -3.72 11.94 15.97
CA GLN A 103 -2.85 13.10 16.19
C GLN A 103 -3.50 14.42 15.77
N ALA A 104 -4.35 14.41 14.73
CA ALA A 104 -5.07 15.58 14.23
C ALA A 104 -6.19 16.10 15.17
N ASN A 105 -6.57 15.33 16.19
CA ASN A 105 -7.67 15.65 17.11
C ASN A 105 -7.29 15.57 18.61
N GLY A 106 -6.55 14.54 19.04
CA GLY A 106 -6.07 14.35 20.42
C GLY A 106 -7.09 13.83 21.44
N GLU A 107 -8.39 13.80 21.14
CA GLU A 107 -9.47 13.31 22.02
C GLU A 107 -9.97 11.92 21.58
N VAL A 108 -10.06 11.66 20.27
CA VAL A 108 -10.43 10.34 19.70
C VAL A 108 -9.26 9.35 19.78
N ARG A 109 -9.52 8.06 19.46
CA ARG A 109 -8.53 6.97 19.48
C ARG A 109 -8.51 6.20 18.15
N ALA A 110 -7.35 5.68 17.78
CA ALA A 110 -7.13 4.88 16.57
C ALA A 110 -7.62 3.41 16.74
N CYS A 111 -7.47 2.59 15.70
CA CYS A 111 -7.87 1.19 15.65
C CYS A 111 -7.29 0.27 16.74
N SER A 112 -8.11 -0.73 17.10
CA SER A 112 -7.74 -1.88 17.95
C SER A 112 -7.35 -3.10 17.09
N LEU A 113 -7.49 -2.98 15.76
CA LEU A 113 -7.18 -3.97 14.72
C LEU A 113 -5.67 -4.30 14.68
N PRO A 114 -5.25 -5.54 14.99
CA PRO A 114 -3.84 -5.92 15.03
C PRO A 114 -3.05 -5.64 13.73
N HIS A 115 -3.65 -5.87 12.55
CA HIS A 115 -2.98 -5.61 11.27
C HIS A 115 -2.71 -4.11 11.03
N CYS A 116 -3.63 -3.24 11.44
CA CYS A 116 -3.52 -1.79 11.35
C CYS A 116 -2.41 -1.29 12.27
N ARG A 117 -2.44 -1.71 13.55
CA ARG A 117 -1.41 -1.44 14.57
C ARG A 117 -0.03 -1.95 14.12
N THR A 118 0.01 -3.07 13.40
CA THR A 118 1.24 -3.64 12.83
C THR A 118 1.78 -2.75 11.70
N MET A 119 1.00 -2.56 10.62
CA MET A 119 1.46 -1.78 9.46
C MET A 119 1.83 -0.33 9.81
N LYS A 120 1.15 0.35 10.75
CA LYS A 120 1.52 1.73 11.13
C LYS A 120 2.89 1.79 11.82
N ASN A 121 3.25 0.78 12.62
CA ASN A 121 4.58 0.68 13.22
C ASN A 121 5.64 0.39 12.15
N VAL A 122 5.31 -0.43 11.14
CA VAL A 122 6.21 -0.72 10.00
C VAL A 122 6.45 0.55 9.19
N LEU A 123 5.42 1.38 8.95
CA LEU A 123 5.52 2.67 8.26
C LEU A 123 6.47 3.62 9.01
N ASN A 124 6.36 3.69 10.34
CA ASN A 124 7.25 4.51 11.19
C ASN A 124 8.71 4.03 11.11
N HIS A 125 8.95 2.72 11.02
CA HIS A 125 10.28 2.13 10.89
C HIS A 125 10.82 2.34 9.46
N MET A 126 10.05 1.95 8.43
CA MET A 126 10.44 2.01 7.02
C MET A 126 10.81 3.41 6.53
N THR A 127 10.18 4.49 7.05
CA THR A 127 10.54 5.87 6.67
C THR A 127 11.86 6.36 7.30
N HIS A 128 12.42 5.60 8.26
CA HIS A 128 13.69 5.89 8.94
C HIS A 128 14.77 4.80 8.71
N CYS A 129 14.39 3.61 8.24
CA CYS A 129 15.28 2.48 7.99
C CYS A 129 16.41 2.81 6.99
N GLN A 130 17.58 2.23 7.22
CA GLN A 130 18.80 2.39 6.43
C GLN A 130 19.11 1.19 5.51
N ALA A 131 18.46 0.04 5.72
CA ALA A 131 18.66 -1.18 4.94
C ALA A 131 17.48 -1.48 3.99
N GLY A 132 16.24 -1.15 4.40
CA GLY A 132 15.03 -1.32 3.60
C GLY A 132 14.85 -2.74 3.02
N LYS A 133 15.08 -2.89 1.70
CA LYS A 133 15.00 -4.21 1.01
C LYS A 133 15.99 -5.24 1.57
N ALA A 134 17.06 -4.78 2.24
CA ALA A 134 18.09 -5.59 2.90
C ALA A 134 17.90 -5.69 4.43
N CYS A 135 16.87 -5.05 5.01
CA CYS A 135 16.56 -5.09 6.44
C CYS A 135 16.22 -6.53 6.87
N GLN A 136 16.66 -6.88 8.08
CA GLN A 136 16.51 -8.22 8.66
C GLN A 136 15.16 -8.45 9.35
N VAL A 137 14.33 -7.40 9.46
CA VAL A 137 12.95 -7.48 9.97
C VAL A 137 12.04 -7.89 8.81
N ALA A 138 11.34 -9.03 8.94
CA ALA A 138 10.48 -9.58 7.89
C ALA A 138 9.45 -8.58 7.36
N HIS A 139 8.79 -7.83 8.25
CA HIS A 139 7.79 -6.82 7.88
C HIS A 139 8.37 -5.67 7.04
N CYS A 140 9.56 -5.16 7.39
CA CYS A 140 10.23 -4.05 6.70
C CYS A 140 10.61 -4.44 5.27
N ALA A 141 11.38 -5.52 5.10
CA ALA A 141 11.79 -6.03 3.79
C ALA A 141 10.59 -6.40 2.90
N SER A 142 9.50 -6.86 3.49
CA SER A 142 8.26 -7.19 2.77
C SER A 142 7.52 -5.93 2.33
N SER A 143 7.34 -4.96 3.24
CA SER A 143 6.68 -3.68 2.96
C SER A 143 7.41 -2.86 1.89
N ARG A 144 8.75 -2.90 1.88
CA ARG A 144 9.56 -2.24 0.84
C ARG A 144 9.29 -2.77 -0.56
N GLN A 145 8.95 -4.05 -0.70
CA GLN A 145 8.62 -4.64 -2.02
C GLN A 145 7.28 -4.10 -2.54
N ILE A 146 6.36 -3.72 -1.65
CA ILE A 146 5.08 -3.07 -2.00
C ILE A 146 5.34 -1.66 -2.50
N ILE A 147 6.11 -0.89 -1.73
CA ILE A 147 6.48 0.50 -2.03
C ILE A 147 7.28 0.59 -3.33
N SER A 148 8.22 -0.32 -3.56
CA SER A 148 9.04 -0.36 -4.77
C SER A 148 8.23 -0.53 -6.06
N HIS A 149 6.99 -1.04 -6.00
CA HIS A 149 6.13 -1.17 -7.17
C HIS A 149 5.76 0.22 -7.74
N TRP A 150 5.19 1.13 -6.94
CA TRP A 150 4.85 2.49 -7.38
C TRP A 150 6.07 3.33 -7.79
N LYS A 151 7.27 3.00 -7.28
CA LYS A 151 8.53 3.68 -7.66
C LYS A 151 9.01 3.28 -9.06
N ASN A 152 8.73 2.04 -9.50
CA ASN A 152 9.14 1.51 -10.81
C ASN A 152 8.04 1.52 -11.89
N CYS A 153 6.79 1.24 -11.52
CA CYS A 153 5.64 1.17 -12.42
C CYS A 153 5.09 2.55 -12.80
N THR A 154 4.81 2.74 -14.10
CA THR A 154 4.31 4.00 -14.70
C THR A 154 3.06 3.83 -15.58
N ARG A 155 2.53 2.60 -15.69
CA ARG A 155 1.34 2.27 -16.51
C ARG A 155 0.01 2.57 -15.83
N HIS A 156 -1.01 2.84 -16.65
CA HIS A 156 -2.41 2.99 -16.18
C HIS A 156 -3.09 1.61 -16.14
N ASP A 157 -2.79 0.76 -17.12
CA ASP A 157 -3.30 -0.61 -17.27
C ASP A 157 -2.33 -1.64 -16.64
N CYS A 158 -2.38 -1.74 -15.30
CA CYS A 158 -1.58 -2.64 -14.47
C CYS A 158 -2.51 -3.35 -13.45
N PRO A 159 -2.40 -4.67 -13.22
CA PRO A 159 -3.28 -5.40 -12.30
C PRO A 159 -3.21 -4.89 -10.85
N VAL A 160 -2.13 -4.24 -10.42
CA VAL A 160 -2.02 -3.63 -9.08
C VAL A 160 -2.45 -2.17 -9.07
N CYS A 161 -1.90 -1.32 -9.95
CA CYS A 161 -2.15 0.11 -9.97
C CYS A 161 -3.57 0.52 -10.42
N LEU A 162 -4.16 -0.14 -11.44
CA LEU A 162 -5.50 0.19 -11.95
C LEU A 162 -6.59 0.16 -10.86
N PRO A 163 -6.79 -0.96 -10.10
CA PRO A 163 -7.82 -0.98 -9.06
C PRO A 163 -7.57 0.05 -7.94
N LEU A 164 -6.31 0.41 -7.63
CA LEU A 164 -6.00 1.44 -6.62
C LEU A 164 -6.41 2.84 -7.09
N LYS A 165 -6.08 3.19 -8.34
CA LYS A 165 -6.46 4.47 -8.96
C LYS A 165 -7.98 4.59 -9.09
N ASN A 166 -8.65 3.47 -9.36
CA ASN A 166 -10.11 3.36 -9.43
C ASN A 166 -10.78 3.46 -8.03
N ALA A 167 -10.19 2.85 -7.00
CA ALA A 167 -10.68 2.87 -5.62
C ALA A 167 -10.46 4.22 -4.92
N SER A 168 -9.43 4.98 -5.33
CA SER A 168 -9.07 6.28 -4.77
C SER A 168 -10.21 7.30 -4.84
N ASP A 169 -10.32 8.10 -3.77
CA ASP A 169 -11.31 9.20 -3.65
C ASP A 169 -10.78 10.50 -4.29
N LYS A 170 -9.49 10.57 -4.63
CA LYS A 170 -8.81 11.72 -5.25
C LYS A 170 -9.04 11.79 -6.76
N ARG A 171 -10.31 11.98 -7.17
CA ARG A 171 -10.76 12.03 -8.57
C ARG A 171 -11.28 13.42 -8.96
ZN ZN B . -6.98 1.68 11.60
ZN ZN C . 14.05 -1.84 8.28
ZN ZN D . 1.90 -1.35 -11.47
N GLY A 1 -20.52 25.40 -14.14
CA GLY A 1 -20.16 24.97 -15.49
C GLY A 1 -18.94 24.05 -15.56
N SER A 2 -18.65 23.55 -16.77
CA SER A 2 -17.53 22.63 -17.07
C SER A 2 -16.15 23.28 -16.89
N HIS A 3 -15.11 22.47 -16.72
CA HIS A 3 -13.71 22.93 -16.53
C HIS A 3 -13.16 23.84 -17.65
N MET A 4 -13.73 23.74 -18.86
CA MET A 4 -13.37 24.59 -20.01
C MET A 4 -13.97 26.00 -19.93
N GLU A 5 -15.04 26.18 -19.13
CA GLU A 5 -15.72 27.47 -18.88
C GLU A 5 -15.25 28.10 -17.56
N GLU A 6 -15.03 27.28 -16.53
CA GLU A 6 -14.57 27.68 -15.19
C GLU A 6 -13.30 26.87 -14.78
N PRO A 7 -12.12 27.20 -15.33
CA PRO A 7 -10.86 26.51 -15.03
C PRO A 7 -10.33 26.81 -13.62
N GLN A 8 -9.45 25.93 -13.12
CA GLN A 8 -8.81 26.02 -11.81
C GLN A 8 -7.36 25.51 -11.85
N SER A 9 -6.45 26.16 -11.12
CA SER A 9 -5.02 25.83 -11.04
C SER A 9 -4.73 24.72 -10.02
N ASP A 10 -5.27 23.51 -10.27
CA ASP A 10 -5.12 22.33 -9.40
C ASP A 10 -4.89 21.03 -10.20
N PRO A 11 -3.99 20.12 -9.76
CA PRO A 11 -3.76 18.85 -10.43
C PRO A 11 -4.89 17.83 -10.18
N SER A 12 -5.68 18.02 -9.11
CA SER A 12 -6.79 17.17 -8.66
C SER A 12 -7.89 16.93 -9.70
N VAL A 13 -7.98 17.78 -10.73
CA VAL A 13 -8.96 17.68 -11.83
C VAL A 13 -8.59 16.60 -12.86
N GLU A 14 -7.33 16.16 -12.91
CA GLU A 14 -6.84 15.14 -13.85
C GLU A 14 -7.28 13.72 -13.42
N PRO A 15 -7.96 12.93 -14.28
CA PRO A 15 -8.41 11.58 -13.93
C PRO A 15 -7.30 10.62 -13.45
N PRO A 16 -6.14 10.47 -14.12
CA PRO A 16 -5.08 9.57 -13.64
C PRO A 16 -4.31 10.17 -12.46
N LEU A 17 -4.01 9.34 -11.46
CA LEU A 17 -3.25 9.74 -10.27
C LEU A 17 -1.75 9.86 -10.60
N SER A 18 -1.06 10.85 -10.00
CA SER A 18 0.39 10.99 -10.18
C SER A 18 1.15 9.81 -9.56
N GLN A 19 2.19 9.36 -10.25
CA GLN A 19 3.06 8.25 -9.82
C GLN A 19 3.78 8.58 -8.49
N GLU A 20 3.95 9.85 -8.16
CA GLU A 20 4.61 10.32 -6.94
C GLU A 20 3.69 10.34 -5.70
N THR A 21 2.36 10.27 -5.87
CA THR A 21 1.39 10.32 -4.77
C THR A 21 1.59 9.17 -3.78
N PHE A 22 1.48 7.92 -4.24
CA PHE A 22 1.70 6.73 -3.40
C PHE A 22 3.13 6.67 -2.84
N SER A 23 4.13 7.23 -3.53
CA SER A 23 5.53 7.28 -3.06
C SER A 23 5.74 8.23 -1.88
N ASP A 24 4.93 9.30 -1.78
CA ASP A 24 4.96 10.25 -0.65
C ASP A 24 4.00 9.87 0.49
N LEU A 25 2.89 9.20 0.16
CA LEU A 25 1.82 8.77 1.07
C LEU A 25 2.34 8.11 2.35
N TRP A 26 3.08 7.01 2.21
CA TRP A 26 3.55 6.22 3.34
C TRP A 26 4.58 6.92 4.25
N LYS A 27 5.09 8.09 3.83
CA LYS A 27 6.11 8.85 4.57
C LYS A 27 5.64 10.19 5.16
N LEU A 28 5.13 11.12 4.35
CA LEU A 28 4.81 12.51 4.76
C LEU A 28 3.33 12.94 4.59
N LEU A 29 2.40 11.99 4.50
CA LEU A 29 0.95 12.22 4.29
C LEU A 29 0.30 13.21 5.30
N PRO A 30 -0.56 14.14 4.83
CA PRO A 30 -1.26 15.12 5.66
C PRO A 30 -2.51 14.55 6.36
N GLU A 31 -2.82 15.07 7.55
CA GLU A 31 -3.97 14.63 8.37
C GLU A 31 -5.37 14.92 7.78
N ASN A 32 -5.46 15.70 6.69
CA ASN A 32 -6.71 16.06 6.02
C ASN A 32 -7.14 15.12 4.86
N ASN A 33 -6.35 14.07 4.55
CA ASN A 33 -6.67 13.12 3.48
C ASN A 33 -7.86 12.20 3.86
N VAL A 34 -8.68 11.81 2.87
CA VAL A 34 -9.91 11.00 3.08
C VAL A 34 -9.89 9.57 2.49
N LEU A 35 -8.76 9.10 1.95
CA LEU A 35 -8.59 7.75 1.37
C LEU A 35 -8.39 6.68 2.47
N SER A 36 -9.37 6.58 3.39
CA SER A 36 -9.35 5.65 4.52
C SER A 36 -10.46 4.58 4.42
N PRO A 37 -10.14 3.34 4.01
CA PRO A 37 -11.13 2.25 3.91
C PRO A 37 -11.77 1.96 5.28
N LEU A 38 -13.10 1.99 5.36
CA LEU A 38 -13.83 1.79 6.63
C LEU A 38 -13.98 0.29 6.98
N PRO A 39 -13.87 -0.11 8.27
CA PRO A 39 -14.01 -1.51 8.72
C PRO A 39 -15.31 -2.20 8.28
N SER A 40 -16.39 -1.44 8.07
CA SER A 40 -17.70 -1.93 7.59
C SER A 40 -17.68 -2.47 6.15
N GLN A 41 -16.65 -2.13 5.38
CA GLN A 41 -16.43 -2.53 3.98
C GLN A 41 -14.99 -3.00 3.70
N ALA A 42 -14.23 -3.32 4.76
CA ALA A 42 -12.84 -3.76 4.68
C ALA A 42 -12.66 -5.22 4.18
N MET A 43 -11.43 -5.54 3.78
CA MET A 43 -10.97 -6.84 3.27
C MET A 43 -10.12 -7.61 4.30
N ASP A 44 -10.36 -7.39 5.60
CA ASP A 44 -9.65 -8.02 6.73
C ASP A 44 -9.75 -9.56 6.73
N ASP A 45 -10.78 -10.12 6.07
CA ASP A 45 -10.98 -11.58 5.91
C ASP A 45 -9.96 -12.22 4.95
N LEU A 46 -9.34 -11.41 4.08
CA LEU A 46 -8.35 -11.79 3.07
C LEU A 46 -6.91 -11.37 3.46
N MET A 47 -6.74 -10.66 4.59
CA MET A 47 -5.44 -10.16 5.03
C MET A 47 -4.38 -11.22 5.36
N LEU A 48 -3.13 -10.79 5.21
CA LEU A 48 -1.91 -11.54 5.42
C LEU A 48 -0.96 -10.85 6.42
N SER A 49 -0.09 -11.64 7.05
CA SER A 49 1.01 -11.10 7.87
C SER A 49 2.12 -10.56 6.94
N PRO A 50 3.02 -9.69 7.41
CA PRO A 50 4.10 -9.16 6.58
C PRO A 50 5.08 -10.23 6.05
N ASP A 51 5.10 -11.42 6.66
CA ASP A 51 5.97 -12.54 6.26
C ASP A 51 5.45 -13.27 4.99
N ASP A 52 4.14 -13.22 4.73
CA ASP A 52 3.53 -13.86 3.55
C ASP A 52 3.73 -13.04 2.26
N ILE A 53 4.15 -11.78 2.38
CA ILE A 53 4.45 -10.87 1.25
C ILE A 53 5.53 -11.47 0.34
N GLU A 54 6.51 -12.13 0.96
CA GLU A 54 7.63 -12.83 0.30
C GLU A 54 7.19 -14.08 -0.49
N GLN A 55 5.93 -14.51 -0.35
CA GLN A 55 5.35 -15.66 -1.07
C GLN A 55 4.78 -15.27 -2.44
N TRP A 56 4.34 -14.02 -2.64
CA TRP A 56 3.87 -13.50 -3.93
C TRP A 56 4.95 -12.70 -4.67
N PHE A 57 5.74 -11.86 -3.98
CA PHE A 57 6.92 -11.25 -4.59
C PHE A 57 8.06 -12.25 -4.30
N THR A 58 8.54 -12.94 -5.35
CA THR A 58 9.48 -14.07 -5.18
C THR A 58 10.90 -13.67 -4.81
N GLU A 59 11.39 -14.21 -3.70
CA GLU A 59 12.76 -14.07 -3.17
C GLU A 59 13.44 -15.45 -3.07
N ASP A 60 14.73 -15.51 -2.71
CA ASP A 60 15.46 -16.78 -2.57
C ASP A 60 14.86 -17.68 -1.46
N PRO A 61 14.57 -18.96 -1.73
CA PRO A 61 13.93 -19.87 -0.77
C PRO A 61 14.87 -20.44 0.30
N GLY A 62 16.18 -20.44 0.06
CA GLY A 62 17.17 -21.05 0.98
C GLY A 62 17.03 -22.57 1.09
N PRO A 63 17.65 -23.21 2.10
CA PRO A 63 17.61 -24.66 2.29
C PRO A 63 16.22 -25.23 2.64
N ASP A 64 15.33 -24.42 3.23
CA ASP A 64 14.01 -24.85 3.72
C ASP A 64 12.84 -24.63 2.74
N GLY A 65 12.91 -23.61 1.88
CA GLY A 65 11.85 -23.26 0.90
C GLY A 65 11.87 -24.03 -0.42
N SER A 66 12.60 -25.14 -0.51
CA SER A 66 12.79 -25.96 -1.72
C SER A 66 11.53 -26.67 -2.27
N CYS A 67 10.36 -26.45 -1.67
CA CYS A 67 9.07 -27.01 -2.05
C CYS A 67 8.63 -26.67 -3.50
N PHE A 68 9.04 -25.50 -4.02
CA PHE A 68 8.72 -25.01 -5.36
C PHE A 68 9.91 -24.23 -5.96
N ASN A 69 9.71 -23.55 -7.10
CA ASN A 69 10.68 -22.63 -7.71
C ASN A 69 10.58 -21.30 -6.95
N GLY A 70 11.08 -21.31 -5.71
CA GLY A 70 10.93 -20.27 -4.70
C GLY A 70 9.88 -20.73 -3.67
N THR A 71 9.39 -19.84 -2.80
CA THR A 71 8.34 -20.21 -1.81
C THR A 71 6.90 -20.08 -2.34
N ALA A 72 6.73 -19.58 -3.56
CA ALA A 72 5.43 -19.39 -4.20
C ALA A 72 4.72 -20.73 -4.48
N THR A 73 3.52 -20.91 -3.92
CA THR A 73 2.67 -22.11 -4.12
C THR A 73 2.15 -22.26 -5.55
N GLY A 74 2.16 -21.15 -6.31
CA GLY A 74 1.76 -21.02 -7.70
C GLY A 74 2.22 -19.66 -8.24
N PRO A 75 2.37 -19.47 -9.57
CA PRO A 75 2.84 -18.21 -10.15
C PRO A 75 2.00 -16.98 -9.77
N THR A 76 2.65 -15.81 -9.67
CA THR A 76 1.98 -14.53 -9.36
C THR A 76 0.92 -14.12 -10.39
N ALA A 77 0.97 -14.70 -11.60
CA ALA A 77 -0.01 -14.47 -12.67
C ALA A 77 -1.40 -15.10 -12.40
N ASP A 78 -1.57 -15.84 -11.30
CA ASP A 78 -2.85 -16.45 -10.91
C ASP A 78 -3.81 -15.42 -10.27
N PRO A 79 -5.12 -15.40 -10.60
CA PRO A 79 -6.08 -14.43 -10.02
C PRO A 79 -6.10 -14.38 -8.49
N GLU A 80 -5.88 -15.50 -7.80
CA GLU A 80 -5.85 -15.58 -6.34
C GLU A 80 -4.63 -14.90 -5.71
N LYS A 81 -3.57 -14.62 -6.49
CA LYS A 81 -2.36 -13.91 -6.06
C LYS A 81 -2.48 -12.40 -6.26
N ARG A 82 -3.00 -11.92 -7.40
CA ARG A 82 -3.19 -10.46 -7.66
C ARG A 82 -4.00 -9.79 -6.55
N LYS A 83 -5.09 -10.42 -6.11
CA LYS A 83 -5.94 -9.89 -5.02
C LYS A 83 -5.18 -9.74 -3.69
N LEU A 84 -4.18 -10.58 -3.40
CA LEU A 84 -3.34 -10.48 -2.20
C LEU A 84 -2.40 -9.28 -2.27
N ILE A 85 -1.79 -9.02 -3.43
CA ILE A 85 -0.91 -7.86 -3.63
C ILE A 85 -1.71 -6.57 -3.46
N GLN A 86 -2.83 -6.47 -4.20
CA GLN A 86 -3.76 -5.35 -4.16
C GLN A 86 -4.26 -5.08 -2.73
N GLN A 87 -4.82 -6.09 -2.06
CA GLN A 87 -5.38 -5.90 -0.71
C GLN A 87 -4.31 -5.58 0.36
N GLN A 88 -3.10 -6.14 0.28
CA GLN A 88 -2.04 -5.80 1.22
C GLN A 88 -1.62 -4.33 1.02
N LEU A 89 -1.41 -3.90 -0.22
CA LEU A 89 -1.07 -2.51 -0.55
C LEU A 89 -2.19 -1.55 -0.08
N VAL A 90 -3.47 -1.88 -0.27
CA VAL A 90 -4.57 -1.05 0.25
C VAL A 90 -4.52 -0.93 1.79
N LEU A 91 -4.03 -1.94 2.52
CA LEU A 91 -3.85 -1.79 3.98
C LEU A 91 -2.65 -0.92 4.35
N LEU A 92 -1.59 -0.83 3.54
CA LEU A 92 -0.51 0.15 3.77
C LEU A 92 -1.10 1.58 3.70
N LEU A 93 -2.17 1.78 2.94
CA LEU A 93 -2.90 3.06 2.90
C LEU A 93 -3.72 3.22 4.18
N HIS A 94 -4.64 2.29 4.50
CA HIS A 94 -5.44 2.35 5.73
C HIS A 94 -4.55 2.63 6.95
N ALA A 95 -3.52 1.82 7.17
CA ALA A 95 -2.58 1.97 8.27
C ALA A 95 -1.97 3.38 8.39
N HIS A 96 -1.71 4.07 7.28
CA HIS A 96 -1.18 5.44 7.30
C HIS A 96 -2.26 6.52 7.46
N LYS A 97 -3.45 6.38 6.86
CA LYS A 97 -4.56 7.34 7.06
C LYS A 97 -5.13 7.23 8.48
N CYS A 98 -5.21 6.01 9.03
CA CYS A 98 -5.65 5.68 10.38
C CYS A 98 -4.67 6.24 11.43
N GLN A 99 -3.36 6.13 11.22
CA GLN A 99 -2.31 6.69 12.09
C GLN A 99 -2.55 8.17 12.45
N ARG A 100 -3.07 8.97 11.50
CA ARG A 100 -3.37 10.39 11.71
C ARG A 100 -4.45 10.65 12.77
N ARG A 101 -5.36 9.69 13.03
CA ARG A 101 -6.45 9.83 14.03
C ARG A 101 -5.92 10.04 15.45
N GLU A 102 -4.79 9.40 15.76
CA GLU A 102 -4.13 9.53 17.07
C GLU A 102 -3.25 10.79 17.11
N GLN A 103 -2.45 11.03 16.07
CA GLN A 103 -1.55 12.21 15.99
C GLN A 103 -2.31 13.55 16.02
N ALA A 104 -3.51 13.62 15.45
CA ALA A 104 -4.36 14.81 15.41
C ALA A 104 -5.16 15.07 16.71
N ASN A 105 -5.20 14.11 17.64
CA ASN A 105 -5.98 14.18 18.89
C ASN A 105 -5.14 14.10 20.18
N GLY A 106 -4.17 13.19 20.26
CA GLY A 106 -3.27 13.00 21.41
C GLY A 106 -3.84 12.28 22.65
N GLU A 107 -5.12 11.92 22.69
CA GLU A 107 -5.77 11.24 23.82
C GLU A 107 -6.31 9.83 23.46
N VAL A 108 -6.86 9.66 22.25
CA VAL A 108 -7.36 8.36 21.75
C VAL A 108 -6.24 7.36 21.44
N ARG A 109 -6.59 6.08 21.27
CA ARG A 109 -5.66 4.97 20.97
C ARG A 109 -5.73 4.52 19.51
N ALA A 110 -4.81 3.63 19.12
CA ALA A 110 -4.71 3.05 17.78
C ALA A 110 -5.82 2.02 17.45
N CYS A 111 -5.91 1.66 16.18
CA CYS A 111 -6.88 0.72 15.60
C CYS A 111 -6.84 -0.68 16.25
N SER A 112 -8.02 -1.31 16.38
CA SER A 112 -8.18 -2.66 16.93
C SER A 112 -7.89 -3.79 15.93
N LEU A 113 -7.76 -3.46 14.64
CA LEU A 113 -7.45 -4.39 13.55
C LEU A 113 -5.95 -4.78 13.65
N PRO A 114 -5.59 -6.06 13.91
CA PRO A 114 -4.19 -6.48 14.10
C PRO A 114 -3.23 -6.09 12.97
N HIS A 115 -3.67 -6.25 11.72
CA HIS A 115 -2.86 -5.92 10.53
C HIS A 115 -2.63 -4.41 10.34
N CYS A 116 -3.57 -3.56 10.76
CA CYS A 116 -3.46 -2.10 10.74
C CYS A 116 -2.41 -1.68 11.77
N ARG A 117 -2.59 -2.14 13.02
CA ARG A 117 -1.68 -1.93 14.16
C ARG A 117 -0.25 -2.41 13.83
N THR A 118 -0.13 -3.46 13.00
CA THR A 118 1.15 -3.98 12.49
C THR A 118 1.75 -3.06 11.43
N MET A 119 1.04 -2.80 10.33
CA MET A 119 1.56 -1.96 9.23
C MET A 119 1.87 -0.52 9.64
N LYS A 120 1.09 0.11 10.53
CA LYS A 120 1.38 1.49 10.98
C LYS A 120 2.70 1.59 11.76
N ASN A 121 3.10 0.51 12.45
CA ASN A 121 4.40 0.42 13.12
C ASN A 121 5.52 0.20 12.09
N VAL A 122 5.27 -0.62 11.05
CA VAL A 122 6.25 -0.82 9.96
C VAL A 122 6.49 0.50 9.22
N LEU A 123 5.44 1.26 8.91
CA LEU A 123 5.54 2.57 8.25
C LEU A 123 6.38 3.54 9.10
N ASN A 124 6.13 3.64 10.41
CA ASN A 124 6.93 4.48 11.32
C ASN A 124 8.40 4.04 11.45
N HIS A 125 8.73 2.78 11.17
CA HIS A 125 10.11 2.30 11.14
C HIS A 125 10.73 2.60 9.76
N MET A 126 10.04 2.24 8.68
CA MET A 126 10.47 2.40 7.29
C MET A 126 10.79 3.85 6.90
N THR A 127 10.15 4.86 7.52
CA THR A 127 10.46 6.29 7.30
C THR A 127 11.82 6.70 7.87
N HIS A 128 12.27 6.02 8.93
CA HIS A 128 13.55 6.24 9.62
C HIS A 128 14.67 5.29 9.14
N CYS A 129 14.29 4.11 8.63
CA CYS A 129 15.20 3.07 8.14
C CYS A 129 16.08 3.56 6.96
N GLN A 130 17.29 2.98 6.86
CA GLN A 130 18.30 3.28 5.84
C GLN A 130 18.70 2.05 5.00
N ALA A 131 18.33 0.83 5.41
CA ALA A 131 18.65 -0.41 4.70
C ALA A 131 17.50 -0.86 3.76
N GLY A 132 16.25 -0.51 4.08
CA GLY A 132 15.06 -0.83 3.29
C GLY A 132 14.93 -2.33 2.98
N LYS A 133 15.08 -2.72 1.71
CA LYS A 133 15.02 -4.13 1.26
C LYS A 133 16.14 -5.01 1.84
N ALA A 134 17.20 -4.39 2.38
CA ALA A 134 18.31 -5.06 3.06
C ALA A 134 18.18 -5.06 4.60
N CYS A 135 17.12 -4.45 5.16
CA CYS A 135 16.88 -4.40 6.60
C CYS A 135 16.73 -5.82 7.18
N GLN A 136 17.23 -6.00 8.39
CA GLN A 136 17.25 -7.28 9.10
C GLN A 136 15.89 -7.63 9.74
N VAL A 137 14.93 -6.70 9.73
CA VAL A 137 13.54 -6.92 10.16
C VAL A 137 12.74 -7.38 8.94
N ALA A 138 12.21 -8.61 8.98
CA ALA A 138 11.47 -9.21 7.86
C ALA A 138 10.29 -8.36 7.38
N HIS A 139 9.56 -7.72 8.29
CA HIS A 139 8.41 -6.87 7.95
C HIS A 139 8.82 -5.62 7.16
N CYS A 140 9.88 -4.93 7.58
CA CYS A 140 10.43 -3.74 6.92
C CYS A 140 10.86 -4.07 5.48
N ALA A 141 11.74 -5.07 5.33
CA ALA A 141 12.23 -5.53 4.02
C ALA A 141 11.11 -6.05 3.09
N SER A 142 9.97 -6.48 3.64
CA SER A 142 8.81 -6.93 2.86
C SER A 142 7.95 -5.74 2.41
N SER A 143 7.55 -4.85 3.31
CA SER A 143 6.78 -3.64 3.00
C SER A 143 7.51 -2.74 2.00
N ARG A 144 8.84 -2.65 2.08
CA ARG A 144 9.65 -1.83 1.15
C ARG A 144 9.58 -2.35 -0.30
N GLN A 145 9.27 -3.64 -0.52
CA GLN A 145 9.06 -4.20 -1.87
C GLN A 145 7.72 -3.73 -2.46
N ILE A 146 6.70 -3.47 -1.62
CA ILE A 146 5.41 -2.92 -2.10
C ILE A 146 5.63 -1.46 -2.53
N ILE A 147 6.36 -0.70 -1.71
CA ILE A 147 6.74 0.70 -1.99
C ILE A 147 7.59 0.79 -3.26
N SER A 148 8.47 -0.19 -3.50
CA SER A 148 9.29 -0.28 -4.72
C SER A 148 8.47 -0.42 -6.01
N HIS A 149 7.24 -0.94 -5.96
CA HIS A 149 6.39 -1.09 -7.15
C HIS A 149 6.06 0.28 -7.75
N TRP A 150 5.47 1.22 -7.00
CA TRP A 150 5.15 2.58 -7.47
C TRP A 150 6.39 3.40 -7.85
N LYS A 151 7.57 3.05 -7.33
CA LYS A 151 8.84 3.72 -7.62
C LYS A 151 9.48 3.25 -8.94
N ASN A 152 9.19 2.01 -9.38
CA ASN A 152 9.67 1.43 -10.65
C ASN A 152 8.62 1.47 -11.78
N CYS A 153 7.37 1.12 -11.46
CA CYS A 153 6.22 1.09 -12.37
C CYS A 153 5.58 2.48 -12.51
N THR A 154 5.29 2.88 -13.77
CA THR A 154 4.72 4.20 -14.11
C THR A 154 3.49 4.15 -15.03
N ARG A 155 3.12 2.95 -15.50
CA ARG A 155 1.99 2.70 -16.42
C ARG A 155 0.62 2.99 -15.80
N HIS A 156 -0.35 3.33 -16.65
CA HIS A 156 -1.76 3.48 -16.26
C HIS A 156 -2.51 2.13 -16.33
N ASP A 157 -2.03 1.21 -17.18
CA ASP A 157 -2.58 -0.13 -17.42
C ASP A 157 -1.66 -1.22 -16.82
N CYS A 158 -1.75 -1.40 -15.52
CA CYS A 158 -1.04 -2.39 -14.70
C CYS A 158 -2.05 -3.02 -13.70
N PRO A 159 -2.05 -4.36 -13.48
CA PRO A 159 -3.00 -5.01 -12.58
C PRO A 159 -2.94 -4.51 -11.14
N VAL A 160 -1.82 -3.95 -10.68
CA VAL A 160 -1.71 -3.35 -9.33
C VAL A 160 -2.04 -1.86 -9.35
N CYS A 161 -1.40 -1.07 -10.22
CA CYS A 161 -1.56 0.38 -10.26
C CYS A 161 -2.94 0.87 -10.74
N LEU A 162 -3.55 0.27 -11.77
CA LEU A 162 -4.84 0.69 -12.33
C LEU A 162 -5.96 0.81 -11.27
N PRO A 163 -6.30 -0.24 -10.49
CA PRO A 163 -7.36 -0.13 -9.47
C PRO A 163 -7.05 0.92 -8.40
N LEU A 164 -5.78 1.15 -8.05
CA LEU A 164 -5.38 2.14 -7.05
C LEU A 164 -5.51 3.57 -7.57
N LYS A 165 -5.07 3.85 -8.80
CA LYS A 165 -5.24 5.17 -9.46
C LYS A 165 -6.72 5.53 -9.56
N ASN A 166 -7.57 4.52 -9.82
CA ASN A 166 -9.02 4.63 -9.93
C ASN A 166 -9.72 4.82 -8.57
N ALA A 167 -9.24 4.18 -7.50
CA ALA A 167 -9.83 4.25 -6.15
C ALA A 167 -9.39 5.45 -5.29
N SER A 168 -8.26 6.09 -5.62
CA SER A 168 -7.71 7.23 -4.86
C SER A 168 -8.65 8.43 -4.74
N ASP A 169 -8.55 9.19 -3.64
CA ASP A 169 -9.33 10.40 -3.39
C ASP A 169 -8.89 11.61 -4.26
N LYS A 170 -7.73 11.51 -4.94
CA LYS A 170 -7.16 12.53 -5.83
C LYS A 170 -7.22 12.16 -7.32
N ARG A 171 -8.11 11.22 -7.69
CA ARG A 171 -8.35 10.69 -9.04
C ARG A 171 -8.45 11.81 -10.10
ZN ZN B . -6.80 1.33 11.37
ZN ZN C . 14.15 -1.29 8.43
ZN ZN D . 2.45 -1.38 -11.65
N GLY A 1 -15.24 25.59 -33.35
CA GLY A 1 -14.25 24.52 -33.40
C GLY A 1 -12.82 24.92 -32.97
N SER A 2 -12.67 26.13 -32.41
CA SER A 2 -11.40 26.71 -31.96
C SER A 2 -11.59 27.66 -30.78
N HIS A 3 -10.58 27.83 -29.94
CA HIS A 3 -10.59 28.79 -28.80
C HIS A 3 -10.77 30.24 -29.28
N MET A 4 -10.41 30.54 -30.54
CA MET A 4 -10.61 31.86 -31.16
C MET A 4 -12.09 32.14 -31.50
N GLU A 5 -12.91 31.09 -31.62
CA GLU A 5 -14.35 31.18 -31.90
C GLU A 5 -15.18 31.03 -30.60
N GLU A 6 -14.74 30.17 -29.68
CA GLU A 6 -15.35 29.89 -28.38
C GLU A 6 -14.26 29.82 -27.28
N PRO A 7 -13.94 30.94 -26.60
CA PRO A 7 -12.88 31.02 -25.58
C PRO A 7 -13.33 30.43 -24.23
N GLN A 8 -13.71 29.15 -24.22
CA GLN A 8 -14.17 28.42 -23.04
C GLN A 8 -13.03 28.04 -22.07
N SER A 9 -13.40 27.55 -20.88
CA SER A 9 -12.47 27.11 -19.82
C SER A 9 -13.06 25.94 -19.01
N ASP A 10 -12.23 25.25 -18.23
CA ASP A 10 -12.60 24.11 -17.38
C ASP A 10 -11.90 24.17 -16.00
N PRO A 11 -12.56 23.75 -14.90
CA PRO A 11 -11.97 23.75 -13.56
C PRO A 11 -10.88 22.66 -13.39
N SER A 12 -10.98 21.58 -14.15
CA SER A 12 -10.07 20.44 -14.19
C SER A 12 -10.14 19.75 -15.56
N VAL A 13 -9.00 19.30 -16.07
CA VAL A 13 -8.84 18.65 -17.39
C VAL A 13 -7.81 17.50 -17.41
N GLU A 14 -7.29 17.13 -16.23
CA GLU A 14 -6.31 16.05 -16.03
C GLU A 14 -6.82 15.07 -14.94
N PRO A 15 -7.72 14.11 -15.30
CA PRO A 15 -8.31 13.19 -14.34
C PRO A 15 -7.42 12.07 -13.72
N PRO A 16 -6.33 11.54 -14.33
CA PRO A 16 -5.56 10.45 -13.70
C PRO A 16 -4.71 10.92 -12.50
N LEU A 17 -4.48 10.01 -11.54
CA LEU A 17 -3.65 10.26 -10.35
C LEU A 17 -2.16 10.15 -10.70
N SER A 18 -1.32 11.04 -10.18
CA SER A 18 0.14 10.96 -10.36
C SER A 18 0.69 9.79 -9.56
N GLN A 19 1.57 8.97 -10.16
CA GLN A 19 2.15 7.80 -9.49
C GLN A 19 2.97 8.17 -8.24
N GLU A 20 3.48 9.39 -8.15
CA GLU A 20 4.23 9.89 -6.99
C GLU A 20 3.34 10.07 -5.73
N THR A 21 2.01 10.08 -5.89
CA THR A 21 1.05 10.23 -4.77
C THR A 21 1.24 9.09 -3.76
N PHE A 22 1.05 7.84 -4.22
CA PHE A 22 1.29 6.64 -3.43
C PHE A 22 2.75 6.50 -2.96
N SER A 23 3.73 7.04 -3.71
CA SER A 23 5.15 6.98 -3.35
C SER A 23 5.50 7.86 -2.13
N ASP A 24 4.84 9.01 -1.94
CA ASP A 24 5.02 9.89 -0.78
C ASP A 24 4.07 9.54 0.39
N LEU A 25 2.89 8.98 0.08
CA LEU A 25 1.81 8.63 0.99
C LEU A 25 2.28 7.94 2.27
N TRP A 26 2.93 6.79 2.14
CA TRP A 26 3.29 5.93 3.26
C TRP A 26 4.36 6.49 4.21
N LYS A 27 5.01 7.59 3.83
CA LYS A 27 6.10 8.21 4.59
C LYS A 27 5.78 9.56 5.21
N LEU A 28 5.36 10.56 4.42
CA LEU A 28 5.20 11.96 4.88
C LEU A 28 3.78 12.57 4.77
N LEU A 29 2.74 11.75 4.51
CA LEU A 29 1.34 12.17 4.34
C LEU A 29 0.76 13.05 5.47
N PRO A 30 -0.03 14.10 5.13
CA PRO A 30 -0.64 15.02 6.09
C PRO A 30 -1.81 14.42 6.89
N GLU A 31 -2.19 15.11 7.97
CA GLU A 31 -3.30 14.73 8.86
C GLU A 31 -4.71 14.87 8.23
N ASN A 32 -4.83 15.53 7.08
CA ASN A 32 -6.09 15.74 6.35
C ASN A 32 -5.99 15.18 4.91
N ASN A 33 -6.85 14.21 4.59
CA ASN A 33 -6.97 13.58 3.27
C ASN A 33 -8.42 13.08 3.03
N VAL A 34 -8.73 12.65 1.79
CA VAL A 34 -10.07 12.21 1.36
C VAL A 34 -10.19 10.70 1.03
N LEU A 35 -9.19 9.88 1.37
CA LEU A 35 -9.14 8.45 1.06
C LEU A 35 -9.30 7.51 2.29
N SER A 36 -9.08 7.98 3.52
CA SER A 36 -9.16 7.19 4.77
C SER A 36 -10.35 6.22 4.85
N PRO A 37 -10.15 4.88 4.70
CA PRO A 37 -11.22 3.89 4.76
C PRO A 37 -11.49 3.44 6.20
N LEU A 38 -12.76 3.16 6.53
CA LEU A 38 -13.18 2.72 7.87
C LEU A 38 -13.06 1.18 8.04
N PRO A 39 -12.84 0.65 9.27
CA PRO A 39 -12.77 -0.79 9.51
C PRO A 39 -14.01 -1.58 9.04
N SER A 40 -15.20 -0.95 9.07
CA SER A 40 -16.46 -1.54 8.58
C SER A 40 -16.48 -1.74 7.05
N GLN A 41 -15.55 -1.10 6.33
CA GLN A 41 -15.35 -1.15 4.88
C GLN A 41 -14.08 -1.95 4.49
N ALA A 42 -13.35 -2.50 5.47
CA ALA A 42 -12.07 -3.18 5.27
C ALA A 42 -12.16 -4.55 4.55
N MET A 43 -11.02 -4.91 3.97
CA MET A 43 -10.71 -6.12 3.19
C MET A 43 -10.02 -7.22 4.04
N ASP A 44 -10.25 -7.21 5.35
CA ASP A 44 -9.64 -8.13 6.32
C ASP A 44 -10.07 -9.61 6.17
N ASP A 45 -11.13 -9.90 5.42
CA ASP A 45 -11.57 -11.28 5.13
C ASP A 45 -10.56 -12.05 4.24
N LEU A 46 -9.62 -11.32 3.62
CA LEU A 46 -8.57 -11.81 2.71
C LEU A 46 -7.15 -11.51 3.25
N MET A 47 -7.00 -11.18 4.53
CA MET A 47 -5.73 -10.76 5.14
C MET A 47 -4.65 -11.86 5.20
N LEU A 48 -3.42 -11.46 4.88
CA LEU A 48 -2.19 -12.26 4.83
C LEU A 48 -1.07 -11.66 5.71
N SER A 49 -0.32 -12.52 6.41
CA SER A 49 0.79 -12.11 7.30
C SER A 49 1.96 -11.46 6.55
N PRO A 50 2.67 -10.47 7.14
CA PRO A 50 3.76 -9.76 6.47
C PRO A 50 4.93 -10.66 6.04
N ASP A 51 5.20 -11.74 6.76
CA ASP A 51 6.26 -12.71 6.41
C ASP A 51 5.95 -13.47 5.10
N ASP A 52 4.68 -13.55 4.69
CA ASP A 52 4.24 -14.21 3.45
C ASP A 52 4.19 -13.29 2.21
N ILE A 53 4.34 -11.96 2.38
CA ILE A 53 4.35 -10.98 1.27
C ILE A 53 5.43 -11.34 0.23
N GLU A 54 6.58 -11.82 0.70
CA GLU A 54 7.71 -12.28 -0.12
C GLU A 54 7.39 -13.52 -0.99
N GLN A 55 6.23 -14.17 -0.79
CA GLN A 55 5.76 -15.28 -1.62
C GLN A 55 5.18 -14.79 -2.95
N TRP A 56 4.47 -13.65 -2.97
CA TRP A 56 3.90 -13.06 -4.18
C TRP A 56 4.88 -12.12 -4.90
N PHE A 57 5.51 -11.17 -4.20
CA PHE A 57 6.62 -10.41 -4.80
C PHE A 57 7.86 -11.20 -4.37
N THR A 58 8.52 -11.88 -5.31
CA THR A 58 9.61 -12.82 -4.95
C THR A 58 10.89 -12.13 -4.49
N GLU A 59 11.23 -12.29 -3.22
CA GLU A 59 12.45 -11.78 -2.61
C GLU A 59 13.63 -12.72 -2.99
N ASP A 60 14.85 -12.18 -3.14
CA ASP A 60 16.02 -12.96 -3.55
C ASP A 60 16.36 -14.08 -2.53
N PRO A 61 16.35 -15.38 -2.91
CA PRO A 61 16.61 -16.50 -2.01
C PRO A 61 18.11 -16.78 -1.77
N GLY A 62 19.02 -16.09 -2.47
CA GLY A 62 20.46 -16.29 -2.37
C GLY A 62 20.88 -17.67 -2.91
N PRO A 63 21.79 -18.40 -2.25
CA PRO A 63 22.25 -19.72 -2.69
C PRO A 63 21.18 -20.82 -2.51
N ASP A 64 20.18 -20.61 -1.67
CA ASP A 64 19.07 -21.55 -1.39
C ASP A 64 17.89 -21.35 -2.36
N GLY A 65 18.17 -21.28 -3.66
CA GLY A 65 17.21 -21.05 -4.74
C GLY A 65 16.16 -22.15 -5.01
N SER A 66 16.12 -23.22 -4.19
CA SER A 66 15.19 -24.34 -4.35
C SER A 66 13.69 -23.92 -4.38
N CYS A 67 13.33 -22.81 -3.73
CA CYS A 67 11.97 -22.27 -3.69
C CYS A 67 11.43 -21.89 -5.09
N PHE A 68 12.30 -21.59 -6.07
CA PHE A 68 11.88 -21.25 -7.44
C PHE A 68 11.07 -22.39 -8.10
N ASN A 69 11.30 -23.65 -7.72
CA ASN A 69 10.55 -24.80 -8.24
C ASN A 69 9.06 -24.76 -7.80
N GLY A 70 8.77 -24.14 -6.65
CA GLY A 70 7.42 -23.98 -6.11
C GLY A 70 6.73 -22.67 -6.53
N THR A 71 7.48 -21.55 -6.60
CA THR A 71 6.93 -20.22 -6.96
C THR A 71 6.72 -20.00 -8.46
N ALA A 72 7.33 -20.81 -9.34
CA ALA A 72 7.22 -20.70 -10.80
C ALA A 72 5.78 -20.86 -11.39
N THR A 73 4.78 -21.19 -10.57
CA THR A 73 3.37 -21.30 -10.98
C THR A 73 2.75 -19.93 -11.33
N GLY A 74 3.33 -18.83 -10.84
CA GLY A 74 2.91 -17.45 -11.11
C GLY A 74 2.88 -16.58 -9.85
N PRO A 75 4.03 -15.98 -9.43
CA PRO A 75 4.12 -15.15 -8.22
C PRO A 75 3.16 -13.94 -8.24
N THR A 76 3.08 -13.27 -9.39
CA THR A 76 2.19 -12.10 -9.63
C THR A 76 1.21 -12.32 -10.79
N ALA A 77 1.31 -13.44 -11.52
CA ALA A 77 0.46 -13.75 -12.66
C ALA A 77 -0.87 -14.46 -12.30
N ASP A 78 -0.94 -15.10 -11.12
CA ASP A 78 -2.13 -15.82 -10.67
C ASP A 78 -3.13 -14.88 -9.95
N PRO A 79 -4.43 -14.87 -10.32
CA PRO A 79 -5.44 -14.02 -9.67
C PRO A 79 -5.53 -14.17 -8.14
N GLU A 80 -5.29 -15.38 -7.61
CA GLU A 80 -5.30 -15.66 -6.16
C GLU A 80 -4.13 -14.98 -5.43
N LYS A 81 -3.05 -14.64 -6.13
CA LYS A 81 -1.91 -13.86 -5.61
C LYS A 81 -2.14 -12.37 -5.81
N ARG A 82 -2.63 -11.95 -6.99
CA ARG A 82 -2.94 -10.54 -7.30
C ARG A 82 -3.88 -9.92 -6.27
N LYS A 83 -4.94 -10.63 -5.86
CA LYS A 83 -5.90 -10.16 -4.83
C LYS A 83 -5.26 -9.96 -3.45
N LEU A 84 -4.23 -10.75 -3.11
CA LEU A 84 -3.47 -10.60 -1.86
C LEU A 84 -2.63 -9.32 -1.90
N ILE A 85 -2.00 -9.02 -3.06
CA ILE A 85 -1.26 -7.77 -3.25
C ILE A 85 -2.20 -6.58 -3.08
N GLN A 86 -3.34 -6.63 -3.79
CA GLN A 86 -4.36 -5.58 -3.76
C GLN A 86 -4.83 -5.28 -2.33
N GLN A 87 -5.24 -6.31 -1.56
CA GLN A 87 -5.71 -6.10 -0.18
C GLN A 87 -4.59 -5.66 0.78
N GLN A 88 -3.35 -6.14 0.60
CA GLN A 88 -2.23 -5.74 1.45
C GLN A 88 -1.85 -4.28 1.20
N LEU A 89 -1.72 -3.86 -0.07
CA LEU A 89 -1.39 -2.49 -0.45
C LEU A 89 -2.44 -1.52 0.10
N VAL A 90 -3.74 -1.84 0.01
CA VAL A 90 -4.79 -1.00 0.59
C VAL A 90 -4.64 -0.87 2.13
N LEU A 91 -4.13 -1.89 2.84
CA LEU A 91 -3.86 -1.76 4.28
C LEU A 91 -2.74 -0.74 4.57
N LEU A 92 -1.69 -0.68 3.75
CA LEU A 92 -0.60 0.31 3.92
C LEU A 92 -1.16 1.76 3.85
N LEU A 93 -2.30 1.97 3.17
CA LEU A 93 -2.98 3.27 3.11
C LEU A 93 -3.66 3.56 4.45
N HIS A 94 -4.53 2.66 4.91
CA HIS A 94 -5.23 2.80 6.19
C HIS A 94 -4.22 2.95 7.34
N ALA A 95 -3.22 2.08 7.46
CA ALA A 95 -2.23 2.12 8.54
C ALA A 95 -1.41 3.43 8.60
N HIS A 96 -1.30 4.19 7.49
CA HIS A 96 -0.67 5.52 7.49
C HIS A 96 -1.67 6.66 7.78
N LYS A 97 -2.93 6.50 7.37
CA LYS A 97 -4.02 7.48 7.57
C LYS A 97 -4.62 7.43 8.98
N CYS A 98 -4.79 6.24 9.55
CA CYS A 98 -5.31 5.98 10.90
C CYS A 98 -4.37 6.57 11.98
N GLN A 99 -3.06 6.35 11.86
CA GLN A 99 -2.08 6.95 12.78
C GLN A 99 -2.12 8.49 12.74
N ARG A 100 -2.32 9.09 11.55
CA ARG A 100 -2.46 10.54 11.36
C ARG A 100 -3.75 11.06 12.00
N ARG A 101 -4.86 10.34 11.81
CA ARG A 101 -6.19 10.63 12.40
C ARG A 101 -6.13 10.61 13.93
N GLU A 102 -5.42 9.63 14.51
CA GLU A 102 -5.22 9.54 15.96
C GLU A 102 -4.36 10.72 16.48
N GLN A 103 -3.24 11.01 15.80
CA GLN A 103 -2.32 12.10 16.13
C GLN A 103 -2.99 13.50 16.04
N ALA A 104 -3.88 13.70 15.06
CA ALA A 104 -4.62 14.95 14.86
C ALA A 104 -5.59 15.28 16.00
N ASN A 105 -6.18 14.24 16.63
CA ASN A 105 -7.12 14.39 17.73
C ASN A 105 -6.40 14.42 19.10
N GLY A 106 -5.52 13.44 19.36
CA GLY A 106 -4.72 13.32 20.59
C GLY A 106 -5.48 12.90 21.87
N GLU A 107 -6.80 12.70 21.83
CA GLU A 107 -7.64 12.33 22.98
C GLU A 107 -8.39 10.99 22.79
N VAL A 108 -8.14 10.27 21.70
CA VAL A 108 -8.75 8.97 21.36
C VAL A 108 -7.70 7.90 21.01
N ARG A 109 -8.11 6.63 21.06
CA ARG A 109 -7.30 5.45 20.70
C ARG A 109 -7.51 5.03 19.24
N ALA A 110 -6.66 4.10 18.76
CA ALA A 110 -6.72 3.56 17.40
C ALA A 110 -7.95 2.64 17.17
N CYS A 111 -8.12 2.20 15.92
CA CYS A 111 -9.21 1.33 15.45
C CYS A 111 -9.15 -0.13 16.00
N SER A 112 -10.18 -0.92 15.68
CA SER A 112 -10.36 -2.31 16.12
C SER A 112 -9.64 -3.38 15.26
N LEU A 113 -8.95 -2.98 14.19
CA LEU A 113 -8.23 -3.87 13.26
C LEU A 113 -6.81 -4.19 13.79
N PRO A 114 -6.48 -5.45 14.19
CA PRO A 114 -5.16 -5.78 14.75
C PRO A 114 -4.00 -5.58 13.76
N HIS A 115 -4.23 -5.77 12.45
CA HIS A 115 -3.19 -5.62 11.42
C HIS A 115 -2.76 -4.16 11.17
N CYS A 116 -3.61 -3.19 11.50
CA CYS A 116 -3.31 -1.76 11.39
C CYS A 116 -2.13 -1.40 12.31
N ARG A 117 -2.17 -1.86 13.58
CA ARG A 117 -1.10 -1.72 14.59
C ARG A 117 0.24 -2.25 14.09
N THR A 118 0.24 -3.32 13.29
CA THR A 118 1.45 -3.88 12.69
C THR A 118 1.97 -2.98 11.57
N MET A 119 1.17 -2.72 10.52
CA MET A 119 1.61 -1.91 9.38
C MET A 119 2.00 -0.47 9.76
N LYS A 120 1.35 0.16 10.75
CA LYS A 120 1.74 1.53 11.16
C LYS A 120 3.14 1.60 11.76
N ASN A 121 3.57 0.54 12.46
CA ASN A 121 4.94 0.43 12.99
C ASN A 121 5.92 0.18 11.85
N VAL A 122 5.55 -0.63 10.84
CA VAL A 122 6.39 -0.88 9.65
C VAL A 122 6.62 0.42 8.88
N LEU A 123 5.58 1.21 8.64
CA LEU A 123 5.68 2.49 7.92
C LEU A 123 6.60 3.49 8.65
N ASN A 124 6.47 3.59 9.98
CA ASN A 124 7.33 4.45 10.80
C ASN A 124 8.80 3.98 10.79
N HIS A 125 9.06 2.68 10.69
CA HIS A 125 10.40 2.11 10.58
C HIS A 125 10.95 2.33 9.16
N MET A 126 10.20 1.94 8.13
CA MET A 126 10.56 2.01 6.71
C MET A 126 10.94 3.42 6.21
N THR A 127 10.37 4.50 6.77
CA THR A 127 10.76 5.89 6.37
C THR A 127 12.08 6.34 7.02
N HIS A 128 12.62 5.57 7.98
CA HIS A 128 13.89 5.83 8.67
C HIS A 128 14.95 4.72 8.48
N CYS A 129 14.54 3.54 7.98
CA CYS A 129 15.41 2.37 7.74
C CYS A 129 16.60 2.68 6.82
N GLN A 130 17.73 2.04 7.11
CA GLN A 130 19.00 2.16 6.40
C GLN A 130 19.23 1.07 5.34
N ALA A 131 18.45 -0.02 5.36
CA ALA A 131 18.58 -1.16 4.45
C ALA A 131 17.33 -1.40 3.57
N GLY A 132 16.13 -1.06 4.05
CA GLY A 132 14.87 -1.20 3.31
C GLY A 132 14.64 -2.60 2.74
N LYS A 133 14.77 -2.75 1.42
CA LYS A 133 14.60 -4.05 0.72
C LYS A 133 15.62 -5.11 1.17
N ALA A 134 16.75 -4.67 1.76
CA ALA A 134 17.81 -5.52 2.32
C ALA A 134 17.75 -5.65 3.85
N CYS A 135 16.75 -5.05 4.52
CA CYS A 135 16.55 -5.12 5.96
C CYS A 135 16.27 -6.57 6.39
N GLN A 136 16.84 -6.98 7.51
CA GLN A 136 16.76 -8.35 8.03
C GLN A 136 15.46 -8.65 8.80
N VAL A 137 14.56 -7.67 8.92
CA VAL A 137 13.24 -7.82 9.55
C VAL A 137 12.22 -8.22 8.49
N ALA A 138 11.50 -9.33 8.73
CA ALA A 138 10.55 -9.92 7.79
C ALA A 138 9.42 -8.99 7.28
N HIS A 139 9.01 -7.99 8.07
CA HIS A 139 7.95 -7.04 7.70
C HIS A 139 8.41 -5.77 6.95
N CYS A 140 9.70 -5.43 7.02
CA CYS A 140 10.31 -4.24 6.40
C CYS A 140 10.65 -4.51 4.93
N ALA A 141 11.52 -5.51 4.68
CA ALA A 141 11.94 -5.89 3.33
C ALA A 141 10.78 -6.29 2.40
N SER A 142 9.69 -6.83 2.97
CA SER A 142 8.47 -7.20 2.26
C SER A 142 7.65 -5.99 1.85
N SER A 143 7.30 -5.11 2.80
CA SER A 143 6.53 -3.89 2.53
C SER A 143 7.24 -2.97 1.54
N ARG A 144 8.57 -2.92 1.58
CA ARG A 144 9.38 -2.12 0.65
C ARG A 144 9.23 -2.58 -0.81
N GLN A 145 8.98 -3.87 -1.06
CA GLN A 145 8.72 -4.40 -2.41
C GLN A 145 7.40 -3.86 -2.98
N ILE A 146 6.39 -3.67 -2.11
CA ILE A 146 5.09 -3.10 -2.46
C ILE A 146 5.26 -1.62 -2.82
N ILE A 147 6.02 -0.87 -2.01
CA ILE A 147 6.34 0.53 -2.27
C ILE A 147 7.12 0.70 -3.58
N SER A 148 8.00 -0.25 -3.92
CA SER A 148 8.76 -0.24 -5.17
C SER A 148 7.87 -0.38 -6.42
N HIS A 149 6.64 -0.90 -6.30
CA HIS A 149 5.72 -1.05 -7.44
C HIS A 149 5.34 0.32 -8.00
N TRP A 150 4.71 1.19 -7.20
CA TRP A 150 4.33 2.55 -7.63
C TRP A 150 5.52 3.42 -8.06
N LYS A 151 6.71 3.15 -7.53
CA LYS A 151 7.94 3.87 -7.87
C LYS A 151 8.45 3.54 -9.28
N ASN A 152 8.29 2.30 -9.76
CA ASN A 152 8.71 1.88 -11.11
C ASN A 152 7.57 1.81 -12.16
N CYS A 153 6.34 1.48 -11.76
CA CYS A 153 5.17 1.33 -12.64
C CYS A 153 4.57 2.70 -13.04
N THR A 154 4.27 2.87 -14.33
CA THR A 154 3.72 4.10 -14.93
C THR A 154 2.48 3.89 -15.81
N ARG A 155 2.02 2.65 -15.99
CA ARG A 155 0.84 2.30 -16.82
C ARG A 155 -0.48 2.53 -16.09
N HIS A 156 -1.53 2.85 -16.86
CA HIS A 156 -2.91 3.01 -16.32
C HIS A 156 -3.63 1.65 -16.21
N ASP A 157 -3.38 0.74 -17.16
CA ASP A 157 -3.96 -0.60 -17.25
C ASP A 157 -3.05 -1.66 -16.60
N CYS A 158 -2.95 -1.61 -15.27
CA CYS A 158 -2.17 -2.52 -14.43
C CYS A 158 -3.11 -3.18 -13.38
N PRO A 159 -3.04 -4.52 -13.14
CA PRO A 159 -3.92 -5.21 -12.20
C PRO A 159 -3.87 -4.67 -10.76
N VAL A 160 -2.76 -4.06 -10.34
CA VAL A 160 -2.61 -3.45 -9.01
C VAL A 160 -3.00 -1.97 -9.03
N CYS A 161 -2.40 -1.17 -9.92
CA CYS A 161 -2.60 0.28 -9.98
C CYS A 161 -4.00 0.74 -10.43
N LEU A 162 -4.64 0.04 -11.39
CA LEU A 162 -5.97 0.41 -11.91
C LEU A 162 -7.04 0.48 -10.80
N PRO A 163 -7.31 -0.57 -10.00
CA PRO A 163 -8.29 -0.50 -8.92
C PRO A 163 -7.97 0.57 -7.87
N LEU A 164 -6.69 0.87 -7.61
CA LEU A 164 -6.27 1.90 -6.66
C LEU A 164 -6.58 3.32 -7.18
N LYS A 165 -6.25 3.63 -8.44
CA LYS A 165 -6.58 4.93 -9.05
C LYS A 165 -8.11 5.11 -9.14
N ASN A 166 -8.83 4.03 -9.45
CA ASN A 166 -10.30 4.01 -9.51
C ASN A 166 -10.95 4.25 -8.12
N ALA A 167 -10.34 3.72 -7.05
CA ALA A 167 -10.81 3.89 -5.67
C ALA A 167 -10.45 5.26 -5.06
N SER A 168 -9.33 5.86 -5.48
CA SER A 168 -8.84 7.13 -4.96
C SER A 168 -9.72 8.33 -5.30
N ASP A 169 -9.98 9.17 -4.29
CA ASP A 169 -10.72 10.43 -4.43
C ASP A 169 -9.76 11.65 -4.47
N LYS A 170 -8.44 11.41 -4.41
CA LYS A 170 -7.38 12.43 -4.42
C LYS A 170 -7.10 13.03 -5.81
N ARG A 171 -7.72 12.48 -6.86
CA ARG A 171 -7.63 12.91 -8.28
C ARG A 171 -8.11 14.37 -8.46
ZN ZN B . -6.41 1.80 11.82
ZN ZN C . 14.12 -1.94 7.97
ZN ZN D . 1.47 -1.31 -11.60
N GLY A 1 -32.57 36.68 -12.46
CA GLY A 1 -31.55 37.26 -13.33
C GLY A 1 -30.77 36.22 -14.15
N SER A 2 -29.85 36.70 -14.98
CA SER A 2 -28.98 35.87 -15.84
C SER A 2 -27.77 35.28 -15.10
N HIS A 3 -27.24 34.17 -15.61
CA HIS A 3 -26.09 33.42 -15.07
C HIS A 3 -25.14 32.93 -16.18
N MET A 4 -23.91 32.59 -15.81
CA MET A 4 -22.86 32.08 -16.71
C MET A 4 -22.16 30.84 -16.13
N GLU A 5 -21.56 30.03 -17.00
CA GLU A 5 -20.80 28.81 -16.64
C GLU A 5 -19.30 29.06 -16.41
N GLU A 6 -18.74 30.13 -16.98
CA GLU A 6 -17.32 30.51 -16.85
C GLU A 6 -16.87 30.79 -15.40
N PRO A 7 -17.59 31.56 -14.56
CA PRO A 7 -17.16 31.86 -13.18
C PRO A 7 -17.39 30.69 -12.19
N GLN A 8 -17.89 29.54 -12.64
CA GLN A 8 -18.18 28.36 -11.82
C GLN A 8 -16.96 27.41 -11.61
N SER A 9 -15.75 27.87 -11.96
CA SER A 9 -14.49 27.12 -11.84
C SER A 9 -14.07 26.83 -10.38
N ASP A 10 -13.22 25.82 -10.20
CA ASP A 10 -12.69 25.36 -8.91
C ASP A 10 -11.23 25.77 -8.68
N PRO A 11 -10.82 25.95 -7.40
CA PRO A 11 -9.44 26.30 -7.06
C PRO A 11 -8.53 25.13 -7.48
N SER A 12 -7.57 25.48 -8.34
CA SER A 12 -6.57 24.66 -9.03
C SER A 12 -6.29 23.30 -8.37
N VAL A 13 -6.85 22.25 -8.99
CA VAL A 13 -6.79 20.84 -8.56
C VAL A 13 -6.64 19.91 -9.77
N GLU A 14 -5.98 18.76 -9.59
CA GLU A 14 -5.76 17.76 -10.65
C GLU A 14 -6.76 16.60 -10.56
N PRO A 15 -7.68 16.41 -11.54
CA PRO A 15 -8.66 15.32 -11.53
C PRO A 15 -8.04 13.89 -11.45
N PRO A 16 -6.99 13.52 -12.23
CA PRO A 16 -6.37 12.20 -12.16
C PRO A 16 -5.29 12.12 -11.07
N LEU A 17 -4.91 10.89 -10.66
CA LEU A 17 -3.86 10.65 -9.68
C LEU A 17 -2.52 10.30 -10.35
N SER A 18 -1.44 10.94 -9.92
CA SER A 18 -0.07 10.70 -10.41
C SER A 18 0.66 9.67 -9.53
N GLN A 19 1.53 8.85 -10.13
CA GLN A 19 2.27 7.79 -9.43
C GLN A 19 3.10 8.26 -8.23
N GLU A 20 3.56 9.51 -8.22
CA GLU A 20 4.31 10.09 -7.10
C GLU A 20 3.47 10.24 -5.80
N THR A 21 2.14 10.23 -5.91
CA THR A 21 1.22 10.38 -4.76
C THR A 21 1.38 9.22 -3.78
N PHE A 22 1.18 7.98 -4.25
CA PHE A 22 1.38 6.77 -3.44
C PHE A 22 2.83 6.63 -2.92
N SER A 23 3.83 7.12 -3.67
CA SER A 23 5.23 7.09 -3.26
C SER A 23 5.54 8.04 -2.09
N ASP A 24 4.81 9.16 -1.97
CA ASP A 24 4.93 10.12 -0.88
C ASP A 24 4.01 9.81 0.33
N LEU A 25 2.86 9.18 0.07
CA LEU A 25 1.82 8.82 1.03
C LEU A 25 2.36 8.20 2.32
N TRP A 26 3.05 7.07 2.19
CA TRP A 26 3.51 6.28 3.34
C TRP A 26 4.63 6.95 4.16
N LYS A 27 5.22 8.05 3.66
CA LYS A 27 6.33 8.76 4.30
C LYS A 27 5.98 10.14 4.88
N LEU A 28 5.41 11.05 4.09
CA LEU A 28 5.16 12.45 4.48
C LEU A 28 3.69 12.92 4.48
N LEU A 29 2.72 12.01 4.37
CA LEU A 29 1.27 12.34 4.38
C LEU A 29 0.87 13.09 5.67
N PRO A 30 0.21 14.26 5.58
CA PRO A 30 -0.18 15.07 6.75
C PRO A 30 -1.41 14.50 7.49
N GLU A 31 -1.72 15.06 8.66
CA GLU A 31 -2.84 14.63 9.52
C GLU A 31 -4.27 14.90 8.99
N ASN A 32 -4.42 15.29 7.72
CA ASN A 32 -5.70 15.54 7.03
C ASN A 32 -5.59 15.12 5.55
N ASN A 33 -6.54 14.33 5.05
CA ASN A 33 -6.59 13.87 3.66
C ASN A 33 -8.03 13.64 3.16
N VAL A 34 -8.22 13.63 1.83
CA VAL A 34 -9.52 13.38 1.17
C VAL A 34 -9.94 11.90 1.25
N LEU A 35 -8.99 10.96 1.17
CA LEU A 35 -9.27 9.53 1.30
C LEU A 35 -9.31 9.14 2.78
N SER A 36 -10.51 8.82 3.29
CA SER A 36 -10.77 8.41 4.67
C SER A 36 -11.27 6.95 4.73
N PRO A 37 -10.41 5.96 5.04
CA PRO A 37 -10.79 4.55 5.11
C PRO A 37 -11.86 4.26 6.19
N LEU A 38 -12.67 3.23 5.97
CA LEU A 38 -13.76 2.79 6.88
C LEU A 38 -13.75 1.25 7.05
N PRO A 39 -13.47 0.71 8.26
CA PRO A 39 -13.45 -0.75 8.51
C PRO A 39 -14.71 -1.51 8.08
N SER A 40 -15.88 -0.87 8.15
CA SER A 40 -17.19 -1.44 7.77
C SER A 40 -17.30 -1.87 6.30
N GLN A 41 -16.40 -1.39 5.44
CA GLN A 41 -16.32 -1.70 4.00
C GLN A 41 -14.88 -2.03 3.53
N ALA A 42 -13.98 -2.35 4.46
CA ALA A 42 -12.57 -2.65 4.18
C ALA A 42 -12.34 -4.10 3.68
N MET A 43 -11.21 -4.28 2.98
CA MET A 43 -10.72 -5.55 2.41
C MET A 43 -9.85 -6.37 3.38
N ASP A 44 -9.97 -6.11 4.69
CA ASP A 44 -9.17 -6.74 5.75
C ASP A 44 -9.38 -8.26 5.92
N ASP A 45 -10.47 -8.83 5.39
CA ASP A 45 -10.78 -10.26 5.44
C ASP A 45 -9.76 -11.13 4.68
N LEU A 46 -8.98 -10.51 3.78
CA LEU A 46 -7.93 -11.15 2.96
C LEU A 46 -6.50 -10.95 3.51
N MET A 47 -6.33 -10.34 4.69
CA MET A 47 -5.00 -10.04 5.25
C MET A 47 -4.11 -11.26 5.55
N LEU A 48 -2.81 -11.02 5.46
CA LEU A 48 -1.72 -11.96 5.72
C LEU A 48 -0.74 -11.41 6.78
N SER A 49 0.14 -12.26 7.28
CA SER A 49 1.26 -11.83 8.12
C SER A 49 2.31 -11.19 7.19
N PRO A 50 3.05 -10.14 7.59
CA PRO A 50 4.02 -9.47 6.71
C PRO A 50 5.11 -10.37 6.10
N ASP A 51 5.35 -11.55 6.70
CA ASP A 51 6.33 -12.53 6.23
C ASP A 51 5.84 -13.33 5.00
N ASP A 52 4.52 -13.44 4.80
CA ASP A 52 3.91 -14.16 3.68
C ASP A 52 3.87 -13.33 2.38
N ILE A 53 4.17 -12.04 2.45
CA ILE A 53 4.26 -11.12 1.30
C ILE A 53 5.28 -11.65 0.27
N GLU A 54 6.34 -12.29 0.76
CA GLU A 54 7.41 -12.92 -0.02
C GLU A 54 6.94 -14.16 -0.83
N GLN A 55 5.72 -14.65 -0.60
CA GLN A 55 5.13 -15.77 -1.35
C GLN A 55 4.51 -15.30 -2.68
N TRP A 56 4.07 -14.03 -2.78
CA TRP A 56 3.53 -13.46 -4.03
C TRP A 56 4.58 -12.63 -4.78
N PHE A 57 5.39 -11.80 -4.10
CA PHE A 57 6.55 -11.15 -4.75
C PHE A 57 7.77 -12.02 -4.40
N THR A 58 8.32 -12.71 -5.41
CA THR A 58 9.43 -13.67 -5.26
C THR A 58 10.63 -13.36 -6.15
N GLU A 59 11.84 -13.73 -5.72
CA GLU A 59 13.08 -13.65 -6.50
C GLU A 59 13.43 -15.05 -7.05
N ASP A 60 14.16 -15.12 -8.17
CA ASP A 60 14.54 -16.41 -8.80
C ASP A 60 15.50 -17.23 -7.89
N PRO A 61 15.16 -18.48 -7.52
CA PRO A 61 15.97 -19.31 -6.61
C PRO A 61 17.10 -20.10 -7.29
N GLY A 62 17.22 -20.04 -8.63
CA GLY A 62 18.22 -20.75 -9.42
C GLY A 62 17.76 -22.16 -9.85
N PRO A 63 18.66 -23.14 -9.96
CA PRO A 63 18.37 -24.51 -10.42
C PRO A 63 17.66 -25.41 -9.39
N ASP A 64 17.40 -24.92 -8.17
CA ASP A 64 16.73 -25.63 -7.08
C ASP A 64 15.62 -24.78 -6.44
N GLY A 65 14.57 -25.42 -5.91
CA GLY A 65 13.42 -24.76 -5.27
C GLY A 65 12.39 -24.13 -6.22
N SER A 66 12.63 -24.17 -7.53
CA SER A 66 11.76 -23.65 -8.60
C SER A 66 10.61 -24.61 -8.99
N CYS A 67 10.25 -25.54 -8.10
CA CYS A 67 9.23 -26.58 -8.25
C CYS A 67 7.80 -26.05 -8.52
N PHE A 68 7.52 -24.78 -8.21
CA PHE A 68 6.23 -24.10 -8.41
C PHE A 68 6.46 -22.74 -9.07
N ASN A 69 5.49 -22.24 -9.85
CA ASN A 69 5.63 -20.91 -10.49
C ASN A 69 5.82 -19.78 -9.44
N GLY A 70 5.11 -19.86 -8.31
CA GLY A 70 5.21 -18.92 -7.19
C GLY A 70 6.60 -18.86 -6.56
N THR A 71 7.26 -20.01 -6.37
CA THR A 71 8.63 -20.07 -5.83
C THR A 71 9.70 -19.78 -6.89
N ALA A 72 9.43 -20.10 -8.16
CA ALA A 72 10.33 -19.90 -9.29
C ALA A 72 10.52 -18.42 -9.70
N THR A 73 9.43 -17.62 -9.76
CA THR A 73 9.51 -16.21 -10.19
C THR A 73 8.44 -15.28 -9.62
N GLY A 74 7.47 -15.77 -8.83
CA GLY A 74 6.40 -14.96 -8.24
C GLY A 74 5.52 -14.22 -9.26
N PRO A 75 4.88 -14.91 -10.23
CA PRO A 75 4.04 -14.29 -11.25
C PRO A 75 2.74 -13.69 -10.69
N THR A 76 2.33 -12.55 -11.25
CA THR A 76 1.12 -11.78 -10.87
C THR A 76 -0.11 -12.09 -11.74
N ALA A 77 -0.02 -13.10 -12.62
CA ALA A 77 -1.08 -13.51 -13.53
C ALA A 77 -2.27 -14.25 -12.87
N ASP A 78 -2.06 -14.83 -11.67
CA ASP A 78 -3.10 -15.57 -10.94
C ASP A 78 -3.97 -14.62 -10.08
N PRO A 79 -5.31 -14.65 -10.21
CA PRO A 79 -6.20 -13.76 -9.45
C PRO A 79 -6.17 -13.98 -7.93
N GLU A 80 -5.92 -15.21 -7.47
CA GLU A 80 -5.82 -15.55 -6.04
C GLU A 80 -4.58 -14.92 -5.39
N LYS A 81 -3.55 -14.61 -6.20
CA LYS A 81 -2.33 -13.90 -5.77
C LYS A 81 -2.52 -12.39 -5.92
N ARG A 82 -2.99 -11.95 -7.09
CA ARG A 82 -3.24 -10.53 -7.43
C ARG A 82 -4.08 -9.80 -6.38
N LYS A 83 -5.15 -10.44 -5.88
CA LYS A 83 -6.01 -9.86 -4.82
C LYS A 83 -5.25 -9.60 -3.51
N LEU A 84 -4.26 -10.43 -3.18
CA LEU A 84 -3.42 -10.28 -1.99
C LEU A 84 -2.46 -9.09 -2.13
N ILE A 85 -1.90 -8.88 -3.34
CA ILE A 85 -1.02 -7.73 -3.63
C ILE A 85 -1.81 -6.43 -3.47
N GLN A 86 -2.97 -6.36 -4.14
CA GLN A 86 -3.90 -5.23 -4.09
C GLN A 86 -4.32 -4.93 -2.65
N GLN A 87 -4.93 -5.90 -1.95
CA GLN A 87 -5.42 -5.68 -0.58
C GLN A 87 -4.30 -5.36 0.43
N GLN A 88 -3.10 -5.95 0.30
CA GLN A 88 -1.99 -5.62 1.21
C GLN A 88 -1.57 -4.15 1.01
N LEU A 89 -1.45 -3.70 -0.24
CA LEU A 89 -1.13 -2.30 -0.55
C LEU A 89 -2.21 -1.35 -0.02
N VAL A 90 -3.50 -1.71 -0.11
CA VAL A 90 -4.58 -0.92 0.49
C VAL A 90 -4.42 -0.81 2.01
N LEU A 91 -3.90 -1.84 2.72
CA LEU A 91 -3.64 -1.72 4.16
C LEU A 91 -2.44 -0.80 4.48
N LEU A 92 -1.44 -0.65 3.58
CA LEU A 92 -0.36 0.33 3.79
C LEU A 92 -0.94 1.76 3.80
N LEU A 93 -2.05 2.00 3.08
CA LEU A 93 -2.77 3.28 3.08
C LEU A 93 -3.57 3.40 4.39
N HIS A 94 -4.36 2.37 4.72
CA HIS A 94 -5.16 2.33 5.94
C HIS A 94 -4.30 2.59 7.18
N ALA A 95 -3.23 1.81 7.39
CA ALA A 95 -2.34 1.93 8.53
C ALA A 95 -1.79 3.36 8.72
N HIS A 96 -1.40 4.04 7.65
CA HIS A 96 -0.89 5.42 7.73
C HIS A 96 -2.01 6.44 8.02
N LYS A 97 -3.17 6.29 7.37
CA LYS A 97 -4.34 7.18 7.54
C LYS A 97 -5.02 7.00 8.91
N CYS A 98 -5.09 5.77 9.42
CA CYS A 98 -5.60 5.41 10.75
C CYS A 98 -4.66 5.97 11.85
N GLN A 99 -3.34 5.88 11.62
CA GLN A 99 -2.32 6.50 12.48
C GLN A 99 -2.52 8.02 12.54
N ARG A 100 -2.80 8.68 11.40
CA ARG A 100 -3.10 10.12 11.35
C ARG A 100 -4.44 10.47 12.03
N ARG A 101 -5.45 9.62 11.93
CA ARG A 101 -6.75 9.77 12.62
C ARG A 101 -6.55 9.87 14.14
N GLU A 102 -5.59 9.13 14.69
CA GLU A 102 -5.25 9.21 16.12
C GLU A 102 -4.41 10.46 16.42
N GLN A 103 -3.39 10.76 15.61
CA GLN A 103 -2.52 11.94 15.78
C GLN A 103 -3.31 13.27 15.75
N ALA A 104 -4.39 13.35 14.97
CA ALA A 104 -5.26 14.51 14.87
C ALA A 104 -6.17 14.73 16.11
N ASN A 105 -6.23 13.76 17.04
CA ASN A 105 -7.04 13.79 18.25
C ASN A 105 -6.20 13.73 19.55
N GLY A 106 -5.25 12.80 19.64
CA GLY A 106 -4.33 12.62 20.77
C GLY A 106 -4.88 11.95 22.04
N GLU A 107 -6.16 11.58 22.10
CA GLU A 107 -6.81 10.96 23.28
C GLU A 107 -7.40 9.56 23.01
N VAL A 108 -7.89 9.28 21.80
CA VAL A 108 -8.50 7.99 21.43
C VAL A 108 -7.48 6.84 21.31
N ARG A 109 -7.96 5.61 21.49
CA ARG A 109 -7.18 4.36 21.35
C ARG A 109 -7.07 3.93 19.88
N ALA A 110 -6.09 3.09 19.55
CA ALA A 110 -5.84 2.62 18.18
C ALA A 110 -6.86 1.59 17.64
N CYS A 111 -6.70 1.25 16.37
CA CYS A 111 -7.53 0.33 15.59
C CYS A 111 -7.64 -1.09 16.19
N SER A 112 -8.74 -1.78 15.85
CA SER A 112 -9.04 -3.15 16.28
C SER A 112 -8.21 -4.21 15.53
N LEU A 113 -7.70 -3.89 14.33
CA LEU A 113 -6.90 -4.80 13.51
C LEU A 113 -5.44 -4.93 13.99
N PRO A 114 -4.91 -6.16 14.14
CA PRO A 114 -3.50 -6.38 14.49
C PRO A 114 -2.59 -5.96 13.32
N HIS A 115 -3.06 -6.15 12.08
CA HIS A 115 -2.33 -5.80 10.86
C HIS A 115 -2.16 -4.28 10.68
N CYS A 116 -3.12 -3.48 11.15
CA CYS A 116 -3.09 -2.01 11.11
C CYS A 116 -1.99 -1.49 12.06
N ARG A 117 -2.01 -1.96 13.32
CA ARG A 117 -0.98 -1.68 14.33
C ARG A 117 0.41 -2.13 13.85
N THR A 118 0.48 -3.27 13.16
CA THR A 118 1.72 -3.81 12.58
C THR A 118 2.24 -2.91 11.45
N MET A 119 1.45 -2.64 10.42
CA MET A 119 1.89 -1.84 9.27
C MET A 119 2.24 -0.38 9.66
N LYS A 120 1.52 0.28 10.58
CA LYS A 120 1.88 1.65 10.99
C LYS A 120 3.24 1.71 11.69
N ASN A 121 3.62 0.66 12.43
CA ASN A 121 4.96 0.55 13.03
C ASN A 121 6.02 0.31 11.95
N VAL A 122 5.73 -0.49 10.91
CA VAL A 122 6.65 -0.71 9.78
C VAL A 122 6.85 0.60 9.00
N LEU A 123 5.78 1.36 8.75
CA LEU A 123 5.85 2.67 8.08
C LEU A 123 6.78 3.63 8.85
N ASN A 124 6.65 3.69 10.18
CA ASN A 124 7.51 4.53 11.04
C ASN A 124 8.99 4.07 11.06
N HIS A 125 9.27 2.81 10.72
CA HIS A 125 10.63 2.28 10.60
C HIS A 125 11.16 2.56 9.18
N MET A 126 10.39 2.22 8.15
CA MET A 126 10.74 2.34 6.72
C MET A 126 11.07 3.79 6.31
N THR A 127 10.52 4.81 6.98
CA THR A 127 10.84 6.25 6.75
C THR A 127 12.24 6.63 7.24
N HIS A 128 12.75 5.91 8.25
CA HIS A 128 14.06 6.11 8.88
C HIS A 128 15.13 5.10 8.42
N CYS A 129 14.71 3.95 7.91
CA CYS A 129 15.59 2.85 7.46
C CYS A 129 16.59 3.30 6.36
N GLN A 130 17.80 2.75 6.45
CA GLN A 130 18.93 3.00 5.56
C GLN A 130 19.24 1.83 4.60
N ALA A 131 18.71 0.63 4.87
CA ALA A 131 18.93 -0.57 4.06
C ALA A 131 17.70 -0.90 3.18
N GLY A 132 16.49 -0.60 3.64
CA GLY A 132 15.24 -0.81 2.91
C GLY A 132 15.07 -2.24 2.34
N LYS A 133 15.23 -2.39 1.02
CA LYS A 133 15.16 -3.70 0.33
C LYS A 133 16.19 -4.71 0.85
N ALA A 134 17.28 -4.23 1.47
CA ALA A 134 18.36 -5.01 2.09
C ALA A 134 18.28 -5.10 3.63
N CYS A 135 17.25 -4.50 4.26
CA CYS A 135 17.06 -4.52 5.70
C CYS A 135 16.83 -5.96 6.20
N GLN A 136 17.40 -6.26 7.36
CA GLN A 136 17.38 -7.59 7.97
C GLN A 136 16.07 -7.89 8.73
N VAL A 137 15.18 -6.89 8.85
CA VAL A 137 13.82 -7.05 9.40
C VAL A 137 12.92 -7.49 8.24
N ALA A 138 12.37 -8.70 8.31
CA ALA A 138 11.54 -9.27 7.24
C ALA A 138 10.35 -8.38 6.85
N HIS A 139 9.69 -7.74 7.82
CA HIS A 139 8.54 -6.86 7.59
C HIS A 139 8.91 -5.61 6.76
N CYS A 140 10.07 -5.00 7.06
CA CYS A 140 10.60 -3.83 6.37
C CYS A 140 10.94 -4.14 4.91
N ALA A 141 11.79 -5.14 4.67
CA ALA A 141 12.19 -5.58 3.34
C ALA A 141 11.00 -6.09 2.50
N SER A 142 9.94 -6.62 3.12
CA SER A 142 8.71 -7.06 2.43
C SER A 142 7.85 -5.85 2.04
N SER A 143 7.64 -4.89 2.94
CA SER A 143 6.89 -3.66 2.69
C SER A 143 7.57 -2.81 1.61
N ARG A 144 8.91 -2.78 1.57
CA ARG A 144 9.66 -2.07 0.53
C ARG A 144 9.41 -2.60 -0.88
N GLN A 145 9.10 -3.88 -1.04
CA GLN A 145 8.77 -4.45 -2.36
C GLN A 145 7.43 -3.91 -2.88
N ILE A 146 6.49 -3.57 -1.98
CA ILE A 146 5.20 -2.99 -2.35
C ILE A 146 5.42 -1.52 -2.80
N ILE A 147 6.19 -0.77 -2.01
CA ILE A 147 6.57 0.63 -2.28
C ILE A 147 7.35 0.77 -3.59
N SER A 148 8.23 -0.19 -3.89
CA SER A 148 9.03 -0.21 -5.12
C SER A 148 8.18 -0.33 -6.40
N HIS A 149 6.93 -0.81 -6.31
CA HIS A 149 6.03 -0.91 -7.46
C HIS A 149 5.66 0.49 -7.97
N TRP A 150 5.03 1.33 -7.14
CA TRP A 150 4.65 2.70 -7.52
C TRP A 150 5.85 3.58 -7.90
N LYS A 151 7.05 3.30 -7.34
CA LYS A 151 8.28 4.04 -7.66
C LYS A 151 8.77 3.79 -9.09
N ASN A 152 8.62 2.57 -9.63
CA ASN A 152 9.05 2.22 -11.00
C ASN A 152 7.92 2.20 -12.06
N CYS A 153 6.69 1.86 -11.69
CA CYS A 153 5.53 1.76 -12.58
C CYS A 153 4.92 3.14 -12.90
N THR A 154 4.61 3.38 -14.18
CA THR A 154 4.05 4.65 -14.71
C THR A 154 2.80 4.50 -15.58
N ARG A 155 2.34 3.26 -15.84
CA ARG A 155 1.16 2.97 -16.68
C ARG A 155 -0.17 3.12 -15.93
N HIS A 156 -1.24 3.48 -16.66
CA HIS A 156 -2.61 3.55 -16.11
C HIS A 156 -3.30 2.18 -16.15
N ASP A 157 -2.95 1.35 -17.14
CA ASP A 157 -3.49 0.01 -17.37
C ASP A 157 -2.55 -1.07 -16.79
N CYS A 158 -2.49 -1.13 -15.45
CA CYS A 158 -1.69 -2.07 -14.66
C CYS A 158 -2.60 -2.81 -13.65
N PRO A 159 -2.49 -4.15 -13.48
CA PRO A 159 -3.33 -4.91 -12.56
C PRO A 159 -3.28 -4.44 -11.09
N VAL A 160 -2.18 -3.81 -10.65
CA VAL A 160 -2.07 -3.25 -9.28
C VAL A 160 -2.51 -1.78 -9.23
N CYS A 161 -1.97 -0.92 -10.12
CA CYS A 161 -2.22 0.52 -10.10
C CYS A 161 -3.65 0.95 -10.51
N LEU A 162 -4.25 0.31 -11.53
CA LEU A 162 -5.59 0.65 -12.03
C LEU A 162 -6.67 0.63 -10.92
N PRO A 163 -6.88 -0.47 -10.16
CA PRO A 163 -7.89 -0.48 -9.10
C PRO A 163 -7.65 0.57 -8.00
N LEU A 164 -6.39 0.93 -7.71
CA LEU A 164 -6.06 1.95 -6.71
C LEU A 164 -6.44 3.36 -7.19
N LYS A 165 -6.14 3.69 -8.45
CA LYS A 165 -6.53 4.98 -9.08
C LYS A 165 -8.05 5.09 -9.21
N ASN A 166 -8.74 3.96 -9.39
CA ASN A 166 -10.20 3.86 -9.46
C ASN A 166 -10.86 3.98 -8.07
N ALA A 167 -10.23 3.42 -7.02
CA ALA A 167 -10.73 3.45 -5.64
C ALA A 167 -10.59 4.81 -4.95
N SER A 168 -9.44 5.49 -5.12
CA SER A 168 -9.17 6.80 -4.52
C SER A 168 -9.71 7.98 -5.34
N ASP A 169 -9.93 9.10 -4.66
CA ASP A 169 -10.36 10.39 -5.21
C ASP A 169 -9.53 11.55 -4.63
N LYS A 170 -8.38 11.25 -4.00
CA LYS A 170 -7.52 12.24 -3.32
C LYS A 170 -6.70 13.16 -4.23
N ARG A 171 -6.60 12.83 -5.52
CA ARG A 171 -5.88 13.60 -6.56
C ARG A 171 -6.48 13.31 -7.95
ZN ZN B . -6.77 1.09 11.44
ZN ZN C . 14.44 -1.45 7.71
ZN ZN D . 1.87 -0.95 -11.75
N GLY A 1 -23.11 29.91 1.62
CA GLY A 1 -22.50 30.74 2.66
C GLY A 1 -20.99 31.01 2.49
N SER A 2 -20.39 30.50 1.40
CA SER A 2 -18.96 30.66 1.07
C SER A 2 -18.73 30.64 -0.44
N HIS A 3 -17.71 31.37 -0.92
CA HIS A 3 -17.31 31.41 -2.34
C HIS A 3 -16.89 30.02 -2.86
N MET A 4 -16.45 29.12 -1.96
CA MET A 4 -16.08 27.73 -2.29
C MET A 4 -17.29 26.91 -2.82
N GLU A 5 -18.52 27.33 -2.50
CA GLU A 5 -19.77 26.69 -2.94
C GLU A 5 -20.32 27.26 -4.26
N GLU A 6 -19.68 28.29 -4.83
CA GLU A 6 -20.09 28.94 -6.08
C GLU A 6 -19.74 28.09 -7.32
N PRO A 7 -20.66 27.88 -8.29
CA PRO A 7 -20.41 27.07 -9.49
C PRO A 7 -19.43 27.77 -10.46
N GLN A 8 -18.18 27.31 -10.46
CA GLN A 8 -17.08 27.81 -11.30
C GLN A 8 -16.31 26.69 -12.04
N SER A 9 -16.74 25.43 -11.92
CA SER A 9 -16.14 24.25 -12.54
C SER A 9 -16.56 24.08 -14.02
N ASP A 10 -15.81 23.28 -14.78
CA ASP A 10 -16.07 22.94 -16.19
C ASP A 10 -15.86 21.44 -16.46
N PRO A 11 -16.58 20.83 -17.42
CA PRO A 11 -16.44 19.40 -17.75
C PRO A 11 -15.12 19.07 -18.47
N SER A 12 -14.43 20.08 -19.02
CA SER A 12 -13.16 19.95 -19.76
C SER A 12 -11.91 19.79 -18.87
N VAL A 13 -12.05 19.78 -17.54
CA VAL A 13 -10.95 19.65 -16.57
C VAL A 13 -11.30 18.70 -15.42
N GLU A 14 -10.30 18.01 -14.89
CA GLU A 14 -10.40 17.08 -13.74
C GLU A 14 -9.08 16.98 -12.96
N PRO A 15 -9.09 16.55 -11.68
CA PRO A 15 -7.91 16.40 -10.83
C PRO A 15 -7.46 14.90 -10.70
N PRO A 16 -6.78 14.30 -11.69
CA PRO A 16 -6.36 12.90 -11.62
C PRO A 16 -5.23 12.64 -10.60
N LEU A 17 -5.14 11.40 -10.13
CA LEU A 17 -4.11 10.92 -9.22
C LEU A 17 -2.73 10.88 -9.94
N SER A 18 -1.66 11.31 -9.26
CA SER A 18 -0.30 11.29 -9.80
C SER A 18 0.46 10.01 -9.41
N GLN A 19 1.40 9.57 -10.27
CA GLN A 19 2.22 8.38 -10.02
C GLN A 19 3.10 8.50 -8.76
N GLU A 20 3.45 9.72 -8.35
CA GLU A 20 4.26 9.99 -7.15
C GLU A 20 3.44 10.13 -5.86
N THR A 21 2.10 10.22 -5.94
CA THR A 21 1.21 10.36 -4.77
C THR A 21 1.36 9.16 -3.84
N PHE A 22 1.10 7.94 -4.33
CA PHE A 22 1.28 6.70 -3.57
C PHE A 22 2.73 6.49 -3.11
N SER A 23 3.73 7.03 -3.81
CA SER A 23 5.15 6.93 -3.45
C SER A 23 5.54 7.83 -2.27
N ASP A 24 4.88 8.99 -2.09
CA ASP A 24 5.07 9.89 -0.94
C ASP A 24 4.13 9.57 0.24
N LEU A 25 2.95 9.02 -0.06
CA LEU A 25 1.87 8.68 0.86
C LEU A 25 2.34 8.01 2.15
N TRP A 26 2.99 6.86 2.04
CA TRP A 26 3.37 6.01 3.17
C TRP A 26 4.47 6.60 4.09
N LYS A 27 5.10 7.71 3.67
CA LYS A 27 6.20 8.35 4.40
C LYS A 27 5.89 9.73 5.00
N LEU A 28 5.46 10.70 4.19
CA LEU A 28 5.31 12.11 4.59
C LEU A 28 3.88 12.72 4.49
N LEU A 29 2.85 11.89 4.31
CA LEU A 29 1.43 12.28 4.21
C LEU A 29 0.94 13.17 5.38
N PRO A 30 0.16 14.24 5.11
CA PRO A 30 -0.34 15.17 6.12
C PRO A 30 -1.55 14.64 6.93
N GLU A 31 -1.85 15.32 8.03
CA GLU A 31 -2.95 14.97 8.96
C GLU A 31 -4.36 15.11 8.36
N ASN A 32 -4.53 15.92 7.30
CA ASN A 32 -5.82 16.21 6.67
C ASN A 32 -6.28 15.22 5.56
N ASN A 33 -5.65 14.06 5.41
CA ASN A 33 -6.01 13.08 4.38
C ASN A 33 -7.37 12.39 4.67
N VAL A 34 -8.16 12.10 3.62
CA VAL A 34 -9.51 11.48 3.73
C VAL A 34 -9.71 10.28 2.77
N LEU A 35 -8.63 9.69 2.24
CA LEU A 35 -8.69 8.56 1.30
C LEU A 35 -8.85 7.19 2.00
N SER A 36 -8.62 7.12 3.31
CA SER A 36 -8.64 5.88 4.11
C SER A 36 -9.97 5.09 4.07
N PRO A 37 -9.94 3.77 3.78
CA PRO A 37 -11.14 2.93 3.82
C PRO A 37 -11.52 2.64 5.28
N LEU A 38 -12.83 2.60 5.57
CA LEU A 38 -13.34 2.31 6.92
C LEU A 38 -13.07 0.84 7.34
N PRO A 39 -13.05 0.51 8.64
CA PRO A 39 -12.85 -0.88 9.11
C PRO A 39 -13.84 -1.90 8.52
N SER A 40 -15.05 -1.46 8.17
CA SER A 40 -16.10 -2.26 7.52
C SER A 40 -15.87 -2.46 6.01
N GLN A 41 -15.06 -1.59 5.39
CA GLN A 41 -14.67 -1.61 3.97
C GLN A 41 -13.32 -2.32 3.76
N ALA A 42 -12.45 -2.33 4.78
CA ALA A 42 -11.13 -2.94 4.75
C ALA A 42 -11.19 -4.46 4.46
N MET A 43 -10.26 -4.94 3.64
CA MET A 43 -10.16 -6.33 3.18
C MET A 43 -9.45 -7.27 4.18
N ASP A 44 -9.87 -7.22 5.46
CA ASP A 44 -9.33 -8.06 6.53
C ASP A 44 -9.81 -9.53 6.43
N ASP A 45 -10.90 -9.80 5.71
CA ASP A 45 -11.40 -11.16 5.47
C ASP A 45 -10.47 -11.99 4.55
N LEU A 46 -9.55 -11.31 3.87
CA LEU A 46 -8.55 -11.85 2.94
C LEU A 46 -7.10 -11.57 3.42
N MET A 47 -6.91 -11.21 4.70
CA MET A 47 -5.58 -10.84 5.22
C MET A 47 -4.53 -11.95 5.28
N LEU A 48 -3.31 -11.55 4.94
CA LEU A 48 -2.08 -12.34 4.87
C LEU A 48 -0.96 -11.72 5.75
N SER A 49 -0.16 -12.55 6.41
CA SER A 49 0.95 -12.12 7.28
C SER A 49 2.08 -11.43 6.49
N PRO A 50 2.74 -10.37 7.03
CA PRO A 50 3.82 -9.67 6.31
C PRO A 50 5.01 -10.55 5.89
N ASP A 51 5.22 -11.71 6.52
CA ASP A 51 6.28 -12.66 6.15
C ASP A 51 5.92 -13.46 4.87
N ASP A 52 4.63 -13.60 4.57
CA ASP A 52 4.07 -14.27 3.39
C ASP A 52 4.01 -13.34 2.16
N ILE A 53 4.27 -12.02 2.31
CA ILE A 53 4.36 -11.07 1.19
C ILE A 53 5.43 -11.55 0.18
N GLU A 54 6.47 -12.23 0.69
CA GLU A 54 7.55 -12.83 -0.11
C GLU A 54 7.09 -14.01 -1.00
N GLN A 55 5.85 -14.49 -0.81
CA GLN A 55 5.25 -15.58 -1.59
C GLN A 55 4.69 -15.06 -2.94
N TRP A 56 4.34 -13.76 -3.03
CA TRP A 56 3.84 -13.11 -4.25
C TRP A 56 4.87 -12.16 -4.90
N PHE A 57 5.79 -11.56 -4.13
CA PHE A 57 6.94 -10.81 -4.66
C PHE A 57 8.17 -11.62 -4.22
N THR A 58 8.85 -12.28 -5.17
CA THR A 58 9.91 -13.26 -4.88
C THR A 58 11.29 -12.67 -4.60
N GLU A 59 11.99 -13.25 -3.63
CA GLU A 59 13.37 -12.94 -3.22
C GLU A 59 14.31 -14.14 -3.51
N ASP A 60 15.60 -14.03 -3.20
CA ASP A 60 16.56 -15.14 -3.39
C ASP A 60 16.19 -16.34 -2.48
N PRO A 61 16.02 -17.57 -3.03
CA PRO A 61 15.59 -18.74 -2.26
C PRO A 61 16.67 -19.37 -1.35
N GLY A 62 17.95 -19.09 -1.59
CA GLY A 62 19.06 -19.67 -0.81
C GLY A 62 19.14 -21.21 -0.91
N PRO A 63 19.81 -21.88 0.04
CA PRO A 63 19.97 -23.33 0.05
C PRO A 63 18.74 -24.11 0.56
N ASP A 64 17.74 -23.45 1.15
CA ASP A 64 16.54 -24.07 1.74
C ASP A 64 15.22 -23.82 0.97
N GLY A 65 15.19 -22.86 0.04
CA GLY A 65 13.99 -22.47 -0.74
C GLY A 65 13.56 -23.45 -1.85
N SER A 66 13.69 -24.75 -1.64
CA SER A 66 13.25 -25.79 -2.58
C SER A 66 11.71 -25.81 -2.60
N CYS A 67 11.13 -25.35 -3.71
CA CYS A 67 9.68 -25.20 -3.88
C CYS A 67 8.90 -26.52 -4.03
N PHE A 68 7.60 -26.45 -3.74
CA PHE A 68 6.64 -27.56 -3.74
C PHE A 68 5.22 -27.05 -4.05
N ASN A 69 4.30 -27.93 -4.47
CA ASN A 69 2.93 -27.58 -4.85
C ASN A 69 2.14 -26.85 -3.75
N GLY A 70 2.46 -27.09 -2.48
CA GLY A 70 1.84 -26.43 -1.32
C GLY A 70 2.16 -24.94 -1.18
N THR A 71 3.24 -24.45 -1.80
CA THR A 71 3.63 -23.03 -1.85
C THR A 71 3.44 -22.45 -3.26
N ALA A 72 3.78 -23.23 -4.29
CA ALA A 72 3.59 -22.89 -5.71
C ALA A 72 2.19 -23.32 -6.19
N THR A 73 1.15 -22.91 -5.47
CA THR A 73 -0.27 -23.19 -5.79
C THR A 73 -0.71 -22.54 -7.11
N GLY A 74 -0.03 -21.47 -7.51
CA GLY A 74 -0.20 -20.70 -8.74
C GLY A 74 0.93 -19.66 -8.87
N PRO A 75 1.40 -19.31 -10.07
CA PRO A 75 2.48 -18.33 -10.27
C PRO A 75 2.15 -16.93 -9.72
N THR A 76 3.17 -16.07 -9.59
CA THR A 76 3.03 -14.69 -9.09
C THR A 76 2.03 -13.83 -9.88
N ALA A 77 1.80 -14.18 -11.15
CA ALA A 77 0.85 -13.52 -12.05
C ALA A 77 -0.61 -14.02 -11.93
N ASP A 78 -0.88 -15.02 -11.09
CA ASP A 78 -2.22 -15.63 -10.90
C ASP A 78 -3.19 -14.72 -10.11
N PRO A 79 -4.50 -14.66 -10.47
CA PRO A 79 -5.50 -13.86 -9.76
C PRO A 79 -5.54 -14.06 -8.23
N GLU A 80 -5.30 -15.28 -7.74
CA GLU A 80 -5.27 -15.60 -6.31
C GLU A 80 -4.12 -14.93 -5.55
N LYS A 81 -3.02 -14.58 -6.25
CA LYS A 81 -1.90 -13.81 -5.70
C LYS A 81 -2.11 -12.31 -5.92
N ARG A 82 -2.66 -11.88 -7.07
CA ARG A 82 -3.00 -10.47 -7.34
C ARG A 82 -3.90 -9.87 -6.27
N LYS A 83 -4.96 -10.59 -5.86
CA LYS A 83 -5.87 -10.14 -4.79
C LYS A 83 -5.17 -9.99 -3.43
N LEU A 84 -4.13 -10.77 -3.16
CA LEU A 84 -3.32 -10.65 -1.94
C LEU A 84 -2.45 -9.38 -1.98
N ILE A 85 -1.90 -9.02 -3.15
CA ILE A 85 -1.14 -7.76 -3.31
C ILE A 85 -2.08 -6.58 -3.10
N GLN A 86 -3.19 -6.55 -3.83
CA GLN A 86 -4.21 -5.50 -3.74
C GLN A 86 -4.68 -5.29 -2.29
N GLN A 87 -5.09 -6.35 -1.57
CA GLN A 87 -5.57 -6.21 -0.20
C GLN A 87 -4.48 -5.76 0.79
N GLN A 88 -3.22 -6.20 0.61
CA GLN A 88 -2.13 -5.79 1.48
C GLN A 88 -1.77 -4.32 1.23
N LEU A 89 -1.59 -3.92 -0.03
CA LEU A 89 -1.28 -2.55 -0.44
C LEU A 89 -2.36 -1.57 0.03
N VAL A 90 -3.65 -1.88 -0.12
CA VAL A 90 -4.74 -1.01 0.38
C VAL A 90 -4.63 -0.80 1.91
N LEU A 91 -4.16 -1.78 2.69
CA LEU A 91 -3.96 -1.58 4.13
C LEU A 91 -2.72 -0.71 4.46
N LEU A 92 -1.71 -0.62 3.58
CA LEU A 92 -0.59 0.33 3.77
C LEU A 92 -1.15 1.77 3.72
N LEU A 93 -2.22 2.01 2.95
CA LEU A 93 -2.91 3.30 2.87
C LEU A 93 -3.65 3.56 4.18
N HIS A 94 -4.49 2.61 4.62
CA HIS A 94 -5.23 2.72 5.87
C HIS A 94 -4.28 2.98 7.05
N ALA A 95 -3.28 2.12 7.27
CA ALA A 95 -2.33 2.22 8.36
C ALA A 95 -1.55 3.56 8.44
N HIS A 96 -1.35 4.27 7.32
CA HIS A 96 -0.67 5.58 7.34
C HIS A 96 -1.64 6.74 7.59
N LYS A 97 -2.92 6.58 7.24
CA LYS A 97 -4.00 7.57 7.39
C LYS A 97 -4.73 7.45 8.74
N CYS A 98 -4.91 6.24 9.26
CA CYS A 98 -5.54 5.92 10.54
C CYS A 98 -4.75 6.51 11.72
N GLN A 99 -3.42 6.35 11.74
CA GLN A 99 -2.57 6.93 12.79
C GLN A 99 -2.70 8.47 12.91
N ARG A 100 -3.14 9.16 11.84
CA ARG A 100 -3.40 10.62 11.83
C ARG A 100 -4.61 11.01 12.68
N ARG A 101 -5.61 10.12 12.83
CA ARG A 101 -6.83 10.40 13.60
C ARG A 101 -6.55 10.63 15.09
N GLU A 102 -5.58 9.91 15.65
CA GLU A 102 -5.14 10.05 17.05
C GLU A 102 -4.08 11.16 17.18
N GLN A 103 -3.17 11.29 16.20
CA GLN A 103 -2.14 12.34 16.21
C GLN A 103 -2.74 13.75 16.12
N ALA A 104 -3.86 13.92 15.41
CA ALA A 104 -4.57 15.19 15.25
C ALA A 104 -5.62 15.47 16.35
N ASN A 105 -6.04 14.46 17.12
CA ASN A 105 -7.07 14.59 18.17
C ASN A 105 -6.80 13.65 19.37
N GLY A 106 -6.50 14.23 20.54
CA GLY A 106 -6.24 13.49 21.78
C GLY A 106 -7.47 12.89 22.48
N GLU A 107 -8.69 13.20 22.02
CA GLU A 107 -9.95 12.69 22.60
C GLU A 107 -10.42 11.35 21.97
N VAL A 108 -9.67 10.83 21.00
CA VAL A 108 -9.92 9.55 20.30
C VAL A 108 -8.66 8.68 20.24
N ARG A 109 -8.82 7.40 19.88
CA ARG A 109 -7.73 6.40 19.77
C ARG A 109 -7.74 5.67 18.43
N ALA A 110 -6.59 5.18 18.00
CA ALA A 110 -6.40 4.44 16.75
C ALA A 110 -6.86 2.96 16.86
N CYS A 111 -6.89 2.25 15.74
CA CYS A 111 -7.31 0.86 15.60
C CYS A 111 -6.65 -0.16 16.56
N SER A 112 -7.46 -1.17 16.90
CA SER A 112 -7.07 -2.38 17.65
C SER A 112 -6.82 -3.56 16.69
N LEU A 113 -7.14 -3.38 15.40
CA LEU A 113 -6.98 -4.32 14.28
C LEU A 113 -5.49 -4.72 14.16
N PRO A 114 -5.11 -5.99 14.40
CA PRO A 114 -3.70 -6.43 14.39
C PRO A 114 -2.91 -6.07 13.13
N HIS A 115 -3.52 -6.17 11.94
CA HIS A 115 -2.85 -5.83 10.66
C HIS A 115 -2.61 -4.32 10.50
N CYS A 116 -3.52 -3.48 11.00
CA CYS A 116 -3.39 -2.02 11.01
C CYS A 116 -2.26 -1.62 11.97
N ARG A 117 -2.32 -2.14 13.21
CA ARG A 117 -1.30 -1.97 14.26
C ARG A 117 0.08 -2.43 13.77
N THR A 118 0.13 -3.49 12.97
CA THR A 118 1.36 -4.03 12.35
C THR A 118 1.90 -3.07 11.28
N MET A 119 1.11 -2.73 10.26
CA MET A 119 1.56 -1.85 9.17
C MET A 119 1.91 -0.43 9.64
N LYS A 120 1.21 0.17 10.61
CA LYS A 120 1.55 1.53 11.09
C LYS A 120 2.93 1.58 11.75
N ASN A 121 3.36 0.48 12.40
CA ASN A 121 4.70 0.37 12.98
C ASN A 121 5.75 0.18 11.86
N VAL A 122 5.45 -0.64 10.84
CA VAL A 122 6.33 -0.84 9.68
C VAL A 122 6.57 0.47 8.94
N LEU A 123 5.51 1.24 8.64
CA LEU A 123 5.59 2.52 7.93
C LEU A 123 6.43 3.55 8.69
N ASN A 124 6.24 3.68 10.01
CA ASN A 124 7.03 4.59 10.85
C ASN A 124 8.53 4.20 10.87
N HIS A 125 8.84 2.90 10.80
CA HIS A 125 10.23 2.43 10.71
C HIS A 125 10.79 2.65 9.29
N MET A 126 10.05 2.23 8.25
CA MET A 126 10.46 2.29 6.84
C MET A 126 10.82 3.70 6.34
N THR A 127 10.21 4.78 6.86
CA THR A 127 10.59 6.16 6.47
C THR A 127 11.90 6.63 7.15
N HIS A 128 12.35 5.92 8.20
CA HIS A 128 13.62 6.16 8.91
C HIS A 128 14.73 5.20 8.46
N CYS A 129 14.36 3.99 8.02
CA CYS A 129 15.23 2.94 7.52
C CYS A 129 16.03 3.37 6.26
N GLN A 130 17.20 2.77 6.08
CA GLN A 130 18.14 3.03 4.98
C GLN A 130 18.57 1.77 4.21
N ALA A 131 18.27 0.57 4.70
CA ALA A 131 18.62 -0.70 4.05
C ALA A 131 17.52 -1.22 3.11
N GLY A 132 16.26 -0.83 3.35
CA GLY A 132 15.11 -1.24 2.53
C GLY A 132 14.98 -2.77 2.41
N LYS A 133 15.12 -3.30 1.18
CA LYS A 133 15.09 -4.75 0.91
C LYS A 133 16.20 -5.53 1.65
N ALA A 134 17.28 -4.86 2.06
CA ALA A 134 18.39 -5.44 2.83
C ALA A 134 18.21 -5.34 4.36
N CYS A 135 17.12 -4.73 4.84
CA CYS A 135 16.81 -4.61 6.26
C CYS A 135 16.56 -6.01 6.86
N GLN A 136 17.04 -6.22 8.08
CA GLN A 136 16.97 -7.50 8.77
C GLN A 136 15.60 -7.78 9.43
N VAL A 137 14.68 -6.81 9.39
CA VAL A 137 13.28 -6.95 9.82
C VAL A 137 12.48 -7.42 8.60
N ALA A 138 11.96 -8.65 8.64
CA ALA A 138 11.23 -9.25 7.53
C ALA A 138 10.07 -8.39 7.00
N HIS A 139 9.31 -7.75 7.90
CA HIS A 139 8.15 -6.90 7.57
C HIS A 139 8.54 -5.60 6.84
N CYS A 140 9.73 -5.06 7.12
CA CYS A 140 10.29 -3.86 6.49
C CYS A 140 10.73 -4.20 5.05
N ALA A 141 11.60 -5.21 4.93
CA ALA A 141 12.12 -5.69 3.65
C ALA A 141 11.03 -6.21 2.69
N SER A 142 9.88 -6.68 3.20
CA SER A 142 8.75 -7.10 2.37
C SER A 142 7.90 -5.92 1.91
N SER A 143 7.51 -5.02 2.82
CA SER A 143 6.71 -3.82 2.50
C SER A 143 7.44 -2.90 1.51
N ARG A 144 8.77 -2.81 1.58
CA ARG A 144 9.57 -1.99 0.66
C ARG A 144 9.44 -2.44 -0.80
N GLN A 145 9.20 -3.73 -1.06
CA GLN A 145 8.98 -4.26 -2.42
C GLN A 145 7.64 -3.79 -2.98
N ILE A 146 6.63 -3.62 -2.12
CA ILE A 146 5.31 -3.10 -2.47
C ILE A 146 5.42 -1.61 -2.83
N ILE A 147 6.18 -0.85 -2.05
CA ILE A 147 6.50 0.56 -2.31
C ILE A 147 7.29 0.71 -3.62
N SER A 148 8.21 -0.23 -3.89
CA SER A 148 9.01 -0.25 -5.13
C SER A 148 8.15 -0.42 -6.39
N HIS A 149 6.97 -1.06 -6.29
CA HIS A 149 6.07 -1.23 -7.45
C HIS A 149 5.63 0.13 -8.01
N TRP A 150 5.04 1.00 -7.19
CA TRP A 150 4.61 2.35 -7.62
C TRP A 150 5.77 3.24 -8.10
N LYS A 151 6.98 3.02 -7.56
CA LYS A 151 8.19 3.76 -7.94
C LYS A 151 8.73 3.35 -9.32
N ASN A 152 8.48 2.10 -9.76
CA ASN A 152 8.91 1.58 -11.06
C ASN A 152 7.80 1.56 -12.15
N CYS A 153 6.55 1.23 -11.77
CA CYS A 153 5.41 1.10 -12.67
C CYS A 153 4.83 2.46 -13.13
N THR A 154 4.55 2.58 -14.42
CA THR A 154 4.02 3.81 -15.07
C THR A 154 2.78 3.57 -15.96
N ARG A 155 2.31 2.32 -16.09
CA ARG A 155 1.15 1.93 -16.93
C ARG A 155 -0.20 2.17 -16.24
N HIS A 156 -1.25 2.37 -17.04
CA HIS A 156 -2.64 2.51 -16.56
C HIS A 156 -3.31 1.15 -16.42
N ASP A 157 -3.07 0.24 -17.37
CA ASP A 157 -3.61 -1.12 -17.42
C ASP A 157 -2.68 -2.13 -16.73
N CYS A 158 -2.57 -2.04 -15.40
CA CYS A 158 -1.78 -2.90 -14.53
C CYS A 158 -2.71 -3.57 -13.49
N PRO A 159 -2.62 -4.91 -13.25
CA PRO A 159 -3.52 -5.60 -12.32
C PRO A 159 -3.45 -5.08 -10.88
N VAL A 160 -2.34 -4.46 -10.44
CA VAL A 160 -2.24 -3.86 -9.10
C VAL A 160 -2.63 -2.37 -9.12
N CYS A 161 -2.08 -1.57 -10.02
CA CYS A 161 -2.32 -0.13 -10.07
C CYS A 161 -3.73 0.29 -10.52
N LEU A 162 -4.35 -0.40 -11.49
CA LEU A 162 -5.68 -0.06 -12.02
C LEU A 162 -6.76 0.03 -10.91
N PRO A 163 -7.01 -1.01 -10.07
CA PRO A 163 -8.00 -0.92 -9.01
C PRO A 163 -7.69 0.17 -7.97
N LEU A 164 -6.42 0.49 -7.72
CA LEU A 164 -6.02 1.55 -6.79
C LEU A 164 -6.33 2.95 -7.34
N LYS A 165 -6.01 3.21 -8.60
CA LYS A 165 -6.33 4.48 -9.29
C LYS A 165 -7.85 4.68 -9.40
N ASN A 166 -8.60 3.58 -9.52
CA ASN A 166 -10.06 3.56 -9.55
C ASN A 166 -10.68 3.80 -8.15
N ALA A 167 -10.10 3.24 -7.09
CA ALA A 167 -10.57 3.37 -5.70
C ALA A 167 -10.15 4.69 -5.01
N SER A 168 -9.13 5.39 -5.53
CA SER A 168 -8.60 6.64 -4.98
C SER A 168 -9.65 7.75 -4.86
N ASP A 169 -9.60 8.46 -3.73
CA ASP A 169 -10.47 9.60 -3.41
C ASP A 169 -9.98 10.93 -4.03
N LYS A 170 -8.75 10.98 -4.57
CA LYS A 170 -8.18 12.20 -5.17
C LYS A 170 -8.86 12.62 -6.47
N ARG A 171 -9.35 11.64 -7.25
CA ARG A 171 -10.03 11.81 -8.55
C ARG A 171 -11.56 11.72 -8.40
ZN ZN B . -6.70 1.60 11.49
ZN ZN C . 14.07 -1.39 7.97
ZN ZN D . 1.76 -1.57 -11.64
N GLY A 1 -12.14 32.60 -28.22
CA GLY A 1 -12.66 31.39 -28.86
C GLY A 1 -14.08 30.99 -28.43
N SER A 2 -14.64 31.65 -27.40
CA SER A 2 -16.00 31.39 -26.89
C SER A 2 -17.12 31.63 -27.93
N HIS A 3 -16.81 32.37 -29.00
CA HIS A 3 -17.71 32.67 -30.13
C HIS A 3 -17.81 31.52 -31.16
N MET A 4 -16.96 30.50 -31.08
CA MET A 4 -16.95 29.35 -31.99
C MET A 4 -18.12 28.37 -31.73
N GLU A 5 -18.53 27.64 -32.76
CA GLU A 5 -19.60 26.63 -32.68
C GLU A 5 -19.15 25.28 -32.08
N GLU A 6 -17.83 25.05 -31.99
CA GLU A 6 -17.21 23.84 -31.43
C GLU A 6 -16.87 24.04 -29.94
N PRO A 7 -17.13 23.06 -29.05
CA PRO A 7 -16.83 23.16 -27.61
C PRO A 7 -15.36 23.53 -27.32
N GLN A 8 -15.15 24.51 -26.45
CA GLN A 8 -13.84 25.03 -26.05
C GLN A 8 -13.23 24.21 -24.90
N SER A 9 -13.13 22.89 -25.08
CA SER A 9 -12.60 21.92 -24.12
C SER A 9 -11.08 22.08 -23.85
N ASP A 10 -10.59 21.51 -22.76
CA ASP A 10 -9.18 21.57 -22.37
C ASP A 10 -8.24 20.87 -23.39
N PRO A 11 -7.03 21.39 -23.64
CA PRO A 11 -6.08 20.82 -24.61
C PRO A 11 -5.40 19.53 -24.13
N SER A 12 -5.38 19.26 -22.82
CA SER A 12 -4.80 18.08 -22.18
C SER A 12 -5.44 17.85 -20.80
N VAL A 13 -5.70 16.58 -20.47
CA VAL A 13 -6.29 16.11 -19.20
C VAL A 13 -5.59 14.85 -18.70
N GLU A 14 -5.64 14.61 -17.38
CA GLU A 14 -5.03 13.45 -16.71
C GLU A 14 -6.02 12.80 -15.72
N PRO A 15 -6.96 11.96 -16.20
CA PRO A 15 -7.99 11.32 -15.35
C PRO A 15 -7.45 10.47 -14.16
N PRO A 16 -6.44 9.59 -14.30
CA PRO A 16 -5.93 8.79 -13.17
C PRO A 16 -5.06 9.61 -12.21
N LEU A 17 -4.98 9.17 -10.95
CA LEU A 17 -4.16 9.77 -9.91
C LEU A 17 -2.65 9.77 -10.27
N SER A 18 -1.95 10.83 -9.90
CA SER A 18 -0.50 11.00 -10.10
C SER A 18 0.28 10.08 -9.15
N GLN A 19 1.21 9.28 -9.67
CA GLN A 19 1.99 8.30 -8.88
C GLN A 19 2.80 8.89 -7.72
N GLU A 20 3.13 10.18 -7.76
CA GLU A 20 3.81 10.87 -6.66
C GLU A 20 2.96 10.88 -5.37
N THR A 21 1.64 10.72 -5.48
CA THR A 21 0.71 10.69 -4.34
C THR A 21 0.94 9.44 -3.50
N PHE A 22 0.79 8.23 -4.07
CA PHE A 22 1.10 6.96 -3.40
C PHE A 22 2.58 6.88 -2.97
N SER A 23 3.50 7.51 -3.71
CA SER A 23 4.93 7.52 -3.39
C SER A 23 5.27 8.33 -2.14
N ASP A 24 4.54 9.42 -1.85
CA ASP A 24 4.73 10.24 -0.65
C ASP A 24 3.86 9.77 0.54
N LEU A 25 2.70 9.18 0.25
CA LEU A 25 1.69 8.67 1.18
C LEU A 25 2.29 7.93 2.39
N TRP A 26 3.06 6.89 2.12
CA TRP A 26 3.59 6.00 3.16
C TRP A 26 4.70 6.62 4.03
N LYS A 27 5.25 7.79 3.67
CA LYS A 27 6.33 8.45 4.41
C LYS A 27 5.97 9.76 5.11
N LEU A 28 5.52 10.78 4.38
CA LEU A 28 5.31 12.16 4.88
C LEU A 28 3.87 12.72 4.78
N LEU A 29 2.87 11.85 4.64
CA LEU A 29 1.44 12.20 4.49
C LEU A 29 0.89 13.17 5.56
N PRO A 30 0.03 14.14 5.19
CA PRO A 30 -0.55 15.13 6.11
C PRO A 30 -1.54 14.53 7.11
N GLU A 31 -1.79 15.24 8.22
CA GLU A 31 -2.67 14.81 9.32
C GLU A 31 -4.17 14.62 8.97
N ASN A 32 -4.59 15.04 7.77
CA ASN A 32 -5.97 14.90 7.26
C ASN A 32 -5.95 14.24 5.87
N ASN A 33 -6.83 13.27 5.62
CA ASN A 33 -6.93 12.54 4.35
C ASN A 33 -8.36 12.05 4.04
N VAL A 34 -8.60 11.65 2.78
CA VAL A 34 -9.90 11.15 2.27
C VAL A 34 -9.85 9.74 1.68
N LEU A 35 -8.66 9.23 1.35
CA LEU A 35 -8.44 7.90 0.76
C LEU A 35 -8.60 6.74 1.78
N SER A 36 -8.72 7.07 3.07
CA SER A 36 -8.85 6.17 4.22
C SER A 36 -9.90 5.04 4.04
N PRO A 37 -9.49 3.77 3.85
CA PRO A 37 -10.41 2.63 3.72
C PRO A 37 -11.26 2.44 4.98
N LEU A 38 -12.59 2.42 4.82
CA LEU A 38 -13.58 2.32 5.91
C LEU A 38 -13.62 0.90 6.52
N PRO A 39 -13.51 0.72 7.86
CA PRO A 39 -13.58 -0.59 8.51
C PRO A 39 -14.85 -1.40 8.19
N SER A 40 -15.99 -0.73 8.01
CA SER A 40 -17.29 -1.35 7.66
C SER A 40 -17.32 -1.98 6.25
N GLN A 41 -16.31 -1.68 5.42
CA GLN A 41 -16.14 -2.19 4.05
C GLN A 41 -14.73 -2.82 3.86
N ALA A 42 -14.08 -3.24 4.94
CA ALA A 42 -12.74 -3.83 4.93
C ALA A 42 -12.64 -5.21 4.24
N MET A 43 -11.42 -5.55 3.84
CA MET A 43 -11.02 -6.79 3.16
C MET A 43 -10.15 -7.71 4.05
N ASP A 44 -10.38 -7.67 5.37
CA ASP A 44 -9.63 -8.44 6.37
C ASP A 44 -9.71 -9.98 6.16
N ASP A 45 -10.73 -10.47 5.46
CA ASP A 45 -10.88 -11.89 5.10
C ASP A 45 -9.73 -12.40 4.20
N LEU A 46 -9.02 -11.49 3.52
CA LEU A 46 -7.87 -11.79 2.64
C LEU A 46 -6.51 -11.39 3.26
N MET A 47 -6.47 -10.82 4.48
CA MET A 47 -5.22 -10.38 5.11
C MET A 47 -4.26 -11.53 5.46
N LEU A 48 -2.96 -11.21 5.41
CA LEU A 48 -1.85 -12.13 5.69
C LEU A 48 -0.93 -11.59 6.79
N SER A 49 0.07 -12.38 7.18
CA SER A 49 1.16 -11.95 8.05
C SER A 49 2.18 -11.14 7.22
N PRO A 50 2.91 -10.17 7.81
CA PRO A 50 3.89 -9.36 7.08
C PRO A 50 5.07 -10.13 6.46
N ASP A 51 5.26 -11.40 6.83
CA ASP A 51 6.32 -12.27 6.28
C ASP A 51 5.82 -13.15 5.11
N ASP A 52 4.51 -13.35 4.97
CA ASP A 52 3.90 -14.12 3.87
C ASP A 52 3.82 -13.31 2.56
N ILE A 53 4.09 -12.00 2.62
CA ILE A 53 4.17 -11.07 1.48
C ILE A 53 5.18 -11.59 0.42
N GLU A 54 6.22 -12.28 0.87
CA GLU A 54 7.26 -12.91 0.02
C GLU A 54 6.73 -14.06 -0.85
N GLN A 55 5.49 -14.53 -0.63
CA GLN A 55 4.85 -15.57 -1.43
C GLN A 55 4.36 -15.04 -2.77
N TRP A 56 3.91 -13.77 -2.84
CA TRP A 56 3.45 -13.12 -4.07
C TRP A 56 4.52 -12.24 -4.72
N PHE A 57 5.37 -11.53 -3.97
CA PHE A 57 6.54 -10.86 -4.55
C PHE A 57 7.73 -11.78 -4.26
N THR A 58 8.26 -12.42 -5.30
CA THR A 58 9.29 -13.46 -5.18
C THR A 58 10.72 -12.93 -5.34
N GLU A 59 11.63 -13.42 -4.49
CA GLU A 59 13.07 -13.12 -4.49
C GLU A 59 13.90 -14.40 -4.70
N ASP A 60 15.21 -14.28 -4.95
CA ASP A 60 16.10 -15.44 -5.15
C ASP A 60 16.19 -16.32 -3.87
N PRO A 61 16.02 -17.65 -3.97
CA PRO A 61 16.02 -18.55 -2.82
C PRO A 61 17.41 -18.90 -2.25
N GLY A 62 18.50 -18.45 -2.88
CA GLY A 62 19.88 -18.71 -2.45
C GLY A 62 20.45 -20.03 -3.01
N PRO A 63 21.38 -20.70 -2.29
CA PRO A 63 22.06 -21.92 -2.72
C PRO A 63 21.20 -23.21 -2.64
N ASP A 64 19.95 -23.12 -2.18
CA ASP A 64 19.01 -24.25 -2.04
C ASP A 64 17.63 -23.93 -2.63
N GLY A 65 16.89 -24.96 -3.07
CA GLY A 65 15.55 -24.86 -3.65
C GLY A 65 14.43 -24.63 -2.62
N SER A 66 14.57 -23.59 -1.80
CA SER A 66 13.59 -23.22 -0.74
C SER A 66 12.20 -22.87 -1.31
N CYS A 67 12.16 -22.37 -2.55
CA CYS A 67 10.97 -22.01 -3.31
C CYS A 67 10.92 -22.78 -4.66
N PHE A 68 9.71 -23.10 -5.13
CA PHE A 68 9.46 -23.86 -6.36
C PHE A 68 8.08 -23.50 -6.97
N ASN A 69 7.75 -24.03 -8.15
CA ASN A 69 6.48 -23.75 -8.85
C ASN A 69 5.20 -24.00 -8.01
N GLY A 70 5.25 -24.93 -7.05
CA GLY A 70 4.16 -25.24 -6.12
C GLY A 70 3.92 -24.18 -5.03
N THR A 71 4.94 -23.38 -4.69
CA THR A 71 4.87 -22.28 -3.70
C THR A 71 4.82 -20.91 -4.37
N ALA A 72 5.46 -20.76 -5.52
CA ALA A 72 5.53 -19.56 -6.35
C ALA A 72 4.98 -19.85 -7.76
N THR A 73 3.66 -19.68 -7.93
CA THR A 73 2.91 -19.99 -9.17
C THR A 73 3.22 -19.05 -10.34
N GLY A 74 2.80 -17.78 -10.26
CA GLY A 74 2.99 -16.77 -11.31
C GLY A 74 2.31 -15.44 -10.96
N PRO A 75 3.02 -14.47 -10.33
CA PRO A 75 2.45 -13.19 -9.89
C PRO A 75 1.78 -12.34 -10.99
N THR A 76 2.18 -12.53 -12.25
CA THR A 76 1.65 -11.81 -13.42
C THR A 76 0.32 -12.35 -13.95
N ALA A 77 -0.12 -13.55 -13.53
CA ALA A 77 -1.36 -14.18 -14.02
C ALA A 77 -2.24 -14.84 -12.94
N ASP A 78 -1.69 -15.24 -11.79
CA ASP A 78 -2.44 -15.90 -10.72
C ASP A 78 -3.44 -14.91 -10.06
N PRO A 79 -4.77 -15.16 -10.12
CA PRO A 79 -5.78 -14.24 -9.59
C PRO A 79 -5.68 -14.03 -8.07
N GLU A 80 -5.37 -15.08 -7.31
CA GLU A 80 -5.25 -15.00 -5.85
C GLU A 80 -4.06 -14.12 -5.45
N LYS A 81 -2.89 -14.31 -6.09
CA LYS A 81 -1.71 -13.45 -5.84
C LYS A 81 -2.05 -11.99 -6.09
N ARG A 82 -2.66 -11.67 -7.25
CA ARG A 82 -3.08 -10.30 -7.60
C ARG A 82 -4.02 -9.70 -6.57
N LYS A 83 -5.03 -10.44 -6.10
CA LYS A 83 -5.94 -9.99 -5.02
C LYS A 83 -5.18 -9.72 -3.72
N LEU A 84 -4.21 -10.57 -3.35
CA LEU A 84 -3.41 -10.43 -2.15
C LEU A 84 -2.50 -9.18 -2.20
N ILE A 85 -1.88 -8.87 -3.35
CA ILE A 85 -1.08 -7.63 -3.49
C ILE A 85 -1.98 -6.41 -3.32
N GLN A 86 -3.08 -6.36 -4.08
CA GLN A 86 -4.06 -5.28 -4.04
C GLN A 86 -4.56 -5.03 -2.61
N GLN A 87 -5.12 -6.06 -1.94
CA GLN A 87 -5.66 -5.89 -0.59
C GLN A 87 -4.59 -5.55 0.46
N GLN A 88 -3.36 -6.09 0.36
CA GLN A 88 -2.32 -5.75 1.33
C GLN A 88 -1.85 -4.30 1.14
N LEU A 89 -1.66 -3.86 -0.11
CA LEU A 89 -1.29 -2.47 -0.42
C LEU A 89 -2.37 -1.51 0.06
N VAL A 90 -3.67 -1.84 -0.09
CA VAL A 90 -4.76 -1.02 0.45
C VAL A 90 -4.65 -0.90 1.98
N LEU A 91 -4.15 -1.92 2.70
CA LEU A 91 -3.93 -1.79 4.15
C LEU A 91 -2.73 -0.89 4.51
N LEU A 92 -1.71 -0.75 3.66
CA LEU A 92 -0.62 0.21 3.90
C LEU A 92 -1.20 1.65 3.91
N LEU A 93 -2.25 1.89 3.09
CA LEU A 93 -2.98 3.17 3.05
C LEU A 93 -3.77 3.36 4.35
N HIS A 94 -4.57 2.36 4.76
CA HIS A 94 -5.33 2.44 6.01
C HIS A 94 -4.39 2.68 7.19
N ALA A 95 -3.37 1.83 7.40
CA ALA A 95 -2.43 1.95 8.51
C ALA A 95 -1.80 3.35 8.64
N HIS A 96 -1.35 3.95 7.54
CA HIS A 96 -0.74 5.30 7.57
C HIS A 96 -1.76 6.41 7.87
N LYS A 97 -3.00 6.27 7.37
CA LYS A 97 -4.09 7.24 7.57
C LYS A 97 -4.72 7.12 8.96
N CYS A 98 -4.87 5.91 9.49
CA CYS A 98 -5.35 5.57 10.83
C CYS A 98 -4.39 6.17 11.89
N GLN A 99 -3.08 5.99 11.67
CA GLN A 99 -1.99 6.57 12.46
C GLN A 99 -2.12 8.10 12.54
N ARG A 100 -2.23 8.79 11.39
CA ARG A 100 -2.40 10.25 11.33
C ARG A 100 -3.73 10.73 11.92
N ARG A 101 -4.83 10.01 11.70
CA ARG A 101 -6.17 10.33 12.22
C ARG A 101 -6.18 10.39 13.75
N GLU A 102 -5.47 9.49 14.42
CA GLU A 102 -5.35 9.50 15.88
C GLU A 102 -4.45 10.66 16.32
N GLN A 103 -3.28 10.86 15.69
CA GLN A 103 -2.35 11.94 16.00
C GLN A 103 -2.96 13.34 15.84
N ALA A 104 -3.90 13.51 14.90
CA ALA A 104 -4.62 14.77 14.64
C ALA A 104 -5.63 15.14 15.75
N ASN A 105 -5.99 14.20 16.63
CA ASN A 105 -6.97 14.36 17.72
C ASN A 105 -6.36 14.21 19.12
N GLY A 106 -5.56 13.15 19.36
CA GLY A 106 -4.87 12.88 20.62
C GLY A 106 -5.74 12.37 21.80
N GLU A 107 -7.05 12.22 21.63
CA GLU A 107 -7.99 11.76 22.68
C GLU A 107 -8.66 10.41 22.33
N VAL A 108 -9.10 10.22 21.09
CA VAL A 108 -9.74 8.98 20.63
C VAL A 108 -8.77 7.79 20.62
N ARG A 109 -9.30 6.58 20.79
CA ARG A 109 -8.53 5.32 20.76
C ARG A 109 -8.34 4.83 19.31
N ALA A 110 -7.20 4.19 19.04
CA ALA A 110 -6.87 3.62 17.73
C ALA A 110 -7.58 2.27 17.47
N CYS A 111 -7.47 1.77 16.24
CA CYS A 111 -8.05 0.51 15.77
C CYS A 111 -7.67 -0.72 16.61
N SER A 112 -8.61 -1.67 16.68
CA SER A 112 -8.43 -2.99 17.31
C SER A 112 -7.84 -4.01 16.33
N LEU A 113 -7.63 -3.61 15.06
CA LEU A 113 -7.09 -4.42 13.97
C LEU A 113 -5.57 -4.67 14.19
N PRO A 114 -5.12 -5.92 14.44
CA PRO A 114 -3.68 -6.18 14.64
C PRO A 114 -2.87 -5.86 13.37
N HIS A 115 -3.48 -5.99 12.19
CA HIS A 115 -2.81 -5.71 10.91
C HIS A 115 -2.51 -4.22 10.68
N CYS A 116 -3.42 -3.29 11.00
CA CYS A 116 -3.11 -1.86 10.82
C CYS A 116 -2.11 -1.37 11.88
N ARG A 117 -2.19 -1.90 13.12
CA ARG A 117 -1.21 -1.68 14.19
C ARG A 117 0.18 -2.18 13.77
N THR A 118 0.24 -3.32 13.10
CA THR A 118 1.49 -3.91 12.55
C THR A 118 2.06 -3.01 11.44
N MET A 119 1.26 -2.70 10.42
CA MET A 119 1.73 -1.88 9.29
C MET A 119 2.13 -0.45 9.68
N LYS A 120 1.43 0.22 10.60
CA LYS A 120 1.82 1.59 11.01
C LYS A 120 3.18 1.64 11.73
N ASN A 121 3.56 0.57 12.43
CA ASN A 121 4.89 0.44 13.04
C ASN A 121 5.96 0.21 11.95
N VAL A 122 5.66 -0.61 10.93
CA VAL A 122 6.57 -0.84 9.78
C VAL A 122 6.79 0.47 9.02
N LEU A 123 5.73 1.23 8.73
CA LEU A 123 5.79 2.52 8.04
C LEU A 123 6.65 3.54 8.79
N ASN A 124 6.54 3.62 10.12
CA ASN A 124 7.36 4.51 10.95
C ASN A 124 8.86 4.14 10.89
N HIS A 125 9.20 2.85 10.73
CA HIS A 125 10.58 2.39 10.58
C HIS A 125 11.06 2.60 9.14
N MET A 126 10.28 2.18 8.15
CA MET A 126 10.61 2.22 6.72
C MET A 126 10.95 3.63 6.20
N THR A 127 10.33 4.71 6.71
CA THR A 127 10.68 6.09 6.28
C THR A 127 12.04 6.56 6.84
N HIS A 128 12.61 5.86 7.82
CA HIS A 128 13.94 6.12 8.41
C HIS A 128 15.00 5.08 7.97
N CYS A 129 14.58 3.87 7.60
CA CYS A 129 15.43 2.77 7.14
C CYS A 129 16.21 3.14 5.85
N GLN A 130 17.39 2.55 5.68
CA GLN A 130 18.30 2.76 4.55
C GLN A 130 18.78 1.45 3.90
N ALA A 131 18.50 0.28 4.49
CA ALA A 131 18.87 -1.02 3.94
C ALA A 131 17.81 -1.56 2.97
N GLY A 132 16.54 -1.19 3.16
CA GLY A 132 15.41 -1.59 2.30
C GLY A 132 15.32 -3.11 2.12
N LYS A 133 15.62 -3.59 0.90
CA LYS A 133 15.62 -5.02 0.56
C LYS A 133 16.63 -5.84 1.39
N ALA A 134 17.66 -5.19 1.94
CA ALA A 134 18.69 -5.81 2.78
C ALA A 134 18.42 -5.68 4.31
N CYS A 135 17.32 -5.01 4.71
CA CYS A 135 16.97 -4.87 6.13
C CYS A 135 16.74 -6.24 6.78
N GLN A 136 17.18 -6.36 8.03
CA GLN A 136 17.13 -7.60 8.82
C GLN A 136 15.73 -7.89 9.40
N VAL A 137 14.81 -6.92 9.33
CA VAL A 137 13.41 -7.08 9.73
C VAL A 137 12.62 -7.54 8.50
N ALA A 138 12.07 -8.76 8.55
CA ALA A 138 11.32 -9.35 7.43
C ALA A 138 10.15 -8.47 6.96
N HIS A 139 9.46 -7.80 7.89
CA HIS A 139 8.31 -6.93 7.61
C HIS A 139 8.71 -5.70 6.77
N CYS A 140 9.85 -5.08 7.09
CA CYS A 140 10.42 -3.94 6.38
C CYS A 140 10.85 -4.34 4.97
N ALA A 141 11.72 -5.36 4.87
CA ALA A 141 12.21 -5.91 3.60
C ALA A 141 11.08 -6.40 2.67
N SER A 142 9.93 -6.82 3.22
CA SER A 142 8.75 -7.22 2.46
C SER A 142 7.91 -6.03 2.00
N SER A 143 7.62 -5.08 2.89
CA SER A 143 6.83 -3.87 2.57
C SER A 143 7.54 -3.01 1.51
N ARG A 144 8.88 -2.95 1.54
CA ARG A 144 9.70 -2.21 0.56
C ARG A 144 9.48 -2.71 -0.88
N GLN A 145 9.17 -4.00 -1.07
CA GLN A 145 8.88 -4.58 -2.40
C GLN A 145 7.54 -4.02 -2.96
N ILE A 146 6.58 -3.76 -2.08
CA ILE A 146 5.28 -3.18 -2.44
C ILE A 146 5.45 -1.70 -2.80
N ILE A 147 6.20 -0.95 -1.98
CA ILE A 147 6.52 0.46 -2.23
C ILE A 147 7.34 0.64 -3.52
N SER A 148 8.27 -0.27 -3.79
CA SER A 148 9.10 -0.27 -5.01
C SER A 148 8.26 -0.40 -6.29
N HIS A 149 7.06 -0.99 -6.23
CA HIS A 149 6.18 -1.12 -7.40
C HIS A 149 5.77 0.26 -7.93
N TRP A 150 5.15 1.12 -7.10
CA TRP A 150 4.75 2.48 -7.50
C TRP A 150 5.92 3.39 -7.90
N LYS A 151 7.13 3.08 -7.42
CA LYS A 151 8.36 3.82 -7.74
C LYS A 151 8.95 3.45 -9.10
N ASN A 152 8.75 2.21 -9.57
CA ASN A 152 9.23 1.70 -10.86
C ASN A 152 8.15 1.68 -11.98
N CYS A 153 6.89 1.38 -11.65
CA CYS A 153 5.77 1.30 -12.58
C CYS A 153 5.31 2.71 -13.04
N THR A 154 4.99 2.86 -14.32
CA THR A 154 4.58 4.16 -14.93
C THR A 154 3.28 4.10 -15.76
N ARG A 155 2.66 2.92 -15.92
CA ARG A 155 1.46 2.69 -16.73
C ARG A 155 0.17 2.72 -15.89
N HIS A 156 -0.92 3.30 -16.43
CA HIS A 156 -2.23 3.33 -15.76
C HIS A 156 -2.94 1.97 -15.81
N ASP A 157 -2.73 1.22 -16.91
CA ASP A 157 -3.28 -0.12 -17.13
C ASP A 157 -2.31 -1.21 -16.64
N CYS A 158 -2.32 -1.43 -15.32
CA CYS A 158 -1.52 -2.41 -14.57
C CYS A 158 -2.42 -3.15 -13.55
N PRO A 159 -2.31 -4.48 -13.38
CA PRO A 159 -3.16 -5.23 -12.46
C PRO A 159 -3.12 -4.75 -11.01
N VAL A 160 -2.03 -4.12 -10.55
CA VAL A 160 -1.95 -3.54 -9.19
C VAL A 160 -2.37 -2.06 -9.18
N CYS A 161 -1.80 -1.23 -10.05
CA CYS A 161 -2.03 0.22 -10.07
C CYS A 161 -3.44 0.65 -10.53
N LEU A 162 -4.03 0.01 -11.54
CA LEU A 162 -5.36 0.38 -12.08
C LEU A 162 -6.47 0.38 -11.00
N PRO A 163 -6.72 -0.71 -10.24
CA PRO A 163 -7.77 -0.70 -9.21
C PRO A 163 -7.54 0.35 -8.12
N LEU A 164 -6.27 0.66 -7.77
CA LEU A 164 -5.93 1.69 -6.79
C LEU A 164 -6.25 3.10 -7.31
N LYS A 165 -5.87 3.41 -8.56
CA LYS A 165 -6.18 4.69 -9.22
C LYS A 165 -7.69 4.86 -9.38
N ASN A 166 -8.40 3.79 -9.76
CA ASN A 166 -9.86 3.75 -9.91
C ASN A 166 -10.58 3.97 -8.55
N ALA A 167 -10.06 3.41 -7.46
CA ALA A 167 -10.62 3.56 -6.11
C ALA A 167 -10.30 4.93 -5.46
N SER A 168 -9.25 5.63 -5.93
CA SER A 168 -8.80 6.89 -5.33
C SER A 168 -9.75 8.07 -5.52
N ASP A 169 -9.78 8.95 -4.51
CA ASP A 169 -10.60 10.17 -4.44
C ASP A 169 -9.83 11.40 -3.89
N LYS A 170 -8.49 11.30 -3.78
CA LYS A 170 -7.59 12.32 -3.26
C LYS A 170 -7.42 13.55 -4.17
N ARG A 171 -7.65 13.38 -5.49
CA ARG A 171 -7.60 14.45 -6.50
C ARG A 171 -8.71 15.50 -6.27
ZN ZN B . -6.86 1.27 11.72
ZN ZN C . 14.26 -1.52 7.74
ZN ZN D . 2.05 -1.30 -11.69
N GLY A 1 -18.33 19.44 -1.81
CA GLY A 1 -17.45 20.43 -2.43
C GLY A 1 -16.54 19.86 -3.53
N SER A 2 -15.69 20.72 -4.09
CA SER A 2 -14.71 20.39 -5.15
C SER A 2 -13.53 21.35 -5.12
N HIS A 3 -12.35 20.89 -5.57
CA HIS A 3 -11.14 21.70 -5.70
C HIS A 3 -11.33 22.94 -6.62
N MET A 4 -12.35 22.91 -7.48
CA MET A 4 -12.71 24.00 -8.39
C MET A 4 -13.45 25.17 -7.68
N GLU A 5 -14.00 24.93 -6.48
CA GLU A 5 -14.74 25.94 -5.68
C GLU A 5 -14.21 26.16 -4.26
N GLU A 6 -13.50 25.19 -3.68
CA GLU A 6 -12.94 25.28 -2.32
C GLU A 6 -11.70 26.21 -2.26
N PRO A 7 -11.50 26.96 -1.15
CA PRO A 7 -10.38 27.89 -0.99
C PRO A 7 -9.03 27.22 -0.67
N GLN A 8 -9.02 25.95 -0.24
CA GLN A 8 -7.82 25.20 0.14
C GLN A 8 -7.04 24.72 -1.11
N SER A 9 -6.08 25.51 -1.56
CA SER A 9 -5.22 25.26 -2.72
C SER A 9 -3.86 25.98 -2.59
N ASP A 10 -2.80 25.44 -3.18
CA ASP A 10 -1.44 25.98 -3.18
C ASP A 10 -0.68 25.58 -4.47
N PRO A 11 0.17 26.45 -5.07
CA PRO A 11 0.91 26.14 -6.30
C PRO A 11 1.79 24.88 -6.29
N SER A 12 2.21 24.41 -5.11
CA SER A 12 3.08 23.22 -4.95
C SER A 12 2.33 21.88 -4.95
N VAL A 13 1.00 21.87 -5.12
CA VAL A 13 0.15 20.66 -5.17
C VAL A 13 -0.89 20.75 -6.30
N GLU A 14 -1.37 19.60 -6.78
CA GLU A 14 -2.39 19.51 -7.85
C GLU A 14 -3.49 18.47 -7.53
N PRO A 15 -4.74 18.66 -8.02
CA PRO A 15 -5.86 17.75 -7.73
C PRO A 15 -5.72 16.27 -8.15
N PRO A 16 -5.20 15.90 -9.34
CA PRO A 16 -5.12 14.50 -9.76
C PRO A 16 -3.95 13.73 -9.14
N LEU A 17 -4.13 12.41 -9.00
CA LEU A 17 -3.11 11.49 -8.51
C LEU A 17 -1.93 11.41 -9.50
N SER A 18 -0.73 11.27 -8.94
CA SER A 18 0.54 11.07 -9.66
C SER A 18 1.15 9.72 -9.24
N GLN A 19 2.07 9.16 -10.04
CA GLN A 19 2.78 7.92 -9.66
C GLN A 19 3.63 8.15 -8.39
N GLU A 20 4.02 9.41 -8.12
CA GLU A 20 4.76 9.80 -6.91
C GLU A 20 3.86 9.94 -5.67
N THR A 21 2.53 10.06 -5.82
CA THR A 21 1.58 10.21 -4.70
C THR A 21 1.68 9.03 -3.74
N PHE A 22 1.42 7.80 -4.21
CA PHE A 22 1.57 6.58 -3.40
C PHE A 22 3.01 6.36 -2.88
N SER A 23 4.03 6.89 -3.56
CA SER A 23 5.44 6.80 -3.13
C SER A 23 5.77 7.72 -1.95
N ASP A 24 5.11 8.89 -1.85
CA ASP A 24 5.25 9.84 -0.72
C ASP A 24 4.25 9.57 0.42
N LEU A 25 3.11 8.95 0.10
CA LEU A 25 2.00 8.62 0.99
C LEU A 25 2.43 7.99 2.32
N TRP A 26 3.11 6.85 2.26
CA TRP A 26 3.47 6.07 3.45
C TRP A 26 4.54 6.71 4.34
N LYS A 27 5.15 7.82 3.88
CA LYS A 27 6.24 8.52 4.57
C LYS A 27 5.89 9.92 5.09
N LEU A 28 5.42 10.84 4.26
CA LEU A 28 5.12 12.24 4.65
C LEU A 28 3.65 12.73 4.47
N LEU A 29 2.68 11.84 4.31
CA LEU A 29 1.24 12.18 4.15
C LEU A 29 0.69 13.11 5.27
N PRO A 30 -0.13 14.13 4.92
CA PRO A 30 -0.69 15.08 5.88
C PRO A 30 -1.94 14.54 6.61
N GLU A 31 -2.29 15.18 7.74
CA GLU A 31 -3.47 14.86 8.56
C GLU A 31 -4.82 15.18 7.85
N ASN A 32 -4.77 15.90 6.72
CA ASN A 32 -5.93 16.30 5.91
C ASN A 32 -6.41 15.22 4.93
N ASN A 33 -5.80 14.02 4.90
CA ASN A 33 -6.17 12.94 3.97
C ASN A 33 -7.56 12.33 4.29
N VAL A 34 -8.30 11.93 3.24
CA VAL A 34 -9.68 11.36 3.34
C VAL A 34 -9.87 10.00 2.62
N LEU A 35 -8.79 9.36 2.17
CA LEU A 35 -8.82 8.06 1.46
C LEU A 35 -9.04 6.85 2.40
N SER A 36 -9.08 7.07 3.72
CA SER A 36 -9.22 6.05 4.77
C SER A 36 -10.40 5.08 4.59
N PRO A 37 -10.19 3.77 4.34
CA PRO A 37 -11.27 2.80 4.25
C PRO A 37 -11.81 2.48 5.66
N LEU A 38 -13.13 2.44 5.82
CA LEU A 38 -13.78 2.20 7.11
C LEU A 38 -13.66 0.73 7.57
N PRO A 39 -13.34 0.43 8.86
CA PRO A 39 -13.24 -0.94 9.38
C PRO A 39 -14.50 -1.81 9.15
N SER A 40 -15.68 -1.20 9.12
CA SER A 40 -16.97 -1.86 8.87
C SER A 40 -17.15 -2.35 7.43
N GLN A 41 -16.32 -1.86 6.49
CA GLN A 41 -16.30 -2.20 5.06
C GLN A 41 -14.91 -2.64 4.58
N ALA A 42 -13.99 -2.96 5.51
CA ALA A 42 -12.61 -3.31 5.22
C ALA A 42 -12.42 -4.71 4.59
N MET A 43 -11.26 -4.86 3.93
CA MET A 43 -10.77 -6.05 3.23
C MET A 43 -10.01 -7.05 4.12
N ASP A 44 -10.14 -6.94 5.45
CA ASP A 44 -9.47 -7.80 6.44
C ASP A 44 -9.90 -9.28 6.43
N ASP A 45 -11.02 -9.61 5.77
CA ASP A 45 -11.50 -10.99 5.59
C ASP A 45 -10.59 -11.81 4.64
N LEU A 46 -9.74 -11.11 3.86
CA LEU A 46 -8.79 -11.64 2.89
C LEU A 46 -7.32 -11.43 3.35
N MET A 47 -7.08 -11.14 4.64
CA MET A 47 -5.75 -10.84 5.17
C MET A 47 -4.73 -11.98 5.07
N LEU A 48 -3.47 -11.58 4.84
CA LEU A 48 -2.27 -12.40 4.75
C LEU A 48 -1.21 -11.89 5.75
N SER A 49 -0.36 -12.78 6.26
CA SER A 49 0.71 -12.43 7.23
C SER A 49 1.84 -11.65 6.53
N PRO A 50 2.35 -10.54 7.09
CA PRO A 50 3.39 -9.72 6.44
C PRO A 50 4.67 -10.45 6.00
N ASP A 51 5.05 -11.53 6.69
CA ASP A 51 6.24 -12.34 6.31
C ASP A 51 6.02 -13.16 5.02
N ASP A 52 4.77 -13.31 4.57
CA ASP A 52 4.35 -14.03 3.36
C ASP A 52 4.31 -13.12 2.11
N ILE A 53 4.44 -11.79 2.26
CA ILE A 53 4.46 -10.81 1.15
C ILE A 53 5.53 -11.21 0.09
N GLU A 54 6.66 -11.79 0.51
CA GLU A 54 7.74 -12.26 -0.37
C GLU A 54 7.33 -13.46 -1.25
N GLN A 55 6.16 -14.06 -1.01
CA GLN A 55 5.62 -15.14 -1.83
C GLN A 55 5.04 -14.60 -3.15
N TRP A 56 4.72 -13.30 -3.24
CA TRP A 56 4.21 -12.70 -4.47
C TRP A 56 5.37 -12.26 -5.37
N PHE A 57 6.33 -11.52 -4.79
CA PHE A 57 7.56 -11.02 -5.41
C PHE A 57 8.73 -11.72 -4.70
N THR A 58 9.43 -12.62 -5.39
CA THR A 58 10.48 -13.46 -4.79
C THR A 58 11.83 -13.33 -5.50
N GLU A 59 12.92 -13.26 -4.72
CA GLU A 59 14.30 -13.21 -5.21
C GLU A 59 14.78 -14.57 -5.76
N ASP A 60 15.96 -14.61 -6.39
CA ASP A 60 16.53 -15.84 -6.96
C ASP A 60 16.75 -16.93 -5.87
N PRO A 61 16.16 -18.14 -6.01
CA PRO A 61 16.23 -19.21 -5.00
C PRO A 61 17.51 -20.06 -5.03
N GLY A 62 18.41 -19.85 -6.00
CA GLY A 62 19.65 -20.61 -6.18
C GLY A 62 19.47 -21.79 -7.16
N PRO A 63 20.22 -22.90 -6.98
CA PRO A 63 20.20 -24.08 -7.86
C PRO A 63 18.84 -24.78 -8.02
N ASP A 64 17.92 -24.62 -7.07
CA ASP A 64 16.60 -25.26 -7.05
C ASP A 64 15.49 -24.31 -6.57
N GLY A 65 14.33 -24.34 -7.23
CA GLY A 65 13.17 -23.49 -6.91
C GLY A 65 12.06 -23.57 -7.97
N SER A 66 11.59 -24.78 -8.27
CA SER A 66 10.59 -25.06 -9.31
C SER A 66 9.17 -24.53 -9.04
N CYS A 67 8.90 -23.98 -7.84
CA CYS A 67 7.61 -23.44 -7.40
C CYS A 67 6.98 -22.44 -8.40
N PHE A 68 7.81 -21.67 -9.12
CA PHE A 68 7.35 -20.68 -10.11
C PHE A 68 6.44 -21.30 -11.19
N ASN A 69 6.64 -22.56 -11.57
CA ASN A 69 5.79 -23.25 -12.55
C ASN A 69 4.39 -23.56 -11.99
N GLY A 70 4.25 -23.70 -10.66
CA GLY A 70 2.99 -23.93 -9.96
C GLY A 70 2.25 -22.63 -9.62
N THR A 71 2.98 -21.57 -9.26
CA THR A 71 2.41 -20.25 -8.91
C THR A 71 2.02 -19.43 -10.15
N ALA A 72 2.74 -19.57 -11.27
CA ALA A 72 2.43 -18.94 -12.56
C ALA A 72 1.58 -19.89 -13.42
N THR A 73 0.29 -20.01 -13.09
CA THR A 73 -0.70 -20.89 -13.75
C THR A 73 -1.00 -20.55 -15.22
N GLY A 74 -0.63 -19.34 -15.64
CA GLY A 74 -0.81 -18.78 -16.98
C GLY A 74 -0.16 -17.39 -17.01
N PRO A 75 -0.76 -16.39 -16.32
CA PRO A 75 -0.14 -15.07 -16.12
C PRO A 75 1.05 -15.16 -15.16
N THR A 76 1.83 -14.07 -15.04
CA THR A 76 3.01 -13.99 -14.14
C THR A 76 2.66 -14.29 -12.68
N ALA A 77 1.43 -13.95 -12.26
CA ALA A 77 0.87 -14.23 -10.94
C ALA A 77 -0.63 -14.53 -11.07
N ASP A 78 -1.09 -15.62 -10.48
CA ASP A 78 -2.49 -16.07 -10.48
C ASP A 78 -3.44 -15.04 -9.82
N PRO A 79 -4.71 -14.86 -10.27
CA PRO A 79 -5.65 -13.91 -9.65
C PRO A 79 -5.80 -14.04 -8.13
N GLU A 80 -5.71 -15.27 -7.59
CA GLU A 80 -5.79 -15.56 -6.15
C GLU A 80 -4.56 -15.00 -5.39
N LYS A 81 -3.44 -14.76 -6.08
CA LYS A 81 -2.23 -14.12 -5.54
C LYS A 81 -2.30 -12.60 -5.73
N ARG A 82 -2.77 -12.12 -6.89
CA ARG A 82 -2.91 -10.67 -7.18
C ARG A 82 -3.87 -9.96 -6.21
N LYS A 83 -4.98 -10.60 -5.83
CA LYS A 83 -5.94 -10.04 -4.86
C LYS A 83 -5.34 -9.84 -3.45
N LEU A 84 -4.33 -10.64 -3.07
CA LEU A 84 -3.61 -10.48 -1.81
C LEU A 84 -2.74 -9.23 -1.83
N ILE A 85 -2.12 -8.91 -2.97
CA ILE A 85 -1.33 -7.67 -3.14
C ILE A 85 -2.24 -6.46 -2.95
N GLN A 86 -3.36 -6.44 -3.68
CA GLN A 86 -4.35 -5.37 -3.61
C GLN A 86 -4.84 -5.15 -2.17
N GLN A 87 -5.31 -6.20 -1.47
CA GLN A 87 -5.81 -6.03 -0.09
C GLN A 87 -4.71 -5.63 0.91
N GLN A 88 -3.48 -6.14 0.75
CA GLN A 88 -2.38 -5.78 1.65
C GLN A 88 -1.92 -4.33 1.41
N LEU A 89 -1.77 -3.90 0.15
CA LEU A 89 -1.39 -2.53 -0.19
C LEU A 89 -2.45 -1.54 0.27
N VAL A 90 -3.75 -1.85 0.15
CA VAL A 90 -4.82 -0.98 0.70
C VAL A 90 -4.67 -0.83 2.23
N LEU A 91 -4.18 -1.86 2.94
CA LEU A 91 -3.92 -1.73 4.39
C LEU A 91 -2.73 -0.80 4.67
N LEU A 92 -1.69 -0.77 3.83
CA LEU A 92 -0.58 0.19 3.99
C LEU A 92 -1.11 1.64 3.92
N LEU A 93 -2.24 1.88 3.24
CA LEU A 93 -2.89 3.19 3.17
C LEU A 93 -3.65 3.47 4.47
N HIS A 94 -4.53 2.55 4.89
CA HIS A 94 -5.29 2.68 6.15
C HIS A 94 -4.33 2.88 7.32
N ALA A 95 -3.33 2.01 7.49
CA ALA A 95 -2.34 2.06 8.55
C ALA A 95 -1.52 3.37 8.59
N HIS A 96 -1.42 4.12 7.47
CA HIS A 96 -0.79 5.44 7.45
C HIS A 96 -1.76 6.59 7.73
N LYS A 97 -3.04 6.46 7.37
CA LYS A 97 -4.09 7.48 7.59
C LYS A 97 -4.73 7.39 8.98
N CYS A 98 -4.87 6.18 9.52
CA CYS A 98 -5.41 5.88 10.85
C CYS A 98 -4.50 6.47 11.96
N GLN A 99 -3.18 6.31 11.84
CA GLN A 99 -2.24 6.94 12.77
C GLN A 99 -2.34 8.48 12.73
N ARG A 100 -2.64 9.08 11.56
CA ARG A 100 -2.88 10.53 11.42
C ARG A 100 -4.20 10.94 12.09
N ARG A 101 -5.22 10.08 12.08
CA ARG A 101 -6.51 10.27 12.78
C ARG A 101 -6.30 10.40 14.30
N GLU A 102 -5.36 9.62 14.85
CA GLU A 102 -4.99 9.71 16.28
C GLU A 102 -4.12 10.97 16.53
N GLN A 103 -3.13 11.24 15.67
CA GLN A 103 -2.25 12.42 15.76
C GLN A 103 -3.03 13.74 15.78
N ALA A 104 -4.12 13.82 15.02
CA ALA A 104 -5.00 14.99 14.95
C ALA A 104 -5.84 15.25 16.22
N ASN A 105 -5.86 14.31 17.18
CA ASN A 105 -6.60 14.39 18.44
C ASN A 105 -5.68 14.35 19.68
N GLY A 106 -4.77 13.38 19.74
CA GLY A 106 -3.78 13.20 20.82
C GLY A 106 -4.30 12.64 22.17
N GLU A 107 -5.59 12.33 22.30
CA GLU A 107 -6.20 11.82 23.54
C GLU A 107 -6.88 10.44 23.42
N VAL A 108 -7.42 10.09 22.24
CA VAL A 108 -8.11 8.80 21.98
C VAL A 108 -7.16 7.62 21.77
N ARG A 109 -7.69 6.39 21.94
CA ARG A 109 -6.97 5.12 21.72
C ARG A 109 -6.83 4.79 20.23
N ALA A 110 -5.95 3.84 19.91
CA ALA A 110 -5.70 3.38 18.55
C ALA A 110 -6.80 2.46 17.99
N CYS A 111 -6.64 2.05 16.72
CA CYS A 111 -7.56 1.20 15.97
C CYS A 111 -7.77 -0.19 16.60
N SER A 112 -8.99 -0.74 16.43
CA SER A 112 -9.39 -2.06 16.94
C SER A 112 -8.93 -3.21 16.03
N LEU A 113 -8.44 -2.92 14.82
CA LEU A 113 -7.97 -3.89 13.83
C LEU A 113 -6.50 -4.28 14.11
N PRO A 114 -6.18 -5.55 14.46
CA PRO A 114 -4.81 -5.96 14.75
C PRO A 114 -3.82 -5.72 13.61
N HIS A 115 -4.27 -5.88 12.36
CA HIS A 115 -3.44 -5.68 11.16
C HIS A 115 -3.00 -4.21 10.99
N CYS A 116 -3.87 -3.27 11.31
CA CYS A 116 -3.60 -1.83 11.27
C CYS A 116 -2.47 -1.48 12.26
N ARG A 117 -2.57 -1.97 13.51
CA ARG A 117 -1.54 -1.83 14.55
C ARG A 117 -0.18 -2.37 14.09
N THR A 118 -0.17 -3.47 13.32
CA THR A 118 1.05 -4.06 12.76
C THR A 118 1.65 -3.18 11.65
N MET A 119 0.89 -2.86 10.60
CA MET A 119 1.41 -2.06 9.48
C MET A 119 1.80 -0.62 9.89
N LYS A 120 1.11 0.03 10.83
CA LYS A 120 1.49 1.40 11.26
C LYS A 120 2.86 1.45 11.94
N ASN A 121 3.25 0.37 12.64
CA ASN A 121 4.57 0.23 13.25
C ASN A 121 5.63 -0.04 12.16
N VAL A 122 5.31 -0.83 11.13
CA VAL A 122 6.20 -1.07 9.99
C VAL A 122 6.49 0.23 9.24
N LEU A 123 5.46 1.03 8.94
CA LEU A 123 5.60 2.31 8.25
C LEU A 123 6.47 3.30 9.05
N ASN A 124 6.26 3.41 10.38
CA ASN A 124 7.08 4.28 11.23
C ASN A 124 8.53 3.80 11.39
N HIS A 125 8.82 2.51 11.15
CA HIS A 125 10.19 1.98 11.12
C HIS A 125 10.81 2.23 9.73
N MET A 126 10.09 1.87 8.66
CA MET A 126 10.51 1.98 7.27
C MET A 126 10.89 3.41 6.83
N THR A 127 10.31 4.46 7.46
CA THR A 127 10.69 5.87 7.20
C THR A 127 12.07 6.21 7.74
N HIS A 128 12.48 5.55 8.84
CA HIS A 128 13.79 5.72 9.50
C HIS A 128 14.85 4.72 8.99
N CYS A 129 14.42 3.56 8.49
CA CYS A 129 15.26 2.49 7.97
C CYS A 129 16.06 2.91 6.72
N GLN A 130 17.22 2.27 6.50
CA GLN A 130 18.15 2.52 5.39
C GLN A 130 18.64 1.25 4.67
N ALA A 131 18.32 0.05 5.18
CA ALA A 131 18.74 -1.23 4.59
C ALA A 131 17.73 -1.77 3.56
N GLY A 132 16.46 -1.37 3.64
CA GLY A 132 15.38 -1.80 2.74
C GLY A 132 15.28 -3.33 2.65
N LYS A 133 15.52 -3.90 1.46
CA LYS A 133 15.52 -5.36 1.20
C LYS A 133 16.50 -6.12 2.10
N ALA A 134 17.56 -5.47 2.62
CA ALA A 134 18.56 -6.07 3.49
C ALA A 134 18.23 -5.93 5.00
N CYS A 135 17.13 -5.27 5.37
CA CYS A 135 16.73 -5.11 6.78
C CYS A 135 16.44 -6.49 7.41
N GLN A 136 16.84 -6.63 8.67
CA GLN A 136 16.72 -7.87 9.44
C GLN A 136 15.29 -8.13 9.96
N VAL A 137 14.38 -7.14 9.84
CA VAL A 137 12.95 -7.27 10.16
C VAL A 137 12.23 -7.68 8.88
N ALA A 138 11.66 -8.90 8.87
CA ALA A 138 10.98 -9.46 7.70
C ALA A 138 9.87 -8.54 7.14
N HIS A 139 9.05 -7.96 8.02
CA HIS A 139 7.92 -7.08 7.63
C HIS A 139 8.38 -5.79 6.93
N CYS A 140 9.50 -5.20 7.36
CA CYS A 140 10.11 -4.00 6.79
C CYS A 140 10.62 -4.28 5.37
N ALA A 141 11.54 -5.24 5.25
CA ALA A 141 12.12 -5.67 3.97
C ALA A 141 11.06 -6.13 2.96
N SER A 142 9.94 -6.69 3.44
CA SER A 142 8.82 -7.12 2.60
C SER A 142 7.97 -5.94 2.12
N SER A 143 7.54 -5.05 3.03
CA SER A 143 6.73 -3.88 2.68
C SER A 143 7.45 -2.95 1.70
N ARG A 144 8.78 -2.81 1.83
CA ARG A 144 9.61 -2.00 0.92
C ARG A 144 9.54 -2.48 -0.54
N GLN A 145 9.32 -3.77 -0.78
CA GLN A 145 9.17 -4.33 -2.14
C GLN A 145 7.84 -3.88 -2.77
N ILE A 146 6.80 -3.65 -1.96
CA ILE A 146 5.50 -3.14 -2.40
C ILE A 146 5.64 -1.65 -2.75
N ILE A 147 6.32 -0.88 -1.90
CA ILE A 147 6.64 0.54 -2.13
C ILE A 147 7.46 0.68 -3.44
N SER A 148 8.38 -0.25 -3.69
CA SER A 148 9.19 -0.30 -4.92
C SER A 148 8.34 -0.45 -6.20
N HIS A 149 7.16 -1.08 -6.13
CA HIS A 149 6.28 -1.23 -7.29
C HIS A 149 5.84 0.16 -7.79
N TRP A 150 5.24 1.00 -6.93
CA TRP A 150 4.82 2.36 -7.31
C TRP A 150 5.97 3.26 -7.76
N LYS A 151 7.18 3.06 -7.20
CA LYS A 151 8.39 3.80 -7.57
C LYS A 151 8.89 3.45 -8.99
N ASN A 152 8.63 2.23 -9.48
CA ASN A 152 9.03 1.75 -10.82
C ASN A 152 7.91 1.79 -11.88
N CYS A 153 6.68 1.46 -11.53
CA CYS A 153 5.51 1.36 -12.42
C CYS A 153 4.96 2.74 -12.82
N THR A 154 4.61 2.88 -14.11
CA THR A 154 4.08 4.12 -14.73
C THR A 154 2.81 3.91 -15.55
N ARG A 155 2.25 2.69 -15.56
CA ARG A 155 1.05 2.31 -16.32
C ARG A 155 -0.26 2.69 -15.61
N HIS A 156 -1.34 2.80 -16.40
CA HIS A 156 -2.72 2.95 -15.91
C HIS A 156 -3.41 1.59 -15.85
N ASP A 157 -3.18 0.74 -16.85
CA ASP A 157 -3.71 -0.62 -16.97
C ASP A 157 -2.74 -1.67 -16.39
N CYS A 158 -2.60 -1.65 -15.06
CA CYS A 158 -1.79 -2.56 -14.25
C CYS A 158 -2.71 -3.25 -13.21
N PRO A 159 -2.63 -4.59 -13.00
CA PRO A 159 -3.53 -5.30 -12.07
C PRO A 159 -3.46 -4.80 -10.62
N VAL A 160 -2.34 -4.22 -10.18
CA VAL A 160 -2.22 -3.64 -8.83
C VAL A 160 -2.59 -2.15 -8.81
N CYS A 161 -2.02 -1.34 -9.70
CA CYS A 161 -2.23 0.12 -9.72
C CYS A 161 -3.65 0.56 -10.13
N LEU A 162 -4.28 -0.07 -11.13
CA LEU A 162 -5.62 0.30 -11.63
C LEU A 162 -6.68 0.42 -10.51
N PRO A 163 -6.96 -0.60 -9.67
CA PRO A 163 -7.96 -0.49 -8.61
C PRO A 163 -7.63 0.60 -7.57
N LEU A 164 -6.35 0.86 -7.29
CA LEU A 164 -5.92 1.89 -6.34
C LEU A 164 -6.17 3.30 -6.88
N LYS A 165 -5.79 3.54 -8.15
CA LYS A 165 -6.02 4.83 -8.85
C LYS A 165 -7.52 5.11 -8.97
N ASN A 166 -8.33 4.06 -9.18
CA ASN A 166 -9.79 4.10 -9.24
C ASN A 166 -10.43 4.39 -7.86
N ALA A 167 -9.88 3.82 -6.78
CA ALA A 167 -10.38 4.00 -5.41
C ALA A 167 -9.98 5.35 -4.78
N SER A 168 -8.88 5.97 -5.24
CA SER A 168 -8.38 7.25 -4.74
C SER A 168 -9.35 8.42 -4.99
N ASP A 169 -9.32 9.43 -4.12
CA ASP A 169 -10.12 10.65 -4.19
C ASP A 169 -9.43 11.80 -4.95
N LYS A 170 -8.17 11.62 -5.34
CA LYS A 170 -7.35 12.62 -6.08
C LYS A 170 -7.69 12.59 -7.58
N ARG A 171 -8.73 13.33 -7.97
CA ARG A 171 -9.25 13.45 -9.35
C ARG A 171 -8.81 14.75 -10.03
ZN ZN B . -6.80 1.70 11.77
ZN ZN C . 13.99 -1.78 8.41
ZN ZN D . 1.85 -1.33 -11.46
N GLY A 1 -9.48 2.02 -0.85
CA GLY A 1 -9.79 3.41 -0.47
C GLY A 1 -11.25 3.61 -0.03
N SER A 2 -11.54 4.77 0.53
CA SER A 2 -12.86 5.15 1.05
C SER A 2 -13.94 5.26 -0.03
N HIS A 3 -15.14 4.77 0.32
CA HIS A 3 -16.33 4.75 -0.55
C HIS A 3 -17.10 6.09 -0.48
N MET A 4 -17.97 6.36 -1.46
CA MET A 4 -18.76 7.59 -1.54
C MET A 4 -20.01 7.53 -0.63
N GLU A 5 -19.87 7.98 0.62
CA GLU A 5 -20.94 8.00 1.62
C GLU A 5 -21.81 9.28 1.59
N GLU A 6 -21.35 10.35 0.93
CA GLU A 6 -22.06 11.63 0.80
C GLU A 6 -22.01 12.16 -0.66
N PRO A 7 -23.10 12.79 -1.16
CA PRO A 7 -23.16 13.34 -2.52
C PRO A 7 -22.53 14.74 -2.67
N GLN A 8 -22.15 15.38 -1.56
CA GLN A 8 -21.58 16.74 -1.54
C GLN A 8 -20.15 16.82 -2.09
N SER A 9 -19.85 17.91 -2.81
CA SER A 9 -18.54 18.23 -3.40
C SER A 9 -18.22 19.72 -3.30
N ASP A 10 -16.94 20.08 -3.20
CA ASP A 10 -16.47 21.47 -3.12
C ASP A 10 -15.94 21.96 -4.50
N PRO A 11 -16.41 23.12 -5.03
CA PRO A 11 -16.01 23.62 -6.35
C PRO A 11 -14.65 24.35 -6.38
N SER A 12 -14.08 24.70 -5.22
CA SER A 12 -12.82 25.45 -5.08
C SER A 12 -11.56 24.58 -5.00
N VAL A 13 -11.67 23.25 -5.20
CA VAL A 13 -10.55 22.29 -5.15
C VAL A 13 -10.63 21.26 -6.29
N GLU A 14 -9.48 20.83 -6.79
CA GLU A 14 -9.32 19.85 -7.88
C GLU A 14 -8.06 18.98 -7.66
N PRO A 15 -8.13 17.94 -6.82
CA PRO A 15 -7.00 17.07 -6.44
C PRO A 15 -6.98 15.70 -7.18
N PRO A 16 -6.43 15.59 -8.40
CA PRO A 16 -6.34 14.32 -9.13
C PRO A 16 -5.21 13.43 -8.58
N LEU A 17 -5.26 12.14 -8.91
CA LEU A 17 -4.24 11.16 -8.53
C LEU A 17 -2.99 11.25 -9.44
N SER A 18 -1.81 11.04 -8.88
CA SER A 18 -0.52 11.03 -9.57
C SER A 18 0.28 9.76 -9.24
N GLN A 19 1.19 9.34 -10.13
CA GLN A 19 2.09 8.21 -9.90
C GLN A 19 2.97 8.46 -8.65
N GLU A 20 3.24 9.72 -8.32
CA GLU A 20 4.03 10.13 -7.16
C GLU A 20 3.22 10.19 -5.85
N THR A 21 1.88 10.17 -5.90
CA THR A 21 1.02 10.23 -4.70
C THR A 21 1.31 9.08 -3.74
N PHE A 22 1.17 7.82 -4.18
CA PHE A 22 1.45 6.63 -3.37
C PHE A 22 2.92 6.55 -2.89
N SER A 23 3.86 7.23 -3.55
CA SER A 23 5.29 7.27 -3.18
C SER A 23 5.57 8.23 -2.02
N ASP A 24 4.84 9.35 -1.92
CA ASP A 24 4.95 10.31 -0.81
C ASP A 24 3.99 9.96 0.35
N LEU A 25 2.88 9.28 0.03
CA LEU A 25 1.81 8.86 0.95
C LEU A 25 2.33 8.23 2.24
N TRP A 26 3.08 7.14 2.11
CA TRP A 26 3.52 6.34 3.25
C TRP A 26 4.56 7.02 4.15
N LYS A 27 5.08 8.18 3.75
CA LYS A 27 6.10 8.93 4.48
C LYS A 27 5.65 10.27 5.07
N LEU A 28 5.17 11.21 4.24
CA LEU A 28 4.88 12.59 4.65
C LEU A 28 3.41 13.06 4.48
N LEU A 29 2.45 12.14 4.30
CA LEU A 29 1.01 12.44 4.12
C LEU A 29 0.43 13.32 5.26
N PRO A 30 -0.40 14.34 4.96
CA PRO A 30 -0.98 15.26 5.93
C PRO A 30 -2.17 14.69 6.71
N GLU A 31 -2.36 15.18 7.94
CA GLU A 31 -3.44 14.79 8.86
C GLU A 31 -4.87 15.05 8.33
N ASN A 32 -5.02 15.88 7.29
CA ASN A 32 -6.31 16.22 6.67
C ASN A 32 -6.81 15.16 5.65
N ASN A 33 -6.05 14.08 5.42
CA ASN A 33 -6.42 13.01 4.47
C ASN A 33 -7.68 12.22 4.92
N VAL A 34 -8.52 11.82 3.96
CA VAL A 34 -9.79 11.07 4.19
C VAL A 34 -9.98 9.87 3.24
N LEU A 35 -8.88 9.36 2.67
CA LEU A 35 -8.89 8.23 1.72
C LEU A 35 -8.99 6.85 2.40
N SER A 36 -8.80 6.77 3.73
CA SER A 36 -8.78 5.49 4.47
C SER A 36 -10.10 4.71 4.43
N PRO A 37 -10.10 3.42 4.03
CA PRO A 37 -11.30 2.58 4.05
C PRO A 37 -11.67 2.23 5.49
N LEU A 38 -12.94 2.40 5.85
CA LEU A 38 -13.46 2.11 7.20
C LEU A 38 -13.65 0.59 7.41
N PRO A 39 -13.65 0.06 8.66
CA PRO A 39 -13.83 -1.38 8.95
C PRO A 39 -15.07 -2.02 8.29
N SER A 40 -16.18 -1.27 8.16
CA SER A 40 -17.43 -1.74 7.53
C SER A 40 -17.35 -1.92 6.00
N GLN A 41 -16.26 -1.46 5.38
CA GLN A 41 -15.96 -1.54 3.94
C GLN A 41 -14.53 -2.05 3.67
N ALA A 42 -13.89 -2.67 4.66
CA ALA A 42 -12.53 -3.19 4.59
C ALA A 42 -12.39 -4.55 3.89
N MET A 43 -11.15 -4.88 3.52
CA MET A 43 -10.69 -6.07 2.79
C MET A 43 -9.90 -7.06 3.69
N ASP A 44 -10.11 -7.01 5.01
CA ASP A 44 -9.42 -7.85 6.00
C ASP A 44 -9.76 -9.35 5.91
N ASP A 45 -10.82 -9.71 5.19
CA ASP A 45 -11.21 -11.12 4.96
C ASP A 45 -10.17 -11.92 4.15
N LEU A 46 -9.26 -11.21 3.46
CA LEU A 46 -8.16 -11.74 2.65
C LEU A 46 -6.76 -11.53 3.29
N MET A 47 -6.67 -11.18 4.59
CA MET A 47 -5.38 -10.86 5.23
C MET A 47 -4.39 -12.03 5.37
N LEU A 48 -3.11 -11.65 5.38
CA LEU A 48 -1.92 -12.47 5.48
C LEU A 48 -0.98 -12.06 6.64
N SER A 49 0.03 -12.90 6.90
CA SER A 49 1.14 -12.60 7.81
C SER A 49 2.26 -11.95 6.96
N PRO A 50 3.11 -11.05 7.50
CA PRO A 50 4.17 -10.39 6.72
C PRO A 50 5.13 -11.32 5.95
N ASP A 51 5.29 -12.57 6.40
CA ASP A 51 6.13 -13.58 5.75
C ASP A 51 5.55 -14.07 4.39
N ASP A 52 4.24 -13.96 4.20
CA ASP A 52 3.55 -14.34 2.95
C ASP A 52 3.77 -13.32 1.82
N ILE A 53 4.19 -12.08 2.15
CA ILE A 53 4.51 -11.05 1.15
C ILE A 53 5.65 -11.54 0.25
N GLU A 54 6.57 -12.32 0.82
CA GLU A 54 7.70 -12.93 0.11
C GLU A 54 7.30 -14.06 -0.86
N GLN A 55 6.04 -14.52 -0.83
CA GLN A 55 5.53 -15.54 -1.75
C GLN A 55 5.03 -14.91 -3.07
N TRP A 56 4.58 -13.65 -3.05
CA TRP A 56 4.15 -12.92 -4.25
C TRP A 56 5.25 -11.99 -4.82
N PHE A 57 6.16 -11.48 -3.98
CA PHE A 57 7.36 -10.75 -4.41
C PHE A 57 8.58 -11.46 -3.79
N THR A 58 9.40 -12.14 -4.61
CA THR A 58 10.57 -12.91 -4.11
C THR A 58 11.89 -12.52 -4.78
N GLU A 59 13.00 -12.84 -4.12
CA GLU A 59 14.38 -12.59 -4.57
C GLU A 59 15.02 -13.83 -5.24
N ASP A 60 16.26 -13.70 -5.73
CA ASP A 60 16.99 -14.82 -6.36
C ASP A 60 17.27 -15.94 -5.32
N PRO A 61 16.92 -17.22 -5.61
CA PRO A 61 17.05 -18.34 -4.67
C PRO A 61 18.49 -18.89 -4.52
N GLY A 62 19.43 -18.46 -5.36
CA GLY A 62 20.83 -18.92 -5.38
C GLY A 62 21.08 -20.03 -6.44
N PRO A 63 22.12 -20.87 -6.26
CA PRO A 63 22.49 -21.95 -7.20
C PRO A 63 21.43 -23.03 -7.42
N ASP A 64 20.43 -23.13 -6.53
CA ASP A 64 19.35 -24.12 -6.53
C ASP A 64 18.00 -23.47 -6.14
N GLY A 65 16.87 -24.12 -6.45
CA GLY A 65 15.53 -23.64 -6.12
C GLY A 65 14.89 -22.71 -7.16
N SER A 66 15.39 -22.70 -8.40
CA SER A 66 14.89 -21.89 -9.53
C SER A 66 13.56 -22.38 -10.14
N CYS A 67 12.99 -23.47 -9.61
CA CYS A 67 11.71 -24.07 -10.01
C CYS A 67 10.52 -23.25 -9.47
N PHE A 68 10.43 -21.96 -9.82
CA PHE A 68 9.43 -21.02 -9.32
C PHE A 68 7.98 -21.47 -9.49
N ASN A 69 7.63 -22.17 -10.57
CA ASN A 69 6.26 -22.69 -10.77
C ASN A 69 5.84 -23.74 -9.72
N GLY A 70 6.80 -24.36 -9.02
CA GLY A 70 6.57 -25.31 -7.93
C GLY A 70 6.26 -24.64 -6.58
N THR A 71 6.43 -23.31 -6.47
CA THR A 71 6.18 -22.51 -5.25
C THR A 71 5.23 -21.32 -5.47
N ALA A 72 5.11 -20.84 -6.72
CA ALA A 72 4.28 -19.71 -7.14
C ALA A 72 3.34 -20.07 -8.31
N THR A 73 2.05 -19.76 -8.18
CA THR A 73 1.02 -19.99 -9.22
C THR A 73 1.10 -18.98 -10.37
N GLY A 74 1.80 -17.85 -10.15
CA GLY A 74 1.98 -16.75 -11.09
C GLY A 74 0.93 -15.64 -10.87
N PRO A 75 1.29 -14.46 -10.34
CA PRO A 75 0.33 -13.37 -10.06
C PRO A 75 -0.37 -12.83 -11.31
N THR A 76 0.20 -12.98 -12.50
CA THR A 76 -0.42 -12.56 -13.77
C THR A 76 -1.37 -13.63 -14.34
N ALA A 77 -1.25 -14.89 -13.89
CA ALA A 77 -2.06 -16.04 -14.31
C ALA A 77 -3.19 -16.41 -13.32
N ASP A 78 -3.01 -16.15 -12.03
CA ASP A 78 -3.98 -16.45 -10.96
C ASP A 78 -4.70 -15.17 -10.47
N PRO A 79 -6.01 -14.99 -10.73
CA PRO A 79 -6.76 -13.80 -10.32
C PRO A 79 -6.81 -13.54 -8.81
N GLU A 80 -6.84 -14.60 -7.98
CA GLU A 80 -6.90 -14.46 -6.51
C GLU A 80 -5.57 -13.99 -5.91
N LYS A 81 -4.42 -14.36 -6.52
CA LYS A 81 -3.10 -13.92 -6.06
C LYS A 81 -2.92 -12.41 -6.21
N ARG A 82 -3.57 -11.77 -7.20
CA ARG A 82 -3.58 -10.31 -7.38
C ARG A 82 -4.25 -9.62 -6.18
N LYS A 83 -5.36 -10.19 -5.68
CA LYS A 83 -6.09 -9.66 -4.52
C LYS A 83 -5.23 -9.59 -3.27
N LEU A 84 -4.28 -10.51 -3.08
CA LEU A 84 -3.38 -10.51 -1.92
C LEU A 84 -2.45 -9.29 -1.93
N ILE A 85 -1.92 -8.90 -3.11
CA ILE A 85 -1.07 -7.70 -3.21
C ILE A 85 -1.92 -6.45 -2.99
N GLN A 86 -3.03 -6.36 -3.70
CA GLN A 86 -3.98 -5.25 -3.62
C GLN A 86 -4.46 -5.03 -2.17
N GLN A 87 -4.98 -6.07 -1.50
CA GLN A 87 -5.48 -5.96 -0.13
C GLN A 87 -4.38 -5.64 0.90
N GLN A 88 -3.15 -6.14 0.71
CA GLN A 88 -2.05 -5.83 1.61
C GLN A 88 -1.66 -4.35 1.47
N LEU A 89 -1.46 -3.88 0.23
CA LEU A 89 -1.13 -2.48 -0.07
C LEU A 89 -2.23 -1.53 0.44
N VAL A 90 -3.52 -1.82 0.24
CA VAL A 90 -4.59 -0.97 0.78
C VAL A 90 -4.55 -0.92 2.32
N LEU A 91 -3.98 -1.93 3.02
CA LEU A 91 -3.78 -1.82 4.47
C LEU A 91 -2.54 -0.99 4.83
N LEU A 92 -1.51 -0.88 3.98
CA LEU A 92 -0.40 0.07 4.21
C LEU A 92 -1.01 1.49 4.22
N LEU A 93 -1.89 1.78 3.26
CA LEU A 93 -2.63 3.05 3.18
C LEU A 93 -3.52 3.24 4.42
N HIS A 94 -4.34 2.24 4.81
CA HIS A 94 -5.18 2.34 6.01
C HIS A 94 -4.30 2.65 7.24
N ALA A 95 -3.31 1.80 7.54
CA ALA A 95 -2.42 1.96 8.69
C ALA A 95 -1.67 3.30 8.73
N HIS A 96 -1.37 3.89 7.55
CA HIS A 96 -0.73 5.21 7.47
C HIS A 96 -1.72 6.35 7.77
N LYS A 97 -2.97 6.22 7.31
CA LYS A 97 -4.03 7.23 7.50
C LYS A 97 -4.65 7.14 8.90
N CYS A 98 -4.75 5.93 9.47
CA CYS A 98 -5.28 5.62 10.80
C CYS A 98 -4.43 6.25 11.92
N GLN A 99 -3.08 6.17 11.83
CA GLN A 99 -2.19 6.85 12.78
C GLN A 99 -2.32 8.38 12.70
N ARG A 100 -2.48 8.93 11.49
CA ARG A 100 -2.68 10.38 11.24
C ARG A 100 -4.01 10.86 11.84
N ARG A 101 -5.09 10.07 11.70
CA ARG A 101 -6.43 10.32 12.26
C ARG A 101 -6.37 10.53 13.78
N GLU A 102 -5.56 9.75 14.49
CA GLU A 102 -5.37 9.89 15.94
C GLU A 102 -4.47 11.08 16.28
N GLN A 103 -3.32 11.23 15.60
CA GLN A 103 -2.37 12.33 15.84
C GLN A 103 -2.99 13.73 15.63
N ALA A 104 -4.01 13.83 14.77
CA ALA A 104 -4.76 15.06 14.49
C ALA A 104 -5.60 15.59 15.69
N ASN A 105 -5.80 14.79 16.74
CA ASN A 105 -6.63 15.14 17.90
C ASN A 105 -6.01 14.73 19.26
N GLY A 106 -5.47 13.52 19.38
CA GLY A 106 -4.85 12.96 20.57
C GLY A 106 -5.80 12.32 21.61
N GLU A 107 -7.11 12.56 21.54
CA GLU A 107 -8.12 12.03 22.48
C GLU A 107 -9.12 11.04 21.82
N VAL A 108 -9.15 10.95 20.49
CA VAL A 108 -10.02 10.01 19.74
C VAL A 108 -9.63 8.55 19.93
N ARG A 109 -10.59 7.63 19.72
CA ARG A 109 -10.38 6.20 19.87
C ARG A 109 -9.49 5.62 18.75
N ALA A 110 -8.77 4.56 19.10
CA ALA A 110 -7.84 3.85 18.21
C ALA A 110 -8.44 2.60 17.55
N CYS A 111 -7.72 2.05 16.56
CA CYS A 111 -8.08 0.86 15.79
C CYS A 111 -7.97 -0.45 16.60
N SER A 112 -8.63 -1.50 16.11
CA SER A 112 -8.69 -2.84 16.73
C SER A 112 -8.04 -3.95 15.88
N LEU A 113 -7.56 -3.65 14.67
CA LEU A 113 -6.94 -4.64 13.78
C LEU A 113 -5.46 -4.92 14.13
N PRO A 114 -5.04 -6.20 14.23
CA PRO A 114 -3.65 -6.57 14.49
C PRO A 114 -2.75 -6.23 13.29
N HIS A 115 -3.29 -6.34 12.07
CA HIS A 115 -2.59 -6.02 10.81
C HIS A 115 -2.36 -4.51 10.65
N CYS A 116 -3.29 -3.68 11.15
CA CYS A 116 -3.19 -2.22 11.17
C CYS A 116 -2.06 -1.80 12.14
N ARG A 117 -2.10 -2.33 13.37
CA ARG A 117 -1.04 -2.17 14.38
C ARG A 117 0.33 -2.61 13.85
N THR A 118 0.38 -3.68 13.07
CA THR A 118 1.60 -4.19 12.43
C THR A 118 2.12 -3.20 11.37
N MET A 119 1.30 -2.83 10.39
CA MET A 119 1.74 -1.92 9.31
C MET A 119 2.07 -0.51 9.78
N LYS A 120 1.38 0.07 10.77
CA LYS A 120 1.72 1.43 11.26
C LYS A 120 3.09 1.47 11.93
N ASN A 121 3.52 0.37 12.58
CA ASN A 121 4.86 0.25 13.15
C ASN A 121 5.91 0.13 12.04
N VAL A 122 5.62 -0.62 10.97
CA VAL A 122 6.51 -0.76 9.80
C VAL A 122 6.71 0.57 9.09
N LEU A 123 5.64 1.33 8.83
CA LEU A 123 5.71 2.64 8.18
C LEU A 123 6.57 3.62 8.99
N ASN A 124 6.41 3.66 10.32
CA ASN A 124 7.23 4.52 11.20
C ASN A 124 8.71 4.09 11.28
N HIS A 125 9.05 2.86 10.90
CA HIS A 125 10.43 2.38 10.81
C HIS A 125 10.99 2.70 9.42
N MET A 126 10.25 2.34 8.36
CA MET A 126 10.62 2.50 6.95
C MET A 126 10.92 3.97 6.56
N THR A 127 10.32 4.97 7.24
CA THR A 127 10.62 6.41 7.02
C THR A 127 12.02 6.81 7.50
N HIS A 128 12.56 6.07 8.47
CA HIS A 128 13.90 6.28 9.07
C HIS A 128 14.96 5.26 8.60
N CYS A 129 14.54 4.12 8.05
CA CYS A 129 15.40 3.04 7.56
C CYS A 129 16.30 3.49 6.39
N GLN A 130 17.47 2.86 6.28
CA GLN A 130 18.49 3.11 5.27
C GLN A 130 18.84 1.88 4.42
N ALA A 131 18.46 0.67 4.83
CA ALA A 131 18.72 -0.58 4.12
C ALA A 131 17.54 -1.03 3.25
N GLY A 132 16.30 -0.70 3.63
CA GLY A 132 15.09 -1.02 2.87
C GLY A 132 14.96 -2.51 2.53
N LYS A 133 15.11 -2.87 1.24
CA LYS A 133 15.06 -4.28 0.77
C LYS A 133 16.16 -5.17 1.39
N ALA A 134 17.24 -4.56 1.91
CA ALA A 134 18.34 -5.23 2.59
C ALA A 134 18.25 -5.19 4.14
N CYS A 135 17.21 -4.56 4.69
CA CYS A 135 16.97 -4.50 6.14
C CYS A 135 16.74 -5.90 6.71
N GLN A 136 17.27 -6.13 7.92
CA GLN A 136 17.23 -7.42 8.59
C GLN A 136 15.89 -7.70 9.32
N VAL A 137 14.97 -6.73 9.32
CA VAL A 137 13.60 -6.87 9.84
C VAL A 137 12.72 -7.36 8.69
N ALA A 138 12.16 -8.57 8.81
CA ALA A 138 11.35 -9.19 7.76
C ALA A 138 10.16 -8.33 7.30
N HIS A 139 9.50 -7.61 8.22
CA HIS A 139 8.35 -6.76 7.94
C HIS A 139 8.71 -5.48 7.14
N CYS A 140 9.95 -4.99 7.29
CA CYS A 140 10.49 -3.83 6.60
C CYS A 140 10.88 -4.20 5.15
N ALA A 141 11.76 -5.21 5.01
CA ALA A 141 12.22 -5.71 3.70
C ALA A 141 11.08 -6.23 2.81
N SER A 142 9.98 -6.72 3.38
CA SER A 142 8.80 -7.14 2.62
C SER A 142 7.97 -5.94 2.15
N SER A 143 7.63 -5.01 3.03
CA SER A 143 6.86 -3.82 2.68
C SER A 143 7.57 -2.93 1.66
N ARG A 144 8.90 -2.81 1.73
CA ARG A 144 9.68 -2.01 0.77
C ARG A 144 9.55 -2.53 -0.67
N GLN A 145 9.36 -3.84 -0.87
CA GLN A 145 9.13 -4.42 -2.21
C GLN A 145 7.79 -3.95 -2.80
N ILE A 146 6.80 -3.68 -1.95
CA ILE A 146 5.48 -3.16 -2.35
C ILE A 146 5.59 -1.67 -2.70
N ILE A 147 6.27 -0.88 -1.84
CA ILE A 147 6.54 0.55 -2.06
C ILE A 147 7.34 0.74 -3.36
N SER A 148 8.26 -0.18 -3.67
CA SER A 148 9.06 -0.16 -4.91
C SER A 148 8.21 -0.34 -6.18
N HIS A 149 7.00 -0.90 -6.10
CA HIS A 149 6.14 -1.08 -7.28
C HIS A 149 5.70 0.29 -7.84
N TRP A 150 5.04 1.14 -7.04
CA TRP A 150 4.61 2.49 -7.46
C TRP A 150 5.78 3.42 -7.84
N LYS A 151 7.00 3.12 -7.38
CA LYS A 151 8.23 3.87 -7.69
C LYS A 151 8.79 3.51 -9.08
N ASN A 152 8.57 2.28 -9.56
CA ASN A 152 9.01 1.80 -10.88
C ASN A 152 7.90 1.82 -11.96
N CYS A 153 6.68 1.39 -11.60
CA CYS A 153 5.51 1.29 -12.45
C CYS A 153 4.80 2.65 -12.61
N THR A 154 4.45 3.01 -13.85
CA THR A 154 3.78 4.30 -14.20
C THR A 154 2.54 4.15 -15.09
N ARG A 155 2.23 2.94 -15.55
CA ARG A 155 1.09 2.62 -16.45
C ARG A 155 -0.28 2.80 -15.80
N HIS A 156 -1.30 3.00 -16.66
CA HIS A 156 -2.72 3.06 -16.25
C HIS A 156 -3.34 1.65 -16.18
N ASP A 157 -2.90 0.76 -17.07
CA ASP A 157 -3.34 -0.63 -17.20
C ASP A 157 -2.29 -1.60 -16.65
N CYS A 158 -2.37 -1.84 -15.34
CA CYS A 158 -1.52 -2.75 -14.56
C CYS A 158 -2.39 -3.59 -13.59
N PRO A 159 -2.16 -4.90 -13.43
CA PRO A 159 -2.96 -5.76 -12.55
C PRO A 159 -3.01 -5.29 -11.08
N VAL A 160 -1.98 -4.60 -10.57
CA VAL A 160 -1.99 -4.04 -9.21
C VAL A 160 -2.50 -2.59 -9.20
N CYS A 161 -1.90 -1.69 -10.00
CA CYS A 161 -2.20 -0.25 -9.97
C CYS A 161 -3.61 0.15 -10.44
N LEU A 162 -4.19 -0.51 -11.46
CA LEU A 162 -5.52 -0.15 -11.99
C LEU A 162 -6.62 -0.15 -10.90
N PRO A 163 -6.89 -1.25 -10.16
CA PRO A 163 -7.90 -1.24 -9.11
C PRO A 163 -7.61 -0.24 -7.98
N LEU A 164 -6.33 0.07 -7.69
CA LEU A 164 -5.96 1.06 -6.67
C LEU A 164 -6.31 2.48 -7.11
N LYS A 165 -6.02 2.85 -8.37
CA LYS A 165 -6.42 4.16 -8.91
C LYS A 165 -7.94 4.32 -8.94
N ASN A 166 -8.65 3.22 -9.21
CA ASN A 166 -10.12 3.16 -9.20
C ASN A 166 -10.71 3.28 -7.78
N ALA A 167 -10.03 2.72 -6.76
CA ALA A 167 -10.44 2.76 -5.35
C ALA A 167 -10.11 4.09 -4.63
N SER A 168 -9.08 4.81 -5.12
CA SER A 168 -8.59 6.07 -4.56
C SER A 168 -9.65 7.17 -4.45
N ASP A 169 -9.57 7.97 -3.39
CA ASP A 169 -10.42 9.15 -3.14
C ASP A 169 -9.93 10.40 -3.89
N LYS A 170 -8.78 10.34 -4.58
CA LYS A 170 -8.20 11.40 -5.43
C LYS A 170 -8.90 11.40 -6.81
N ARG A 171 -10.24 11.36 -6.79
CA ARG A 171 -11.18 11.26 -7.91
C ARG A 171 -12.05 12.51 -8.10
ZN ZN B . -6.64 1.23 11.60
ZN ZN C . 14.30 -1.29 7.94
ZN ZN D . 1.95 -1.48 -11.55
N GLY A 1 3.28 42.37 -7.60
CA GLY A 1 2.95 42.99 -8.88
C GLY A 1 2.19 42.06 -9.85
N SER A 2 1.87 42.57 -11.04
CA SER A 2 1.15 41.84 -12.09
C SER A 2 2.10 40.91 -12.89
N HIS A 3 1.58 39.77 -13.36
CA HIS A 3 2.30 38.76 -14.15
C HIS A 3 1.43 38.20 -15.28
N MET A 4 2.06 37.78 -16.38
CA MET A 4 1.37 37.19 -17.55
C MET A 4 0.88 35.74 -17.28
N GLU A 5 1.53 35.03 -16.34
CA GLU A 5 1.19 33.67 -15.91
C GLU A 5 1.55 33.49 -14.42
N GLU A 6 0.69 32.77 -13.68
CA GLU A 6 0.86 32.48 -12.25
C GLU A 6 0.14 31.19 -11.79
N PRO A 7 -1.17 30.96 -12.07
CA PRO A 7 -1.86 29.76 -11.60
C PRO A 7 -1.51 28.45 -12.35
N GLN A 8 -1.13 28.51 -13.63
CA GLN A 8 -0.83 27.31 -14.44
C GLN A 8 0.61 26.79 -14.31
N SER A 9 1.53 27.59 -13.77
CA SER A 9 2.95 27.19 -13.58
C SER A 9 3.19 26.32 -12.33
N ASP A 10 2.19 26.21 -11.45
CA ASP A 10 2.22 25.37 -10.25
C ASP A 10 1.99 23.88 -10.61
N PRO A 11 2.93 22.95 -10.32
CA PRO A 11 2.75 21.53 -10.64
C PRO A 11 1.61 20.86 -9.86
N SER A 12 1.25 21.39 -8.69
CA SER A 12 0.17 20.88 -7.83
C SER A 12 -1.25 21.24 -8.31
N VAL A 13 -1.40 21.97 -9.42
CA VAL A 13 -2.70 22.37 -9.99
C VAL A 13 -3.44 21.23 -10.71
N GLU A 14 -2.74 20.14 -11.06
CA GLU A 14 -3.30 18.99 -11.78
C GLU A 14 -4.27 18.15 -10.92
N PRO A 15 -5.57 18.02 -11.28
CA PRO A 15 -6.56 17.26 -10.52
C PRO A 15 -6.35 15.73 -10.33
N PRO A 16 -5.88 14.93 -11.33
CA PRO A 16 -5.78 13.47 -11.20
C PRO A 16 -4.62 12.96 -10.33
N LEU A 17 -4.65 11.65 -10.05
CA LEU A 17 -3.62 10.93 -9.29
C LEU A 17 -2.29 10.84 -10.06
N SER A 18 -1.17 10.94 -9.36
CA SER A 18 0.19 10.85 -9.92
C SER A 18 1.00 9.73 -9.26
N GLN A 19 2.05 9.25 -9.94
CA GLN A 19 2.96 8.19 -9.44
C GLN A 19 3.60 8.58 -8.09
N GLU A 20 3.91 9.86 -7.93
CA GLU A 20 4.51 10.41 -6.72
C GLU A 20 3.55 10.45 -5.51
N THR A 21 2.22 10.38 -5.72
CA THR A 21 1.24 10.42 -4.62
C THR A 21 1.37 9.20 -3.72
N PHE A 22 1.19 7.99 -4.26
CA PHE A 22 1.39 6.73 -3.51
C PHE A 22 2.83 6.59 -2.97
N SER A 23 3.82 7.15 -3.68
CA SER A 23 5.23 7.11 -3.26
C SER A 23 5.52 8.02 -2.06
N ASP A 24 4.81 9.13 -1.91
CA ASP A 24 4.92 10.07 -0.77
C ASP A 24 3.98 9.73 0.40
N LEU A 25 2.84 9.09 0.10
CA LEU A 25 1.76 8.70 1.03
C LEU A 25 2.29 8.10 2.35
N TRP A 26 3.03 7.01 2.24
CA TRP A 26 3.49 6.24 3.40
C TRP A 26 4.56 6.96 4.24
N LYS A 27 5.11 8.09 3.76
CA LYS A 27 6.17 8.86 4.43
C LYS A 27 5.77 10.23 4.98
N LEU A 28 5.31 11.16 4.12
CA LEU A 28 5.06 12.57 4.47
C LEU A 28 3.60 13.07 4.27
N LEU A 29 2.62 12.17 4.23
CA LEU A 29 1.18 12.46 3.99
C LEU A 29 0.59 13.55 4.93
N PRO A 30 -0.25 14.47 4.40
CA PRO A 30 -0.83 15.60 5.14
C PRO A 30 -1.94 15.21 6.14
N GLU A 31 -2.32 16.17 6.99
CA GLU A 31 -3.32 16.03 8.06
C GLU A 31 -4.75 15.69 7.56
N ASN A 32 -5.07 15.91 6.28
CA ASN A 32 -6.37 15.62 5.66
C ASN A 32 -6.21 14.98 4.27
N ASN A 33 -6.90 13.86 4.04
CA ASN A 33 -6.94 13.11 2.77
C ASN A 33 -8.20 12.24 2.70
N VAL A 34 -8.73 12.00 1.48
CA VAL A 34 -9.98 11.25 1.24
C VAL A 34 -9.77 9.77 0.86
N LEU A 35 -8.55 9.34 0.54
CA LEU A 35 -8.19 7.96 0.13
C LEU A 35 -8.14 6.95 1.31
N SER A 36 -9.02 7.10 2.30
CA SER A 36 -9.06 6.28 3.53
C SER A 36 -10.12 5.16 3.46
N PRO A 37 -9.72 3.87 3.32
CA PRO A 37 -10.68 2.75 3.30
C PRO A 37 -11.19 2.48 4.73
N LEU A 38 -12.51 2.56 4.91
CA LEU A 38 -13.17 2.40 6.23
C LEU A 38 -13.39 0.92 6.62
N PRO A 39 -13.34 0.57 7.93
CA PRO A 39 -13.53 -0.80 8.42
C PRO A 39 -14.82 -1.50 7.95
N SER A 40 -15.92 -0.75 7.80
CA SER A 40 -17.23 -1.26 7.36
C SER A 40 -17.24 -1.78 5.91
N GLN A 41 -16.23 -1.44 5.11
CA GLN A 41 -16.06 -1.86 3.70
C GLN A 41 -14.62 -2.39 3.44
N ALA A 42 -13.90 -2.80 4.50
CA ALA A 42 -12.51 -3.25 4.42
C ALA A 42 -12.32 -4.65 3.79
N MET A 43 -11.11 -4.85 3.25
CA MET A 43 -10.59 -6.04 2.59
C MET A 43 -9.86 -7.02 3.54
N ASP A 44 -10.04 -6.84 4.86
CA ASP A 44 -9.41 -7.66 5.91
C ASP A 44 -9.89 -9.12 5.94
N ASP A 45 -10.99 -9.46 5.24
CA ASP A 45 -11.48 -10.83 5.10
C ASP A 45 -10.50 -11.73 4.31
N LEU A 46 -9.56 -11.12 3.57
CA LEU A 46 -8.51 -11.74 2.75
C LEU A 46 -7.10 -11.39 3.29
N MET A 47 -6.98 -10.97 4.56
CA MET A 47 -5.71 -10.53 5.14
C MET A 47 -4.64 -11.62 5.27
N LEU A 48 -3.39 -11.22 5.02
CA LEU A 48 -2.18 -12.01 4.99
C LEU A 48 -1.09 -11.45 5.94
N SER A 49 -0.26 -12.32 6.51
CA SER A 49 0.85 -11.95 7.42
C SER A 49 2.00 -11.29 6.65
N PRO A 50 2.64 -10.22 7.15
CA PRO A 50 3.74 -9.54 6.45
C PRO A 50 4.93 -10.45 6.10
N ASP A 51 5.15 -11.54 6.85
CA ASP A 51 6.22 -12.50 6.58
C ASP A 51 5.96 -13.33 5.30
N ASP A 52 4.70 -13.43 4.87
CA ASP A 52 4.26 -14.15 3.68
C ASP A 52 4.25 -13.30 2.39
N ILE A 53 4.44 -11.98 2.49
CA ILE A 53 4.51 -11.04 1.34
C ILE A 53 5.54 -11.52 0.30
N GLU A 54 6.66 -12.07 0.77
CA GLU A 54 7.75 -12.60 -0.04
C GLU A 54 7.36 -13.87 -0.85
N GLN A 55 6.18 -14.46 -0.59
CA GLN A 55 5.67 -15.60 -1.35
C GLN A 55 5.07 -15.16 -2.70
N TRP A 56 4.53 -13.93 -2.80
CA TRP A 56 3.99 -13.37 -4.05
C TRP A 56 5.01 -12.48 -4.78
N PHE A 57 5.76 -11.62 -4.08
CA PHE A 57 6.90 -10.91 -4.70
C PHE A 57 8.12 -11.76 -4.35
N THR A 58 8.70 -12.44 -5.34
CA THR A 58 9.76 -13.44 -5.12
C THR A 58 11.17 -12.88 -4.89
N GLU A 59 11.91 -13.56 -4.03
CA GLU A 59 13.31 -13.30 -3.67
C GLU A 59 14.18 -14.55 -4.00
N ASP A 60 15.50 -14.49 -3.74
CA ASP A 60 16.41 -15.61 -4.00
C ASP A 60 16.06 -16.86 -3.15
N PRO A 61 16.13 -18.09 -3.72
CA PRO A 61 15.78 -19.34 -3.03
C PRO A 61 16.82 -19.83 -2.00
N GLY A 62 18.00 -19.20 -1.94
CA GLY A 62 19.09 -19.56 -1.02
C GLY A 62 19.76 -20.92 -1.31
N PRO A 63 20.66 -21.39 -0.43
CA PRO A 63 21.38 -22.66 -0.60
C PRO A 63 20.50 -23.90 -0.34
N ASP A 64 19.38 -23.75 0.38
CA ASP A 64 18.46 -24.86 0.70
C ASP A 64 17.43 -25.15 -0.40
N GLY A 65 17.06 -24.14 -1.21
CA GLY A 65 16.09 -24.27 -2.30
C GLY A 65 14.63 -24.49 -1.87
N SER A 66 14.31 -24.38 -0.58
CA SER A 66 12.97 -24.63 0.00
C SER A 66 11.84 -23.83 -0.65
N CYS A 67 12.11 -22.60 -1.12
CA CYS A 67 11.13 -21.71 -1.75
C CYS A 67 10.47 -22.32 -3.01
N PHE A 68 11.16 -23.20 -3.76
CA PHE A 68 10.59 -23.84 -4.96
C PHE A 68 9.35 -24.71 -4.66
N ASN A 69 9.19 -25.19 -3.42
CA ASN A 69 8.01 -25.94 -3.00
C ASN A 69 6.83 -25.00 -2.70
N GLY A 70 7.10 -23.78 -2.21
CA GLY A 70 6.11 -22.76 -1.89
C GLY A 70 5.63 -21.95 -3.10
N THR A 71 6.54 -21.56 -4.01
CA THR A 71 6.21 -20.79 -5.22
C THR A 71 5.29 -21.53 -6.21
N ALA A 72 5.22 -22.86 -6.12
CA ALA A 72 4.33 -23.69 -6.94
C ALA A 72 2.86 -23.60 -6.48
N THR A 73 2.60 -23.19 -5.24
CA THR A 73 1.25 -23.02 -4.67
C THR A 73 0.70 -21.64 -5.05
N GLY A 74 -0.45 -21.61 -5.73
CA GLY A 74 -1.10 -20.38 -6.20
C GLY A 74 -0.33 -19.70 -7.33
N PRO A 75 -0.41 -20.20 -8.59
CA PRO A 75 0.30 -19.63 -9.74
C PRO A 75 -0.03 -18.15 -10.01
N THR A 76 0.87 -17.45 -10.68
CA THR A 76 0.73 -16.02 -11.05
C THR A 76 -0.50 -15.70 -11.92
N ALA A 77 -1.09 -16.70 -12.58
CA ALA A 77 -2.30 -16.57 -13.39
C ALA A 77 -3.60 -16.64 -12.57
N ASP A 78 -3.55 -17.00 -11.28
CA ASP A 78 -4.71 -17.11 -10.40
C ASP A 78 -5.16 -15.75 -9.85
N PRO A 79 -6.47 -15.40 -9.86
CA PRO A 79 -6.95 -14.10 -9.36
C PRO A 79 -6.59 -13.81 -7.89
N GLU A 80 -6.65 -14.80 -7.01
CA GLU A 80 -6.33 -14.62 -5.57
C GLU A 80 -4.87 -14.20 -5.36
N LYS A 81 -3.95 -14.75 -6.16
CA LYS A 81 -2.51 -14.41 -6.12
C LYS A 81 -2.25 -12.93 -6.42
N ARG A 82 -3.15 -12.25 -7.16
CA ARG A 82 -3.12 -10.81 -7.46
C ARG A 82 -3.88 -10.02 -6.38
N LYS A 83 -5.04 -10.53 -5.93
CA LYS A 83 -5.86 -9.91 -4.87
C LYS A 83 -5.09 -9.80 -3.54
N LEU A 84 -4.20 -10.74 -3.22
CA LEU A 84 -3.35 -10.66 -2.02
C LEU A 84 -2.41 -9.45 -2.06
N ILE A 85 -1.88 -9.10 -3.23
CA ILE A 85 -1.00 -7.93 -3.42
C ILE A 85 -1.82 -6.65 -3.24
N GLN A 86 -2.96 -6.57 -3.96
CA GLN A 86 -3.89 -5.46 -3.90
C GLN A 86 -4.36 -5.20 -2.45
N GLN A 87 -4.90 -6.23 -1.78
CA GLN A 87 -5.42 -6.08 -0.41
C GLN A 87 -4.34 -5.71 0.61
N GLN A 88 -3.10 -6.20 0.46
CA GLN A 88 -2.01 -5.82 1.36
C GLN A 88 -1.61 -4.36 1.14
N LEU A 89 -1.47 -3.91 -0.11
CA LEU A 89 -1.13 -2.53 -0.44
C LEU A 89 -2.23 -1.56 0.03
N VAL A 90 -3.52 -1.91 -0.08
CA VAL A 90 -4.61 -1.07 0.45
C VAL A 90 -4.47 -0.89 1.98
N LEU A 91 -3.95 -1.89 2.71
CA LEU A 91 -3.71 -1.73 4.16
C LEU A 91 -2.51 -0.81 4.45
N LEU A 92 -1.50 -0.70 3.58
CA LEU A 92 -0.40 0.27 3.76
C LEU A 92 -0.96 1.71 3.72
N LEU A 93 -2.06 1.95 2.99
CA LEU A 93 -2.75 3.25 2.93
C LEU A 93 -3.51 3.46 4.24
N HIS A 94 -4.33 2.47 4.65
CA HIS A 94 -5.08 2.51 5.91
C HIS A 94 -4.15 2.76 7.11
N ALA A 95 -3.13 1.93 7.29
CA ALA A 95 -2.18 2.01 8.40
C ALA A 95 -1.47 3.38 8.54
N HIS A 96 -1.37 4.17 7.46
CA HIS A 96 -0.82 5.53 7.50
C HIS A 96 -1.91 6.60 7.77
N LYS A 97 -3.11 6.42 7.21
CA LYS A 97 -4.26 7.33 7.36
C LYS A 97 -5.00 7.17 8.70
N CYS A 98 -4.92 5.99 9.33
CA CYS A 98 -5.52 5.62 10.61
C CYS A 98 -4.72 6.19 11.80
N GLN A 99 -3.40 5.94 11.88
CA GLN A 99 -2.53 6.48 12.94
C GLN A 99 -2.63 8.01 13.07
N ARG A 100 -2.86 8.69 11.94
CA ARG A 100 -3.04 10.13 11.81
C ARG A 100 -4.27 10.64 12.57
N ARG A 101 -5.36 9.86 12.65
CA ARG A 101 -6.59 10.25 13.36
C ARG A 101 -6.37 10.37 14.87
N GLU A 102 -5.55 9.48 15.44
CA GLU A 102 -5.15 9.51 16.84
C GLU A 102 -4.16 10.67 17.10
N GLN A 103 -3.16 10.81 16.24
CA GLN A 103 -2.13 11.85 16.33
C GLN A 103 -2.69 13.29 16.22
N ALA A 104 -3.63 13.53 15.31
CA ALA A 104 -4.24 14.85 15.10
C ALA A 104 -5.25 15.25 16.20
N ASN A 105 -5.96 14.29 16.78
CA ASN A 105 -6.97 14.52 17.83
C ASN A 105 -6.36 14.57 19.26
N GLY A 106 -5.46 13.64 19.57
CA GLY A 106 -4.78 13.54 20.88
C GLY A 106 -5.57 12.88 22.03
N GLU A 107 -6.86 12.56 21.85
CA GLU A 107 -7.71 11.93 22.88
C GLU A 107 -8.27 10.56 22.46
N VAL A 108 -8.77 10.42 21.21
CA VAL A 108 -9.30 9.15 20.68
C VAL A 108 -8.18 8.18 20.28
N ARG A 109 -8.41 6.88 20.42
CA ARG A 109 -7.45 5.81 20.08
C ARG A 109 -7.64 5.27 18.65
N ALA A 110 -6.57 4.72 18.08
CA ALA A 110 -6.56 4.08 16.76
C ALA A 110 -7.08 2.62 16.81
N CYS A 111 -7.06 1.93 15.67
CA CYS A 111 -7.53 0.55 15.49
C CYS A 111 -6.96 -0.49 16.48
N SER A 112 -7.81 -1.46 16.81
CA SER A 112 -7.50 -2.69 17.57
C SER A 112 -7.16 -3.86 16.62
N LEU A 113 -7.33 -3.64 15.30
CA LEU A 113 -7.05 -4.56 14.19
C LEU A 113 -5.54 -4.91 14.20
N PRO A 114 -5.15 -6.19 14.36
CA PRO A 114 -3.73 -6.57 14.50
C PRO A 114 -2.84 -6.22 13.31
N HIS A 115 -3.33 -6.40 12.07
CA HIS A 115 -2.56 -6.05 10.87
C HIS A 115 -2.38 -4.53 10.69
N CYS A 116 -3.33 -3.71 11.16
CA CYS A 116 -3.27 -2.25 11.15
C CYS A 116 -2.18 -1.79 12.13
N ARG A 117 -2.26 -2.28 13.39
CA ARG A 117 -1.26 -2.07 14.45
C ARG A 117 0.14 -2.51 14.01
N THR A 118 0.23 -3.56 13.20
CA THR A 118 1.47 -4.06 12.62
C THR A 118 2.02 -3.13 11.54
N MET A 119 1.25 -2.84 10.48
CA MET A 119 1.72 -1.99 9.38
C MET A 119 2.02 -0.54 9.81
N LYS A 120 1.29 0.04 10.78
CA LYS A 120 1.59 1.41 11.26
C LYS A 120 2.95 1.51 11.94
N ASN A 121 3.39 0.45 12.63
CA ASN A 121 4.73 0.37 13.21
C ASN A 121 5.80 0.18 12.12
N VAL A 122 5.51 -0.61 11.07
CA VAL A 122 6.42 -0.79 9.92
C VAL A 122 6.63 0.54 9.19
N LEU A 123 5.55 1.28 8.89
CA LEU A 123 5.63 2.59 8.22
C LEU A 123 6.50 3.57 9.02
N ASN A 124 6.29 3.67 10.35
CA ASN A 124 7.11 4.54 11.22
C ASN A 124 8.59 4.10 11.33
N HIS A 125 8.92 2.84 11.02
CA HIS A 125 10.30 2.36 10.97
C HIS A 125 10.89 2.64 9.57
N MET A 126 10.17 2.27 8.52
CA MET A 126 10.56 2.40 7.11
C MET A 126 10.88 3.85 6.69
N THR A 127 10.28 4.86 7.32
CA THR A 127 10.58 6.29 7.08
C THR A 127 11.95 6.71 7.59
N HIS A 128 12.45 6.02 8.64
CA HIS A 128 13.76 6.26 9.28
C HIS A 128 14.85 5.26 8.87
N CYS A 129 14.47 4.10 8.31
CA CYS A 129 15.36 3.03 7.86
C CYS A 129 16.33 3.50 6.75
N GLN A 130 17.48 2.82 6.63
CA GLN A 130 18.54 3.10 5.67
C GLN A 130 18.95 1.87 4.84
N ALA A 131 18.52 0.65 5.21
CA ALA A 131 18.82 -0.59 4.50
C ALA A 131 17.67 -0.99 3.54
N GLY A 132 16.43 -0.59 3.84
CA GLY A 132 15.24 -0.85 3.02
C GLY A 132 15.04 -2.34 2.69
N LYS A 133 15.14 -2.71 1.41
CA LYS A 133 15.02 -4.11 0.96
C LYS A 133 16.11 -5.04 1.55
N ALA A 134 17.20 -4.49 2.10
CA ALA A 134 18.27 -5.22 2.77
C ALA A 134 18.15 -5.21 4.32
N CYS A 135 17.11 -4.57 4.88
CA CYS A 135 16.88 -4.51 6.33
C CYS A 135 16.68 -5.93 6.90
N GLN A 136 17.22 -6.13 8.10
CA GLN A 136 17.20 -7.40 8.81
C GLN A 136 15.85 -7.72 9.46
N VAL A 137 14.92 -6.76 9.49
CA VAL A 137 13.53 -6.94 9.94
C VAL A 137 12.72 -7.38 8.72
N ALA A 138 12.19 -8.60 8.75
CA ALA A 138 11.44 -9.19 7.63
C ALA A 138 10.27 -8.31 7.15
N HIS A 139 9.52 -7.69 8.07
CA HIS A 139 8.38 -6.83 7.74
C HIS A 139 8.79 -5.55 6.99
N CYS A 140 9.89 -4.90 7.40
CA CYS A 140 10.43 -3.69 6.77
C CYS A 140 10.83 -3.97 5.31
N ALA A 141 11.71 -4.97 5.12
CA ALA A 141 12.16 -5.38 3.79
C ALA A 141 11.01 -5.87 2.89
N SER A 142 9.95 -6.46 3.46
CA SER A 142 8.75 -6.90 2.74
C SER A 142 7.91 -5.69 2.28
N SER A 143 7.58 -4.76 3.18
CA SER A 143 6.86 -3.52 2.86
C SER A 143 7.60 -2.68 1.81
N ARG A 144 8.93 -2.63 1.85
CA ARG A 144 9.73 -1.93 0.84
C ARG A 144 9.57 -2.50 -0.57
N GLN A 145 9.30 -3.80 -0.72
CA GLN A 145 9.05 -4.41 -2.04
C GLN A 145 7.70 -3.92 -2.61
N ILE A 146 6.74 -3.55 -1.75
CA ILE A 146 5.44 -2.98 -2.16
C ILE A 146 5.65 -1.52 -2.61
N ILE A 147 6.36 -0.73 -1.80
CA ILE A 147 6.69 0.67 -2.09
C ILE A 147 7.50 0.78 -3.40
N SER A 148 8.43 -0.15 -3.63
CA SER A 148 9.26 -0.21 -4.84
C SER A 148 8.42 -0.43 -6.12
N HIS A 149 7.20 -0.99 -6.02
CA HIS A 149 6.32 -1.17 -7.18
C HIS A 149 5.89 0.20 -7.72
N TRP A 150 5.26 1.07 -6.90
CA TRP A 150 4.85 2.41 -7.33
C TRP A 150 6.03 3.30 -7.74
N LYS A 151 7.21 3.13 -7.12
CA LYS A 151 8.41 3.89 -7.48
C LYS A 151 8.92 3.58 -8.91
N ASN A 152 8.69 2.37 -9.41
CA ASN A 152 9.07 1.93 -10.76
C ASN A 152 7.92 1.98 -11.80
N CYS A 153 6.76 1.39 -11.46
CA CYS A 153 5.57 1.26 -12.30
C CYS A 153 4.74 2.55 -12.35
N THR A 154 4.35 2.97 -13.56
CA THR A 154 3.55 4.18 -13.83
C THR A 154 2.33 3.95 -14.74
N ARG A 155 2.15 2.71 -15.23
CA ARG A 155 1.05 2.32 -16.14
C ARG A 155 -0.32 2.32 -15.46
N HIS A 156 -1.37 2.67 -16.22
CA HIS A 156 -2.76 2.51 -15.79
C HIS A 156 -3.19 1.04 -15.98
N ASP A 157 -2.70 0.39 -17.03
CA ASP A 157 -2.96 -1.01 -17.37
C ASP A 157 -1.98 -1.97 -16.66
N CYS A 158 -2.13 -2.10 -15.34
CA CYS A 158 -1.33 -2.96 -14.46
C CYS A 158 -2.27 -3.69 -13.46
N PRO A 159 -2.15 -5.02 -13.25
CA PRO A 159 -3.02 -5.76 -12.34
C PRO A 159 -3.00 -5.25 -10.89
N VAL A 160 -1.93 -4.60 -10.44
CA VAL A 160 -1.85 -4.00 -9.09
C VAL A 160 -2.29 -2.53 -9.09
N CYS A 161 -1.74 -1.69 -9.97
CA CYS A 161 -2.00 -0.26 -9.99
C CYS A 161 -3.40 0.15 -10.47
N LEU A 162 -4.01 -0.55 -11.44
CA LEU A 162 -5.34 -0.23 -11.98
C LEU A 162 -6.43 -0.13 -10.89
N PRO A 163 -6.68 -1.16 -10.05
CA PRO A 163 -7.70 -1.07 -9.00
C PRO A 163 -7.43 0.04 -7.98
N LEU A 164 -6.15 0.34 -7.68
CA LEU A 164 -5.78 1.42 -6.75
C LEU A 164 -6.10 2.80 -7.33
N LYS A 165 -5.76 3.03 -8.60
CA LYS A 165 -6.07 4.28 -9.33
C LYS A 165 -7.58 4.46 -9.41
N ASN A 166 -8.32 3.40 -9.76
CA ASN A 166 -9.78 3.38 -9.82
C ASN A 166 -10.44 3.66 -8.45
N ALA A 167 -9.89 3.12 -7.36
CA ALA A 167 -10.39 3.31 -6.00
C ALA A 167 -10.02 4.69 -5.39
N SER A 168 -9.00 5.38 -5.94
CA SER A 168 -8.53 6.66 -5.41
C SER A 168 -9.53 7.81 -5.56
N ASP A 169 -9.43 8.79 -4.65
CA ASP A 169 -10.29 9.98 -4.65
C ASP A 169 -10.03 10.94 -5.83
N LYS A 170 -8.80 10.95 -6.37
CA LYS A 170 -8.40 11.76 -7.52
C LYS A 170 -8.64 11.07 -8.87
N ARG A 171 -8.80 9.75 -8.87
CA ARG A 171 -9.06 8.91 -10.06
C ARG A 171 -9.95 7.72 -9.69
ZN ZN B . -6.72 1.30 11.41
ZN ZN C . 14.25 -1.31 8.22
ZN ZN D . 2.15 -1.64 -11.47
N GLY A 1 -17.63 12.31 -4.99
CA GLY A 1 -17.00 11.87 -6.25
C GLY A 1 -17.99 11.50 -7.37
N SER A 2 -19.29 11.55 -7.10
CA SER A 2 -20.38 11.25 -8.06
C SER A 2 -20.61 12.35 -9.10
N HIS A 3 -20.14 13.57 -8.84
CA HIS A 3 -20.23 14.77 -9.71
C HIS A 3 -18.90 15.54 -9.69
N MET A 4 -18.66 16.37 -10.70
CA MET A 4 -17.46 17.22 -10.84
C MET A 4 -17.57 18.49 -9.97
N GLU A 5 -17.75 18.31 -8.66
CA GLU A 5 -17.90 19.38 -7.66
C GLU A 5 -16.57 19.84 -7.02
N GLU A 6 -15.46 19.20 -7.36
CA GLU A 6 -14.11 19.52 -6.87
C GLU A 6 -13.55 20.83 -7.47
N PRO A 7 -12.72 21.60 -6.75
CA PRO A 7 -12.15 22.85 -7.24
C PRO A 7 -11.11 22.63 -8.36
N GLN A 8 -11.00 23.62 -9.26
CA GLN A 8 -10.08 23.62 -10.41
C GLN A 8 -9.27 24.93 -10.55
N SER A 9 -9.18 25.72 -9.49
CA SER A 9 -8.47 27.02 -9.46
C SER A 9 -6.94 26.89 -9.34
N ASP A 10 -6.43 25.75 -8.88
CA ASP A 10 -4.98 25.48 -8.73
C ASP A 10 -4.34 25.22 -10.11
N PRO A 11 -3.18 25.84 -10.45
CA PRO A 11 -2.54 25.68 -11.76
C PRO A 11 -1.93 24.29 -12.03
N SER A 12 -1.80 23.44 -11.02
CA SER A 12 -1.24 22.08 -11.10
C SER A 12 -2.31 20.96 -11.00
N VAL A 13 -3.60 21.31 -11.03
CA VAL A 13 -4.72 20.34 -10.94
C VAL A 13 -4.79 19.42 -12.17
N GLU A 14 -5.11 18.14 -11.95
CA GLU A 14 -5.28 17.13 -13.01
C GLU A 14 -6.24 15.99 -12.57
N PRO A 15 -7.01 15.37 -13.49
CA PRO A 15 -7.96 14.30 -13.15
C PRO A 15 -7.38 13.03 -12.49
N PRO A 16 -6.25 12.42 -12.94
CA PRO A 16 -5.72 11.18 -12.38
C PRO A 16 -4.79 11.39 -11.16
N LEU A 17 -4.28 10.28 -10.61
CA LEU A 17 -3.32 10.25 -9.50
C LEU A 17 -1.88 10.10 -10.03
N SER A 18 -0.93 10.84 -9.47
CA SER A 18 0.49 10.80 -9.83
C SER A 18 1.23 9.64 -9.13
N GLN A 19 2.16 8.98 -9.81
CA GLN A 19 2.91 7.83 -9.26
C GLN A 19 3.65 8.15 -7.95
N GLU A 20 4.13 9.39 -7.81
CA GLU A 20 4.84 9.85 -6.61
C GLU A 20 3.95 9.98 -5.35
N THR A 21 2.62 10.04 -5.50
CA THR A 21 1.68 10.17 -4.36
C THR A 21 1.81 8.98 -3.42
N PHE A 22 1.56 7.76 -3.90
CA PHE A 22 1.73 6.53 -3.09
C PHE A 22 3.16 6.33 -2.58
N SER A 23 4.18 6.77 -3.33
CA SER A 23 5.59 6.66 -2.92
C SER A 23 5.93 7.55 -1.72
N ASP A 24 5.33 8.74 -1.61
CA ASP A 24 5.49 9.64 -0.45
C ASP A 24 4.46 9.41 0.67
N LEU A 25 3.29 8.85 0.35
CA LEU A 25 2.16 8.61 1.25
C LEU A 25 2.56 8.00 2.58
N TRP A 26 3.16 6.82 2.54
CA TRP A 26 3.48 6.02 3.72
C TRP A 26 4.51 6.66 4.66
N LYS A 27 5.17 7.74 4.22
CA LYS A 27 6.18 8.48 4.98
C LYS A 27 5.76 9.90 5.41
N LEU A 28 5.30 10.76 4.50
CA LEU A 28 4.97 12.18 4.75
C LEU A 28 3.50 12.61 4.45
N LEU A 29 2.53 11.69 4.38
CA LEU A 29 1.11 11.97 4.08
C LEU A 29 0.47 13.08 4.95
N PRO A 30 -0.38 13.96 4.37
CA PRO A 30 -1.04 15.05 5.08
C PRO A 30 -2.28 14.60 5.87
N GLU A 31 -2.68 15.41 6.85
CA GLU A 31 -3.86 15.20 7.69
C GLU A 31 -5.19 15.30 6.90
N ASN A 32 -5.18 16.05 5.79
CA ASN A 32 -6.34 16.29 4.93
C ASN A 32 -6.56 15.12 3.93
N ASN A 33 -7.09 14.00 4.42
CA ASN A 33 -7.42 12.81 3.63
C ASN A 33 -8.65 12.06 4.21
N VAL A 34 -9.37 11.32 3.35
CA VAL A 34 -10.59 10.56 3.70
C VAL A 34 -10.64 9.14 3.09
N LEU A 35 -9.49 8.59 2.68
CA LEU A 35 -9.36 7.29 2.00
C LEU A 35 -9.35 6.07 2.94
N SER A 36 -9.23 6.25 4.25
CA SER A 36 -9.19 5.15 5.23
C SER A 36 -10.50 4.32 5.28
N PRO A 37 -10.46 3.00 5.00
CA PRO A 37 -11.64 2.13 5.06
C PRO A 37 -11.99 1.80 6.52
N LEU A 38 -13.28 1.64 6.83
CA LEU A 38 -13.76 1.29 8.18
C LEU A 38 -13.37 -0.17 8.52
N PRO A 39 -12.91 -0.49 9.75
CA PRO A 39 -12.52 -1.86 10.13
C PRO A 39 -13.60 -2.93 9.87
N SER A 40 -14.88 -2.57 9.94
CA SER A 40 -16.04 -3.44 9.69
C SER A 40 -16.36 -3.64 8.19
N GLN A 41 -15.77 -2.84 7.31
CA GLN A 41 -15.97 -2.85 5.85
C GLN A 41 -14.69 -3.17 5.05
N ALA A 42 -13.51 -3.05 5.67
CA ALA A 42 -12.21 -3.26 5.06
C ALA A 42 -11.95 -4.71 4.58
N MET A 43 -11.01 -4.83 3.65
CA MET A 43 -10.52 -6.06 3.00
C MET A 43 -9.62 -6.94 3.90
N ASP A 44 -9.75 -6.82 5.23
CA ASP A 44 -8.95 -7.56 6.22
C ASP A 44 -9.24 -9.08 6.26
N ASP A 45 -10.39 -9.52 5.76
CA ASP A 45 -10.76 -10.95 5.71
C ASP A 45 -9.84 -11.79 4.80
N LEU A 46 -9.06 -11.12 3.93
CA LEU A 46 -8.10 -11.70 2.99
C LEU A 46 -6.63 -11.36 3.40
N MET A 47 -6.42 -10.77 4.58
CA MET A 47 -5.11 -10.32 5.08
C MET A 47 -4.13 -11.44 5.47
N LEU A 48 -2.84 -11.17 5.28
CA LEU A 48 -1.73 -12.09 5.54
C LEU A 48 -0.75 -11.55 6.60
N SER A 49 0.04 -12.47 7.17
CA SER A 49 1.17 -12.11 8.03
C SER A 49 2.28 -11.53 7.12
N PRO A 50 3.07 -10.53 7.55
CA PRO A 50 4.08 -9.87 6.70
C PRO A 50 5.15 -10.79 6.09
N ASP A 51 5.30 -12.01 6.60
CA ASP A 51 6.26 -12.99 6.06
C ASP A 51 5.83 -13.57 4.70
N ASP A 52 4.53 -13.55 4.37
CA ASP A 52 3.98 -14.04 3.10
C ASP A 52 4.04 -13.00 1.98
N ILE A 53 4.37 -11.74 2.28
CA ILE A 53 4.54 -10.65 1.30
C ILE A 53 5.58 -11.03 0.23
N GLU A 54 6.62 -11.76 0.65
CA GLU A 54 7.70 -12.26 -0.22
C GLU A 54 7.27 -13.41 -1.14
N GLN A 55 6.08 -14.00 -0.95
CA GLN A 55 5.55 -15.09 -1.78
C GLN A 55 4.85 -14.58 -3.06
N TRP A 56 4.34 -13.34 -3.09
CA TRP A 56 3.66 -12.80 -4.27
C TRP A 56 4.64 -12.49 -5.41
N PHE A 57 5.73 -11.78 -5.08
CA PHE A 57 6.82 -11.45 -6.02
C PHE A 57 7.81 -12.63 -5.99
N THR A 58 7.88 -13.40 -7.08
CA THR A 58 8.66 -14.66 -7.16
C THR A 58 10.14 -14.52 -6.78
N GLU A 59 10.63 -15.45 -5.95
CA GLU A 59 12.03 -15.55 -5.48
C GLU A 59 12.80 -16.70 -6.16
N ASP A 60 14.11 -16.80 -5.91
CA ASP A 60 14.97 -17.84 -6.49
C ASP A 60 14.56 -19.26 -6.01
N PRO A 61 14.41 -20.26 -6.90
CA PRO A 61 13.97 -21.62 -6.54
C PRO A 61 15.04 -22.50 -5.84
N GLY A 62 16.30 -22.08 -5.83
CA GLY A 62 17.41 -22.84 -5.24
C GLY A 62 17.78 -24.12 -6.02
N PRO A 63 18.61 -25.01 -5.45
CA PRO A 63 19.04 -26.25 -6.09
C PRO A 63 17.93 -27.34 -6.14
N ASP A 64 16.90 -27.23 -5.30
CA ASP A 64 15.79 -28.19 -5.21
C ASP A 64 14.65 -27.87 -6.20
N GLY A 65 14.08 -26.66 -6.14
CA GLY A 65 13.01 -26.16 -7.01
C GLY A 65 11.66 -26.89 -6.99
N SER A 66 11.41 -27.82 -6.07
CA SER A 66 10.09 -28.48 -5.95
C SER A 66 9.09 -27.45 -5.41
N CYS A 67 8.07 -27.13 -6.21
CA CYS A 67 7.05 -26.12 -5.92
C CYS A 67 5.96 -26.58 -4.91
N PHE A 68 5.20 -25.62 -4.38
CA PHE A 68 4.21 -25.82 -3.32
C PHE A 68 2.85 -25.15 -3.59
N ASN A 69 1.84 -25.47 -2.77
CA ASN A 69 0.52 -24.82 -2.83
C ASN A 69 0.68 -23.32 -2.49
N GLY A 70 -0.10 -22.45 -3.15
CA GLY A 70 -0.02 -20.99 -3.04
C GLY A 70 0.88 -20.35 -4.11
N THR A 71 1.67 -21.16 -4.83
CA THR A 71 2.51 -20.73 -5.96
C THR A 71 2.27 -21.65 -7.18
N ALA A 72 2.27 -22.98 -7.01
CA ALA A 72 1.96 -23.95 -8.06
C ALA A 72 0.46 -23.98 -8.40
N THR A 73 -0.39 -23.86 -7.37
CA THR A 73 -1.86 -23.85 -7.47
C THR A 73 -2.44 -22.46 -7.78
N GLY A 74 -1.60 -21.41 -7.71
CA GLY A 74 -1.97 -20.02 -7.98
C GLY A 74 -0.77 -19.18 -8.42
N PRO A 75 -0.36 -19.24 -9.71
CA PRO A 75 0.76 -18.48 -10.25
C PRO A 75 0.56 -16.95 -10.19
N THR A 76 1.61 -16.17 -10.51
CA THR A 76 1.57 -14.69 -10.51
C THR A 76 0.48 -14.06 -11.39
N ALA A 77 -0.02 -14.79 -12.40
CA ALA A 77 -1.09 -14.36 -13.29
C ALA A 77 -2.50 -14.67 -12.76
N ASP A 78 -2.63 -15.37 -11.63
CA ASP A 78 -3.92 -15.73 -11.02
C ASP A 78 -4.59 -14.51 -10.33
N PRO A 79 -5.91 -14.30 -10.47
CA PRO A 79 -6.60 -13.16 -9.84
C PRO A 79 -6.40 -13.06 -8.33
N GLU A 80 -6.43 -14.18 -7.59
CA GLU A 80 -6.24 -14.16 -6.13
C GLU A 80 -4.80 -13.78 -5.74
N LYS A 81 -3.79 -14.28 -6.46
CA LYS A 81 -2.37 -13.96 -6.22
C LYS A 81 -2.11 -12.45 -6.37
N ARG A 82 -2.82 -11.79 -7.30
CA ARG A 82 -2.77 -10.34 -7.52
C ARG A 82 -3.57 -9.58 -6.45
N LYS A 83 -4.78 -10.06 -6.09
CA LYS A 83 -5.62 -9.49 -5.02
C LYS A 83 -4.89 -9.46 -3.68
N LEU A 84 -4.04 -10.44 -3.37
CA LEU A 84 -3.26 -10.47 -2.13
C LEU A 84 -2.34 -9.24 -2.01
N ILE A 85 -1.73 -8.78 -3.12
CA ILE A 85 -0.91 -7.56 -3.11
C ILE A 85 -1.80 -6.36 -2.84
N GLN A 86 -2.85 -6.21 -3.66
CA GLN A 86 -3.79 -5.10 -3.58
C GLN A 86 -4.39 -4.95 -2.16
N GLN A 87 -4.91 -6.02 -1.57
CA GLN A 87 -5.52 -5.96 -0.23
C GLN A 87 -4.49 -5.68 0.88
N GLN A 88 -3.25 -6.19 0.78
CA GLN A 88 -2.24 -5.93 1.80
C GLN A 88 -1.77 -4.46 1.70
N LEU A 89 -1.56 -3.97 0.46
CA LEU A 89 -1.15 -2.60 0.16
C LEU A 89 -2.21 -1.59 0.63
N VAL A 90 -3.50 -1.83 0.41
CA VAL A 90 -4.57 -0.95 0.95
C VAL A 90 -4.55 -0.93 2.49
N LEU A 91 -4.06 -1.99 3.17
CA LEU A 91 -3.89 -1.97 4.64
C LEU A 91 -2.66 -1.13 5.06
N LEU A 92 -1.61 -0.99 4.23
CA LEU A 92 -0.51 -0.03 4.49
C LEU A 92 -1.12 1.38 4.54
N LEU A 93 -2.05 1.67 3.62
CA LEU A 93 -2.75 2.96 3.57
C LEU A 93 -3.62 3.15 4.81
N HIS A 94 -4.44 2.16 5.19
CA HIS A 94 -5.24 2.24 6.43
C HIS A 94 -4.31 2.51 7.63
N ALA A 95 -3.25 1.72 7.81
CA ALA A 95 -2.32 1.85 8.92
C ALA A 95 -1.58 3.20 8.99
N HIS A 96 -1.44 3.92 7.87
CA HIS A 96 -0.84 5.27 7.86
C HIS A 96 -1.88 6.37 8.09
N LYS A 97 -3.15 6.14 7.69
CA LYS A 97 -4.26 7.09 7.82
C LYS A 97 -4.96 7.01 9.20
N CYS A 98 -5.14 5.81 9.75
CA CYS A 98 -5.72 5.54 11.07
C CYS A 98 -4.87 6.21 12.19
N GLN A 99 -3.54 6.10 12.12
CA GLN A 99 -2.63 6.78 13.05
C GLN A 99 -2.70 8.32 12.90
N ARG A 100 -2.80 8.83 11.67
CA ARG A 100 -2.87 10.27 11.35
C ARG A 100 -4.20 10.89 11.82
N ARG A 101 -5.30 10.15 11.74
CA ARG A 101 -6.65 10.54 12.20
C ARG A 101 -6.65 10.92 13.68
N GLU A 102 -5.96 10.17 14.52
CA GLU A 102 -5.85 10.48 15.96
C GLU A 102 -4.89 11.66 16.22
N GLN A 103 -3.79 11.74 15.46
CA GLN A 103 -2.82 12.83 15.57
C GLN A 103 -3.42 14.19 15.16
N ALA A 104 -4.30 14.18 14.15
CA ALA A 104 -5.00 15.35 13.62
C ALA A 104 -6.23 15.77 14.44
N ASN A 105 -6.86 14.83 15.17
CA ASN A 105 -8.08 15.05 15.94
C ASN A 105 -8.05 14.33 17.30
N GLY A 106 -7.93 15.08 18.40
CA GLY A 106 -7.91 14.55 19.77
C GLY A 106 -9.25 14.00 20.28
N GLU A 107 -10.37 14.22 19.57
CA GLU A 107 -11.70 13.73 19.94
C GLU A 107 -11.96 12.27 19.51
N VAL A 108 -11.05 11.68 18.72
CA VAL A 108 -11.11 10.30 18.22
C VAL A 108 -9.79 9.55 18.43
N ARG A 109 -9.84 8.21 18.34
CA ARG A 109 -8.69 7.31 18.50
C ARG A 109 -8.48 6.38 17.30
N ALA A 110 -7.27 5.81 17.21
CA ALA A 110 -6.93 4.79 16.24
C ALA A 110 -7.69 3.48 16.55
N CYS A 111 -7.86 2.61 15.56
CA CYS A 111 -8.59 1.35 15.70
C CYS A 111 -7.83 0.26 16.49
N SER A 112 -8.52 -0.87 16.72
CA SER A 112 -8.04 -2.05 17.47
C SER A 112 -7.67 -3.26 16.59
N LEU A 113 -7.64 -3.09 15.26
CA LEU A 113 -7.32 -4.16 14.29
C LEU A 113 -5.84 -4.63 14.44
N PRO A 114 -5.56 -5.95 14.53
CA PRO A 114 -4.19 -6.45 14.73
C PRO A 114 -3.25 -6.15 13.55
N HIS A 115 -3.75 -6.22 12.31
CA HIS A 115 -2.93 -5.92 11.12
C HIS A 115 -2.63 -4.42 11.00
N CYS A 116 -3.55 -3.54 11.43
CA CYS A 116 -3.31 -2.09 11.47
C CYS A 116 -2.21 -1.79 12.49
N ARG A 117 -2.34 -2.31 13.73
CA ARG A 117 -1.34 -2.23 14.80
C ARG A 117 0.04 -2.73 14.34
N THR A 118 0.07 -3.74 13.47
CA THR A 118 1.31 -4.28 12.88
C THR A 118 1.90 -3.33 11.84
N MET A 119 1.17 -3.03 10.75
CA MET A 119 1.70 -2.19 9.67
C MET A 119 2.01 -0.75 10.11
N LYS A 120 1.30 -0.17 11.09
CA LYS A 120 1.61 1.20 11.58
C LYS A 120 2.97 1.27 12.26
N ASN A 121 3.39 0.20 12.95
CA ASN A 121 4.71 0.10 13.57
C ASN A 121 5.79 -0.05 12.49
N VAL A 122 5.50 -0.80 11.41
CA VAL A 122 6.41 -0.95 10.26
C VAL A 122 6.62 0.38 9.56
N LEU A 123 5.55 1.12 9.25
CA LEU A 123 5.62 2.43 8.59
C LEU A 123 6.43 3.44 9.42
N ASN A 124 6.24 3.50 10.74
CA ASN A 124 7.00 4.38 11.63
C ASN A 124 8.50 3.99 11.78
N HIS A 125 8.87 2.76 11.41
CA HIS A 125 10.26 2.29 11.38
C HIS A 125 10.87 2.56 10.00
N MET A 126 10.17 2.14 8.93
CA MET A 126 10.56 2.24 7.53
C MET A 126 10.85 3.68 7.08
N THR A 127 10.26 4.70 7.71
CA THR A 127 10.48 6.13 7.43
C THR A 127 11.94 6.55 7.64
N HIS A 128 12.61 5.97 8.65
CA HIS A 128 14.01 6.23 9.00
C HIS A 128 14.97 5.07 8.73
N CYS A 129 14.46 3.87 8.43
CA CYS A 129 15.28 2.69 8.13
C CYS A 129 16.12 2.92 6.85
N GLN A 130 17.43 2.64 6.94
CA GLN A 130 18.41 2.82 5.87
C GLN A 130 18.78 1.51 5.14
N ALA A 131 18.49 0.34 5.72
CA ALA A 131 18.79 -0.96 5.11
C ALA A 131 17.67 -1.43 4.17
N GLY A 132 16.41 -1.07 4.45
CA GLY A 132 15.25 -1.40 3.62
C GLY A 132 15.12 -2.91 3.35
N LYS A 133 15.34 -3.32 2.09
CA LYS A 133 15.32 -4.75 1.68
C LYS A 133 16.37 -5.61 2.41
N ALA A 134 17.42 -4.98 2.96
CA ALA A 134 18.48 -5.62 3.74
C ALA A 134 18.26 -5.56 5.27
N CYS A 135 17.19 -4.90 5.74
CA CYS A 135 16.86 -4.81 7.16
C CYS A 135 16.57 -6.22 7.73
N GLN A 136 16.99 -6.44 8.97
CA GLN A 136 16.89 -7.73 9.65
C GLN A 136 15.51 -7.98 10.27
N VAL A 137 14.61 -7.00 10.22
CA VAL A 137 13.19 -7.13 10.63
C VAL A 137 12.41 -7.57 9.38
N ALA A 138 11.84 -8.78 9.42
CA ALA A 138 11.13 -9.37 8.28
C ALA A 138 10.01 -8.47 7.74
N HIS A 139 9.21 -7.86 8.63
CA HIS A 139 8.08 -7.00 8.25
C HIS A 139 8.53 -5.74 7.48
N CYS A 140 9.66 -5.15 7.87
CA CYS A 140 10.28 -3.98 7.23
C CYS A 140 10.78 -4.34 5.82
N ALA A 141 11.66 -5.34 5.74
CA ALA A 141 12.21 -5.85 4.47
C ALA A 141 11.10 -6.26 3.48
N SER A 142 10.00 -6.84 3.97
CA SER A 142 8.84 -7.21 3.16
C SER A 142 8.07 -5.98 2.65
N SER A 143 7.70 -5.04 3.53
CA SER A 143 6.94 -3.85 3.14
C SER A 143 7.71 -2.98 2.13
N ARG A 144 9.05 -2.86 2.29
CA ARG A 144 9.93 -2.13 1.36
C ARG A 144 9.82 -2.65 -0.08
N GLN A 145 9.60 -3.96 -0.27
CA GLN A 145 9.43 -4.58 -1.60
C GLN A 145 8.12 -4.12 -2.28
N ILE A 146 7.06 -3.82 -1.50
CA ILE A 146 5.79 -3.31 -2.04
C ILE A 146 5.94 -1.82 -2.38
N ILE A 147 6.53 -1.03 -1.48
CA ILE A 147 6.82 0.39 -1.69
C ILE A 147 7.71 0.57 -2.94
N SER A 148 8.68 -0.33 -3.15
CA SER A 148 9.55 -0.34 -4.33
C SER A 148 8.80 -0.53 -5.65
N HIS A 149 7.62 -1.16 -5.65
CA HIS A 149 6.81 -1.31 -6.87
C HIS A 149 6.36 0.07 -7.37
N TRP A 150 5.69 0.87 -6.54
CA TRP A 150 5.24 2.22 -6.88
C TRP A 150 6.39 3.16 -7.26
N LYS A 151 7.57 3.00 -6.64
CA LYS A 151 8.77 3.79 -6.94
C LYS A 151 9.35 3.51 -8.33
N ASN A 152 9.20 2.29 -8.85
CA ASN A 152 9.71 1.87 -10.17
C ASN A 152 8.65 1.87 -11.30
N CYS A 153 7.39 1.52 -11.00
CA CYS A 153 6.30 1.37 -11.96
C CYS A 153 5.74 2.74 -12.43
N THR A 154 5.59 2.87 -13.75
CA THR A 154 5.08 4.08 -14.45
C THR A 154 3.98 3.77 -15.46
N ARG A 155 3.58 2.50 -15.60
CA ARG A 155 2.53 2.02 -16.52
C ARG A 155 1.13 2.37 -16.00
N HIS A 156 0.25 2.86 -16.88
CA HIS A 156 -1.14 3.21 -16.50
C HIS A 156 -2.01 1.96 -16.32
N ASP A 157 -1.80 0.94 -17.16
CA ASP A 157 -2.52 -0.35 -17.14
C ASP A 157 -1.72 -1.48 -16.47
N CYS A 158 -1.56 -1.37 -15.15
CA CYS A 158 -0.89 -2.34 -14.27
C CYS A 158 -1.94 -2.93 -13.31
N PRO A 159 -2.01 -4.27 -13.11
CA PRO A 159 -3.04 -4.89 -12.26
C PRO A 159 -3.07 -4.42 -10.81
N VAL A 160 -1.94 -3.94 -10.25
CA VAL A 160 -1.88 -3.40 -8.88
C VAL A 160 -2.11 -1.88 -8.87
N CYS A 161 -1.40 -1.12 -9.70
CA CYS A 161 -1.47 0.34 -9.72
C CYS A 161 -2.82 0.91 -10.23
N LEU A 162 -3.39 0.38 -11.32
CA LEU A 162 -4.64 0.85 -11.91
C LEU A 162 -5.81 0.93 -10.89
N PRO A 163 -6.20 -0.14 -10.17
CA PRO A 163 -7.29 -0.06 -9.19
C PRO A 163 -7.00 0.92 -8.04
N LEU A 164 -5.74 1.08 -7.63
CA LEU A 164 -5.36 2.04 -6.58
C LEU A 164 -5.49 3.50 -7.06
N LYS A 165 -5.03 3.80 -8.29
CA LYS A 165 -5.18 5.13 -8.93
C LYS A 165 -6.66 5.51 -9.09
N ASN A 166 -7.49 4.51 -9.41
CA ASN A 166 -8.95 4.64 -9.57
C ASN A 166 -9.70 4.82 -8.23
N ALA A 167 -9.30 4.07 -7.19
CA ALA A 167 -9.95 4.10 -5.87
C ALA A 167 -9.55 5.29 -4.98
N SER A 168 -8.32 5.79 -5.10
CA SER A 168 -7.80 6.89 -4.28
C SER A 168 -8.48 8.24 -4.49
N ASP A 169 -8.64 8.99 -3.40
CA ASP A 169 -9.19 10.35 -3.41
C ASP A 169 -8.10 11.41 -3.66
N LYS A 170 -6.81 11.05 -3.60
CA LYS A 170 -5.64 11.92 -3.81
C LYS A 170 -5.25 12.05 -5.30
N ARG A 171 -6.28 12.10 -6.16
CA ARG A 171 -6.20 12.19 -7.63
C ARG A 171 -5.84 13.59 -8.17
ZN ZN B . -6.56 1.28 12.00
ZN ZN C . 14.10 -1.59 8.77
ZN ZN D . 2.63 -1.38 -11.22
N GLY A 1 -26.71 26.41 -4.12
CA GLY A 1 -25.30 25.99 -4.06
C GLY A 1 -25.09 24.49 -3.81
N SER A 2 -26.17 23.71 -3.63
CA SER A 2 -26.15 22.27 -3.35
C SER A 2 -25.67 21.40 -4.54
N HIS A 3 -25.65 21.96 -5.75
CA HIS A 3 -25.22 21.32 -7.00
C HIS A 3 -24.51 22.32 -7.94
N MET A 4 -23.57 21.84 -8.75
CA MET A 4 -22.79 22.64 -9.72
C MET A 4 -22.84 21.99 -11.12
N GLU A 5 -22.84 22.81 -12.17
CA GLU A 5 -22.89 22.36 -13.57
C GLU A 5 -21.56 21.74 -14.05
N GLU A 6 -20.43 22.17 -13.49
CA GLU A 6 -19.07 21.68 -13.81
C GLU A 6 -18.22 21.46 -12.54
N PRO A 7 -17.21 20.57 -12.57
CA PRO A 7 -16.34 20.31 -11.42
C PRO A 7 -15.55 21.53 -10.93
N GLN A 8 -15.22 21.56 -9.63
CA GLN A 8 -14.44 22.63 -9.00
C GLN A 8 -12.95 22.61 -9.43
N SER A 9 -12.41 21.44 -9.76
CA SER A 9 -11.03 21.21 -10.20
C SER A 9 -10.93 20.02 -11.17
N ASP A 10 -9.80 19.89 -11.87
CA ASP A 10 -9.53 18.83 -12.85
C ASP A 10 -8.06 18.33 -12.75
N PRO A 11 -7.81 17.03 -12.51
CA PRO A 11 -6.45 16.48 -12.40
C PRO A 11 -5.80 16.19 -13.78
N SER A 12 -6.60 15.94 -14.81
CA SER A 12 -6.17 15.58 -16.18
C SER A 12 -5.28 16.60 -16.89
N VAL A 13 -5.28 17.86 -16.45
CA VAL A 13 -4.42 18.93 -17.01
C VAL A 13 -2.95 18.77 -16.61
N GLU A 14 -2.66 18.03 -15.53
CA GLU A 14 -1.30 17.78 -15.03
C GLU A 14 -0.69 16.50 -15.65
N PRO A 15 0.57 16.52 -16.14
CA PRO A 15 1.22 15.32 -16.70
C PRO A 15 1.29 14.09 -15.76
N PRO A 16 1.73 14.20 -14.48
CA PRO A 16 1.79 13.06 -13.56
C PRO A 16 0.40 12.71 -12.97
N LEU A 17 0.29 11.53 -12.37
CA LEU A 17 -0.94 11.09 -11.67
C LEU A 17 -1.24 12.00 -10.47
N SER A 18 -2.52 12.33 -10.26
CA SER A 18 -2.90 13.00 -8.99
C SER A 18 -2.71 11.96 -7.86
N GLN A 19 -2.78 10.68 -8.25
CA GLN A 19 -2.56 9.47 -7.45
C GLN A 19 -1.06 9.11 -7.28
N GLU A 20 -0.08 9.82 -7.86
CA GLU A 20 1.36 9.54 -7.59
C GLU A 20 1.73 9.84 -6.13
N THR A 21 0.82 10.51 -5.43
CA THR A 21 0.82 10.76 -3.99
C THR A 21 1.10 9.47 -3.19
N PHE A 22 0.75 8.28 -3.71
CA PHE A 22 1.08 6.97 -3.10
C PHE A 22 2.57 6.82 -2.78
N SER A 23 3.46 7.44 -3.55
CA SER A 23 4.92 7.40 -3.32
C SER A 23 5.36 8.25 -2.12
N ASP A 24 4.64 9.34 -1.81
CA ASP A 24 4.85 10.21 -0.63
C ASP A 24 4.03 9.76 0.59
N LEU A 25 2.86 9.17 0.35
CA LEU A 25 1.84 8.73 1.31
C LEU A 25 2.43 7.98 2.51
N TRP A 26 3.12 6.87 2.27
CA TRP A 26 3.62 6.01 3.34
C TRP A 26 4.68 6.66 4.26
N LYS A 27 5.23 7.82 3.86
CA LYS A 27 6.28 8.54 4.58
C LYS A 27 5.92 9.90 5.21
N LEU A 28 5.34 10.82 4.42
CA LEU A 28 5.11 12.23 4.79
C LEU A 28 3.64 12.72 4.79
N LEU A 29 2.68 11.80 4.87
CA LEU A 29 1.23 12.06 4.74
C LEU A 29 0.66 13.19 5.64
N PRO A 30 -0.20 14.08 5.08
CA PRO A 30 -0.90 15.10 5.85
C PRO A 30 -2.08 14.49 6.61
N GLU A 31 -2.60 15.18 7.63
CA GLU A 31 -3.75 14.71 8.41
C GLU A 31 -5.11 14.89 7.71
N ASN A 32 -5.18 15.70 6.65
CA ASN A 32 -6.38 15.98 5.86
C ASN A 32 -6.48 15.03 4.64
N ASN A 33 -7.08 13.85 4.84
CA ASN A 33 -7.31 12.83 3.80
C ASN A 33 -8.56 11.99 4.11
N VAL A 34 -9.24 11.46 3.09
CA VAL A 34 -10.48 10.65 3.22
C VAL A 34 -10.44 9.28 2.53
N LEU A 35 -9.27 8.80 2.10
CA LEU A 35 -9.10 7.48 1.44
C LEU A 35 -9.18 6.28 2.41
N SER A 36 -9.16 6.53 3.72
CA SER A 36 -9.20 5.52 4.79
C SER A 36 -10.37 4.52 4.65
N PRO A 37 -10.11 3.21 4.41
CA PRO A 37 -11.17 2.22 4.30
C PRO A 37 -11.81 1.96 5.68
N LEU A 38 -13.14 1.96 5.75
CA LEU A 38 -13.91 1.77 6.99
C LEU A 38 -13.88 0.30 7.43
N PRO A 39 -13.57 -0.04 8.71
CA PRO A 39 -13.49 -1.42 9.19
C PRO A 39 -14.69 -2.32 8.91
N SER A 40 -15.91 -1.77 8.86
CA SER A 40 -17.15 -2.53 8.55
C SER A 40 -17.28 -2.93 7.08
N GLN A 41 -16.48 -2.35 6.19
CA GLN A 41 -16.43 -2.61 4.74
C GLN A 41 -15.00 -2.92 4.23
N ALA A 42 -14.06 -3.19 5.14
CA ALA A 42 -12.66 -3.45 4.84
C ALA A 42 -12.39 -4.83 4.20
N MET A 43 -11.22 -4.94 3.58
CA MET A 43 -10.67 -6.12 2.90
C MET A 43 -9.93 -7.09 3.84
N ASP A 44 -10.16 -6.98 5.15
CA ASP A 44 -9.51 -7.79 6.21
C ASP A 44 -9.86 -9.29 6.19
N ASP A 45 -10.91 -9.69 5.45
CA ASP A 45 -11.31 -11.10 5.29
C ASP A 45 -10.27 -11.91 4.47
N LEU A 46 -9.38 -11.22 3.75
CA LEU A 46 -8.32 -11.77 2.89
C LEU A 46 -6.92 -11.35 3.40
N MET A 47 -6.79 -10.95 4.68
CA MET A 47 -5.56 -10.42 5.27
C MET A 47 -4.41 -11.42 5.47
N LEU A 48 -3.18 -10.91 5.28
CA LEU A 48 -1.90 -11.61 5.39
C LEU A 48 -0.92 -10.94 6.35
N SER A 49 -0.02 -11.73 6.94
CA SER A 49 1.11 -11.23 7.73
C SER A 49 2.26 -10.80 6.80
N PRO A 50 3.23 -9.98 7.27
CA PRO A 50 4.35 -9.54 6.43
C PRO A 50 5.23 -10.67 5.87
N ASP A 51 5.21 -11.86 6.48
CA ASP A 51 5.99 -13.03 6.03
C ASP A 51 5.39 -13.72 4.79
N ASP A 52 4.08 -13.54 4.54
CA ASP A 52 3.38 -14.12 3.39
C ASP A 52 3.61 -13.32 2.09
N ILE A 53 4.04 -12.05 2.20
CA ILE A 53 4.31 -11.12 1.09
C ILE A 53 5.33 -11.72 0.10
N GLU A 54 6.33 -12.43 0.62
CA GLU A 54 7.38 -13.04 -0.19
C GLU A 54 6.91 -14.19 -1.10
N GLN A 55 5.67 -14.66 -0.93
CA GLN A 55 5.07 -15.71 -1.77
C GLN A 55 4.50 -15.16 -3.09
N TRP A 56 4.08 -13.87 -3.11
CA TRP A 56 3.56 -13.21 -4.33
C TRP A 56 4.58 -12.27 -5.00
N PHE A 57 5.55 -11.74 -4.24
CA PHE A 57 6.71 -11.01 -4.79
C PHE A 57 7.91 -11.82 -4.29
N THR A 58 8.60 -12.50 -5.20
CA THR A 58 9.67 -13.47 -4.85
C THR A 58 10.99 -13.17 -5.56
N GLU A 59 12.11 -13.46 -4.89
CA GLU A 59 13.46 -13.27 -5.43
C GLU A 59 13.82 -14.37 -6.48
N ASP A 60 14.84 -14.12 -7.30
CA ASP A 60 15.30 -15.07 -8.33
C ASP A 60 15.85 -16.38 -7.70
N PRO A 61 15.35 -17.58 -8.08
CA PRO A 61 15.75 -18.86 -7.51
C PRO A 61 17.02 -19.48 -8.10
N GLY A 62 17.67 -18.82 -9.06
CA GLY A 62 18.87 -19.28 -9.77
C GLY A 62 18.56 -20.11 -11.04
N PRO A 63 19.59 -20.48 -11.83
CA PRO A 63 19.41 -21.23 -13.08
C PRO A 63 18.85 -22.66 -12.90
N ASP A 64 19.00 -23.24 -11.70
CA ASP A 64 18.48 -24.58 -11.36
C ASP A 64 17.06 -24.54 -10.74
N GLY A 65 16.51 -23.34 -10.49
CA GLY A 65 15.20 -23.13 -9.89
C GLY A 65 14.05 -23.18 -10.89
N SER A 66 13.45 -24.35 -11.08
CA SER A 66 12.25 -24.52 -11.90
C SER A 66 11.08 -23.83 -11.18
N CYS A 67 10.42 -22.88 -11.86
CA CYS A 67 9.32 -22.08 -11.30
C CYS A 67 7.92 -22.69 -11.55
N PHE A 68 6.95 -22.25 -10.75
CA PHE A 68 5.56 -22.73 -10.74
C PHE A 68 4.57 -21.56 -10.58
N ASN A 69 3.28 -21.80 -10.81
CA ASN A 69 2.23 -20.77 -10.64
C ASN A 69 2.21 -20.16 -9.23
N GLY A 70 2.59 -20.96 -8.21
CA GLY A 70 2.69 -20.54 -6.81
C GLY A 70 3.98 -19.78 -6.42
N THR A 71 4.99 -19.71 -7.30
CA THR A 71 6.28 -19.04 -7.04
C THR A 71 6.67 -17.97 -8.06
N ALA A 72 6.19 -18.06 -9.31
CA ALA A 72 6.46 -17.10 -10.38
C ALA A 72 5.69 -15.78 -10.17
N THR A 73 6.33 -14.64 -10.47
CA THR A 73 5.76 -13.29 -10.31
C THR A 73 5.20 -12.66 -11.60
N GLY A 74 5.74 -13.05 -12.76
CA GLY A 74 5.35 -12.55 -14.08
C GLY A 74 4.19 -13.32 -14.71
N PRO A 75 4.39 -14.57 -15.16
CA PRO A 75 3.38 -15.42 -15.81
C PRO A 75 2.35 -16.04 -14.84
N THR A 76 2.13 -15.43 -13.67
CA THR A 76 1.19 -15.90 -12.63
C THR A 76 -0.24 -16.00 -13.18
N ALA A 77 -0.79 -17.21 -13.19
CA ALA A 77 -2.15 -17.51 -13.63
C ALA A 77 -3.16 -17.50 -12.46
N ASP A 78 -2.68 -17.69 -11.23
CA ASP A 78 -3.50 -17.68 -10.00
C ASP A 78 -4.03 -16.25 -9.69
N PRO A 79 -5.35 -16.03 -9.58
CA PRO A 79 -5.92 -14.70 -9.31
C PRO A 79 -5.75 -14.25 -7.85
N GLU A 80 -5.73 -15.16 -6.89
CA GLU A 80 -5.56 -14.82 -5.47
C GLU A 80 -4.24 -14.09 -5.20
N LYS A 81 -3.12 -14.49 -5.82
CA LYS A 81 -1.82 -13.80 -5.67
C LYS A 81 -1.90 -12.31 -6.05
N ARG A 82 -2.73 -11.94 -7.03
CA ARG A 82 -2.97 -10.53 -7.41
C ARG A 82 -3.90 -9.84 -6.41
N LYS A 83 -4.97 -10.49 -5.97
CA LYS A 83 -5.91 -9.97 -4.96
C LYS A 83 -5.21 -9.73 -3.61
N LEU A 84 -4.25 -10.59 -3.25
CA LEU A 84 -3.46 -10.48 -2.02
C LEU A 84 -2.50 -9.28 -2.09
N ILE A 85 -1.90 -8.99 -3.24
CA ILE A 85 -1.08 -7.78 -3.45
C ILE A 85 -1.94 -6.54 -3.25
N GLN A 86 -3.10 -6.49 -3.92
CA GLN A 86 -4.06 -5.38 -3.82
C GLN A 86 -4.47 -5.15 -2.36
N GLN A 87 -4.98 -6.18 -1.68
CA GLN A 87 -5.46 -6.02 -0.30
C GLN A 87 -4.36 -5.67 0.71
N GLN A 88 -3.13 -6.18 0.55
CA GLN A 88 -2.01 -5.83 1.43
C GLN A 88 -1.62 -4.35 1.21
N LEU A 89 -1.46 -3.92 -0.05
CA LEU A 89 -1.14 -2.52 -0.38
C LEU A 89 -2.24 -1.56 0.12
N VAL A 90 -3.53 -1.92 0.03
CA VAL A 90 -4.61 -1.07 0.58
C VAL A 90 -4.46 -0.91 2.11
N LEU A 91 -3.92 -1.92 2.83
CA LEU A 91 -3.65 -1.75 4.28
C LEU A 91 -2.43 -0.85 4.54
N LEU A 92 -1.43 -0.79 3.63
CA LEU A 92 -0.32 0.17 3.78
C LEU A 92 -0.86 1.61 3.76
N LEU A 93 -1.98 1.86 3.06
CA LEU A 93 -2.66 3.16 3.04
C LEU A 93 -3.39 3.37 4.37
N HIS A 94 -4.22 2.39 4.80
CA HIS A 94 -4.96 2.45 6.06
C HIS A 94 -4.02 2.69 7.25
N ALA A 95 -2.97 1.88 7.43
CA ALA A 95 -2.02 1.97 8.54
C ALA A 95 -1.28 3.32 8.65
N HIS A 96 -1.16 4.10 7.57
CA HIS A 96 -0.59 5.45 7.63
C HIS A 96 -1.67 6.52 7.89
N LYS A 97 -2.89 6.32 7.39
CA LYS A 97 -4.04 7.22 7.59
C LYS A 97 -4.63 7.10 9.00
N CYS A 98 -4.69 5.88 9.57
CA CYS A 98 -5.16 5.55 10.91
C CYS A 98 -4.32 6.25 12.00
N GLN A 99 -2.98 6.14 11.92
CA GLN A 99 -2.09 6.85 12.84
C GLN A 99 -2.22 8.40 12.72
N ARG A 100 -2.42 8.93 11.49
CA ARG A 100 -2.65 10.37 11.24
C ARG A 100 -3.97 10.83 11.87
N ARG A 101 -5.04 10.04 11.72
CA ARG A 101 -6.39 10.29 12.29
C ARG A 101 -6.33 10.36 13.81
N GLU A 102 -5.58 9.46 14.46
CA GLU A 102 -5.41 9.46 15.91
C GLU A 102 -4.66 10.73 16.37
N GLN A 103 -3.56 11.07 15.70
CA GLN A 103 -2.75 12.26 16.00
C GLN A 103 -3.53 13.58 15.79
N ALA A 104 -4.37 13.65 14.77
CA ALA A 104 -5.18 14.82 14.43
C ALA A 104 -6.24 15.16 15.50
N ASN A 105 -6.86 14.13 16.10
CA ASN A 105 -7.91 14.27 17.11
C ASN A 105 -7.35 14.34 18.55
N GLY A 106 -6.41 13.45 18.90
CA GLY A 106 -5.75 13.38 20.21
C GLY A 106 -6.56 12.77 21.38
N GLU A 107 -7.86 12.52 21.22
CA GLU A 107 -8.72 11.95 22.28
C GLU A 107 -9.16 10.50 21.97
N VAL A 108 -9.41 10.17 20.69
CA VAL A 108 -9.78 8.81 20.24
C VAL A 108 -8.59 7.85 20.22
N ARG A 109 -8.88 6.53 20.17
CA ARG A 109 -7.88 5.45 20.10
C ARG A 109 -7.93 4.74 18.73
N ALA A 110 -6.76 4.33 18.24
CA ALA A 110 -6.59 3.64 16.96
C ALA A 110 -7.08 2.18 16.99
N CYS A 111 -7.05 1.53 15.83
CA CYS A 111 -7.48 0.16 15.57
C CYS A 111 -6.90 -0.93 16.51
N SER A 112 -7.73 -1.96 16.71
CA SER A 112 -7.41 -3.20 17.42
C SER A 112 -6.90 -4.30 16.46
N LEU A 113 -6.92 -4.03 15.14
CA LEU A 113 -6.46 -4.93 14.07
C LEU A 113 -4.97 -5.29 14.26
N PRO A 114 -4.61 -6.59 14.39
CA PRO A 114 -3.21 -7.01 14.52
C PRO A 114 -2.36 -6.55 13.33
N HIS A 115 -2.93 -6.60 12.12
CA HIS A 115 -2.28 -6.19 10.86
C HIS A 115 -2.12 -4.67 10.73
N CYS A 116 -3.07 -3.87 11.25
CA CYS A 116 -3.00 -2.41 11.25
C CYS A 116 -1.86 -1.97 12.19
N ARG A 117 -1.86 -2.52 13.42
CA ARG A 117 -0.81 -2.35 14.44
C ARG A 117 0.56 -2.77 13.89
N THR A 118 0.60 -3.83 13.09
CA THR A 118 1.83 -4.31 12.43
C THR A 118 2.32 -3.32 11.37
N MET A 119 1.52 -3.03 10.34
CA MET A 119 1.93 -2.13 9.26
C MET A 119 2.26 -0.70 9.73
N LYS A 120 1.57 -0.13 10.72
CA LYS A 120 1.90 1.23 11.22
C LYS A 120 3.29 1.28 11.86
N ASN A 121 3.74 0.20 12.50
CA ASN A 121 5.09 0.10 13.06
C ASN A 121 6.13 -0.08 11.93
N VAL A 122 5.81 -0.85 10.88
CA VAL A 122 6.70 -1.01 9.72
C VAL A 122 6.90 0.33 9.00
N LEU A 123 5.82 1.06 8.73
CA LEU A 123 5.88 2.38 8.08
C LEU A 123 6.76 3.35 8.88
N ASN A 124 6.61 3.40 10.22
CA ASN A 124 7.44 4.24 11.08
C ASN A 124 8.93 3.81 11.15
N HIS A 125 9.26 2.57 10.75
CA HIS A 125 10.65 2.09 10.63
C HIS A 125 11.20 2.37 9.22
N MET A 126 10.43 2.02 8.19
CA MET A 126 10.76 2.15 6.76
C MET A 126 11.08 3.60 6.36
N THR A 127 10.53 4.61 7.04
CA THR A 127 10.83 6.04 6.82
C THR A 127 12.24 6.42 7.22
N HIS A 128 12.81 5.71 8.21
CA HIS A 128 14.17 5.91 8.73
C HIS A 128 15.18 4.90 8.13
N CYS A 129 14.72 3.72 7.75
CA CYS A 129 15.53 2.65 7.18
C CYS A 129 16.17 3.02 5.82
N GLN A 130 17.47 2.73 5.69
CA GLN A 130 18.28 3.01 4.50
C GLN A 130 18.67 1.75 3.70
N ALA A 131 18.48 0.54 4.26
CA ALA A 131 18.77 -0.72 3.58
C ALA A 131 17.60 -1.21 2.73
N GLY A 132 16.36 -0.88 3.13
CA GLY A 132 15.13 -1.23 2.41
C GLY A 132 15.01 -2.73 2.13
N LYS A 133 15.08 -3.14 0.85
CA LYS A 133 15.03 -4.56 0.45
C LYS A 133 16.18 -5.39 1.03
N ALA A 134 17.28 -4.75 1.45
CA ALA A 134 18.44 -5.38 2.11
C ALA A 134 18.36 -5.37 3.65
N CYS A 135 17.31 -4.76 4.24
CA CYS A 135 17.12 -4.73 5.70
C CYS A 135 17.00 -6.16 6.25
N GLN A 136 17.57 -6.36 7.44
CA GLN A 136 17.65 -7.65 8.11
C GLN A 136 16.34 -8.07 8.81
N VAL A 137 15.33 -7.18 8.83
CA VAL A 137 13.99 -7.45 9.37
C VAL A 137 13.07 -7.83 8.21
N ALA A 138 12.44 -9.01 8.29
CA ALA A 138 11.58 -9.54 7.22
C ALA A 138 10.45 -8.58 6.79
N HIS A 139 9.74 -7.96 7.75
CA HIS A 139 8.62 -7.05 7.42
C HIS A 139 9.03 -5.77 6.69
N CYS A 140 10.23 -5.25 6.95
CA CYS A 140 10.77 -4.05 6.29
C CYS A 140 11.13 -4.37 4.83
N ALA A 141 11.99 -5.38 4.64
CA ALA A 141 12.41 -5.85 3.32
C ALA A 141 11.23 -6.32 2.44
N SER A 142 10.12 -6.77 3.04
CA SER A 142 8.90 -7.17 2.32
C SER A 142 8.05 -5.96 1.93
N SER A 143 7.84 -5.00 2.84
CA SER A 143 7.08 -3.78 2.58
C SER A 143 7.74 -2.86 1.55
N ARG A 144 9.08 -2.81 1.52
CA ARG A 144 9.84 -2.03 0.52
C ARG A 144 9.57 -2.51 -0.91
N GLN A 145 9.29 -3.80 -1.11
CA GLN A 145 8.95 -4.37 -2.42
C GLN A 145 7.58 -3.86 -2.93
N ILE A 146 6.64 -3.58 -2.02
CA ILE A 146 5.32 -3.01 -2.38
C ILE A 146 5.50 -1.56 -2.86
N ILE A 147 6.29 -0.79 -2.10
CA ILE A 147 6.65 0.60 -2.40
C ILE A 147 7.42 0.69 -3.72
N SER A 148 8.32 -0.27 -3.97
CA SER A 148 9.10 -0.37 -5.22
C SER A 148 8.22 -0.51 -6.47
N HIS A 149 7.02 -1.12 -6.36
CA HIS A 149 6.09 -1.24 -7.48
C HIS A 149 5.69 0.14 -8.00
N TRP A 150 5.24 1.05 -7.13
CA TRP A 150 4.86 2.42 -7.50
C TRP A 150 6.04 3.28 -8.01
N LYS A 151 7.28 2.94 -7.62
CA LYS A 151 8.50 3.62 -8.09
C LYS A 151 8.89 3.20 -9.52
N ASN A 152 8.58 1.96 -9.92
CA ASN A 152 8.90 1.40 -11.24
C ASN A 152 7.75 1.40 -12.25
N CYS A 153 6.50 1.20 -11.82
CA CYS A 153 5.31 1.11 -12.66
C CYS A 153 4.79 2.48 -13.12
N THR A 154 4.53 2.61 -14.42
CA THR A 154 4.05 3.84 -15.10
C THR A 154 2.82 3.63 -16.00
N ARG A 155 2.35 2.38 -16.16
CA ARG A 155 1.21 2.00 -17.00
C ARG A 155 -0.13 2.20 -16.27
N HIS A 156 -1.17 2.66 -16.99
CA HIS A 156 -2.51 2.85 -16.42
C HIS A 156 -3.26 1.51 -16.27
N ASP A 157 -3.14 0.64 -17.27
CA ASP A 157 -3.75 -0.69 -17.33
C ASP A 157 -2.85 -1.76 -16.66
N CYS A 158 -2.76 -1.68 -15.33
CA CYS A 158 -1.99 -2.58 -14.46
C CYS A 158 -2.95 -3.24 -13.43
N PRO A 159 -2.89 -4.56 -13.20
CA PRO A 159 -3.79 -5.23 -12.26
C PRO A 159 -3.68 -4.70 -10.81
N VAL A 160 -2.54 -4.10 -10.42
CA VAL A 160 -2.36 -3.49 -9.09
C VAL A 160 -2.73 -2.00 -9.11
N CYS A 161 -2.12 -1.21 -9.99
CA CYS A 161 -2.31 0.25 -10.01
C CYS A 161 -3.70 0.72 -10.45
N LEU A 162 -4.37 0.04 -11.40
CA LEU A 162 -5.70 0.45 -11.90
C LEU A 162 -6.75 0.58 -10.78
N PRO A 163 -7.05 -0.47 -9.96
CA PRO A 163 -8.02 -0.34 -8.87
C PRO A 163 -7.64 0.73 -7.83
N LEU A 164 -6.34 0.94 -7.57
CA LEU A 164 -5.84 1.95 -6.63
C LEU A 164 -6.09 3.38 -7.15
N LYS A 165 -5.75 3.67 -8.42
CA LYS A 165 -6.01 4.97 -9.04
C LYS A 165 -7.50 5.31 -9.06
N ASN A 166 -8.34 4.30 -9.28
CA ASN A 166 -9.80 4.38 -9.30
C ASN A 166 -10.39 4.62 -7.89
N ALA A 167 -9.85 3.96 -6.85
CA ALA A 167 -10.31 4.08 -5.46
C ALA A 167 -9.79 5.34 -4.74
N SER A 168 -8.63 5.89 -5.15
CA SER A 168 -7.99 7.06 -4.55
C SER A 168 -8.93 8.26 -4.36
N ASP A 169 -8.78 8.99 -3.24
CA ASP A 169 -9.56 10.21 -2.96
C ASP A 169 -9.09 11.42 -3.81
N LYS A 170 -7.99 11.27 -4.56
CA LYS A 170 -7.43 12.27 -5.49
C LYS A 170 -7.88 12.06 -6.95
N ARG A 171 -8.65 11.01 -7.23
CA ARG A 171 -9.17 10.62 -8.57
C ARG A 171 -9.60 11.82 -9.44
ZN ZN B . -6.46 1.25 11.61
ZN ZN C . 14.48 -1.64 7.70
ZN ZN D . 1.62 -1.41 -11.54
N GLY A 1 -27.74 2.78 5.58
CA GLY A 1 -27.59 1.34 5.38
C GLY A 1 -28.92 0.57 5.21
N SER A 2 -30.05 1.26 5.31
CA SER A 2 -31.41 0.68 5.18
C SER A 2 -31.81 0.31 3.75
N HIS A 3 -31.03 0.74 2.75
CA HIS A 3 -31.24 0.50 1.31
C HIS A 3 -29.89 0.33 0.56
N MET A 4 -29.96 -0.12 -0.70
CA MET A 4 -28.79 -0.35 -1.56
C MET A 4 -28.01 0.94 -1.90
N GLU A 5 -26.75 0.77 -2.30
CA GLU A 5 -25.83 1.85 -2.71
C GLU A 5 -25.01 1.44 -3.95
N GLU A 6 -24.51 2.42 -4.70
CA GLU A 6 -23.68 2.24 -5.91
C GLU A 6 -22.49 3.23 -5.96
N PRO A 7 -21.39 2.91 -6.67
CA PRO A 7 -20.21 3.79 -6.77
C PRO A 7 -20.50 5.18 -7.36
N GLN A 8 -19.72 6.18 -6.92
CA GLN A 8 -19.82 7.57 -7.39
C GLN A 8 -18.94 7.88 -8.63
N SER A 9 -18.14 6.93 -9.09
CA SER A 9 -17.26 7.02 -10.26
C SER A 9 -18.04 6.92 -11.60
N ASP A 10 -17.41 7.36 -12.69
CA ASP A 10 -17.98 7.35 -14.06
C ASP A 10 -17.04 6.61 -15.04
N PRO A 11 -17.50 5.58 -15.78
CA PRO A 11 -16.68 4.78 -16.69
C PRO A 11 -16.47 5.40 -18.09
N SER A 12 -17.25 6.43 -18.47
CA SER A 12 -17.17 7.10 -19.78
C SER A 12 -16.02 8.11 -19.89
N VAL A 13 -15.25 8.29 -18.81
CA VAL A 13 -14.09 9.20 -18.69
C VAL A 13 -13.01 8.53 -17.83
N GLU A 14 -11.74 8.89 -18.03
CA GLU A 14 -10.60 8.38 -17.25
C GLU A 14 -9.73 9.52 -16.70
N PRO A 15 -10.06 10.06 -15.51
CA PRO A 15 -9.31 11.09 -14.79
C PRO A 15 -8.59 10.46 -13.56
N PRO A 16 -7.63 9.53 -13.72
CA PRO A 16 -6.97 8.85 -12.59
C PRO A 16 -6.10 9.75 -11.72
N LEU A 17 -5.79 9.24 -10.52
CA LEU A 17 -4.91 9.86 -9.52
C LEU A 17 -3.48 10.03 -10.07
N SER A 18 -2.80 11.11 -9.67
CA SER A 18 -1.40 11.39 -10.03
C SER A 18 -0.47 10.33 -9.42
N GLN A 19 0.34 9.68 -10.25
CA GLN A 19 1.21 8.55 -9.87
C GLN A 19 2.09 8.78 -8.62
N GLU A 20 2.56 10.02 -8.42
CA GLU A 20 3.42 10.39 -7.28
C GLU A 20 2.69 10.48 -5.92
N THR A 21 1.35 10.41 -5.90
CA THR A 21 0.55 10.50 -4.65
C THR A 21 0.87 9.34 -3.71
N PHE A 22 0.71 8.10 -4.17
CA PHE A 22 1.06 6.89 -3.40
C PHE A 22 2.55 6.83 -3.02
N SER A 23 3.44 7.49 -3.77
CA SER A 23 4.88 7.51 -3.49
C SER A 23 5.25 8.33 -2.24
N ASP A 24 4.54 9.43 -1.96
CA ASP A 24 4.73 10.25 -0.75
C ASP A 24 3.84 9.79 0.43
N LEU A 25 2.68 9.20 0.12
CA LEU A 25 1.66 8.72 1.05
C LEU A 25 2.22 7.98 2.26
N TRP A 26 2.98 6.91 2.03
CA TRP A 26 3.46 6.03 3.09
C TRP A 26 4.55 6.62 4.00
N LYS A 27 5.12 7.78 3.64
CA LYS A 27 6.23 8.42 4.35
C LYS A 27 5.91 9.74 5.08
N LEU A 28 5.45 10.78 4.36
CA LEU A 28 5.27 12.14 4.91
C LEU A 28 3.84 12.71 4.89
N LEU A 29 2.83 11.86 4.71
CA LEU A 29 1.40 12.19 4.67
C LEU A 29 0.91 12.97 5.93
N PRO A 30 0.06 14.01 5.77
CA PRO A 30 -0.45 14.84 6.86
C PRO A 30 -1.55 14.18 7.71
N GLU A 31 -1.83 14.76 8.88
CA GLU A 31 -2.82 14.27 9.88
C GLU A 31 -4.24 14.00 9.36
N ASN A 32 -4.69 14.68 8.29
CA ASN A 32 -6.02 14.52 7.69
C ASN A 32 -5.93 13.99 6.24
N ASN A 33 -6.79 13.03 5.88
CA ASN A 33 -6.84 12.44 4.54
C ASN A 33 -8.27 11.96 4.17
N VAL A 34 -8.51 11.67 2.88
CA VAL A 34 -9.79 11.22 2.31
C VAL A 34 -9.78 9.80 1.70
N LEU A 35 -8.61 9.19 1.54
CA LEU A 35 -8.43 7.84 0.97
C LEU A 35 -8.55 6.71 2.03
N SER A 36 -8.67 7.06 3.31
CA SER A 36 -8.75 6.18 4.48
C SER A 36 -9.79 5.03 4.36
N PRO A 37 -9.37 3.76 4.19
CA PRO A 37 -10.27 2.61 4.09
C PRO A 37 -11.04 2.41 5.41
N LEU A 38 -12.38 2.48 5.35
CA LEU A 38 -13.28 2.35 6.51
C LEU A 38 -13.39 0.88 6.98
N PRO A 39 -13.18 0.55 8.27
CA PRO A 39 -13.29 -0.82 8.79
C PRO A 39 -14.60 -1.54 8.45
N SER A 40 -15.73 -0.81 8.44
CA SER A 40 -17.06 -1.32 8.10
C SER A 40 -17.21 -1.79 6.64
N GLN A 41 -16.28 -1.43 5.76
CA GLN A 41 -16.22 -1.78 4.33
C GLN A 41 -14.85 -2.36 3.92
N ALA A 42 -14.01 -2.73 4.89
CA ALA A 42 -12.65 -3.22 4.67
C ALA A 42 -12.55 -4.64 4.09
N MET A 43 -11.39 -4.90 3.49
CA MET A 43 -10.94 -6.15 2.86
C MET A 43 -10.27 -7.14 3.82
N ASP A 44 -10.34 -6.89 5.14
CA ASP A 44 -9.70 -7.69 6.20
C ASP A 44 -10.11 -9.18 6.24
N ASP A 45 -11.21 -9.55 5.56
CA ASP A 45 -11.65 -10.95 5.41
C ASP A 45 -10.63 -11.82 4.63
N LEU A 46 -9.76 -11.16 3.84
CA LEU A 46 -8.69 -11.72 3.01
C LEU A 46 -7.29 -11.32 3.53
N MET A 47 -7.16 -10.88 4.79
CA MET A 47 -5.89 -10.40 5.35
C MET A 47 -4.79 -11.47 5.44
N LEU A 48 -3.56 -11.01 5.24
CA LEU A 48 -2.32 -11.79 5.16
C LEU A 48 -1.25 -11.34 6.17
N SER A 49 -0.38 -12.26 6.60
CA SER A 49 0.77 -11.93 7.47
C SER A 49 1.96 -11.43 6.63
N PRO A 50 2.79 -10.47 7.12
CA PRO A 50 3.90 -9.91 6.33
C PRO A 50 4.91 -10.93 5.78
N ASP A 51 5.13 -12.05 6.49
CA ASP A 51 6.04 -13.11 6.06
C ASP A 51 5.63 -13.78 4.72
N ASP A 52 4.36 -13.68 4.33
CA ASP A 52 3.82 -14.25 3.08
C ASP A 52 3.91 -13.27 1.88
N ILE A 53 4.27 -12.00 2.10
CA ILE A 53 4.48 -11.01 1.01
C ILE A 53 5.59 -11.51 0.06
N GLU A 54 6.57 -12.20 0.64
CA GLU A 54 7.71 -12.83 -0.05
C GLU A 54 7.31 -14.00 -0.97
N GLN A 55 6.05 -14.48 -0.92
CA GLN A 55 5.56 -15.57 -1.77
C GLN A 55 5.02 -15.06 -3.12
N TRP A 56 4.54 -13.81 -3.19
CA TRP A 56 4.05 -13.18 -4.43
C TRP A 56 5.11 -12.27 -5.09
N PHE A 57 5.96 -11.59 -4.29
CA PHE A 57 7.14 -10.88 -4.79
C PHE A 57 8.34 -11.71 -4.28
N THR A 58 9.04 -12.38 -5.20
CA THR A 58 10.07 -13.38 -4.85
C THR A 58 11.45 -13.12 -5.48
N GLU A 59 12.51 -13.45 -4.74
CA GLU A 59 13.92 -13.38 -5.15
C GLU A 59 14.56 -14.78 -5.20
N ASP A 60 15.68 -14.93 -5.91
CA ASP A 60 16.37 -16.23 -6.05
C ASP A 60 16.91 -16.74 -4.69
N PRO A 61 16.45 -17.91 -4.18
CA PRO A 61 16.88 -18.44 -2.88
C PRO A 61 18.23 -19.17 -2.90
N GLY A 62 18.72 -19.58 -4.09
CA GLY A 62 19.97 -20.32 -4.30
C GLY A 62 19.75 -21.61 -5.12
N PRO A 63 20.60 -22.66 -4.94
CA PRO A 63 20.50 -23.93 -5.67
C PRO A 63 19.15 -24.66 -5.47
N ASP A 64 18.49 -24.39 -4.35
CA ASP A 64 17.22 -24.95 -3.91
C ASP A 64 15.97 -24.27 -4.52
N GLY A 65 16.16 -23.39 -5.51
CA GLY A 65 15.12 -22.62 -6.20
C GLY A 65 14.21 -23.40 -7.15
N SER A 66 13.62 -24.51 -6.70
CA SER A 66 12.68 -25.32 -7.50
C SER A 66 11.38 -24.54 -7.79
N CYS A 67 10.76 -23.96 -6.77
CA CYS A 67 9.57 -23.11 -6.91
C CYS A 67 9.91 -21.78 -7.60
N PHE A 68 11.15 -21.27 -7.43
CA PHE A 68 11.60 -20.01 -8.00
C PHE A 68 11.49 -19.96 -9.54
N ASN A 69 11.55 -21.11 -10.23
CA ASN A 69 11.34 -21.16 -11.67
C ASN A 69 9.90 -20.74 -12.02
N GLY A 70 8.89 -21.37 -11.40
CA GLY A 70 7.47 -21.04 -11.60
C GLY A 70 7.11 -19.62 -11.18
N THR A 71 7.66 -19.13 -10.06
CA THR A 71 7.43 -17.76 -9.56
C THR A 71 8.18 -16.68 -10.36
N ALA A 72 8.95 -17.07 -11.39
CA ALA A 72 9.66 -16.17 -12.31
C ALA A 72 9.11 -16.25 -13.75
N THR A 73 8.72 -17.44 -14.23
CA THR A 73 8.19 -17.64 -15.59
C THR A 73 6.72 -17.25 -15.75
N GLY A 74 5.91 -17.31 -14.67
CA GLY A 74 4.48 -16.96 -14.72
C GLY A 74 3.79 -16.73 -13.37
N PRO A 75 4.30 -15.87 -12.47
CA PRO A 75 3.65 -15.56 -11.18
C PRO A 75 2.31 -14.83 -11.36
N THR A 76 2.13 -14.08 -12.45
CA THR A 76 0.92 -13.30 -12.77
C THR A 76 -0.28 -14.16 -13.19
N ALA A 77 -0.08 -15.46 -13.44
CA ALA A 77 -1.15 -16.39 -13.85
C ALA A 77 -2.11 -16.77 -12.69
N ASP A 78 -1.72 -16.52 -11.43
CA ASP A 78 -2.52 -16.82 -10.24
C ASP A 78 -3.37 -15.61 -9.81
N PRO A 79 -4.72 -15.69 -9.80
CA PRO A 79 -5.59 -14.56 -9.42
C PRO A 79 -5.58 -14.26 -7.92
N GLU A 80 -5.42 -15.28 -7.06
CA GLU A 80 -5.37 -15.09 -5.61
C GLU A 80 -4.16 -14.25 -5.19
N LYS A 81 -2.99 -14.48 -5.81
CA LYS A 81 -1.79 -13.65 -5.57
C LYS A 81 -2.07 -12.18 -5.88
N ARG A 82 -2.70 -11.88 -7.03
CA ARG A 82 -3.09 -10.50 -7.40
C ARG A 82 -4.02 -9.88 -6.37
N LYS A 83 -5.05 -10.61 -5.91
CA LYS A 83 -5.96 -10.15 -4.86
C LYS A 83 -5.21 -9.89 -3.54
N LEU A 84 -4.24 -10.73 -3.18
CA LEU A 84 -3.42 -10.56 -1.99
C LEU A 84 -2.51 -9.32 -2.08
N ILE A 85 -1.91 -9.02 -3.23
CA ILE A 85 -1.12 -7.78 -3.40
C ILE A 85 -2.03 -6.57 -3.21
N GLN A 86 -3.15 -6.52 -3.95
CA GLN A 86 -4.12 -5.44 -3.89
C GLN A 86 -4.60 -5.21 -2.45
N GLN A 87 -5.10 -6.24 -1.76
CA GLN A 87 -5.60 -6.11 -0.39
C GLN A 87 -4.49 -5.74 0.61
N GLN A 88 -3.25 -6.25 0.44
CA GLN A 88 -2.14 -5.89 1.32
C GLN A 88 -1.75 -4.42 1.13
N LEU A 89 -1.63 -3.96 -0.12
CA LEU A 89 -1.28 -2.58 -0.46
C LEU A 89 -2.35 -1.61 0.07
N VAL A 90 -3.65 -1.94 -0.04
CA VAL A 90 -4.72 -1.11 0.54
C VAL A 90 -4.55 -0.98 2.07
N LEU A 91 -4.02 -2.00 2.76
CA LEU A 91 -3.76 -1.87 4.21
C LEU A 91 -2.59 -0.93 4.50
N LEU A 92 -1.58 -0.79 3.63
CA LEU A 92 -0.49 0.19 3.82
C LEU A 92 -1.08 1.62 3.83
N LEU A 93 -2.20 1.85 3.14
CA LEU A 93 -2.92 3.13 3.13
C LEU A 93 -3.64 3.33 4.46
N HIS A 94 -4.41 2.32 4.91
CA HIS A 94 -5.09 2.38 6.22
C HIS A 94 -4.08 2.60 7.34
N ALA A 95 -3.06 1.74 7.45
CA ALA A 95 -2.03 1.80 8.50
C ALA A 95 -1.27 3.14 8.56
N HIS A 96 -1.19 3.92 7.47
CA HIS A 96 -0.56 5.25 7.47
C HIS A 96 -1.55 6.39 7.78
N LYS A 97 -2.83 6.25 7.41
CA LYS A 97 -3.88 7.26 7.65
C LYS A 97 -4.50 7.14 9.05
N CYS A 98 -4.64 5.91 9.54
CA CYS A 98 -5.15 5.54 10.88
C CYS A 98 -4.26 6.13 11.99
N GLN A 99 -2.94 5.87 11.95
CA GLN A 99 -1.98 6.43 12.92
C GLN A 99 -2.01 7.96 12.99
N ARG A 100 -2.35 8.63 11.87
CA ARG A 100 -2.46 10.09 11.74
C ARG A 100 -3.78 10.65 12.28
N ARG A 101 -4.86 9.86 12.34
CA ARG A 101 -6.16 10.34 12.88
C ARG A 101 -6.10 10.74 14.35
N GLU A 102 -5.21 10.12 15.13
CA GLU A 102 -4.99 10.47 16.55
C GLU A 102 -4.22 11.80 16.69
N GLN A 103 -3.45 12.21 15.67
CA GLN A 103 -2.77 13.51 15.62
C GLN A 103 -3.78 14.62 15.26
N ALA A 104 -4.76 14.32 14.41
CA ALA A 104 -5.84 15.23 14.03
C ALA A 104 -6.89 15.40 15.14
N ASN A 105 -7.16 14.34 15.91
CA ASN A 105 -8.15 14.30 17.00
C ASN A 105 -7.59 13.60 18.25
N GLY A 106 -7.38 14.35 19.33
CA GLY A 106 -6.86 13.83 20.61
C GLY A 106 -7.87 13.05 21.47
N GLU A 107 -9.15 13.01 21.09
CA GLU A 107 -10.22 12.32 21.84
C GLU A 107 -10.35 10.82 21.51
N VAL A 108 -9.67 10.32 20.48
CA VAL A 108 -9.69 8.91 20.05
C VAL A 108 -8.40 8.15 20.40
N ARG A 109 -8.49 6.81 20.37
CA ARG A 109 -7.37 5.87 20.64
C ARG A 109 -6.93 5.14 19.37
N ALA A 110 -5.83 4.39 19.46
CA ALA A 110 -5.26 3.62 18.35
C ALA A 110 -6.13 2.40 17.95
N CYS A 111 -5.87 1.87 16.74
CA CYS A 111 -6.59 0.75 16.14
C CYS A 111 -6.43 -0.59 16.90
N SER A 112 -7.48 -1.41 16.86
CA SER A 112 -7.53 -2.75 17.49
C SER A 112 -7.14 -3.89 16.53
N LEU A 113 -6.96 -3.60 15.25
CA LEU A 113 -6.60 -4.55 14.18
C LEU A 113 -5.08 -4.88 14.23
N PRO A 114 -4.66 -6.13 14.53
CA PRO A 114 -3.25 -6.50 14.64
C PRO A 114 -2.42 -6.20 13.38
N HIS A 115 -3.01 -6.36 12.20
CA HIS A 115 -2.32 -6.08 10.93
C HIS A 115 -2.08 -4.58 10.70
N CYS A 116 -2.99 -3.71 11.16
CA CYS A 116 -2.84 -2.25 11.12
C CYS A 116 -1.69 -1.85 12.06
N ARG A 117 -1.73 -2.33 13.31
CA ARG A 117 -0.66 -2.16 14.33
C ARG A 117 0.71 -2.63 13.81
N THR A 118 0.73 -3.68 12.98
CA THR A 118 1.94 -4.22 12.35
C THR A 118 2.45 -3.29 11.23
N MET A 119 1.63 -3.00 10.22
CA MET A 119 2.04 -2.15 9.09
C MET A 119 2.41 -0.73 9.53
N LYS A 120 1.73 -0.11 10.51
CA LYS A 120 2.07 1.25 10.98
C LYS A 120 3.47 1.34 11.58
N ASN A 121 3.93 0.29 12.26
CA ASN A 121 5.30 0.23 12.80
C ASN A 121 6.32 0.07 11.67
N VAL A 122 6.00 -0.74 10.65
CA VAL A 122 6.87 -0.92 9.47
C VAL A 122 7.01 0.37 8.68
N LEU A 123 5.91 1.10 8.42
CA LEU A 123 5.91 2.37 7.70
C LEU A 123 6.76 3.43 8.43
N ASN A 124 6.65 3.52 9.76
CA ASN A 124 7.46 4.45 10.56
C ASN A 124 8.96 4.09 10.54
N HIS A 125 9.32 2.80 10.42
CA HIS A 125 10.71 2.36 10.30
C HIS A 125 11.22 2.60 8.87
N MET A 126 10.46 2.19 7.86
CA MET A 126 10.79 2.26 6.43
C MET A 126 11.10 3.69 5.93
N THR A 127 10.50 4.75 6.50
CA THR A 127 10.82 6.14 6.11
C THR A 127 12.15 6.65 6.73
N HIS A 128 12.74 5.90 7.66
CA HIS A 128 14.03 6.18 8.32
C HIS A 128 15.12 5.15 8.00
N CYS A 129 14.74 3.96 7.52
CA CYS A 129 15.64 2.86 7.17
C CYS A 129 16.67 3.27 6.09
N GLN A 130 17.88 2.69 6.21
CA GLN A 130 19.04 2.93 5.32
C GLN A 130 19.36 1.73 4.41
N ALA A 131 18.84 0.54 4.70
CA ALA A 131 19.09 -0.69 3.94
C ALA A 131 17.89 -1.09 3.05
N GLY A 132 16.66 -0.75 3.45
CA GLY A 132 15.44 -1.01 2.69
C GLY A 132 15.26 -2.49 2.28
N LYS A 133 15.38 -2.80 0.98
CA LYS A 133 15.28 -4.19 0.48
C LYS A 133 16.40 -5.11 0.98
N ALA A 134 17.48 -4.54 1.53
CA ALA A 134 18.60 -5.24 2.16
C ALA A 134 18.52 -5.25 3.70
N CYS A 135 17.47 -4.65 4.30
CA CYS A 135 17.25 -4.63 5.74
C CYS A 135 17.02 -6.05 6.26
N GLN A 136 17.56 -6.33 7.45
CA GLN A 136 17.53 -7.64 8.08
C GLN A 136 16.20 -7.93 8.81
N VAL A 137 15.29 -6.96 8.88
CA VAL A 137 13.93 -7.12 9.40
C VAL A 137 13.06 -7.58 8.22
N ALA A 138 12.53 -8.80 8.29
CA ALA A 138 11.74 -9.40 7.21
C ALA A 138 10.56 -8.54 6.74
N HIS A 139 9.86 -7.87 7.68
CA HIS A 139 8.70 -7.02 7.37
C HIS A 139 9.10 -5.75 6.59
N CYS A 140 10.21 -5.10 6.96
CA CYS A 140 10.75 -3.92 6.28
C CYS A 140 11.12 -4.26 4.83
N ALA A 141 11.96 -5.29 4.65
CA ALA A 141 12.38 -5.78 3.35
C ALA A 141 11.21 -6.29 2.47
N SER A 142 10.08 -6.66 3.08
CA SER A 142 8.86 -7.07 2.37
C SER A 142 8.04 -5.88 1.90
N SER A 143 7.70 -4.93 2.79
CA SER A 143 6.94 -3.73 2.42
C SER A 143 7.68 -2.88 1.37
N ARG A 144 9.02 -2.82 1.42
CA ARG A 144 9.83 -2.12 0.41
C ARG A 144 9.63 -2.69 -1.00
N GLN A 145 9.36 -3.99 -1.16
CA GLN A 145 9.08 -4.59 -2.47
C GLN A 145 7.73 -4.09 -3.04
N ILE A 146 6.77 -3.79 -2.16
CA ILE A 146 5.46 -3.23 -2.53
C ILE A 146 5.61 -1.75 -2.92
N ILE A 147 6.31 -0.97 -2.09
CA ILE A 147 6.59 0.45 -2.33
C ILE A 147 7.43 0.63 -3.62
N SER A 148 8.38 -0.27 -3.88
CA SER A 148 9.19 -0.26 -5.11
C SER A 148 8.36 -0.41 -6.39
N HIS A 149 7.17 -1.04 -6.32
CA HIS A 149 6.29 -1.16 -7.48
C HIS A 149 5.81 0.23 -7.92
N TRP A 150 5.20 1.02 -7.03
CA TRP A 150 4.75 2.39 -7.34
C TRP A 150 5.89 3.33 -7.74
N LYS A 151 7.11 3.11 -7.24
CA LYS A 151 8.31 3.90 -7.59
C LYS A 151 8.79 3.65 -9.02
N ASN A 152 8.58 2.45 -9.57
CA ASN A 152 8.99 2.06 -10.93
C ASN A 152 7.84 2.10 -11.97
N CYS A 153 6.64 1.65 -11.61
CA CYS A 153 5.47 1.57 -12.49
C CYS A 153 4.78 2.94 -12.69
N THR A 154 4.43 3.24 -13.94
CA THR A 154 3.77 4.49 -14.36
C THR A 154 2.51 4.29 -15.24
N ARG A 155 2.12 3.02 -15.47
CA ARG A 155 0.98 2.63 -16.31
C ARG A 155 -0.40 2.80 -15.64
N HIS A 156 -1.42 3.01 -16.48
CA HIS A 156 -2.84 3.00 -16.06
C HIS A 156 -3.38 1.57 -16.10
N ASP A 157 -3.00 0.78 -17.11
CA ASP A 157 -3.38 -0.62 -17.31
C ASP A 157 -2.34 -1.58 -16.70
N CYS A 158 -2.40 -1.75 -15.38
CA CYS A 158 -1.56 -2.62 -14.56
C CYS A 158 -2.44 -3.35 -13.52
N PRO A 159 -2.29 -4.67 -13.28
CA PRO A 159 -3.15 -5.41 -12.35
C PRO A 159 -3.13 -4.88 -10.90
N VAL A 160 -2.04 -4.25 -10.45
CA VAL A 160 -1.98 -3.65 -9.10
C VAL A 160 -2.41 -2.17 -9.10
N CYS A 161 -1.86 -1.35 -9.98
CA CYS A 161 -2.11 0.10 -10.03
C CYS A 161 -3.53 0.50 -10.49
N LEU A 162 -4.11 -0.19 -11.49
CA LEU A 162 -5.45 0.14 -12.02
C LEU A 162 -6.54 0.20 -10.92
N PRO A 163 -6.79 -0.85 -10.11
CA PRO A 163 -7.83 -0.78 -9.08
C PRO A 163 -7.57 0.31 -8.03
N LEU A 164 -6.31 0.62 -7.69
CA LEU A 164 -5.99 1.69 -6.72
C LEU A 164 -6.28 3.09 -7.29
N LYS A 165 -5.86 3.37 -8.53
CA LYS A 165 -6.12 4.64 -9.23
C LYS A 165 -7.61 4.87 -9.48
N ASN A 166 -8.36 3.77 -9.66
CA ASN A 166 -9.82 3.74 -9.83
C ASN A 166 -10.58 3.92 -8.49
N ALA A 167 -10.11 3.28 -7.42
CA ALA A 167 -10.73 3.32 -6.08
C ALA A 167 -10.54 4.66 -5.35
N SER A 168 -9.42 5.36 -5.61
CA SER A 168 -9.08 6.61 -4.93
C SER A 168 -10.07 7.75 -5.14
N ASP A 169 -10.35 8.50 -4.06
CA ASP A 169 -11.21 9.69 -4.07
C ASP A 169 -10.62 10.84 -4.90
N LYS A 170 -9.32 10.77 -5.22
CA LYS A 170 -8.59 11.76 -6.05
C LYS A 170 -8.82 11.58 -7.55
N ARG A 171 -9.54 10.53 -7.99
CA ARG A 171 -9.86 10.24 -9.40
C ARG A 171 -10.58 11.42 -10.07
ZN ZN B . -6.17 1.17 11.85
ZN ZN C . 14.60 -1.45 7.61
ZN ZN D . 1.99 -1.27 -11.68
N GLY A 1 -12.42 10.78 -44.85
CA GLY A 1 -11.10 11.25 -45.27
C GLY A 1 -9.93 10.52 -44.59
N SER A 2 -8.71 10.84 -45.01
CA SER A 2 -7.46 10.24 -44.50
C SER A 2 -7.06 10.72 -43.10
N HIS A 3 -7.52 11.91 -42.69
CA HIS A 3 -7.29 12.53 -41.38
C HIS A 3 -8.48 13.41 -40.96
N MET A 4 -8.71 13.52 -39.65
CA MET A 4 -9.78 14.33 -39.05
C MET A 4 -9.27 15.01 -37.76
N GLU A 5 -9.77 16.22 -37.46
CA GLU A 5 -9.40 17.01 -36.28
C GLU A 5 -10.59 17.87 -35.79
N GLU A 6 -10.69 18.09 -34.48
CA GLU A 6 -11.75 18.88 -33.83
C GLU A 6 -11.18 19.68 -32.63
N PRO A 7 -11.51 20.97 -32.46
CA PRO A 7 -10.99 21.82 -31.38
C PRO A 7 -11.57 21.55 -29.98
N GLN A 8 -12.39 20.50 -29.81
CA GLN A 8 -13.03 20.12 -28.54
C GLN A 8 -12.04 19.55 -27.50
N SER A 9 -10.90 19.02 -27.93
CA SER A 9 -9.86 18.45 -27.05
C SER A 9 -9.02 19.52 -26.32
N ASP A 10 -8.37 19.13 -25.23
CA ASP A 10 -7.51 20.00 -24.41
C ASP A 10 -6.24 19.25 -23.91
N PRO A 11 -5.03 19.80 -24.08
CA PRO A 11 -3.78 19.14 -23.67
C PRO A 11 -3.38 19.37 -22.19
N SER A 12 -3.95 20.38 -21.52
CA SER A 12 -3.61 20.76 -20.14
C SER A 12 -4.29 19.91 -19.05
N VAL A 13 -5.46 19.34 -19.32
CA VAL A 13 -6.22 18.50 -18.36
C VAL A 13 -5.56 17.12 -18.18
N GLU A 14 -5.52 16.64 -16.93
CA GLU A 14 -4.92 15.34 -16.55
C GLU A 14 -5.86 14.55 -15.61
N PRO A 15 -6.81 13.76 -16.15
CA PRO A 15 -7.76 12.97 -15.37
C PRO A 15 -7.17 11.95 -14.36
N PRO A 16 -6.13 11.15 -14.67
CA PRO A 16 -5.59 10.14 -13.75
C PRO A 16 -4.76 10.72 -12.59
N LEU A 17 -4.49 9.88 -11.59
CA LEU A 17 -3.67 10.22 -10.42
C LEU A 17 -2.19 10.37 -10.79
N SER A 18 -1.48 11.32 -10.17
CA SER A 18 -0.03 11.49 -10.35
C SER A 18 0.70 10.30 -9.72
N GLN A 19 1.59 9.63 -10.47
CA GLN A 19 2.28 8.41 -10.02
C GLN A 19 3.10 8.58 -8.72
N GLU A 20 3.54 9.80 -8.41
CA GLU A 20 4.29 10.11 -7.19
C GLU A 20 3.41 10.17 -5.91
N THR A 21 2.08 10.16 -6.04
CA THR A 21 1.13 10.26 -4.90
C THR A 21 1.34 9.13 -3.90
N PHE A 22 1.19 7.87 -4.32
CA PHE A 22 1.44 6.70 -3.48
C PHE A 22 2.89 6.60 -2.96
N SER A 23 3.86 7.21 -3.66
CA SER A 23 5.28 7.23 -3.26
C SER A 23 5.55 8.20 -2.10
N ASP A 24 4.78 9.30 -2.01
CA ASP A 24 4.88 10.26 -0.90
C ASP A 24 3.93 9.91 0.26
N LEU A 25 2.81 9.22 -0.04
CA LEU A 25 1.77 8.79 0.90
C LEU A 25 2.34 8.13 2.15
N TRP A 26 3.10 7.05 1.98
CA TRP A 26 3.58 6.24 3.11
C TRP A 26 4.63 6.93 4.00
N LYS A 27 5.16 8.09 3.57
CA LYS A 27 6.21 8.83 4.27
C LYS A 27 5.80 10.17 4.89
N LEU A 28 5.26 11.11 4.10
CA LEU A 28 4.98 12.50 4.54
C LEU A 28 3.49 12.95 4.47
N LEU A 29 2.55 12.01 4.34
CA LEU A 29 1.09 12.25 4.24
C LEU A 29 0.50 13.13 5.37
N PRO A 30 -0.41 14.07 5.05
CA PRO A 30 -1.06 14.96 6.02
C PRO A 30 -2.08 14.24 6.91
N GLU A 31 -2.60 14.94 7.93
CA GLU A 31 -3.55 14.41 8.93
C GLU A 31 -4.95 14.00 8.40
N ASN A 32 -5.26 14.22 7.12
CA ASN A 32 -6.55 13.86 6.50
C ASN A 32 -6.36 13.34 5.06
N ASN A 33 -7.20 12.41 4.62
CA ASN A 33 -7.19 11.83 3.27
C ASN A 33 -8.60 11.38 2.83
N VAL A 34 -8.84 11.33 1.52
CA VAL A 34 -10.13 10.94 0.90
C VAL A 34 -10.22 9.43 0.63
N LEU A 35 -9.09 8.76 0.41
CA LEU A 35 -9.00 7.33 0.08
C LEU A 35 -8.90 6.39 1.31
N SER A 36 -8.92 6.93 2.54
CA SER A 36 -8.84 6.16 3.80
C SER A 36 -9.81 4.96 3.86
N PRO A 37 -9.32 3.69 3.79
CA PRO A 37 -10.17 2.50 3.82
C PRO A 37 -10.95 2.37 5.13
N LEU A 38 -12.28 2.28 5.04
CA LEU A 38 -13.19 2.20 6.20
C LEU A 38 -13.30 0.76 6.75
N PRO A 39 -13.12 0.51 8.06
CA PRO A 39 -13.22 -0.82 8.67
C PRO A 39 -14.54 -1.58 8.37
N SER A 40 -15.65 -0.86 8.23
CA SER A 40 -16.98 -1.41 7.92
C SER A 40 -17.09 -1.99 6.50
N GLN A 41 -16.18 -1.60 5.59
CA GLN A 41 -16.11 -2.03 4.19
C GLN A 41 -14.68 -2.48 3.79
N ALA A 42 -13.90 -2.95 4.77
CA ALA A 42 -12.50 -3.34 4.59
C ALA A 42 -12.31 -4.72 3.93
N MET A 43 -11.10 -4.91 3.40
CA MET A 43 -10.57 -6.11 2.72
C MET A 43 -9.83 -7.07 3.66
N ASP A 44 -10.07 -6.95 4.97
CA ASP A 44 -9.42 -7.74 6.04
C ASP A 44 -9.78 -9.25 6.02
N ASP A 45 -10.85 -9.64 5.34
CA ASP A 45 -11.27 -11.05 5.20
C ASP A 45 -10.26 -11.89 4.37
N LEU A 46 -9.38 -11.22 3.63
CA LEU A 46 -8.34 -11.79 2.76
C LEU A 46 -6.91 -11.41 3.25
N MET A 47 -6.76 -11.00 4.51
CA MET A 47 -5.50 -10.51 5.09
C MET A 47 -4.43 -11.58 5.35
N LEU A 48 -3.17 -11.13 5.30
CA LEU A 48 -1.94 -11.91 5.48
C LEU A 48 -1.02 -11.36 6.58
N SER A 49 -0.09 -12.21 7.02
CA SER A 49 1.03 -11.83 7.89
C SER A 49 2.13 -11.28 6.98
N PRO A 50 2.93 -10.25 7.38
CA PRO A 50 3.97 -9.69 6.51
C PRO A 50 5.01 -10.71 6.01
N ASP A 51 5.15 -11.86 6.70
CA ASP A 51 6.07 -12.94 6.30
C ASP A 51 5.62 -13.65 5.00
N ASP A 52 4.32 -13.64 4.66
CA ASP A 52 3.79 -14.26 3.45
C ASP A 52 3.91 -13.38 2.19
N ILE A 53 4.22 -12.08 2.35
CA ILE A 53 4.43 -11.14 1.25
C ILE A 53 5.53 -11.65 0.29
N GLU A 54 6.55 -12.30 0.86
CA GLU A 54 7.69 -12.87 0.14
C GLU A 54 7.31 -14.06 -0.77
N GLN A 55 6.07 -14.57 -0.69
CA GLN A 55 5.59 -15.67 -1.54
C GLN A 55 5.06 -15.16 -2.90
N TRP A 56 4.51 -13.94 -2.96
CA TRP A 56 4.03 -13.33 -4.21
C TRP A 56 5.09 -12.40 -4.84
N PHE A 57 5.90 -11.69 -4.04
CA PHE A 57 7.07 -10.96 -4.53
C PHE A 57 8.28 -11.73 -3.97
N THR A 58 9.03 -12.42 -4.83
CA THR A 58 10.11 -13.33 -4.42
C THR A 58 11.46 -12.99 -5.07
N GLU A 59 12.54 -13.11 -4.30
CA GLU A 59 13.93 -12.91 -4.76
C GLU A 59 14.67 -14.26 -4.93
N ASP A 60 15.79 -14.28 -5.65
CA ASP A 60 16.59 -15.49 -5.91
C ASP A 60 17.14 -16.14 -4.61
N PRO A 61 16.71 -17.37 -4.25
CA PRO A 61 17.15 -18.05 -3.03
C PRO A 61 18.44 -18.88 -3.22
N GLY A 62 18.99 -18.94 -4.44
CA GLY A 62 20.18 -19.74 -4.78
C GLY A 62 19.87 -21.23 -5.01
N PRO A 63 20.89 -22.07 -5.25
CA PRO A 63 20.71 -23.51 -5.51
C PRO A 63 20.17 -24.30 -4.31
N ASP A 64 20.32 -23.79 -3.09
CA ASP A 64 19.82 -24.43 -1.85
C ASP A 64 18.30 -24.23 -1.64
N GLY A 65 17.68 -23.24 -2.30
CA GLY A 65 16.26 -22.93 -2.22
C GLY A 65 15.40 -23.84 -3.10
N SER A 66 15.30 -25.12 -2.77
CA SER A 66 14.55 -26.16 -3.50
C SER A 66 13.02 -25.97 -3.59
N CYS A 67 12.47 -24.92 -2.98
CA CYS A 67 11.05 -24.54 -2.97
C CYS A 67 10.47 -24.08 -4.34
N PHE A 68 11.18 -24.32 -5.45
CA PHE A 68 10.83 -23.91 -6.82
C PHE A 68 9.40 -24.26 -7.24
N ASN A 69 8.82 -25.38 -6.76
CA ASN A 69 7.45 -25.79 -7.08
C ASN A 69 6.40 -24.75 -6.61
N GLY A 70 6.71 -23.96 -5.57
CA GLY A 70 5.84 -22.90 -5.03
C GLY A 70 6.16 -21.50 -5.55
N THR A 71 7.40 -21.25 -6.01
CA THR A 71 7.84 -19.93 -6.50
C THR A 71 7.78 -19.76 -8.03
N ALA A 72 7.73 -20.85 -8.80
CA ALA A 72 7.65 -20.83 -10.26
C ALA A 72 6.33 -20.26 -10.81
N THR A 73 6.35 -19.82 -12.07
CA THR A 73 5.19 -19.27 -12.78
C THR A 73 4.08 -20.31 -13.00
N GLY A 74 2.82 -19.88 -12.96
CA GLY A 74 1.63 -20.72 -13.11
C GLY A 74 0.53 -20.30 -12.13
N PRO A 75 0.60 -20.69 -10.84
CA PRO A 75 -0.36 -20.25 -9.82
C PRO A 75 -0.32 -18.72 -9.61
N THR A 76 0.80 -18.08 -9.96
CA THR A 76 1.03 -16.62 -9.90
C THR A 76 0.06 -15.83 -10.80
N ALA A 77 -0.54 -16.47 -11.80
CA ALA A 77 -1.51 -15.87 -12.73
C ALA A 77 -2.96 -15.94 -12.23
N ASP A 78 -3.23 -16.60 -11.09
CA ASP A 78 -4.56 -16.74 -10.50
C ASP A 78 -5.08 -15.40 -9.94
N PRO A 79 -6.37 -15.03 -10.13
CA PRO A 79 -6.91 -13.77 -9.61
C PRO A 79 -6.77 -13.61 -8.09
N GLU A 80 -6.81 -14.71 -7.31
CA GLU A 80 -6.63 -14.64 -5.85
C GLU A 80 -5.22 -14.16 -5.49
N LYS A 81 -4.18 -14.55 -6.25
CA LYS A 81 -2.80 -14.06 -6.03
C LYS A 81 -2.70 -12.56 -6.30
N ARG A 82 -3.35 -12.06 -7.36
CA ARG A 82 -3.40 -10.61 -7.66
C ARG A 82 -4.13 -9.86 -6.54
N LYS A 83 -5.25 -10.41 -6.05
CA LYS A 83 -6.03 -9.84 -4.93
C LYS A 83 -5.22 -9.76 -3.63
N LEU A 84 -4.29 -10.70 -3.36
CA LEU A 84 -3.43 -10.63 -2.17
C LEU A 84 -2.49 -9.42 -2.23
N ILE A 85 -1.92 -9.11 -3.40
CA ILE A 85 -1.05 -7.93 -3.58
C ILE A 85 -1.86 -6.65 -3.38
N GLN A 86 -3.00 -6.55 -4.08
CA GLN A 86 -3.93 -5.43 -3.99
C GLN A 86 -4.39 -5.18 -2.54
N GLN A 87 -4.93 -6.20 -1.87
CA GLN A 87 -5.43 -6.06 -0.49
C GLN A 87 -4.33 -5.70 0.52
N GLN A 88 -3.10 -6.21 0.34
CA GLN A 88 -1.99 -5.85 1.23
C GLN A 88 -1.59 -4.38 1.03
N LEU A 89 -1.47 -3.91 -0.21
CA LEU A 89 -1.14 -2.52 -0.51
C LEU A 89 -2.23 -1.57 0.02
N VAL A 90 -3.52 -1.92 -0.09
CA VAL A 90 -4.60 -1.10 0.49
C VAL A 90 -4.44 -0.97 2.01
N LEU A 91 -3.89 -1.98 2.72
CA LEU A 91 -3.62 -1.85 4.16
C LEU A 91 -2.44 -0.91 4.44
N LEU A 92 -1.43 -0.81 3.57
CA LEU A 92 -0.35 0.17 3.75
C LEU A 92 -0.93 1.61 3.72
N LEU A 93 -2.03 1.82 3.00
CA LEU A 93 -2.74 3.11 2.96
C LEU A 93 -3.47 3.33 4.29
N HIS A 94 -4.29 2.36 4.72
CA HIS A 94 -5.01 2.43 5.99
C HIS A 94 -4.03 2.66 7.15
N ALA A 95 -3.01 1.83 7.30
CA ALA A 95 -2.01 1.92 8.37
C ALA A 95 -1.26 3.27 8.44
N HIS A 96 -1.15 4.02 7.33
CA HIS A 96 -0.54 5.37 7.34
C HIS A 96 -1.56 6.49 7.59
N LYS A 97 -2.82 6.31 7.16
CA LYS A 97 -3.92 7.28 7.32
C LYS A 97 -4.56 7.21 8.72
N CYS A 98 -4.72 5.99 9.26
CA CYS A 98 -5.26 5.67 10.57
C CYS A 98 -4.41 6.25 11.72
N GLN A 99 -3.10 6.01 11.71
CA GLN A 99 -2.17 6.50 12.75
C GLN A 99 -2.21 8.03 12.95
N ARG A 100 -2.57 8.81 11.92
CA ARG A 100 -2.67 10.28 12.01
C ARG A 100 -3.98 10.78 12.65
N ARG A 101 -5.02 9.93 12.77
CA ARG A 101 -6.31 10.33 13.39
C ARG A 101 -6.19 10.57 14.89
N GLU A 102 -5.37 9.77 15.58
CA GLU A 102 -5.09 9.92 17.01
C GLU A 102 -4.39 11.26 17.30
N GLN A 103 -3.45 11.65 16.43
CA GLN A 103 -2.72 12.92 16.53
C GLN A 103 -3.63 14.13 16.20
N ALA A 104 -4.51 13.99 15.20
CA ALA A 104 -5.44 15.04 14.80
C ALA A 104 -6.53 15.33 15.85
N ASN A 105 -7.08 14.29 16.48
CA ASN A 105 -8.12 14.40 17.51
C ASN A 105 -7.55 14.70 18.92
N GLY A 106 -6.45 14.03 19.30
CA GLY A 106 -5.77 14.20 20.60
C GLY A 106 -6.42 13.54 21.82
N GLU A 107 -7.54 12.83 21.66
CA GLU A 107 -8.26 12.16 22.77
C GLU A 107 -8.56 10.67 22.51
N VAL A 108 -9.03 10.28 21.32
CA VAL A 108 -9.35 8.89 20.97
C VAL A 108 -8.11 8.05 20.64
N ARG A 109 -8.17 6.74 20.95
CA ARG A 109 -7.09 5.77 20.68
C ARG A 109 -7.00 5.36 19.20
N ALA A 110 -5.87 4.75 18.83
CA ALA A 110 -5.62 4.19 17.50
C ALA A 110 -6.30 2.80 17.34
N CYS A 111 -6.22 2.22 16.13
CA CYS A 111 -6.81 0.93 15.76
C CYS A 111 -6.49 -0.25 16.70
N SER A 112 -7.44 -1.18 16.77
CA SER A 112 -7.34 -2.45 17.51
C SER A 112 -7.01 -3.65 16.59
N LEU A 113 -7.01 -3.44 15.27
CA LEU A 113 -6.71 -4.40 14.22
C LEU A 113 -5.18 -4.74 14.26
N PRO A 114 -4.77 -5.99 14.56
CA PRO A 114 -3.35 -6.34 14.67
C PRO A 114 -2.53 -6.09 13.40
N HIS A 115 -3.12 -6.28 12.21
CA HIS A 115 -2.43 -6.02 10.93
C HIS A 115 -2.17 -4.53 10.71
N CYS A 116 -3.10 -3.64 11.11
CA CYS A 116 -2.96 -2.20 11.04
C CYS A 116 -1.84 -1.75 12.02
N ARG A 117 -1.91 -2.22 13.28
CA ARG A 117 -0.89 -2.02 14.32
C ARG A 117 0.50 -2.49 13.85
N THR A 118 0.57 -3.55 13.04
CA THR A 118 1.81 -4.08 12.47
C THR A 118 2.34 -3.16 11.36
N MET A 119 1.56 -2.91 10.29
CA MET A 119 1.99 -2.07 9.18
C MET A 119 2.34 -0.64 9.60
N LYS A 120 1.63 -0.02 10.56
CA LYS A 120 1.95 1.36 11.02
C LYS A 120 3.32 1.46 11.69
N ASN A 121 3.75 0.42 12.42
CA ASN A 121 5.08 0.36 13.02
C ASN A 121 6.16 0.18 11.94
N VAL A 122 5.88 -0.61 10.90
CA VAL A 122 6.80 -0.80 9.77
C VAL A 122 6.98 0.50 8.99
N LEU A 123 5.89 1.20 8.67
CA LEU A 123 5.93 2.48 7.95
C LEU A 123 6.76 3.52 8.72
N ASN A 124 6.60 3.61 10.04
CA ASN A 124 7.39 4.53 10.90
C ASN A 124 8.88 4.13 11.02
N HIS A 125 9.26 2.90 10.69
CA HIS A 125 10.66 2.46 10.62
C HIS A 125 11.21 2.70 9.20
N MET A 126 10.46 2.28 8.18
CA MET A 126 10.81 2.38 6.76
C MET A 126 11.11 3.82 6.30
N THR A 127 10.52 4.85 6.92
CA THR A 127 10.79 6.28 6.64
C THR A 127 12.22 6.69 7.05
N HIS A 128 12.80 6.00 8.03
CA HIS A 128 14.15 6.21 8.55
C HIS A 128 15.18 5.17 8.04
N CYS A 129 14.72 3.99 7.60
CA CYS A 129 15.53 2.89 7.11
C CYS A 129 16.30 3.25 5.82
N GLN A 130 17.52 2.75 5.70
CA GLN A 130 18.44 2.97 4.58
C GLN A 130 18.82 1.68 3.82
N ALA A 131 18.53 0.49 4.36
CA ALA A 131 18.82 -0.80 3.74
C ALA A 131 17.65 -1.30 2.87
N GLY A 132 16.41 -0.92 3.20
CA GLY A 132 15.20 -1.29 2.45
C GLY A 132 15.05 -2.81 2.32
N LYS A 133 15.14 -3.33 1.08
CA LYS A 133 15.06 -4.79 0.81
C LYS A 133 16.20 -5.58 1.47
N ALA A 134 17.30 -4.92 1.83
CA ALA A 134 18.45 -5.51 2.54
C ALA A 134 18.35 -5.40 4.08
N CYS A 135 17.29 -4.77 4.61
CA CYS A 135 17.05 -4.65 6.05
C CYS A 135 16.83 -6.05 6.65
N GLN A 136 17.35 -6.26 7.86
CA GLN A 136 17.33 -7.55 8.55
C GLN A 136 15.99 -7.85 9.26
N VAL A 137 15.05 -6.90 9.24
CA VAL A 137 13.67 -7.08 9.72
C VAL A 137 12.83 -7.54 8.53
N ALA A 138 12.30 -8.77 8.59
CA ALA A 138 11.52 -9.36 7.50
C ALA A 138 10.33 -8.48 7.05
N HIS A 139 9.62 -7.86 7.99
CA HIS A 139 8.46 -7.00 7.69
C HIS A 139 8.84 -5.73 6.91
N CYS A 140 9.99 -5.12 7.23
CA CYS A 140 10.55 -3.94 6.56
C CYS A 140 10.96 -4.30 5.12
N ALA A 141 11.81 -5.33 4.97
CA ALA A 141 12.27 -5.83 3.67
C ALA A 141 11.12 -6.29 2.75
N SER A 142 9.98 -6.71 3.33
CA SER A 142 8.78 -7.11 2.57
C SER A 142 7.95 -5.89 2.16
N SER A 143 7.70 -4.94 3.09
CA SER A 143 6.97 -3.70 2.83
C SER A 143 7.65 -2.82 1.77
N ARG A 144 9.00 -2.78 1.77
CA ARG A 144 9.78 -2.03 0.76
C ARG A 144 9.54 -2.53 -0.66
N GLN A 145 9.25 -3.82 -0.84
CA GLN A 145 8.95 -4.39 -2.16
C GLN A 145 7.59 -3.90 -2.70
N ILE A 146 6.64 -3.59 -1.81
CA ILE A 146 5.33 -3.02 -2.21
C ILE A 146 5.54 -1.57 -2.69
N ILE A 147 6.30 -0.79 -1.91
CA ILE A 147 6.67 0.60 -2.21
C ILE A 147 7.46 0.68 -3.52
N SER A 148 8.36 -0.28 -3.77
CA SER A 148 9.16 -0.37 -5.00
C SER A 148 8.31 -0.54 -6.27
N HIS A 149 7.06 -1.02 -6.17
CA HIS A 149 6.17 -1.17 -7.32
C HIS A 149 5.82 0.19 -7.92
N TRP A 150 5.19 1.08 -7.14
CA TRP A 150 4.83 2.45 -7.59
C TRP A 150 6.05 3.30 -8.00
N LYS A 151 7.25 2.98 -7.48
CA LYS A 151 8.50 3.68 -7.81
C LYS A 151 9.03 3.32 -9.20
N ASN A 152 8.87 2.07 -9.66
CA ASN A 152 9.33 1.62 -10.98
C ASN A 152 8.22 1.54 -12.06
N CYS A 153 6.98 1.22 -11.67
CA CYS A 153 5.82 1.09 -12.54
C CYS A 153 5.18 2.47 -12.82
N THR A 154 4.89 2.76 -14.10
CA THR A 154 4.33 4.03 -14.58
C THR A 154 3.09 3.88 -15.49
N ARG A 155 2.63 2.66 -15.74
CA ARG A 155 1.48 2.35 -16.61
C ARG A 155 0.13 2.55 -15.92
N HIS A 156 -0.91 2.87 -16.69
CA HIS A 156 -2.30 2.97 -16.21
C HIS A 156 -3.00 1.60 -16.24
N ASP A 157 -2.59 0.72 -17.17
CA ASP A 157 -3.13 -0.63 -17.38
C ASP A 157 -2.21 -1.69 -16.75
N CYS A 158 -2.20 -1.73 -15.42
CA CYS A 158 -1.43 -2.66 -14.57
C CYS A 158 -2.38 -3.33 -13.55
N PRO A 159 -2.32 -4.65 -13.32
CA PRO A 159 -3.23 -5.34 -12.39
C PRO A 159 -3.17 -4.80 -10.95
N VAL A 160 -2.06 -4.20 -10.51
CA VAL A 160 -1.95 -3.59 -9.18
C VAL A 160 -2.33 -2.09 -9.20
N CYS A 161 -1.72 -1.29 -10.09
CA CYS A 161 -1.92 0.15 -10.14
C CYS A 161 -3.33 0.59 -10.61
N LEU A 162 -3.93 -0.07 -11.60
CA LEU A 162 -5.25 0.29 -12.15
C LEU A 162 -6.34 0.39 -11.06
N PRO A 163 -6.64 -0.65 -10.25
CA PRO A 163 -7.68 -0.55 -9.22
C PRO A 163 -7.41 0.53 -8.17
N LEU A 164 -6.14 0.79 -7.82
CA LEU A 164 -5.77 1.82 -6.84
C LEU A 164 -5.99 3.23 -7.40
N LYS A 165 -5.53 3.50 -8.63
CA LYS A 165 -5.73 4.79 -9.32
C LYS A 165 -7.22 5.06 -9.58
N ASN A 166 -7.98 4.00 -9.86
CA ASN A 166 -9.43 4.04 -10.07
C ASN A 166 -10.20 4.33 -8.76
N ALA A 167 -9.80 3.68 -7.65
CA ALA A 167 -10.41 3.89 -6.33
C ALA A 167 -10.10 5.28 -5.74
N SER A 168 -8.92 5.84 -6.06
CA SER A 168 -8.48 7.14 -5.58
C SER A 168 -9.30 8.29 -6.18
N ASP A 169 -10.08 8.98 -5.34
CA ASP A 169 -10.89 10.15 -5.73
C ASP A 169 -10.03 11.41 -5.97
N LYS A 170 -8.72 11.33 -5.64
CA LYS A 170 -7.72 12.39 -5.79
C LYS A 170 -7.22 12.54 -7.25
N ARG A 171 -7.63 11.62 -8.14
CA ARG A 171 -7.27 11.57 -9.58
C ARG A 171 -7.70 12.82 -10.38
ZN ZN B . -6.32 1.31 11.59
ZN ZN C . 14.41 -1.40 7.82
ZN ZN D . 2.10 -1.49 -11.64
N GLY A 1 -15.17 41.51 3.83
CA GLY A 1 -14.82 41.07 2.47
C GLY A 1 -15.17 39.61 2.16
N SER A 2 -15.68 38.85 3.14
CA SER A 2 -16.08 37.44 3.02
C SER A 2 -17.12 37.18 1.92
N HIS A 3 -17.97 38.17 1.63
CA HIS A 3 -19.01 38.17 0.59
C HIS A 3 -18.58 38.84 -0.73
N MET A 4 -17.34 39.32 -0.81
CA MET A 4 -16.75 40.02 -1.97
C MET A 4 -15.61 39.24 -2.63
N GLU A 5 -14.80 38.51 -1.84
CA GLU A 5 -13.68 37.69 -2.32
C GLU A 5 -14.17 36.42 -3.05
N GLU A 6 -13.45 36.00 -4.10
CA GLU A 6 -13.76 34.82 -4.91
C GLU A 6 -12.46 34.10 -5.37
N PRO A 7 -12.39 32.75 -5.29
CA PRO A 7 -11.19 32.00 -5.71
C PRO A 7 -11.00 31.96 -7.24
N GLN A 8 -9.79 31.58 -7.67
CA GLN A 8 -9.38 31.49 -9.08
C GLN A 8 -8.84 30.08 -9.42
N SER A 9 -8.95 29.69 -10.69
CA SER A 9 -8.50 28.40 -11.24
C SER A 9 -6.96 28.28 -11.32
N ASP A 10 -6.45 27.04 -11.38
CA ASP A 10 -5.02 26.71 -11.47
C ASP A 10 -4.77 25.66 -12.59
N PRO A 11 -3.82 25.88 -13.51
CA PRO A 11 -3.53 24.96 -14.63
C PRO A 11 -2.57 23.79 -14.29
N SER A 12 -1.86 23.85 -13.16
CA SER A 12 -0.88 22.82 -12.75
C SER A 12 -1.54 21.57 -12.15
N VAL A 13 -2.60 21.75 -11.36
CA VAL A 13 -3.37 20.66 -10.73
C VAL A 13 -4.29 19.95 -11.74
N GLU A 14 -4.49 18.64 -11.57
CA GLU A 14 -5.34 17.80 -12.43
C GLU A 14 -6.25 16.88 -11.56
N PRO A 15 -7.48 16.54 -12.00
CA PRO A 15 -8.39 15.68 -11.23
C PRO A 15 -7.85 14.30 -10.80
N PRO A 16 -7.23 13.47 -11.69
CA PRO A 16 -6.73 12.15 -11.30
C PRO A 16 -5.46 12.23 -10.44
N LEU A 17 -5.28 11.22 -9.59
CA LEU A 17 -4.12 11.08 -8.70
C LEU A 17 -2.82 10.88 -9.50
N SER A 18 -1.72 11.53 -9.05
CA SER A 18 -0.39 11.42 -9.67
C SER A 18 0.31 10.11 -9.32
N GLN A 19 1.14 9.60 -10.23
CA GLN A 19 1.92 8.38 -10.02
C GLN A 19 2.88 8.48 -8.80
N GLU A 20 3.29 9.70 -8.46
CA GLU A 20 4.19 9.99 -7.33
C GLU A 20 3.48 10.21 -5.98
N THR A 21 2.14 10.29 -5.96
CA THR A 21 1.38 10.51 -4.71
C THR A 21 1.58 9.34 -3.75
N PHE A 22 1.32 8.10 -4.19
CA PHE A 22 1.55 6.88 -3.40
C PHE A 22 3.03 6.71 -2.99
N SER A 23 3.98 7.23 -3.76
CA SER A 23 5.42 7.15 -3.46
C SER A 23 5.82 7.97 -2.23
N ASP A 24 5.18 9.12 -1.97
CA ASP A 24 5.38 9.94 -0.76
C ASP A 24 4.42 9.57 0.39
N LEU A 25 3.22 9.07 0.07
CA LEU A 25 2.15 8.71 1.01
C LEU A 25 2.65 7.96 2.24
N TRP A 26 3.28 6.80 2.03
CA TRP A 26 3.69 5.89 3.10
C TRP A 26 4.73 6.45 4.08
N LYS A 27 5.37 7.59 3.77
CA LYS A 27 6.41 8.20 4.59
C LYS A 27 6.04 9.54 5.25
N LEU A 28 5.52 10.49 4.47
CA LEU A 28 5.30 11.90 4.87
C LEU A 28 3.85 12.43 4.83
N LEU A 29 2.84 11.55 4.86
CA LEU A 29 1.41 11.90 4.69
C LEU A 29 0.91 13.03 5.64
N PRO A 30 0.07 13.98 5.16
CA PRO A 30 -0.51 15.04 6.00
C PRO A 30 -1.66 14.49 6.87
N GLU A 31 -1.94 15.15 7.99
CA GLU A 31 -3.00 14.74 8.95
C GLU A 31 -4.44 14.89 8.43
N ASN A 32 -4.66 15.63 7.36
CA ASN A 32 -5.97 15.84 6.73
C ASN A 32 -6.34 14.65 5.82
N ASN A 33 -6.56 13.48 6.40
CA ASN A 33 -6.90 12.22 5.71
C ASN A 33 -8.10 11.49 6.34
N VAL A 34 -9.05 11.06 5.48
CA VAL A 34 -10.29 10.35 5.85
C VAL A 34 -10.64 9.18 4.89
N LEU A 35 -9.74 8.79 3.98
CA LEU A 35 -9.96 7.74 2.98
C LEU A 35 -9.86 6.29 3.54
N SER A 36 -9.37 6.12 4.77
CA SER A 36 -9.24 4.81 5.43
C SER A 36 -10.59 4.05 5.49
N PRO A 37 -10.67 2.80 4.98
CA PRO A 37 -11.89 2.01 5.01
C PRO A 37 -12.30 1.63 6.44
N LEU A 38 -13.61 1.54 6.70
CA LEU A 38 -14.17 1.17 8.01
C LEU A 38 -13.82 -0.30 8.36
N PRO A 39 -13.23 -0.61 9.53
CA PRO A 39 -12.88 -2.00 9.93
C PRO A 39 -14.03 -3.01 9.81
N SER A 40 -15.27 -2.59 10.08
CA SER A 40 -16.48 -3.42 9.97
C SER A 40 -16.82 -3.86 8.53
N GLN A 41 -16.23 -3.22 7.52
CA GLN A 41 -16.40 -3.49 6.09
C GLN A 41 -15.04 -3.64 5.36
N ALA A 42 -13.94 -3.82 6.09
CA ALA A 42 -12.59 -3.94 5.56
C ALA A 42 -12.31 -5.28 4.83
N MET A 43 -11.25 -5.27 4.02
CA MET A 43 -10.73 -6.39 3.24
C MET A 43 -9.85 -7.37 4.04
N ASP A 44 -9.92 -7.33 5.38
CA ASP A 44 -9.12 -8.16 6.30
C ASP A 44 -9.41 -9.68 6.21
N ASP A 45 -10.47 -10.09 5.51
CA ASP A 45 -10.78 -11.51 5.26
C ASP A 45 -9.70 -12.20 4.39
N LEU A 46 -8.89 -11.39 3.66
CA LEU A 46 -7.80 -11.82 2.80
C LEU A 46 -6.39 -11.47 3.38
N MET A 47 -6.30 -11.11 4.67
CA MET A 47 -5.03 -10.71 5.30
C MET A 47 -4.06 -11.89 5.54
N LEU A 48 -2.76 -11.62 5.50
CA LEU A 48 -1.66 -12.59 5.60
C LEU A 48 -0.64 -12.26 6.72
N SER A 49 0.37 -13.12 6.86
CA SER A 49 1.54 -12.85 7.73
C SER A 49 2.53 -11.92 6.98
N PRO A 50 3.45 -11.21 7.68
CA PRO A 50 4.44 -10.38 6.99
C PRO A 50 5.45 -11.19 6.16
N ASP A 51 5.53 -12.51 6.36
CA ASP A 51 6.40 -13.41 5.59
C ASP A 51 5.71 -13.88 4.30
N ASP A 52 4.37 -13.96 4.29
CA ASP A 52 3.58 -14.35 3.11
C ASP A 52 3.66 -13.29 1.99
N ILE A 53 4.00 -12.04 2.32
CA ILE A 53 4.21 -10.96 1.34
C ILE A 53 5.29 -11.37 0.32
N GLU A 54 6.31 -12.10 0.80
CA GLU A 54 7.41 -12.59 -0.04
C GLU A 54 7.03 -13.74 -0.98
N GLN A 55 5.83 -14.33 -0.83
CA GLN A 55 5.32 -15.37 -1.73
C GLN A 55 4.80 -14.77 -3.04
N TRP A 56 4.27 -13.53 -3.02
CA TRP A 56 3.78 -12.82 -4.20
C TRP A 56 4.78 -11.80 -4.78
N PHE A 57 5.76 -11.33 -4.00
CA PHE A 57 6.89 -10.53 -4.50
C PHE A 57 8.19 -11.17 -3.96
N THR A 58 8.98 -11.78 -4.85
CA THR A 58 10.25 -12.46 -4.51
C THR A 58 11.45 -11.95 -5.30
N GLU A 59 12.63 -12.46 -4.97
CA GLU A 59 13.94 -12.22 -5.60
C GLU A 59 14.48 -13.53 -6.22
N ASP A 60 15.67 -13.51 -6.84
CA ASP A 60 16.27 -14.72 -7.43
C ASP A 60 16.48 -15.81 -6.33
N PRO A 61 15.88 -17.02 -6.48
CA PRO A 61 15.93 -18.06 -5.45
C PRO A 61 17.21 -18.92 -5.43
N GLY A 62 18.05 -18.85 -6.47
CA GLY A 62 19.26 -19.67 -6.60
C GLY A 62 18.97 -21.19 -6.66
N PRO A 63 19.98 -22.04 -6.41
CA PRO A 63 19.83 -23.50 -6.43
C PRO A 63 19.10 -24.07 -5.19
N ASP A 64 19.05 -23.32 -4.08
CA ASP A 64 18.43 -23.77 -2.82
C ASP A 64 16.93 -23.46 -2.71
N GLY A 65 16.46 -22.34 -3.28
CA GLY A 65 15.06 -21.91 -3.25
C GLY A 65 14.18 -22.49 -4.36
N SER A 66 14.49 -23.69 -4.87
CA SER A 66 13.78 -24.34 -5.98
C SER A 66 12.25 -24.41 -5.83
N CYS A 67 11.72 -24.48 -4.60
CA CYS A 67 10.28 -24.50 -4.30
C CYS A 67 9.50 -23.31 -4.91
N PHE A 68 10.16 -22.16 -5.15
CA PHE A 68 9.51 -20.99 -5.77
C PHE A 68 8.95 -21.27 -7.17
N ASN A 69 9.49 -22.24 -7.91
CA ASN A 69 8.98 -22.60 -9.24
C ASN A 69 7.55 -23.21 -9.21
N GLY A 70 7.08 -23.64 -8.03
CA GLY A 70 5.75 -24.20 -7.78
C GLY A 70 4.71 -23.17 -7.30
N THR A 71 5.08 -21.89 -7.15
CA THR A 71 4.18 -20.82 -6.66
C THR A 71 4.34 -19.49 -7.40
N ALA A 72 5.55 -19.08 -7.78
CA ALA A 72 5.85 -17.83 -8.48
C ALA A 72 5.57 -17.87 -10.01
N THR A 73 4.53 -18.61 -10.43
CA THR A 73 4.12 -18.81 -11.84
C THR A 73 3.70 -17.49 -12.52
N GLY A 74 3.09 -16.57 -11.76
CA GLY A 74 2.66 -15.25 -12.24
C GLY A 74 1.78 -14.51 -11.22
N PRO A 75 2.33 -13.96 -10.13
CA PRO A 75 1.57 -13.29 -9.06
C PRO A 75 0.63 -12.16 -9.50
N THR A 76 0.93 -11.47 -10.61
CA THR A 76 0.10 -10.39 -11.17
C THR A 76 -0.99 -10.92 -12.12
N ALA A 77 -0.72 -12.02 -12.82
CA ALA A 77 -1.64 -12.68 -13.75
C ALA A 77 -2.65 -13.58 -13.03
N ASP A 78 -2.27 -14.16 -11.88
CA ASP A 78 -3.14 -14.99 -11.04
C ASP A 78 -4.11 -14.08 -10.24
N PRO A 79 -5.44 -14.25 -10.37
CA PRO A 79 -6.41 -13.39 -9.70
C PRO A 79 -6.31 -13.38 -8.17
N GLU A 80 -6.08 -14.52 -7.53
CA GLU A 80 -5.98 -14.59 -6.07
C GLU A 80 -4.72 -13.86 -5.56
N LYS A 81 -3.55 -14.07 -6.17
CA LYS A 81 -2.34 -13.34 -5.78
C LYS A 81 -2.45 -11.84 -6.01
N ARG A 82 -3.06 -11.36 -7.12
CA ARG A 82 -3.24 -9.91 -7.29
C ARG A 82 -4.19 -9.33 -6.24
N LYS A 83 -5.22 -10.06 -5.81
CA LYS A 83 -6.11 -9.65 -4.70
C LYS A 83 -5.34 -9.55 -3.38
N LEU A 84 -4.39 -10.46 -3.12
CA LEU A 84 -3.54 -10.42 -1.93
C LEU A 84 -2.65 -9.15 -1.92
N ILE A 85 -2.11 -8.73 -3.09
CA ILE A 85 -1.34 -7.48 -3.17
C ILE A 85 -2.25 -6.28 -2.94
N GLN A 86 -3.36 -6.20 -3.69
CA GLN A 86 -4.35 -5.13 -3.58
C GLN A 86 -4.82 -4.94 -2.13
N GLN A 87 -5.29 -6.00 -1.45
CA GLN A 87 -5.78 -5.90 -0.07
C GLN A 87 -4.66 -5.47 0.90
N GLN A 88 -3.43 -5.95 0.72
CA GLN A 88 -2.31 -5.61 1.59
C GLN A 88 -1.90 -4.14 1.40
N LEU A 89 -1.76 -3.68 0.15
CA LEU A 89 -1.39 -2.31 -0.16
C LEU A 89 -2.46 -1.33 0.36
N VAL A 90 -3.74 -1.64 0.19
CA VAL A 90 -4.83 -0.81 0.78
C VAL A 90 -4.77 -0.84 2.31
N LEU A 91 -4.19 -1.88 2.95
CA LEU A 91 -4.00 -1.92 4.41
C LEU A 91 -2.81 -1.03 4.84
N LEU A 92 -1.76 -0.86 4.01
CA LEU A 92 -0.70 0.13 4.25
C LEU A 92 -1.36 1.52 4.30
N LEU A 93 -2.31 1.78 3.38
CA LEU A 93 -3.06 3.03 3.34
C LEU A 93 -3.98 3.17 4.55
N HIS A 94 -4.76 2.15 4.94
CA HIS A 94 -5.59 2.23 6.15
C HIS A 94 -4.70 2.57 7.34
N ALA A 95 -3.65 1.79 7.57
CA ALA A 95 -2.71 1.99 8.68
C ALA A 95 -2.15 3.42 8.74
N HIS A 96 -1.70 3.99 7.61
CA HIS A 96 -1.17 5.36 7.57
C HIS A 96 -2.24 6.42 7.80
N LYS A 97 -3.45 6.25 7.26
CA LYS A 97 -4.57 7.20 7.41
C LYS A 97 -5.20 7.12 8.81
N CYS A 98 -5.22 5.93 9.43
CA CYS A 98 -5.65 5.68 10.80
C CYS A 98 -4.64 6.33 11.79
N GLN A 99 -3.35 6.18 11.50
CA GLN A 99 -2.24 6.85 12.22
C GLN A 99 -2.42 8.38 12.15
N ARG A 100 -2.76 8.94 10.98
CA ARG A 100 -3.05 10.37 10.81
C ARG A 100 -4.31 10.82 11.55
N ARG A 101 -5.35 9.97 11.62
CA ARG A 101 -6.58 10.21 12.40
C ARG A 101 -6.26 10.40 13.89
N GLU A 102 -5.25 9.69 14.41
CA GLU A 102 -4.79 9.84 15.79
C GLU A 102 -3.94 11.11 15.95
N GLN A 103 -3.02 11.39 15.02
CA GLN A 103 -2.20 12.61 15.03
C GLN A 103 -3.05 13.90 15.01
N ALA A 104 -4.19 13.88 14.32
CA ALA A 104 -5.13 15.00 14.25
C ALA A 104 -5.89 15.28 15.58
N ASN A 105 -5.78 14.39 16.58
CA ASN A 105 -6.42 14.51 17.90
C ASN A 105 -5.41 14.55 19.07
N GLY A 106 -4.43 13.64 19.08
CA GLY A 106 -3.36 13.56 20.09
C GLY A 106 -3.72 12.96 21.46
N GLU A 107 -4.95 12.47 21.67
CA GLU A 107 -5.42 11.90 22.94
C GLU A 107 -6.03 10.49 22.82
N VAL A 108 -6.78 10.20 21.74
CA VAL A 108 -7.42 8.89 21.51
C VAL A 108 -6.42 7.74 21.30
N ARG A 109 -6.85 6.52 21.61
CA ARG A 109 -6.09 5.27 21.42
C ARG A 109 -6.19 4.76 19.98
N ALA A 110 -5.30 3.86 19.58
CA ALA A 110 -5.26 3.31 18.22
C ALA A 110 -6.37 2.30 17.90
N CYS A 111 -6.43 1.89 16.63
CA CYS A 111 -7.39 1.00 16.01
C CYS A 111 -7.52 -0.39 16.70
N SER A 112 -8.71 -0.97 16.60
CA SER A 112 -9.06 -2.30 17.12
C SER A 112 -8.59 -3.45 16.20
N LEU A 113 -8.22 -3.14 14.95
CA LEU A 113 -7.75 -4.09 13.95
C LEU A 113 -6.23 -4.38 14.14
N PRO A 114 -5.81 -5.61 14.49
CA PRO A 114 -4.39 -5.92 14.70
C PRO A 114 -3.51 -5.64 13.49
N HIS A 115 -4.02 -5.87 12.27
CA HIS A 115 -3.27 -5.64 11.02
C HIS A 115 -2.92 -4.16 10.80
N CYS A 116 -3.83 -3.24 11.16
CA CYS A 116 -3.64 -1.80 11.11
C CYS A 116 -2.53 -1.40 12.11
N ARG A 117 -2.68 -1.84 13.36
CA ARG A 117 -1.72 -1.67 14.47
C ARG A 117 -0.31 -2.12 14.07
N THR A 118 -0.21 -3.26 13.38
CA THR A 118 1.04 -3.80 12.83
C THR A 118 1.62 -2.91 11.73
N MET A 119 0.88 -2.65 10.65
CA MET A 119 1.38 -1.85 9.53
C MET A 119 1.73 -0.40 9.90
N LYS A 120 1.02 0.26 10.83
CA LYS A 120 1.38 1.64 11.22
C LYS A 120 2.73 1.72 11.94
N ASN A 121 3.11 0.66 12.67
CA ASN A 121 4.45 0.55 13.28
C ASN A 121 5.51 0.30 12.19
N VAL A 122 5.19 -0.50 11.15
CA VAL A 122 6.08 -0.72 10.00
C VAL A 122 6.35 0.59 9.27
N LEU A 123 5.32 1.39 8.98
CA LEU A 123 5.44 2.68 8.31
C LEU A 123 6.32 3.67 9.09
N ASN A 124 6.17 3.71 10.43
CA ASN A 124 7.01 4.54 11.31
C ASN A 124 8.49 4.11 11.26
N HIS A 125 8.76 2.79 11.22
CA HIS A 125 10.12 2.26 11.11
C HIS A 125 10.70 2.49 9.70
N MET A 126 9.96 2.12 8.64
CA MET A 126 10.38 2.17 7.24
C MET A 126 10.78 3.57 6.75
N THR A 127 10.15 4.67 7.23
CA THR A 127 10.60 6.04 6.85
C THR A 127 11.90 6.46 7.55
N HIS A 128 12.31 5.74 8.61
CA HIS A 128 13.55 5.96 9.36
C HIS A 128 14.66 4.98 8.94
N CYS A 129 14.27 3.77 8.52
CA CYS A 129 15.15 2.69 8.06
C CYS A 129 15.96 3.08 6.80
N GLN A 130 17.21 2.58 6.71
CA GLN A 130 18.16 2.88 5.63
C GLN A 130 18.65 1.63 4.85
N ALA A 131 18.29 0.42 5.26
CA ALA A 131 18.70 -0.83 4.61
C ALA A 131 17.75 -1.28 3.48
N GLY A 132 16.54 -0.72 3.42
CA GLY A 132 15.54 -1.05 2.40
C GLY A 132 15.19 -2.54 2.41
N LYS A 133 15.29 -3.21 1.25
CA LYS A 133 15.04 -4.65 1.12
C LYS A 133 16.07 -5.52 1.87
N ALA A 134 17.17 -4.95 2.36
CA ALA A 134 18.20 -5.65 3.13
C ALA A 134 18.00 -5.58 4.66
N CYS A 135 16.94 -4.91 5.14
CA CYS A 135 16.62 -4.83 6.57
C CYS A 135 16.42 -6.25 7.15
N GLN A 136 16.93 -6.44 8.37
CA GLN A 136 16.93 -7.70 9.09
C GLN A 136 15.56 -8.05 9.71
N VAL A 137 14.61 -7.11 9.71
CA VAL A 137 13.23 -7.31 10.19
C VAL A 137 12.35 -7.70 9.01
N ALA A 138 11.66 -8.84 9.10
CA ALA A 138 10.84 -9.38 8.02
C ALA A 138 9.79 -8.39 7.49
N HIS A 139 9.00 -7.76 8.38
CA HIS A 139 7.95 -6.82 7.97
C HIS A 139 8.46 -5.56 7.23
N CYS A 140 9.65 -5.06 7.57
CA CYS A 140 10.25 -3.89 6.91
C CYS A 140 10.64 -4.24 5.46
N ALA A 141 11.50 -5.25 5.30
CA ALA A 141 11.95 -5.73 4.00
C ALA A 141 10.77 -6.20 3.11
N SER A 142 9.72 -6.77 3.70
CA SER A 142 8.50 -7.18 2.97
C SER A 142 7.69 -5.98 2.49
N SER A 143 7.36 -5.00 3.34
CA SER A 143 6.60 -3.81 2.92
C SER A 143 7.39 -2.97 1.90
N ARG A 144 8.73 -2.92 2.00
CA ARG A 144 9.58 -2.23 1.02
C ARG A 144 9.42 -2.80 -0.39
N GLN A 145 9.18 -4.11 -0.54
CA GLN A 145 8.92 -4.74 -1.84
C GLN A 145 7.59 -4.27 -2.45
N ILE A 146 6.63 -3.87 -1.62
CA ILE A 146 5.34 -3.31 -2.05
C ILE A 146 5.53 -1.85 -2.50
N ILE A 147 6.22 -1.05 -1.69
CA ILE A 147 6.57 0.35 -1.99
C ILE A 147 7.40 0.43 -3.28
N SER A 148 8.31 -0.52 -3.51
CA SER A 148 9.14 -0.63 -4.71
C SER A 148 8.32 -0.76 -6.00
N HIS A 149 7.10 -1.33 -5.94
CA HIS A 149 6.22 -1.43 -7.11
C HIS A 149 5.86 -0.02 -7.62
N TRP A 150 5.29 0.84 -6.76
CA TRP A 150 4.94 2.22 -7.13
C TRP A 150 6.14 3.06 -7.55
N LYS A 151 7.32 2.80 -6.97
CA LYS A 151 8.56 3.53 -7.31
C LYS A 151 9.04 3.23 -8.74
N ASN A 152 8.87 2.01 -9.26
CA ASN A 152 9.27 1.62 -10.62
C ASN A 152 8.15 1.62 -11.69
N CYS A 153 6.89 1.32 -11.31
CA CYS A 153 5.74 1.24 -12.21
C CYS A 153 5.19 2.63 -12.59
N THR A 154 5.10 2.90 -13.90
CA THR A 154 4.64 4.17 -14.49
C THR A 154 3.28 4.08 -15.20
N ARG A 155 2.65 2.89 -15.19
CA ARG A 155 1.36 2.61 -15.85
C ARG A 155 0.14 2.97 -15.00
N HIS A 156 -1.01 3.09 -15.70
CA HIS A 156 -2.35 3.23 -15.11
C HIS A 156 -3.10 1.89 -15.31
N ASP A 157 -2.90 1.24 -16.46
CA ASP A 157 -3.43 -0.08 -16.80
C ASP A 157 -2.52 -1.22 -16.28
N CYS A 158 -2.49 -1.37 -14.95
CA CYS A 158 -1.71 -2.36 -14.20
C CYS A 158 -2.64 -3.07 -13.18
N PRO A 159 -2.57 -4.40 -13.00
CA PRO A 159 -3.45 -5.13 -12.07
C PRO A 159 -3.42 -4.61 -10.62
N VAL A 160 -2.31 -4.02 -10.16
CA VAL A 160 -2.23 -3.42 -8.82
C VAL A 160 -2.58 -1.92 -8.83
N CYS A 161 -1.95 -1.13 -9.71
CA CYS A 161 -2.11 0.33 -9.74
C CYS A 161 -3.50 0.82 -10.22
N LEU A 162 -4.17 0.13 -11.15
CA LEU A 162 -5.47 0.53 -11.69
C LEU A 162 -6.55 0.74 -10.58
N PRO A 163 -6.89 -0.25 -9.74
CA PRO A 163 -7.89 -0.06 -8.68
C PRO A 163 -7.51 1.03 -7.67
N LEU A 164 -6.21 1.22 -7.39
CA LEU A 164 -5.72 2.24 -6.47
C LEU A 164 -5.91 3.66 -7.02
N LYS A 165 -5.52 3.91 -8.29
CA LYS A 165 -5.70 5.20 -8.98
C LYS A 165 -7.19 5.51 -9.23
N ASN A 166 -8.02 4.47 -9.32
CA ASN A 166 -9.47 4.56 -9.48
C ASN A 166 -10.16 4.93 -8.14
N ALA A 167 -9.71 4.35 -7.01
CA ALA A 167 -10.29 4.58 -5.69
C ALA A 167 -9.82 5.91 -5.02
N SER A 168 -8.53 6.24 -5.13
CA SER A 168 -7.94 7.46 -4.55
C SER A 168 -7.82 8.59 -5.57
N ASP A 169 -8.32 9.78 -5.22
CA ASP A 169 -8.36 10.99 -6.06
C ASP A 169 -7.86 12.25 -5.34
N LYS A 170 -6.75 12.12 -4.60
CA LYS A 170 -6.13 13.18 -3.78
C LYS A 170 -5.69 14.46 -4.54
N ARG A 171 -5.51 14.38 -5.86
CA ARG A 171 -5.10 15.48 -6.74
C ARG A 171 -6.26 15.95 -7.63
ZN ZN B . -6.96 1.50 11.82
ZN ZN C . 13.95 -1.62 8.41
ZN ZN D . 1.97 -1.33 -11.39
N GLY A 1 -21.62 31.81 -15.40
CA GLY A 1 -21.06 31.72 -16.75
C GLY A 1 -20.96 30.29 -17.29
N SER A 2 -20.53 30.15 -18.54
CA SER A 2 -20.39 28.87 -19.28
C SER A 2 -19.13 28.08 -18.87
N HIS A 3 -18.93 27.89 -17.56
CA HIS A 3 -17.78 27.18 -16.97
C HIS A 3 -17.83 25.66 -17.19
N MET A 4 -16.66 25.02 -17.18
CA MET A 4 -16.52 23.56 -17.36
C MET A 4 -16.99 22.78 -16.12
N GLU A 5 -17.52 21.57 -16.33
CA GLU A 5 -18.08 20.71 -15.27
C GLU A 5 -17.01 20.09 -14.34
N GLU A 6 -15.80 19.82 -14.84
CA GLU A 6 -14.68 19.22 -14.10
C GLU A 6 -13.31 19.73 -14.58
N PRO A 7 -12.24 19.65 -13.76
CA PRO A 7 -10.89 20.11 -14.13
C PRO A 7 -10.35 19.44 -15.40
N GLN A 8 -9.74 20.23 -16.28
CA GLN A 8 -9.13 19.77 -17.55
C GLN A 8 -7.62 19.52 -17.38
N SER A 9 -7.04 18.70 -18.25
CA SER A 9 -5.62 18.29 -18.24
C SER A 9 -4.62 19.38 -18.70
N ASP A 10 -4.80 20.61 -18.23
CA ASP A 10 -3.92 21.75 -18.50
C ASP A 10 -2.59 21.61 -17.71
N PRO A 11 -1.42 21.96 -18.27
CA PRO A 11 -0.11 21.82 -17.60
C PRO A 11 0.03 22.39 -16.16
N SER A 12 -0.84 23.31 -15.74
CA SER A 12 -0.83 23.90 -14.39
C SER A 12 -1.55 23.05 -13.31
N VAL A 13 -2.22 21.96 -13.68
CA VAL A 13 -3.00 21.09 -12.79
C VAL A 13 -2.87 19.59 -13.15
N GLU A 14 -3.15 18.69 -12.20
CA GLU A 14 -3.11 17.24 -12.37
C GLU A 14 -4.44 16.58 -11.93
N PRO A 15 -5.48 16.56 -12.80
CA PRO A 15 -6.77 15.97 -12.47
C PRO A 15 -6.73 14.48 -12.07
N PRO A 16 -6.04 13.56 -12.78
CA PRO A 16 -5.98 12.14 -12.39
C PRO A 16 -4.94 11.89 -11.28
N LEU A 17 -4.95 10.69 -10.70
CA LEU A 17 -3.98 10.28 -9.66
C LEU A 17 -2.64 9.92 -10.30
N SER A 18 -1.56 10.60 -9.86
CA SER A 18 -0.19 10.41 -10.36
C SER A 18 0.60 9.36 -9.58
N GLN A 19 1.64 8.79 -10.23
CA GLN A 19 2.53 7.78 -9.65
C GLN A 19 3.25 8.26 -8.37
N GLU A 20 3.50 9.57 -8.27
CA GLU A 20 4.16 10.19 -7.11
C GLU A 20 3.27 10.28 -5.85
N THR A 21 1.93 10.18 -5.98
CA THR A 21 1.01 10.27 -4.85
C THR A 21 1.20 9.10 -3.88
N PHE A 22 1.02 7.86 -4.33
CA PHE A 22 1.28 6.66 -3.52
C PHE A 22 2.75 6.57 -3.07
N SER A 23 3.71 7.15 -3.82
CA SER A 23 5.13 7.15 -3.47
C SER A 23 5.45 8.07 -2.28
N ASP A 24 4.71 9.17 -2.09
CA ASP A 24 4.84 10.08 -0.94
C ASP A 24 3.95 9.68 0.25
N LEU A 25 2.81 9.04 -0.03
CA LEU A 25 1.79 8.60 0.92
C LEU A 25 2.37 7.93 2.17
N TRP A 26 3.10 6.84 1.99
CA TRP A 26 3.61 6.02 3.09
C TRP A 26 4.73 6.64 3.93
N LYS A 27 5.23 7.83 3.55
CA LYS A 27 6.34 8.50 4.24
C LYS A 27 5.98 9.80 4.98
N LEU A 28 5.45 10.82 4.30
CA LEU A 28 5.18 12.16 4.88
C LEU A 28 3.70 12.64 4.83
N LEU A 29 2.74 11.75 4.54
CA LEU A 29 1.29 12.08 4.43
C LEU A 29 0.68 12.80 5.66
N PRO A 30 -0.10 13.87 5.46
CA PRO A 30 -0.76 14.64 6.53
C PRO A 30 -2.10 14.03 6.99
N GLU A 31 -2.65 14.55 8.09
CA GLU A 31 -3.94 14.14 8.68
C GLU A 31 -5.19 14.49 7.84
N ASN A 32 -5.04 15.23 6.73
CA ASN A 32 -6.13 15.64 5.83
C ASN A 32 -6.53 14.49 4.87
N ASN A 33 -6.91 13.35 5.43
CA ASN A 33 -7.29 12.13 4.71
C ASN A 33 -8.49 11.42 5.36
N VAL A 34 -9.41 10.92 4.51
CA VAL A 34 -10.64 10.18 4.89
C VAL A 34 -10.84 8.88 4.10
N LEU A 35 -9.81 8.42 3.37
CA LEU A 35 -9.85 7.22 2.53
C LEU A 35 -9.94 5.90 3.33
N SER A 36 -9.48 5.88 4.58
CA SER A 36 -9.45 4.72 5.47
C SER A 36 -10.80 4.00 5.64
N PRO A 37 -10.94 2.72 5.19
CA PRO A 37 -12.18 1.95 5.38
C PRO A 37 -12.36 1.54 6.85
N LEU A 38 -13.60 1.32 7.29
CA LEU A 38 -13.91 0.90 8.66
C LEU A 38 -13.56 -0.58 8.88
N PRO A 39 -13.15 -1.04 10.09
CA PRO A 39 -12.80 -2.44 10.36
C PRO A 39 -13.87 -3.47 9.97
N SER A 40 -15.15 -3.09 10.02
CA SER A 40 -16.32 -3.90 9.65
C SER A 40 -16.62 -3.93 8.14
N GLN A 41 -15.97 -3.05 7.36
CA GLN A 41 -16.15 -2.90 5.90
C GLN A 41 -14.87 -3.21 5.09
N ALA A 42 -13.70 -3.14 5.72
CA ALA A 42 -12.39 -3.35 5.11
C ALA A 42 -12.15 -4.79 4.60
N MET A 43 -11.20 -4.90 3.66
CA MET A 43 -10.71 -6.13 3.01
C MET A 43 -9.76 -6.98 3.89
N ASP A 44 -9.82 -6.81 5.22
CA ASP A 44 -8.98 -7.53 6.18
C ASP A 44 -9.30 -9.04 6.25
N ASP A 45 -10.45 -9.48 5.75
CA ASP A 45 -10.87 -10.88 5.67
C ASP A 45 -9.95 -11.76 4.78
N LEU A 46 -9.21 -11.11 3.88
CA LEU A 46 -8.27 -11.71 2.92
C LEU A 46 -6.79 -11.36 3.26
N MET A 47 -6.53 -10.77 4.44
CA MET A 47 -5.22 -10.30 4.89
C MET A 47 -4.25 -11.38 5.37
N LEU A 48 -2.95 -11.12 5.21
CA LEU A 48 -1.85 -11.97 5.65
C LEU A 48 -0.86 -11.22 6.54
N SER A 49 -0.07 -11.97 7.32
CA SER A 49 1.04 -11.41 8.09
C SER A 49 2.12 -10.91 7.10
N PRO A 50 2.95 -9.90 7.45
CA PRO A 50 3.91 -9.32 6.50
C PRO A 50 5.02 -10.26 6.01
N ASP A 51 5.17 -11.43 6.62
CA ASP A 51 6.16 -12.44 6.20
C ASP A 51 5.66 -13.28 4.99
N ASP A 52 4.35 -13.27 4.72
CA ASP A 52 3.73 -13.95 3.59
C ASP A 52 3.78 -13.09 2.30
N ILE A 53 4.15 -11.81 2.39
CA ILE A 53 4.34 -10.90 1.26
C ILE A 53 5.39 -11.48 0.29
N GLU A 54 6.40 -12.15 0.84
CA GLU A 54 7.48 -12.82 0.11
C GLU A 54 6.98 -14.02 -0.73
N GLN A 55 5.73 -14.46 -0.54
CA GLN A 55 5.12 -15.58 -1.26
C GLN A 55 4.55 -15.15 -2.63
N TRP A 56 4.19 -13.87 -2.78
CA TRP A 56 3.66 -13.30 -4.03
C TRP A 56 4.64 -12.33 -4.73
N PHE A 57 5.55 -11.69 -4.00
CA PHE A 57 6.68 -10.92 -4.57
C PHE A 57 7.96 -11.66 -4.18
N THR A 58 8.63 -12.27 -5.17
CA THR A 58 9.81 -13.12 -4.97
C THR A 58 11.03 -12.68 -5.79
N GLU A 59 12.22 -12.83 -5.22
CA GLU A 59 13.52 -12.62 -5.89
C GLU A 59 14.02 -13.94 -6.52
N ASP A 60 15.17 -13.93 -7.20
CA ASP A 60 15.75 -15.15 -7.80
C ASP A 60 16.17 -16.14 -6.69
N PRO A 61 15.62 -17.38 -6.65
CA PRO A 61 15.92 -18.35 -5.59
C PRO A 61 17.22 -19.16 -5.80
N GLY A 62 17.82 -19.10 -6.99
CA GLY A 62 19.04 -19.83 -7.37
C GLY A 62 18.75 -21.16 -8.11
N PRO A 63 19.58 -22.20 -7.92
CA PRO A 63 19.44 -23.50 -8.61
C PRO A 63 18.29 -24.38 -8.08
N ASP A 64 17.68 -24.02 -6.94
CA ASP A 64 16.58 -24.73 -6.28
C ASP A 64 15.53 -23.73 -5.73
N GLY A 65 14.34 -24.21 -5.36
CA GLY A 65 13.26 -23.39 -4.79
C GLY A 65 12.43 -22.60 -5.82
N SER A 66 12.46 -23.00 -7.09
CA SER A 66 11.74 -22.36 -8.21
C SER A 66 10.22 -22.67 -8.26
N CYS A 67 9.65 -23.23 -7.19
CA CYS A 67 8.25 -23.63 -7.05
C CYS A 67 7.22 -22.55 -7.44
N PHE A 68 7.57 -21.27 -7.32
CA PHE A 68 6.72 -20.12 -7.65
C PHE A 68 6.20 -20.13 -9.11
N ASN A 69 6.91 -20.79 -10.03
CA ASN A 69 6.48 -20.96 -11.42
C ASN A 69 5.41 -22.07 -11.57
N GLY A 70 5.39 -23.03 -10.63
CA GLY A 70 4.43 -24.14 -10.57
C GLY A 70 3.18 -23.84 -9.72
N THR A 71 3.31 -23.00 -8.68
CA THR A 71 2.18 -22.60 -7.82
C THR A 71 1.22 -21.63 -8.52
N ALA A 72 1.71 -20.86 -9.52
CA ALA A 72 0.92 -19.95 -10.34
C ALA A 72 0.24 -20.71 -11.52
N THR A 73 -0.99 -20.32 -11.86
CA THR A 73 -1.79 -20.91 -12.95
C THR A 73 -2.23 -19.84 -13.94
N GLY A 74 -2.21 -20.15 -15.25
CA GLY A 74 -2.58 -19.25 -16.34
C GLY A 74 -1.53 -18.16 -16.60
N PRO A 75 -1.82 -16.86 -16.36
CA PRO A 75 -0.89 -15.75 -16.56
C PRO A 75 0.37 -15.81 -15.67
N THR A 76 1.33 -14.91 -15.95
CA THR A 76 2.64 -14.76 -15.25
C THR A 76 2.53 -14.73 -13.72
N ALA A 77 1.46 -14.12 -13.21
CA ALA A 77 1.09 -14.05 -11.80
C ALA A 77 -0.39 -14.45 -11.68
N ASP A 78 -0.70 -15.39 -10.79
CA ASP A 78 -2.07 -15.91 -10.61
C ASP A 78 -3.06 -14.81 -10.16
N PRO A 79 -4.30 -14.75 -10.71
CA PRO A 79 -5.29 -13.74 -10.33
C PRO A 79 -5.57 -13.66 -8.82
N GLU A 80 -5.65 -14.81 -8.13
CA GLU A 80 -5.88 -14.84 -6.67
C GLU A 80 -4.67 -14.33 -5.90
N LYS A 81 -3.44 -14.58 -6.37
CA LYS A 81 -2.21 -14.04 -5.76
C LYS A 81 -2.14 -12.52 -5.94
N ARG A 82 -2.55 -12.00 -7.10
CA ARG A 82 -2.64 -10.55 -7.36
C ARG A 82 -3.65 -9.86 -6.44
N LYS A 83 -4.80 -10.50 -6.14
CA LYS A 83 -5.78 -9.99 -5.16
C LYS A 83 -5.14 -9.81 -3.78
N LEU A 84 -4.23 -10.72 -3.37
CA LEU A 84 -3.51 -10.59 -2.10
C LEU A 84 -2.63 -9.34 -2.08
N ILE A 85 -1.88 -9.09 -3.15
CA ILE A 85 -1.03 -7.89 -3.26
C ILE A 85 -1.89 -6.62 -3.11
N GLN A 86 -2.97 -6.55 -3.89
CA GLN A 86 -3.91 -5.45 -3.89
C GLN A 86 -4.51 -5.21 -2.50
N GLN A 87 -5.08 -6.23 -1.85
CA GLN A 87 -5.67 -6.06 -0.52
C GLN A 87 -4.62 -5.71 0.56
N GLN A 88 -3.40 -6.23 0.46
CA GLN A 88 -2.32 -5.91 1.42
C GLN A 88 -1.93 -4.43 1.26
N LEU A 89 -1.74 -3.97 0.01
CA LEU A 89 -1.40 -2.59 -0.33
C LEU A 89 -2.50 -1.61 0.10
N VAL A 90 -3.79 -1.94 -0.04
CA VAL A 90 -4.88 -1.07 0.47
C VAL A 90 -4.74 -0.88 2.00
N LEU A 91 -4.25 -1.89 2.74
CA LEU A 91 -4.00 -1.72 4.18
C LEU A 91 -2.77 -0.85 4.49
N LEU A 92 -1.75 -0.81 3.62
CA LEU A 92 -0.61 0.12 3.79
C LEU A 92 -1.13 1.57 3.75
N LEU A 93 -2.22 1.85 3.02
CA LEU A 93 -2.86 3.17 2.97
C LEU A 93 -3.57 3.44 4.30
N HIS A 94 -4.45 2.54 4.74
CA HIS A 94 -5.17 2.65 6.02
C HIS A 94 -4.19 2.86 7.19
N ALA A 95 -3.21 1.97 7.34
CA ALA A 95 -2.23 2.01 8.43
C ALA A 95 -1.39 3.31 8.48
N HIS A 96 -1.26 4.05 7.36
CA HIS A 96 -0.58 5.35 7.36
C HIS A 96 -1.54 6.49 7.70
N LYS A 97 -2.81 6.40 7.32
CA LYS A 97 -3.85 7.43 7.54
C LYS A 97 -4.51 7.34 8.93
N CYS A 98 -4.82 6.14 9.42
CA CYS A 98 -5.42 5.85 10.73
C CYS A 98 -4.54 6.43 11.88
N GLN A 99 -3.22 6.23 11.82
CA GLN A 99 -2.27 6.78 12.80
C GLN A 99 -2.30 8.33 12.84
N ARG A 100 -2.43 9.00 11.68
CA ARG A 100 -2.52 10.48 11.61
C ARG A 100 -3.84 10.97 12.19
N ARG A 101 -4.95 10.30 11.84
CA ARG A 101 -6.31 10.56 12.33
C ARG A 101 -6.37 10.49 13.87
N GLU A 102 -5.72 9.50 14.46
CA GLU A 102 -5.66 9.32 15.92
C GLU A 102 -4.82 10.43 16.60
N GLN A 103 -3.60 10.69 16.08
CA GLN A 103 -2.68 11.68 16.65
C GLN A 103 -3.20 13.13 16.51
N ALA A 104 -3.84 13.47 15.39
CA ALA A 104 -4.38 14.80 15.14
C ALA A 104 -5.60 15.14 16.03
N ASN A 105 -6.43 14.15 16.36
CA ASN A 105 -7.61 14.32 17.21
C ASN A 105 -7.24 14.34 18.71
N GLY A 106 -6.45 13.37 19.18
CA GLY A 106 -5.98 13.24 20.57
C GLY A 106 -7.01 12.78 21.62
N GLU A 107 -8.32 12.80 21.32
CA GLU A 107 -9.38 12.34 22.23
C GLU A 107 -9.80 10.89 21.93
N VAL A 108 -9.86 10.51 20.64
CA VAL A 108 -10.17 9.14 20.18
C VAL A 108 -8.89 8.29 20.12
N ARG A 109 -9.06 6.97 20.01
CA ARG A 109 -7.97 5.98 19.90
C ARG A 109 -8.05 5.21 18.57
N ALA A 110 -7.03 4.41 18.28
CA ALA A 110 -6.92 3.63 17.04
C ALA A 110 -8.06 2.60 16.88
N CYS A 111 -8.26 2.14 15.64
CA CYS A 111 -9.29 1.20 15.23
C CYS A 111 -9.08 -0.24 15.79
N SER A 112 -10.07 -1.12 15.53
CA SER A 112 -10.10 -2.52 15.97
C SER A 112 -9.52 -3.52 14.96
N LEU A 113 -8.98 -3.06 13.83
CA LEU A 113 -8.39 -3.90 12.78
C LEU A 113 -7.03 -4.49 13.27
N PRO A 114 -6.81 -5.82 13.25
CA PRO A 114 -5.61 -6.45 13.80
C PRO A 114 -4.30 -6.10 13.06
N HIS A 115 -4.29 -6.17 11.73
CA HIS A 115 -3.10 -5.90 10.91
C HIS A 115 -2.73 -4.40 10.78
N CYS A 116 -3.63 -3.49 11.16
CA CYS A 116 -3.39 -2.04 11.13
C CYS A 116 -2.22 -1.66 12.08
N ARG A 117 -2.26 -2.17 13.33
CA ARG A 117 -1.20 -2.00 14.34
C ARG A 117 0.17 -2.49 13.82
N THR A 118 0.18 -3.58 13.06
CA THR A 118 1.39 -4.13 12.45
C THR A 118 1.94 -3.22 11.36
N MET A 119 1.13 -2.88 10.35
CA MET A 119 1.59 -2.03 9.24
C MET A 119 1.97 -0.61 9.68
N LYS A 120 1.29 0.01 10.67
CA LYS A 120 1.67 1.36 11.13
C LYS A 120 3.05 1.39 11.77
N ASN A 121 3.45 0.30 12.45
CA ASN A 121 4.79 0.16 13.04
C ASN A 121 5.84 -0.02 11.93
N VAL A 122 5.53 -0.81 10.89
CA VAL A 122 6.42 -1.00 9.73
C VAL A 122 6.64 0.32 9.00
N LEU A 123 5.58 1.08 8.71
CA LEU A 123 5.66 2.38 8.01
C LEU A 123 6.52 3.41 8.78
N ASN A 124 6.36 3.50 10.11
CA ASN A 124 7.16 4.39 10.94
C ASN A 124 8.65 4.01 10.94
N HIS A 125 8.99 2.72 10.80
CA HIS A 125 10.37 2.25 10.67
C HIS A 125 10.89 2.49 9.25
N MET A 126 10.14 2.04 8.23
CA MET A 126 10.50 2.11 6.81
C MET A 126 10.80 3.53 6.32
N THR A 127 10.12 4.58 6.81
CA THR A 127 10.41 5.96 6.39
C THR A 127 11.75 6.51 6.93
N HIS A 128 12.37 5.81 7.89
CA HIS A 128 13.68 6.14 8.48
C HIS A 128 14.76 5.11 8.12
N CYS A 129 14.38 3.87 7.79
CA CYS A 129 15.27 2.78 7.41
C CYS A 129 16.18 3.14 6.22
N GLN A 130 17.45 2.74 6.32
CA GLN A 130 18.51 2.99 5.35
C GLN A 130 18.86 1.77 4.48
N ALA A 131 18.46 0.56 4.88
CA ALA A 131 18.74 -0.69 4.17
C ALA A 131 17.59 -1.11 3.23
N GLY A 132 16.34 -0.79 3.57
CA GLY A 132 15.14 -1.10 2.77
C GLY A 132 15.05 -2.58 2.39
N LYS A 133 15.28 -2.91 1.12
CA LYS A 133 15.29 -4.29 0.59
C LYS A 133 16.31 -5.20 1.30
N ALA A 134 17.38 -4.62 1.86
CA ALA A 134 18.44 -5.32 2.59
C ALA A 134 18.24 -5.33 4.13
N CYS A 135 17.18 -4.71 4.65
CA CYS A 135 16.89 -4.67 6.08
C CYS A 135 16.71 -6.10 6.65
N GLN A 136 17.17 -6.28 7.89
CA GLN A 136 17.17 -7.56 8.59
C GLN A 136 15.80 -7.91 9.21
N VAL A 137 14.85 -6.96 9.19
CA VAL A 137 13.45 -7.16 9.62
C VAL A 137 12.66 -7.62 8.40
N ALA A 138 12.11 -8.83 8.43
CA ALA A 138 11.36 -9.42 7.32
C ALA A 138 10.21 -8.54 6.83
N HIS A 139 9.45 -7.92 7.76
CA HIS A 139 8.31 -7.05 7.43
C HIS A 139 8.71 -5.79 6.65
N CYS A 140 9.87 -5.20 6.99
CA CYS A 140 10.43 -4.01 6.33
C CYS A 140 10.88 -4.36 4.90
N ALA A 141 11.77 -5.36 4.77
CA ALA A 141 12.27 -5.85 3.48
C ALA A 141 11.15 -6.33 2.54
N SER A 142 10.03 -6.80 3.09
CA SER A 142 8.84 -7.21 2.32
C SER A 142 8.00 -6.03 1.87
N SER A 143 7.66 -5.10 2.77
CA SER A 143 6.85 -3.91 2.45
C SER A 143 7.56 -3.01 1.43
N ARG A 144 8.89 -2.93 1.47
CA ARG A 144 9.70 -2.16 0.51
C ARG A 144 9.49 -2.64 -0.94
N GLN A 145 9.22 -3.92 -1.17
CA GLN A 145 8.93 -4.46 -2.51
C GLN A 145 7.58 -3.95 -3.05
N ILE A 146 6.60 -3.77 -2.17
CA ILE A 146 5.28 -3.23 -2.52
C ILE A 146 5.41 -1.75 -2.89
N ILE A 147 6.16 -0.98 -2.09
CA ILE A 147 6.48 0.43 -2.35
C ILE A 147 7.28 0.57 -3.66
N SER A 148 8.24 -0.32 -3.91
CA SER A 148 9.07 -0.33 -5.12
C SER A 148 8.25 -0.50 -6.41
N HIS A 149 7.07 -1.13 -6.37
CA HIS A 149 6.22 -1.28 -7.55
C HIS A 149 5.79 0.11 -8.05
N TRP A 150 5.14 0.92 -7.20
CA TRP A 150 4.71 2.28 -7.56
C TRP A 150 5.88 3.21 -7.96
N LYS A 151 7.07 2.99 -7.39
CA LYS A 151 8.28 3.77 -7.72
C LYS A 151 8.85 3.44 -9.11
N ASN A 152 8.65 2.22 -9.61
CA ASN A 152 9.15 1.76 -10.92
C ASN A 152 8.07 1.77 -12.04
N CYS A 153 6.81 1.47 -11.71
CA CYS A 153 5.68 1.40 -12.65
C CYS A 153 5.23 2.82 -13.08
N THR A 154 5.01 3.01 -14.39
CA THR A 154 4.64 4.30 -15.01
C THR A 154 3.33 4.28 -15.81
N ARG A 155 2.75 3.10 -16.06
CA ARG A 155 1.51 2.92 -16.83
C ARG A 155 0.24 3.23 -16.03
N HIS A 156 -0.85 3.49 -16.75
CA HIS A 156 -2.22 3.68 -16.20
C HIS A 156 -3.00 2.35 -16.20
N ASP A 157 -2.64 1.42 -17.09
CA ASP A 157 -3.23 0.10 -17.27
C ASP A 157 -2.29 -1.00 -16.74
N CYS A 158 -2.38 -1.27 -15.43
CA CYS A 158 -1.62 -2.28 -14.69
C CYS A 158 -2.58 -2.99 -13.70
N PRO A 159 -2.54 -4.33 -13.55
CA PRO A 159 -3.46 -5.07 -12.68
C PRO A 159 -3.41 -4.64 -11.20
N VAL A 160 -2.28 -4.12 -10.70
CA VAL A 160 -2.18 -3.62 -9.31
C VAL A 160 -2.50 -2.12 -9.23
N CYS A 161 -1.92 -1.27 -10.08
CA CYS A 161 -2.08 0.18 -10.03
C CYS A 161 -3.48 0.70 -10.42
N LEU A 162 -4.09 0.18 -11.50
CA LEU A 162 -5.41 0.63 -11.98
C LEU A 162 -6.50 0.58 -10.88
N PRO A 163 -6.75 -0.56 -10.18
CA PRO A 163 -7.76 -0.64 -9.12
C PRO A 163 -7.45 0.21 -7.87
N LEU A 164 -6.28 0.87 -7.80
CA LEU A 164 -5.89 1.79 -6.72
C LEU A 164 -6.11 3.24 -7.17
N LYS A 165 -5.64 3.59 -8.37
CA LYS A 165 -5.81 4.91 -9.01
C LYS A 165 -7.28 5.28 -9.18
N ASN A 166 -8.13 4.30 -9.48
CA ASN A 166 -9.58 4.50 -9.65
C ASN A 166 -10.38 4.46 -8.33
N ALA A 167 -9.76 4.06 -7.21
CA ALA A 167 -10.40 3.96 -5.89
C ALA A 167 -10.05 5.12 -4.94
N SER A 168 -8.80 5.59 -4.96
CA SER A 168 -8.34 6.69 -4.11
C SER A 168 -8.88 8.06 -4.58
N ASP A 169 -9.23 8.92 -3.62
CA ASP A 169 -9.74 10.28 -3.84
C ASP A 169 -8.61 11.32 -4.05
N LYS A 170 -7.34 10.92 -3.87
CA LYS A 170 -6.14 11.78 -3.98
C LYS A 170 -5.71 12.04 -5.44
N ARG A 171 -6.69 12.27 -6.32
CA ARG A 171 -6.53 12.52 -7.77
C ARG A 171 -6.35 14.00 -8.13
ZN ZN B . -6.49 1.63 11.61
ZN ZN C . 14.18 -1.54 7.86
ZN ZN D . 2.00 -1.32 -11.82
#